data_5ZJF
#
_entry.id   5ZJF
#
_cell.length_a   134.226
_cell.length_b   141.495
_cell.length_c   144.079
_cell.angle_alpha   90.00
_cell.angle_beta   110.18
_cell.angle_gamma   90.00
#
_symmetry.space_group_name_H-M   'P 1 21 1'
#
loop_
_entity.id
_entity.type
_entity.pdbx_description
1 polymer 'L-lactate dehydrogenase A chain'
2 non-polymer "5,5'-[(2R,3S)-2,3-dimethylbutane-1,4-diyl]bis(2H-1,3-benzodioxole)"
3 water water
#
_entity_poly.entity_id   1
_entity_poly.type   'polypeptide(L)'
_entity_poly.pdbx_seq_one_letter_code
;HHHHHHATLKDQLIYNLLKEEQTPQNKITVVGVGAVGMACAISILMKDLADELALVDVIEDKLKGEMMDLQHGSLFLRTP
KIVSGKDYNVTANSKLVIITAGARQQEGESRLNLVQRNVNIFKFIIPNVVKYSPNCKLLIVSNPVDILTYVAWKISGFPK
NRVIGSGCNLDSARFRYLMGERLGVHPLSCHGWVLGEHGDSSVPVWSGMNVAGVSLKTLHPDLGTDKDKEQWKEVHKQVV
ESAYEVIKLKGYTSWAIGLSVADLAESIMKNLRRVHPVSTMIKGLYGIKDDVFLSVPCILGQNGISDLVKVTLTSEEEAR
LKKSADTLWGIQKELQF
;
_entity_poly.pdbx_strand_id   A,B,C,D,E,F,G,H,I,J,K,L
#
loop_
_chem_comp.id
_chem_comp.type
_chem_comp.name
_chem_comp.formula
9G9 non-polymer 5,5'-[(2R,3S)-2,3-dimethylbutane-1,4-diyl]bis(2H-1,3-benzodioxole) 'C20 H22 O4'
#
# COMPACT_ATOMS: atom_id res chain seq x y z
N ALA A 7 -1.79 -3.59 -11.60
CA ALA A 7 -2.20 -3.66 -13.01
C ALA A 7 -2.98 -2.41 -13.45
N THR A 8 -3.50 -2.46 -14.67
CA THR A 8 -4.08 -1.27 -15.30
C THR A 8 -5.36 -0.85 -14.59
N LEU A 9 -5.92 0.28 -15.04
CA LEU A 9 -7.27 0.66 -14.65
C LEU A 9 -8.30 -0.24 -15.34
N LYS A 10 -8.04 -0.59 -16.60
CA LYS A 10 -8.91 -1.52 -17.29
C LYS A 10 -9.01 -2.85 -16.54
N ASP A 11 -7.87 -3.51 -16.29
CA ASP A 11 -7.89 -4.78 -15.56
C ASP A 11 -8.59 -4.65 -14.21
N GLN A 12 -8.46 -3.48 -13.57
CA GLN A 12 -9.05 -3.28 -12.25
C GLN A 12 -10.56 -3.16 -12.33
N LEU A 13 -11.06 -2.50 -13.38
CA LEU A 13 -12.49 -2.31 -13.58
C LEU A 13 -13.15 -3.47 -14.32
N ILE A 14 -12.41 -4.22 -15.12
CA ILE A 14 -12.98 -5.17 -16.07
C ILE A 14 -12.27 -6.51 -15.94
N TYR A 15 -13.02 -7.53 -15.55
CA TYR A 15 -12.60 -8.92 -15.70
C TYR A 15 -12.99 -9.39 -17.09
N ASN A 16 -12.09 -10.12 -17.75
CA ASN A 16 -12.25 -10.50 -19.15
C ASN A 16 -12.46 -12.00 -19.27
N LEU A 17 -13.44 -12.41 -20.08
CA LEU A 17 -13.77 -13.84 -20.24
C LEU A 17 -13.23 -14.46 -21.52
N LEU A 18 -13.15 -13.69 -22.59
CA LEU A 18 -12.84 -14.22 -23.92
C LEU A 18 -11.70 -13.40 -24.51
N LYS A 19 -11.15 -13.89 -25.63
CA LYS A 19 -10.24 -13.05 -26.40
C LYS A 19 -10.71 -12.91 -27.85
N GLU A 20 -10.22 -11.84 -28.47
CA GLU A 20 -10.81 -11.19 -29.64
C GLU A 20 -10.90 -12.02 -30.92
N GLU A 21 -11.59 -13.16 -30.91
CA GLU A 21 -11.96 -13.75 -32.19
C GLU A 21 -13.12 -12.95 -32.74
N GLN A 22 -13.03 -12.49 -34.01
CA GLN A 22 -14.16 -11.69 -34.46
C GLN A 22 -14.75 -12.29 -35.73
N THR A 23 -14.30 -11.81 -36.89
CA THR A 23 -15.04 -11.91 -38.14
C THR A 23 -16.27 -11.04 -37.94
N PRO A 24 -16.34 -9.88 -38.56
CA PRO A 24 -17.63 -9.18 -38.58
C PRO A 24 -18.66 -10.02 -39.33
N GLN A 25 -19.93 -9.84 -38.97
CA GLN A 25 -21.01 -10.59 -39.59
C GLN A 25 -21.90 -9.76 -40.49
N ASN A 26 -21.83 -8.42 -40.42
CA ASN A 26 -22.62 -7.56 -41.29
C ASN A 26 -21.81 -6.35 -41.77
N LYS A 27 -20.69 -6.62 -42.46
CA LYS A 27 -19.70 -5.58 -42.74
C LYS A 27 -19.92 -5.00 -44.12
N ILE A 28 -19.87 -3.65 -44.22
CA ILE A 28 -19.96 -2.98 -45.50
C ILE A 28 -18.69 -2.15 -45.73
N THR A 29 -18.27 -2.09 -46.99
CA THR A 29 -17.16 -1.25 -47.42
C THR A 29 -17.68 -0.28 -48.48
N VAL A 30 -17.36 1.00 -48.32
CA VAL A 30 -17.50 1.98 -49.39
C VAL A 30 -16.11 2.31 -49.91
N VAL A 31 -15.94 2.22 -51.22
CA VAL A 31 -14.69 2.58 -51.88
C VAL A 31 -14.89 3.93 -52.55
N GLY A 32 -14.09 4.91 -52.13
CA GLY A 32 -14.18 6.26 -52.64
C GLY A 32 -14.81 7.15 -51.61
N VAL A 33 -14.08 8.14 -51.10
CA VAL A 33 -14.63 8.97 -50.04
C VAL A 33 -14.85 10.40 -50.52
N GLY A 34 -15.20 10.53 -51.80
CA GLY A 34 -15.73 11.77 -52.31
C GLY A 34 -17.12 11.99 -51.74
N ALA A 35 -17.78 13.03 -52.26
CA ALA A 35 -19.06 13.40 -51.66
C ALA A 35 -20.08 12.27 -51.81
N VAL A 36 -20.10 11.61 -52.97
CA VAL A 36 -20.98 10.48 -53.17
C VAL A 36 -20.70 9.40 -52.12
N GLY A 37 -19.44 8.99 -52.00
CA GLY A 37 -19.11 7.93 -51.06
C GLY A 37 -19.49 8.27 -49.64
N MET A 38 -19.06 9.46 -49.16
CA MET A 38 -19.40 9.87 -47.80
C MET A 38 -20.92 9.95 -47.60
N ALA A 39 -21.68 10.31 -48.63
CA ALA A 39 -23.13 10.32 -48.52
C ALA A 39 -23.68 8.90 -48.39
N CYS A 40 -23.11 7.94 -49.14
CA CYS A 40 -23.48 6.54 -48.93
C CYS A 40 -23.12 6.11 -47.52
N ALA A 41 -21.91 6.42 -47.08
CA ALA A 41 -21.47 6.07 -45.72
C ALA A 41 -22.44 6.57 -44.65
N ILE A 42 -22.78 7.87 -44.68
CA ILE A 42 -23.54 8.42 -43.56
C ILE A 42 -24.96 7.89 -43.55
N SER A 43 -25.50 7.53 -44.73
CA SER A 43 -26.84 6.98 -44.76
C SER A 43 -26.85 5.53 -44.30
N ILE A 44 -25.82 4.77 -44.69
CA ILE A 44 -25.71 3.40 -44.21
C ILE A 44 -25.57 3.40 -42.69
N LEU A 45 -24.73 4.30 -42.17
CA LEU A 45 -24.58 4.42 -40.72
C LEU A 45 -25.90 4.74 -40.03
N MET A 46 -26.69 5.65 -40.61
CA MET A 46 -27.92 6.07 -39.93
C MET A 46 -29.08 5.10 -40.09
N LYS A 47 -28.94 4.09 -40.94
CA LYS A 47 -29.98 3.08 -41.09
C LYS A 47 -29.62 1.77 -40.40
N ASP A 48 -28.49 1.71 -39.70
CA ASP A 48 -28.14 0.60 -38.83
C ASP A 48 -27.98 -0.72 -39.60
N LEU A 49 -27.41 -0.64 -40.79
CA LEU A 49 -27.30 -1.81 -41.67
C LEU A 49 -26.03 -2.62 -41.48
N ALA A 50 -25.10 -2.17 -40.65
CA ALA A 50 -23.79 -2.79 -40.63
C ALA A 50 -23.23 -2.78 -39.22
N ASP A 51 -22.55 -3.85 -38.82
CA ASP A 51 -21.77 -3.83 -37.58
C ASP A 51 -20.34 -3.39 -37.81
N GLU A 52 -19.93 -3.17 -39.06
CA GLU A 52 -18.60 -2.62 -39.35
C GLU A 52 -18.69 -1.90 -40.68
N LEU A 53 -18.18 -0.68 -40.71
CA LEU A 53 -18.02 0.05 -41.96
C LEU A 53 -16.54 0.25 -42.22
N ALA A 54 -16.08 -0.13 -43.41
CA ALA A 54 -14.71 0.14 -43.87
C ALA A 54 -14.75 1.16 -45.01
N LEU A 55 -13.81 2.11 -44.99
CA LEU A 55 -13.67 3.08 -46.07
C LEU A 55 -12.30 2.92 -46.74
N VAL A 56 -12.28 3.03 -48.07
CA VAL A 56 -11.02 2.91 -48.82
C VAL A 56 -10.99 3.99 -49.90
N ASP A 57 -9.88 4.72 -49.97
CA ASP A 57 -9.57 5.54 -51.14
C ASP A 57 -8.06 5.75 -51.18
N VAL A 58 -7.59 6.45 -52.23
CA VAL A 58 -6.16 6.64 -52.42
C VAL A 58 -5.60 7.89 -51.76
N ILE A 59 -6.40 8.92 -51.52
CA ILE A 59 -5.88 10.10 -50.86
C ILE A 59 -5.92 9.87 -49.35
N GLU A 60 -4.75 9.68 -48.74
CA GLU A 60 -4.68 9.20 -47.37
C GLU A 60 -5.23 10.22 -46.40
N ASP A 61 -4.85 11.48 -46.55
CA ASP A 61 -5.31 12.55 -45.67
C ASP A 61 -6.81 12.53 -45.50
N LYS A 62 -7.55 12.76 -46.60
CA LYS A 62 -9.00 12.86 -46.58
C LYS A 62 -9.63 11.59 -45.99
N LEU A 63 -9.07 10.43 -46.30
CA LEU A 63 -9.61 9.17 -45.82
C LEU A 63 -9.49 9.05 -44.30
N LYS A 64 -8.34 9.42 -43.74
CA LYS A 64 -8.20 9.32 -42.28
C LYS A 64 -9.08 10.34 -41.56
N GLY A 65 -9.23 11.54 -42.13
CA GLY A 65 -10.08 12.55 -41.50
C GLY A 65 -11.56 12.20 -41.54
N GLU A 66 -12.04 11.74 -42.71
CA GLU A 66 -13.42 11.27 -42.83
C GLU A 66 -13.72 10.12 -41.85
N MET A 67 -12.80 9.15 -41.75
CA MET A 67 -13.03 8.08 -40.78
C MET A 67 -13.04 8.63 -39.35
N MET A 68 -12.13 9.57 -39.04
CA MET A 68 -12.10 10.14 -37.70
C MET A 68 -13.34 10.95 -37.40
N ASP A 69 -13.82 11.71 -38.39
CA ASP A 69 -15.05 12.47 -38.21
C ASP A 69 -16.22 11.54 -37.87
N LEU A 70 -16.35 10.43 -38.61
CA LEU A 70 -17.43 9.49 -38.35
C LEU A 70 -17.27 8.86 -36.97
N GLN A 71 -16.04 8.48 -36.62
CA GLN A 71 -15.82 7.83 -35.33
C GLN A 71 -16.23 8.73 -34.18
N HIS A 72 -16.06 10.04 -34.31
CA HIS A 72 -16.43 10.93 -33.23
C HIS A 72 -17.93 10.99 -33.00
N GLY A 73 -18.71 10.49 -33.95
CA GLY A 73 -20.15 10.41 -33.87
C GLY A 73 -20.68 9.10 -33.31
N SER A 74 -19.78 8.24 -32.83
CA SER A 74 -20.13 6.85 -32.54
C SER A 74 -21.18 6.73 -31.45
N LEU A 75 -21.17 7.66 -30.49
CA LEU A 75 -22.20 7.70 -29.46
C LEU A 75 -23.61 7.69 -30.04
N PHE A 76 -23.81 8.25 -31.23
CA PHE A 76 -25.13 8.43 -31.83
C PHE A 76 -25.42 7.41 -32.91
N LEU A 77 -24.56 6.42 -33.06
CA LEU A 77 -24.69 5.39 -34.09
C LEU A 77 -24.76 4.02 -33.45
N ARG A 78 -25.07 3.04 -34.27
CA ARG A 78 -25.23 1.65 -33.87
C ARG A 78 -24.28 0.76 -34.67
N THR A 79 -23.14 1.31 -35.06
CA THR A 79 -22.14 0.59 -35.85
C THR A 79 -20.82 0.77 -35.11
N PRO A 80 -20.40 -0.20 -34.31
CA PRO A 80 -19.36 0.04 -33.31
C PRO A 80 -17.93 -0.05 -33.82
N LYS A 81 -17.69 -0.31 -35.10
CA LYS A 81 -16.33 -0.32 -35.65
C LYS A 81 -16.35 0.32 -37.03
N ILE A 82 -15.63 1.43 -37.16
CA ILE A 82 -15.38 2.08 -38.43
C ILE A 82 -13.88 2.06 -38.68
N VAL A 83 -13.48 1.56 -39.83
CA VAL A 83 -12.07 1.41 -40.17
C VAL A 83 -11.83 2.07 -41.52
N SER A 84 -10.57 2.40 -41.78
CA SER A 84 -10.19 2.91 -43.09
C SER A 84 -8.73 2.60 -43.35
N GLY A 85 -8.38 2.64 -44.64
CA GLY A 85 -7.03 2.39 -45.10
C GLY A 85 -6.96 2.35 -46.61
N LYS A 86 -5.77 2.62 -47.18
CA LYS A 86 -5.58 2.43 -48.61
C LYS A 86 -5.34 0.97 -48.94
N ASP A 87 -4.90 0.19 -47.95
CA ASP A 87 -4.75 -1.24 -48.10
C ASP A 87 -6.12 -1.89 -47.97
N TYR A 88 -6.44 -2.75 -48.93
CA TYR A 88 -7.73 -3.40 -48.96
C TYR A 88 -7.88 -4.46 -47.89
N ASN A 89 -6.80 -4.78 -47.16
CA ASN A 89 -6.96 -5.74 -46.08
C ASN A 89 -7.98 -5.25 -45.05
N VAL A 90 -8.24 -3.94 -44.97
CA VAL A 90 -9.25 -3.43 -44.04
C VAL A 90 -10.65 -3.78 -44.48
N THR A 91 -10.83 -4.23 -45.73
CA THR A 91 -12.14 -4.60 -46.24
C THR A 91 -12.43 -6.09 -46.12
N ALA A 92 -11.60 -6.83 -45.40
CA ALA A 92 -11.81 -8.27 -45.32
C ALA A 92 -13.19 -8.54 -44.77
N ASN A 93 -13.88 -9.52 -45.39
CA ASN A 93 -15.14 -10.09 -44.87
C ASN A 93 -16.31 -9.11 -44.99
N SER A 94 -16.49 -8.55 -46.18
CA SER A 94 -17.56 -7.60 -46.44
C SER A 94 -18.68 -8.32 -47.16
N LYS A 95 -19.89 -8.24 -46.62
CA LYS A 95 -21.01 -8.80 -47.36
C LYS A 95 -21.37 -7.94 -48.57
N LEU A 96 -21.16 -6.62 -48.48
CA LEU A 96 -21.48 -5.69 -49.56
C LEU A 96 -20.31 -4.72 -49.74
N VAL A 97 -19.85 -4.54 -50.98
CA VAL A 97 -18.84 -3.54 -51.32
C VAL A 97 -19.43 -2.55 -52.32
N ILE A 98 -19.40 -1.28 -51.97
CA ILE A 98 -19.98 -0.21 -52.79
C ILE A 98 -18.82 0.55 -53.42
N ILE A 99 -18.81 0.62 -54.75
CA ILE A 99 -17.70 1.20 -55.51
C ILE A 99 -18.13 2.56 -56.03
N THR A 100 -17.51 3.63 -55.52
CA THR A 100 -17.77 4.97 -56.02
C THR A 100 -16.61 5.62 -56.74
N ALA A 101 -15.38 5.12 -56.52
CA ALA A 101 -14.18 5.70 -57.10
C ALA A 101 -14.13 5.51 -58.62
N GLY A 102 -13.39 6.40 -59.28
CA GLY A 102 -13.27 6.33 -60.72
C GLY A 102 -12.43 7.42 -61.35
N ALA A 103 -12.73 7.75 -62.59
CA ALA A 103 -12.05 8.80 -63.32
C ALA A 103 -13.09 9.74 -63.90
N ARG A 104 -12.77 11.04 -63.88
CA ARG A 104 -13.69 12.06 -64.36
C ARG A 104 -13.30 12.45 -65.80
N GLN A 105 -14.32 12.57 -66.66
CA GLN A 105 -14.04 12.82 -68.07
C GLN A 105 -13.42 14.20 -68.26
N GLN A 106 -12.38 14.25 -69.08
CA GLN A 106 -11.66 15.47 -69.40
C GLN A 106 -12.20 16.10 -70.67
N GLU A 107 -11.95 17.40 -70.80
CA GLU A 107 -12.26 18.18 -71.99
C GLU A 107 -11.80 17.49 -73.26
N GLY A 108 -12.74 17.09 -74.11
CA GLY A 108 -12.33 16.52 -75.37
C GLY A 108 -11.79 15.12 -75.31
N GLU A 109 -11.84 14.48 -74.14
CA GLU A 109 -11.54 13.06 -74.04
C GLU A 109 -12.74 12.27 -74.56
N SER A 110 -12.49 11.28 -75.41
CA SER A 110 -13.61 10.50 -75.91
C SER A 110 -14.15 9.57 -74.83
N ARG A 111 -15.37 9.07 -75.06
CA ARG A 111 -16.00 8.21 -74.06
C ARG A 111 -15.22 6.90 -73.90
N LEU A 112 -14.94 6.23 -75.02
CA LEU A 112 -13.88 5.22 -74.98
C LEU A 112 -12.61 5.96 -74.64
N ASN A 113 -11.78 5.36 -73.78
CA ASN A 113 -10.56 5.99 -73.23
C ASN A 113 -10.89 6.58 -71.88
N LEU A 114 -12.03 7.26 -71.74
CA LEU A 114 -12.56 7.51 -70.41
C LEU A 114 -12.88 6.20 -69.71
N VAL A 115 -13.69 5.37 -70.37
CA VAL A 115 -13.98 4.05 -69.81
C VAL A 115 -12.68 3.31 -69.54
N GLN A 116 -11.73 3.37 -70.48
CA GLN A 116 -10.52 2.58 -70.34
C GLN A 116 -9.68 3.03 -69.15
N ARG A 117 -9.62 4.35 -68.90
CA ARG A 117 -8.99 4.84 -67.67
C ARG A 117 -9.66 4.24 -66.44
N ASN A 118 -10.98 4.08 -66.49
CA ASN A 118 -11.69 3.42 -65.41
C ASN A 118 -11.41 1.91 -65.40
N VAL A 119 -11.36 1.28 -66.57
CA VAL A 119 -10.94 -0.13 -66.62
C VAL A 119 -9.58 -0.28 -65.95
N ASN A 120 -8.67 0.67 -66.18
CA ASN A 120 -7.35 0.55 -65.60
C ASN A 120 -7.37 0.80 -64.09
N ILE A 121 -8.30 1.64 -63.60
CA ILE A 121 -8.43 1.82 -62.15
C ILE A 121 -9.06 0.59 -61.51
N PHE A 122 -10.17 0.11 -62.10
CA PHE A 122 -10.87 -1.08 -61.60
C PHE A 122 -9.96 -2.31 -61.57
N LYS A 123 -9.07 -2.44 -62.56
CA LYS A 123 -8.07 -3.51 -62.56
C LYS A 123 -7.21 -3.48 -61.32
N PHE A 124 -7.21 -2.38 -60.56
CA PHE A 124 -6.56 -2.37 -59.26
C PHE A 124 -7.54 -2.63 -58.11
N ILE A 125 -8.74 -2.04 -58.17
CA ILE A 125 -9.68 -2.14 -57.05
C ILE A 125 -10.33 -3.51 -57.01
N ILE A 126 -10.92 -3.93 -58.14
CA ILE A 126 -11.73 -5.15 -58.16
C ILE A 126 -10.96 -6.36 -57.67
N PRO A 127 -9.76 -6.67 -58.18
CA PRO A 127 -9.04 -7.84 -57.64
C PRO A 127 -8.73 -7.74 -56.16
N ASN A 128 -8.39 -6.55 -55.66
CA ASN A 128 -8.15 -6.42 -54.23
C ASN A 128 -9.41 -6.68 -53.42
N VAL A 129 -10.57 -6.26 -53.93
CA VAL A 129 -11.84 -6.52 -53.24
C VAL A 129 -12.10 -8.01 -53.20
N VAL A 130 -12.04 -8.67 -54.37
CA VAL A 130 -12.25 -10.11 -54.45
C VAL A 130 -11.31 -10.85 -53.51
N LYS A 131 -10.06 -10.42 -53.43
CA LYS A 131 -9.09 -11.09 -52.58
C LYS A 131 -9.56 -11.15 -51.14
N TYR A 132 -10.12 -10.06 -50.62
CA TYR A 132 -10.45 -10.00 -49.20
C TYR A 132 -11.92 -10.29 -48.93
N SER A 133 -12.74 -10.37 -49.96
CA SER A 133 -14.14 -10.63 -49.72
C SER A 133 -14.68 -11.43 -50.89
N PRO A 134 -14.16 -12.66 -51.12
CA PRO A 134 -14.56 -13.42 -52.32
C PRO A 134 -16.07 -13.64 -52.40
N ASN A 135 -16.75 -13.58 -51.26
CA ASN A 135 -18.17 -13.87 -51.22
C ASN A 135 -19.08 -12.63 -51.19
N CYS A 136 -18.56 -11.44 -51.50
CA CYS A 136 -19.40 -10.26 -51.36
C CYS A 136 -20.28 -10.03 -52.59
N LYS A 137 -21.24 -9.13 -52.41
CA LYS A 137 -21.96 -8.51 -53.50
C LYS A 137 -21.28 -7.18 -53.83
N LEU A 138 -21.20 -6.87 -55.11
CA LEU A 138 -20.55 -5.67 -55.60
C LEU A 138 -21.62 -4.72 -56.12
N LEU A 139 -21.69 -3.51 -55.53
CA LEU A 139 -22.60 -2.47 -55.97
C LEU A 139 -21.77 -1.35 -56.61
N ILE A 140 -21.88 -1.22 -57.92
CA ILE A 140 -21.07 -0.28 -58.69
C ILE A 140 -21.87 1.01 -58.86
N VAL A 141 -21.36 2.09 -58.28
CA VAL A 141 -22.01 3.39 -58.34
C VAL A 141 -21.28 4.35 -59.29
N SER A 142 -19.99 4.13 -59.57
CA SER A 142 -19.20 4.99 -60.45
C SER A 142 -19.81 5.11 -61.84
N ASN A 143 -19.67 6.31 -62.43
CA ASN A 143 -20.19 6.54 -63.76
C ASN A 143 -19.10 6.42 -64.81
N PRO A 144 -19.45 6.00 -66.07
CA PRO A 144 -20.79 5.60 -66.54
C PRO A 144 -21.15 4.20 -66.05
N VAL A 145 -22.28 4.13 -65.35
CA VAL A 145 -22.52 3.02 -64.44
C VAL A 145 -22.75 1.71 -65.21
N ASP A 146 -23.55 1.74 -66.27
CA ASP A 146 -23.82 0.50 -66.99
C ASP A 146 -22.54 -0.15 -67.50
N ILE A 147 -21.66 0.64 -68.13
CA ILE A 147 -20.43 0.07 -68.69
C ILE A 147 -19.48 -0.36 -67.58
N LEU A 148 -19.37 0.44 -66.52
CA LEU A 148 -18.46 0.10 -65.44
C LEU A 148 -18.95 -1.10 -64.63
N THR A 149 -20.24 -1.46 -64.74
CA THR A 149 -20.71 -2.69 -64.10
C THR A 149 -20.28 -3.91 -64.90
N TYR A 150 -20.44 -3.85 -66.23
CA TYR A 150 -19.77 -4.80 -67.10
C TYR A 150 -18.31 -5.00 -66.72
N VAL A 151 -17.60 -3.88 -66.52
CA VAL A 151 -16.16 -3.94 -66.25
C VAL A 151 -15.89 -4.64 -64.93
N ALA A 152 -16.66 -4.33 -63.87
CA ALA A 152 -16.38 -4.95 -62.56
C ALA A 152 -16.77 -6.43 -62.56
N TRP A 153 -17.79 -6.81 -63.34
CA TRP A 153 -18.14 -8.18 -63.64
C TRP A 153 -16.97 -8.94 -64.26
N LYS A 154 -16.58 -8.54 -65.49
CA LYS A 154 -15.41 -9.07 -66.21
C LYS A 154 -14.19 -9.32 -65.32
N ILE A 155 -13.78 -8.31 -64.58
CA ILE A 155 -12.52 -8.36 -63.86
C ILE A 155 -12.64 -9.19 -62.59
N SER A 156 -13.82 -9.29 -62.00
CA SER A 156 -13.96 -10.02 -60.75
C SER A 156 -14.29 -11.49 -60.95
N GLY A 157 -14.91 -11.84 -62.07
CA GLY A 157 -15.34 -13.22 -62.28
C GLY A 157 -16.44 -13.67 -61.35
N PHE A 158 -17.19 -12.75 -60.77
CA PHE A 158 -18.33 -13.11 -59.97
C PHE A 158 -19.46 -13.58 -60.88
N PRO A 159 -20.43 -14.30 -60.33
CA PRO A 159 -21.63 -14.60 -61.12
C PRO A 159 -22.45 -13.34 -61.36
N LYS A 160 -23.38 -13.42 -62.31
CA LYS A 160 -24.16 -12.24 -62.65
C LYS A 160 -24.96 -11.71 -61.46
N ASN A 161 -25.37 -12.60 -60.54
CA ASN A 161 -26.23 -12.15 -59.47
C ASN A 161 -25.51 -11.27 -58.45
N ARG A 162 -24.19 -11.34 -58.36
CA ARG A 162 -23.44 -10.62 -57.34
C ARG A 162 -22.71 -9.38 -57.87
N VAL A 163 -23.07 -8.86 -59.04
CA VAL A 163 -22.50 -7.58 -59.50
C VAL A 163 -23.64 -6.69 -59.97
N ILE A 164 -23.89 -5.61 -59.22
CA ILE A 164 -25.03 -4.73 -59.42
C ILE A 164 -24.53 -3.31 -59.69
N GLY A 165 -25.20 -2.63 -60.62
CA GLY A 165 -24.99 -1.21 -60.82
C GLY A 165 -26.16 -0.38 -60.32
N SER A 166 -25.85 0.81 -59.79
CA SER A 166 -26.88 1.76 -59.35
C SER A 166 -27.95 1.98 -60.40
N GLY A 167 -27.55 2.01 -61.67
CA GLY A 167 -28.49 2.05 -62.77
C GLY A 167 -29.40 3.24 -62.71
N CYS A 168 -30.68 2.98 -62.94
CA CYS A 168 -31.72 4.01 -62.94
C CYS A 168 -32.46 4.08 -61.61
N ASN A 169 -31.83 3.63 -60.53
CA ASN A 169 -32.51 3.62 -59.24
C ASN A 169 -32.85 5.04 -58.81
N LEU A 170 -31.85 5.92 -58.76
CA LEU A 170 -32.11 7.30 -58.34
C LEU A 170 -32.93 8.04 -59.38
N ASP A 171 -32.77 7.71 -60.66
CA ASP A 171 -33.59 8.34 -61.68
C ASP A 171 -35.05 8.00 -61.47
N SER A 172 -35.33 6.75 -61.10
CA SER A 172 -36.70 6.36 -60.80
C SER A 172 -37.21 7.08 -59.56
N ALA A 173 -36.38 7.17 -58.52
CA ALA A 173 -36.77 7.91 -57.32
C ALA A 173 -37.09 9.36 -57.66
N ARG A 174 -36.19 10.00 -58.41
CA ARG A 174 -36.43 11.35 -58.93
C ARG A 174 -37.74 11.43 -59.71
N PHE A 175 -38.00 10.46 -60.58
CA PHE A 175 -39.23 10.47 -61.35
C PHE A 175 -40.45 10.46 -60.44
N ARG A 176 -40.44 9.57 -59.43
CA ARG A 176 -41.56 9.55 -58.49
C ARG A 176 -41.67 10.84 -57.68
N TYR A 177 -40.53 11.50 -57.37
CA TYR A 177 -40.59 12.80 -56.72
C TYR A 177 -41.29 13.82 -57.60
N LEU A 178 -40.90 13.91 -58.88
CA LEU A 178 -41.55 14.84 -59.79
C LEU A 178 -43.02 14.48 -60.01
N MET A 179 -43.32 13.19 -60.18
CA MET A 179 -44.72 12.76 -60.28
C MET A 179 -45.50 13.19 -59.05
N GLY A 180 -44.89 13.06 -57.88
CA GLY A 180 -45.58 13.41 -56.65
C GLY A 180 -45.95 14.88 -56.61
N GLU A 181 -45.00 15.76 -56.98
CA GLU A 181 -45.25 17.20 -56.90
C GLU A 181 -46.38 17.61 -57.85
N ARG A 182 -46.44 16.99 -59.03
CA ARG A 182 -47.53 17.29 -59.95
C ARG A 182 -48.89 16.90 -59.36
N LEU A 183 -48.97 15.76 -58.66
CA LEU A 183 -50.27 15.25 -58.22
C LEU A 183 -50.59 15.55 -56.75
N GLY A 184 -49.66 16.11 -55.99
CA GLY A 184 -49.93 16.35 -54.59
C GLY A 184 -50.04 15.09 -53.75
N VAL A 185 -49.30 14.04 -54.11
CA VAL A 185 -49.20 12.79 -53.36
C VAL A 185 -47.74 12.62 -52.98
N HIS A 186 -47.49 11.88 -51.91
CA HIS A 186 -46.11 11.55 -51.53
C HIS A 186 -45.47 10.64 -52.58
N PRO A 187 -44.15 10.76 -52.85
CA PRO A 187 -43.52 9.85 -53.82
C PRO A 187 -43.79 8.37 -53.54
N LEU A 188 -43.84 7.96 -52.26
CA LEU A 188 -44.07 6.56 -51.89
C LEU A 188 -45.34 6.00 -52.50
N SER A 189 -46.35 6.84 -52.76
CA SER A 189 -47.62 6.41 -53.33
C SER A 189 -47.75 6.79 -54.81
N CYS A 190 -46.72 7.36 -55.41
CA CYS A 190 -46.63 7.63 -56.84
C CYS A 190 -45.72 6.60 -57.48
N HIS A 191 -46.10 6.09 -58.64
CA HIS A 191 -45.42 4.91 -59.14
C HIS A 191 -45.07 5.00 -60.62
N GLY A 192 -43.81 4.76 -60.92
CA GLY A 192 -43.35 4.80 -62.29
C GLY A 192 -41.90 4.39 -62.30
N TRP A 193 -41.48 3.87 -63.47
CA TRP A 193 -40.15 3.26 -63.61
C TRP A 193 -39.41 3.87 -64.78
N VAL A 194 -38.15 4.17 -64.55
CA VAL A 194 -37.25 4.62 -65.59
C VAL A 194 -36.23 3.51 -65.80
N LEU A 195 -36.18 2.96 -67.01
CA LEU A 195 -35.38 1.77 -67.28
C LEU A 195 -34.36 2.05 -68.36
N GLY A 196 -33.35 1.18 -68.41
CA GLY A 196 -32.45 1.19 -69.53
C GLY A 196 -31.09 1.73 -69.18
N GLU A 197 -30.53 2.52 -70.11
CA GLU A 197 -29.22 3.12 -69.92
C GLU A 197 -29.34 4.35 -69.02
N HIS A 198 -28.52 4.42 -67.97
CA HIS A 198 -28.58 5.57 -67.08
C HIS A 198 -27.99 6.77 -67.78
N GLY A 199 -28.82 7.79 -68.00
CA GLY A 199 -28.35 8.96 -68.70
C GLY A 199 -29.37 9.49 -69.67
N ASP A 200 -28.92 10.16 -70.72
CA ASP A 200 -29.86 10.82 -71.62
C ASP A 200 -30.83 9.85 -72.29
N SER A 201 -30.48 8.57 -72.39
CA SER A 201 -31.24 7.62 -73.22
C SER A 201 -32.12 6.67 -72.41
N SER A 202 -32.19 6.83 -71.10
CA SER A 202 -33.09 6.03 -70.27
C SER A 202 -34.51 6.11 -70.81
N VAL A 203 -35.33 5.14 -70.45
CA VAL A 203 -36.67 5.01 -71.00
C VAL A 203 -37.70 5.14 -69.88
N PRO A 204 -38.62 6.09 -69.97
CA PRO A 204 -39.73 6.13 -69.01
C PRO A 204 -40.91 5.27 -69.44
N VAL A 205 -41.29 4.29 -68.62
CA VAL A 205 -42.32 3.32 -68.99
C VAL A 205 -43.66 3.93 -68.64
N TRP A 206 -44.13 4.81 -69.53
CA TRP A 206 -45.41 5.47 -69.30
C TRP A 206 -46.50 4.48 -68.97
N SER A 207 -46.37 3.22 -69.38
CA SER A 207 -47.43 2.27 -69.11
C SER A 207 -47.51 1.89 -67.63
N GLY A 208 -46.44 2.08 -66.88
CA GLY A 208 -46.42 1.71 -65.48
C GLY A 208 -46.73 2.81 -64.51
N MET A 209 -46.97 4.04 -65.00
CA MET A 209 -47.21 5.16 -64.11
C MET A 209 -48.62 5.09 -63.55
N ASN A 210 -48.73 5.05 -62.22
CA ASN A 210 -50.06 5.01 -61.63
C ASN A 210 -50.04 5.42 -60.16
N VAL A 211 -51.22 5.75 -59.68
CA VAL A 211 -51.51 5.88 -58.26
C VAL A 211 -52.59 4.86 -57.93
N ALA A 212 -52.37 4.08 -56.87
CA ALA A 212 -53.33 3.09 -56.38
C ALA A 212 -53.83 2.15 -57.48
N GLY A 213 -52.93 1.80 -58.40
CA GLY A 213 -53.28 0.85 -59.43
C GLY A 213 -54.20 1.41 -60.49
N VAL A 214 -54.23 2.73 -60.62
CA VAL A 214 -55.05 3.43 -61.62
C VAL A 214 -54.07 3.95 -62.65
N SER A 215 -54.06 3.32 -63.82
CA SER A 215 -53.11 3.67 -64.86
C SER A 215 -53.30 5.11 -65.33
N LEU A 216 -52.25 5.91 -65.24
CA LEU A 216 -52.34 7.30 -65.71
C LEU A 216 -52.45 7.34 -67.22
N LYS A 217 -51.75 6.45 -67.92
CA LYS A 217 -51.80 6.43 -69.38
C LYS A 217 -53.20 6.07 -69.86
N THR A 218 -53.89 5.17 -69.17
CA THR A 218 -55.25 4.87 -69.56
C THR A 218 -56.17 6.05 -69.33
N LEU A 219 -56.05 6.72 -68.19
CA LEU A 219 -56.86 7.90 -67.92
C LEU A 219 -56.59 8.99 -68.94
N HIS A 220 -55.33 9.29 -69.19
CA HIS A 220 -54.93 10.40 -70.05
C HIS A 220 -54.08 9.84 -71.19
N PRO A 221 -54.72 9.35 -72.25
CA PRO A 221 -53.97 8.59 -73.28
C PRO A 221 -52.83 9.36 -73.91
N ASP A 222 -52.97 10.68 -74.09
CA ASP A 222 -51.86 11.50 -74.59
C ASP A 222 -50.58 11.38 -73.77
N LEU A 223 -50.64 10.80 -72.57
CA LEU A 223 -49.51 10.87 -71.64
C LEU A 223 -48.20 10.47 -72.30
N GLY A 224 -47.19 11.31 -72.13
CA GLY A 224 -45.84 11.00 -72.57
C GLY A 224 -45.57 11.23 -74.04
N THR A 225 -46.59 11.59 -74.83
CA THR A 225 -46.41 11.93 -76.24
C THR A 225 -46.15 13.42 -76.38
N ASP A 226 -46.06 13.89 -77.62
CA ASP A 226 -45.92 15.31 -77.91
C ASP A 226 -47.26 16.02 -78.06
N LYS A 227 -48.34 15.30 -78.35
CA LYS A 227 -49.66 15.91 -78.34
C LYS A 227 -50.14 16.23 -76.93
N ASP A 228 -49.42 15.77 -75.89
CA ASP A 228 -49.82 15.91 -74.50
C ASP A 228 -49.97 17.37 -74.09
N LYS A 229 -51.21 17.79 -73.78
CA LYS A 229 -51.41 19.15 -73.30
C LYS A 229 -50.68 19.41 -71.99
N GLU A 230 -50.57 18.41 -71.12
CA GLU A 230 -49.90 18.61 -69.83
C GLU A 230 -48.39 18.38 -69.90
N GLN A 231 -47.87 17.89 -71.04
CA GLN A 231 -46.43 17.80 -71.28
C GLN A 231 -45.70 16.96 -70.22
N TRP A 232 -46.28 15.80 -69.91
CA TRP A 232 -45.66 14.88 -68.96
C TRP A 232 -44.32 14.38 -69.42
N LYS A 233 -44.04 14.45 -70.73
CA LYS A 233 -42.71 14.08 -71.20
C LYS A 233 -41.63 14.96 -70.61
N GLU A 234 -41.98 16.17 -70.15
CA GLU A 234 -40.95 16.97 -69.50
C GLU A 234 -40.62 16.48 -68.10
N VAL A 235 -41.45 15.61 -67.52
CA VAL A 235 -41.03 14.96 -66.27
C VAL A 235 -39.78 14.10 -66.51
N HIS A 236 -39.74 13.37 -67.63
CA HIS A 236 -38.53 12.58 -67.90
C HIS A 236 -37.40 13.49 -68.37
N LYS A 237 -37.73 14.61 -69.04
CA LYS A 237 -36.67 15.56 -69.36
C LYS A 237 -36.00 16.06 -68.09
N GLN A 238 -36.81 16.38 -67.07
CA GLN A 238 -36.29 16.81 -65.78
C GLN A 238 -35.44 15.71 -65.12
N VAL A 239 -35.93 14.46 -65.11
CA VAL A 239 -35.13 13.37 -64.53
C VAL A 239 -33.72 13.38 -65.11
N VAL A 240 -33.61 13.33 -66.43
CA VAL A 240 -32.28 13.20 -67.02
C VAL A 240 -31.49 14.49 -67.01
N GLU A 241 -32.12 15.62 -66.67
CA GLU A 241 -31.38 16.86 -66.52
C GLU A 241 -31.13 17.27 -65.07
N SER A 242 -31.65 16.50 -64.10
CA SER A 242 -31.60 16.90 -62.70
C SER A 242 -30.17 17.01 -62.19
N ALA A 243 -29.37 15.97 -62.38
CA ALA A 243 -28.02 16.05 -61.86
C ALA A 243 -27.30 17.23 -62.49
N TYR A 244 -27.60 17.54 -63.76
CA TYR A 244 -26.94 18.65 -64.40
C TYR A 244 -27.35 19.95 -63.75
N GLU A 245 -28.66 20.15 -63.57
CA GLU A 245 -29.13 21.36 -62.93
C GLU A 245 -28.63 21.44 -61.49
N VAL A 246 -28.48 20.31 -60.82
CA VAL A 246 -27.99 20.38 -59.45
C VAL A 246 -26.50 20.64 -59.43
N ILE A 247 -25.77 20.16 -60.46
CA ILE A 247 -24.34 20.43 -60.51
C ILE A 247 -24.07 21.89 -60.88
N LYS A 248 -24.92 22.52 -61.68
CA LYS A 248 -24.81 23.95 -61.93
C LYS A 248 -24.83 24.74 -60.63
N LEU A 249 -25.68 24.33 -59.68
CA LEU A 249 -25.98 25.11 -58.50
C LEU A 249 -24.99 24.88 -57.35
N LYS A 250 -24.70 23.63 -57.00
CA LYS A 250 -23.77 23.37 -55.89
C LYS A 250 -22.51 22.63 -56.32
N GLY A 251 -22.39 22.28 -57.59
CA GLY A 251 -21.14 21.78 -58.14
C GLY A 251 -20.97 20.27 -58.13
N TYR A 252 -21.95 19.52 -57.61
CA TYR A 252 -21.93 18.06 -57.51
C TYR A 252 -23.29 17.65 -56.96
N THR A 253 -23.59 16.36 -57.04
CA THR A 253 -24.72 15.77 -56.34
C THR A 253 -24.20 14.73 -55.37
N SER A 254 -24.90 14.59 -54.24
CA SER A 254 -24.44 13.69 -53.19
C SER A 254 -25.56 13.08 -52.37
N TRP A 255 -26.49 13.90 -51.86
CA TRP A 255 -27.37 13.41 -50.81
C TRP A 255 -28.39 12.41 -51.35
N ALA A 256 -28.99 12.70 -52.51
CA ALA A 256 -30.00 11.78 -53.01
C ALA A 256 -29.38 10.49 -53.54
N ILE A 257 -28.12 10.53 -53.96
CA ILE A 257 -27.50 9.28 -54.42
C ILE A 257 -27.12 8.43 -53.23
N GLY A 258 -26.61 9.05 -52.16
CA GLY A 258 -26.39 8.32 -50.92
C GLY A 258 -27.65 7.65 -50.38
N LEU A 259 -28.77 8.37 -50.37
CA LEU A 259 -30.02 7.82 -49.82
C LEU A 259 -30.51 6.64 -50.66
N SER A 260 -30.43 6.76 -51.99
CA SER A 260 -30.85 5.67 -52.85
C SER A 260 -29.92 4.47 -52.74
N VAL A 261 -28.63 4.71 -52.49
CA VAL A 261 -27.69 3.61 -52.36
C VAL A 261 -27.95 2.86 -51.06
N ALA A 262 -28.19 3.62 -49.97
CA ALA A 262 -28.48 3.02 -48.67
C ALA A 262 -29.73 2.16 -48.76
N ASP A 263 -30.70 2.59 -49.57
CA ASP A 263 -31.92 1.82 -49.75
C ASP A 263 -31.64 0.46 -50.40
N LEU A 264 -30.86 0.45 -51.48
CA LEU A 264 -30.46 -0.82 -52.09
C LEU A 264 -29.67 -1.67 -51.09
N ALA A 265 -28.79 -1.04 -50.32
CA ALA A 265 -28.03 -1.78 -49.32
C ALA A 265 -28.95 -2.41 -48.28
N GLU A 266 -30.01 -1.70 -47.86
CA GLU A 266 -30.97 -2.29 -46.92
C GLU A 266 -31.64 -3.54 -47.51
N SER A 267 -32.07 -3.47 -48.77
CA SER A 267 -32.69 -4.65 -49.39
C SER A 267 -31.74 -5.83 -49.45
N ILE A 268 -30.48 -5.57 -49.79
CA ILE A 268 -29.48 -6.63 -49.86
C ILE A 268 -29.16 -7.15 -48.45
N MET A 269 -28.74 -6.25 -47.56
CA MET A 269 -28.28 -6.66 -46.24
C MET A 269 -29.36 -7.36 -45.42
N LYS A 270 -30.62 -7.00 -45.62
CA LYS A 270 -31.73 -7.56 -44.85
C LYS A 270 -32.47 -8.63 -45.61
N ASN A 271 -32.11 -8.85 -46.88
CA ASN A 271 -32.68 -9.93 -47.69
C ASN A 271 -34.18 -9.72 -47.92
N LEU A 272 -34.55 -8.48 -48.27
CA LEU A 272 -35.97 -8.13 -48.32
C LEU A 272 -36.65 -8.70 -49.56
N ARG A 273 -35.94 -8.83 -50.67
CA ARG A 273 -36.52 -9.17 -51.98
C ARG A 273 -37.51 -8.09 -52.43
N ARG A 274 -37.10 -6.84 -52.27
CA ARG A 274 -37.79 -5.70 -52.87
C ARG A 274 -37.29 -5.51 -54.29
N VAL A 275 -38.15 -4.96 -55.12
CA VAL A 275 -37.78 -4.69 -56.51
C VAL A 275 -37.29 -3.27 -56.62
N HIS A 276 -36.13 -3.07 -57.26
CA HIS A 276 -35.45 -1.84 -57.59
C HIS A 276 -35.00 -1.84 -59.04
N PRO A 277 -34.98 -0.69 -59.70
CA PRO A 277 -34.40 -0.62 -61.04
C PRO A 277 -32.89 -0.46 -60.94
N VAL A 278 -32.15 -1.55 -61.03
CA VAL A 278 -30.70 -1.51 -61.00
C VAL A 278 -30.21 -2.14 -62.29
N SER A 279 -28.91 -1.98 -62.56
CA SER A 279 -28.38 -2.44 -63.83
C SER A 279 -27.81 -3.85 -63.69
N THR A 280 -28.28 -4.75 -64.56
CA THR A 280 -27.94 -6.16 -64.54
C THR A 280 -27.72 -6.58 -65.99
N MET A 281 -26.91 -7.61 -66.18
CA MET A 281 -26.61 -8.05 -67.54
C MET A 281 -27.85 -8.70 -68.16
N ILE A 282 -28.31 -8.15 -69.28
CA ILE A 282 -29.62 -8.55 -69.80
C ILE A 282 -29.57 -9.12 -71.20
N LYS A 283 -28.47 -9.81 -71.57
CA LYS A 283 -28.45 -10.56 -72.82
C LYS A 283 -29.55 -11.61 -72.79
N GLY A 284 -30.29 -11.71 -73.89
CA GLY A 284 -31.42 -12.60 -74.02
C GLY A 284 -32.75 -11.87 -74.03
N LEU A 285 -32.84 -10.77 -73.31
CA LEU A 285 -34.09 -10.03 -73.27
C LEU A 285 -34.09 -8.96 -74.35
N TYR A 286 -35.25 -8.76 -74.95
CA TYR A 286 -35.50 -7.64 -75.86
C TYR A 286 -34.54 -7.64 -77.06
N GLY A 287 -34.20 -8.82 -77.57
CA GLY A 287 -33.36 -8.88 -78.74
C GLY A 287 -31.91 -8.53 -78.49
N ILE A 288 -31.51 -8.35 -77.25
CA ILE A 288 -30.12 -8.02 -76.95
C ILE A 288 -29.30 -9.30 -76.97
N LYS A 289 -28.21 -9.31 -77.72
CA LYS A 289 -27.39 -10.51 -77.83
C LYS A 289 -25.96 -10.30 -77.37
N ASP A 290 -25.62 -9.12 -76.85
CA ASP A 290 -24.27 -8.87 -76.34
C ASP A 290 -24.28 -8.74 -74.83
N ASP A 291 -23.08 -8.77 -74.25
CA ASP A 291 -22.92 -8.75 -72.80
C ASP A 291 -22.95 -7.30 -72.32
N VAL A 292 -24.16 -6.75 -72.23
CA VAL A 292 -24.39 -5.36 -71.83
C VAL A 292 -25.26 -5.34 -70.57
N PHE A 293 -24.93 -4.44 -69.65
CA PHE A 293 -25.76 -4.19 -68.47
C PHE A 293 -26.65 -2.99 -68.73
N LEU A 294 -27.95 -3.17 -68.48
CA LEU A 294 -28.96 -2.12 -68.51
C LEU A 294 -29.78 -2.21 -67.22
N SER A 295 -30.65 -1.22 -66.99
CA SER A 295 -31.44 -1.19 -65.78
C SER A 295 -32.83 -1.77 -66.02
N VAL A 296 -33.23 -2.67 -65.15
CA VAL A 296 -34.48 -3.40 -65.28
C VAL A 296 -34.87 -3.74 -63.84
N PRO A 297 -36.15 -3.87 -63.51
CA PRO A 297 -36.52 -4.16 -62.09
C PRO A 297 -36.01 -5.51 -61.60
N CYS A 298 -35.15 -5.46 -60.58
CA CYS A 298 -34.45 -6.64 -60.07
C CYS A 298 -34.85 -6.89 -58.62
N ILE A 299 -35.13 -8.15 -58.31
CA ILE A 299 -35.39 -8.55 -56.92
C ILE A 299 -34.04 -8.66 -56.21
N LEU A 300 -33.88 -7.90 -55.12
CA LEU A 300 -32.63 -7.79 -54.39
C LEU A 300 -32.72 -8.44 -53.02
N GLY A 301 -31.70 -9.20 -52.66
CA GLY A 301 -31.69 -9.93 -51.42
C GLY A 301 -30.27 -10.26 -51.05
N GLN A 302 -30.10 -11.27 -50.19
CA GLN A 302 -28.74 -11.55 -49.69
C GLN A 302 -27.84 -12.22 -50.72
N ASN A 303 -28.38 -12.63 -51.88
CA ASN A 303 -27.55 -13.07 -52.99
C ASN A 303 -27.50 -12.05 -54.11
N GLY A 304 -27.89 -10.82 -53.83
CA GLY A 304 -27.94 -9.82 -54.87
C GLY A 304 -29.16 -9.99 -55.72
N ILE A 305 -28.96 -10.03 -57.04
CA ILE A 305 -30.07 -10.16 -57.97
C ILE A 305 -30.40 -11.64 -58.09
N SER A 306 -31.50 -12.05 -57.47
CA SER A 306 -31.95 -13.43 -57.60
C SER A 306 -32.97 -13.59 -58.74
N ASP A 307 -33.71 -12.53 -59.07
CA ASP A 307 -34.71 -12.58 -60.12
C ASP A 307 -34.80 -11.21 -60.74
N LEU A 308 -35.47 -11.12 -61.87
CA LEU A 308 -35.75 -9.82 -62.46
C LEU A 308 -37.13 -9.88 -63.08
N VAL A 309 -37.72 -8.70 -63.24
CA VAL A 309 -39.07 -8.54 -63.72
C VAL A 309 -38.99 -8.26 -65.22
N LYS A 310 -39.77 -9.00 -65.99
CA LYS A 310 -39.78 -8.84 -67.45
C LYS A 310 -40.90 -7.87 -67.80
N VAL A 311 -40.54 -6.59 -67.85
CA VAL A 311 -41.50 -5.52 -68.12
C VAL A 311 -41.93 -5.58 -69.58
N THR A 312 -43.24 -5.52 -69.81
CA THR A 312 -43.73 -5.41 -71.17
C THR A 312 -43.42 -4.01 -71.67
N LEU A 313 -42.65 -3.92 -72.75
CA LEU A 313 -42.28 -2.66 -73.39
C LEU A 313 -42.94 -2.54 -74.77
N THR A 314 -43.20 -1.30 -75.19
CA THR A 314 -43.66 -1.07 -76.55
C THR A 314 -42.50 -1.21 -77.53
N SER A 315 -42.85 -1.25 -78.83
CA SER A 315 -41.85 -1.36 -79.89
C SER A 315 -40.81 -0.26 -79.77
N GLU A 316 -41.28 0.98 -79.70
CA GLU A 316 -40.39 2.12 -79.54
C GLU A 316 -39.49 1.93 -78.32
N GLU A 317 -40.09 1.54 -77.19
CA GLU A 317 -39.34 1.36 -75.96
C GLU A 317 -38.29 0.28 -76.11
N GLU A 318 -38.69 -0.87 -76.67
CA GLU A 318 -37.74 -1.95 -76.95
C GLU A 318 -36.61 -1.47 -77.86
N ALA A 319 -36.93 -0.65 -78.87
CA ALA A 319 -35.92 -0.17 -79.79
C ALA A 319 -34.84 0.65 -79.07
N ARG A 320 -35.24 1.48 -78.10
CA ARG A 320 -34.26 2.34 -77.45
C ARG A 320 -33.33 1.52 -76.57
N LEU A 321 -33.84 0.44 -75.99
CA LEU A 321 -32.98 -0.50 -75.28
C LEU A 321 -32.02 -1.18 -76.25
N LYS A 322 -32.52 -1.62 -77.40
CA LYS A 322 -31.62 -2.24 -78.37
C LYS A 322 -30.56 -1.25 -78.81
N LYS A 323 -30.94 0.01 -79.01
CA LYS A 323 -29.99 1.04 -79.44
C LYS A 323 -28.93 1.32 -78.37
N SER A 324 -29.32 1.36 -77.09
CA SER A 324 -28.34 1.56 -76.04
C SER A 324 -27.41 0.35 -75.93
N ALA A 325 -27.95 -0.86 -76.01
CA ALA A 325 -27.10 -2.04 -75.93
C ALA A 325 -26.04 -2.04 -77.02
N ASP A 326 -26.44 -1.71 -78.26
CA ASP A 326 -25.47 -1.57 -79.35
C ASP A 326 -24.39 -0.55 -79.00
N THR A 327 -24.82 0.67 -78.66
CA THR A 327 -23.87 1.71 -78.28
C THR A 327 -22.93 1.24 -77.17
N LEU A 328 -23.48 0.54 -76.16
CA LEU A 328 -22.65 0.11 -75.05
C LEU A 328 -21.67 -0.96 -75.50
N TRP A 329 -22.16 -1.98 -76.22
CA TRP A 329 -21.24 -3.00 -76.72
C TRP A 329 -20.23 -2.39 -77.68
N GLY A 330 -20.67 -1.47 -78.55
CA GLY A 330 -19.79 -0.61 -79.30
C GLY A 330 -18.51 -0.20 -78.58
N ILE A 331 -18.63 0.19 -77.31
CA ILE A 331 -17.47 0.62 -76.54
C ILE A 331 -16.82 -0.54 -75.79
N GLN A 332 -17.62 -1.39 -75.14
CA GLN A 332 -17.03 -2.48 -74.36
C GLN A 332 -16.15 -3.36 -75.24
N LYS A 333 -16.53 -3.49 -76.51
CA LYS A 333 -15.80 -4.28 -77.49
C LYS A 333 -14.37 -3.82 -77.68
N GLU A 334 -14.08 -2.52 -77.46
CA GLU A 334 -12.75 -1.96 -77.67
C GLU A 334 -11.93 -1.82 -76.40
N LEU A 335 -12.35 -2.40 -75.29
CA LEU A 335 -11.61 -2.23 -74.06
C LEU A 335 -10.42 -3.17 -74.03
N GLN A 336 -9.59 -3.05 -73.00
CA GLN A 336 -8.39 -3.87 -72.85
C GLN A 336 -8.23 -4.25 -71.39
N PHE A 337 -8.51 -5.51 -71.07
CA PHE A 337 -8.35 -6.01 -69.70
C PHE A 337 -6.99 -6.69 -69.55
N ALA B 7 -60.48 19.42 -68.08
CA ALA B 7 -60.55 18.31 -67.13
C ALA B 7 -59.20 17.61 -67.06
N THR B 8 -58.30 18.13 -66.22
CA THR B 8 -56.92 17.69 -66.18
C THR B 8 -56.79 16.23 -65.74
N LEU B 9 -55.55 15.76 -65.76
CA LEU B 9 -55.27 14.42 -65.27
C LEU B 9 -55.46 14.35 -63.75
N LYS B 10 -54.75 15.22 -63.02
CA LYS B 10 -54.89 15.27 -61.57
C LYS B 10 -56.35 15.27 -61.13
N ASP B 11 -57.16 16.18 -61.69
CA ASP B 11 -58.56 16.26 -61.27
C ASP B 11 -59.38 15.07 -61.75
N GLN B 12 -59.01 14.46 -62.88
CA GLN B 12 -59.67 13.22 -63.27
C GLN B 12 -59.32 12.07 -62.34
N LEU B 13 -58.14 12.13 -61.72
CA LEU B 13 -57.62 11.08 -60.85
C LEU B 13 -57.97 11.27 -59.38
N ILE B 14 -58.04 12.52 -58.91
CA ILE B 14 -58.03 12.82 -57.48
C ILE B 14 -59.17 13.78 -57.14
N TYR B 15 -60.01 13.37 -56.20
CA TYR B 15 -61.09 14.20 -55.70
C TYR B 15 -60.67 14.90 -54.41
N ASN B 16 -60.80 16.21 -54.37
CA ASN B 16 -60.37 17.00 -53.22
C ASN B 16 -61.54 17.26 -52.28
N LEU B 17 -61.29 17.09 -50.98
CA LEU B 17 -62.29 17.33 -49.95
C LEU B 17 -62.18 18.73 -49.34
N LEU B 18 -60.97 19.21 -49.14
CA LEU B 18 -60.76 20.55 -48.62
C LEU B 18 -59.35 20.99 -48.98
N LYS B 19 -59.14 22.30 -49.11
CA LYS B 19 -57.89 22.80 -49.66
C LYS B 19 -57.00 23.55 -48.68
N GLU B 20 -57.57 24.19 -47.67
CA GLU B 20 -56.86 25.12 -46.80
C GLU B 20 -56.09 24.31 -45.75
N GLU B 21 -55.59 24.98 -44.69
CA GLU B 21 -55.47 24.43 -43.34
C GLU B 21 -54.11 23.80 -43.03
N GLN B 22 -53.03 24.36 -43.56
CA GLN B 22 -51.73 23.74 -43.28
C GLN B 22 -51.16 24.25 -41.96
N THR B 23 -50.04 25.01 -42.00
CA THR B 23 -49.17 25.32 -40.87
C THR B 23 -48.43 24.06 -40.40
N PRO B 24 -47.11 24.03 -40.52
CA PRO B 24 -46.36 22.83 -40.13
C PRO B 24 -46.35 22.66 -38.62
N GLN B 25 -46.40 21.42 -38.19
CA GLN B 25 -46.52 21.16 -36.76
C GLN B 25 -45.18 20.96 -36.08
N ASN B 26 -44.14 20.55 -36.80
CA ASN B 26 -42.87 20.21 -36.20
C ASN B 26 -41.75 20.69 -37.11
N LYS B 27 -41.74 22.00 -37.38
CA LYS B 27 -40.84 22.57 -38.38
C LYS B 27 -39.49 22.93 -37.77
N ILE B 28 -38.42 22.58 -38.49
CA ILE B 28 -37.05 22.94 -38.11
C ILE B 28 -36.42 23.74 -39.25
N THR B 29 -35.64 24.77 -38.89
CA THR B 29 -34.83 25.55 -39.82
C THR B 29 -33.36 25.35 -39.53
N VAL B 30 -32.56 25.20 -40.58
CA VAL B 30 -31.10 25.27 -40.47
C VAL B 30 -30.64 26.53 -41.18
N VAL B 31 -30.02 27.43 -40.42
CA VAL B 31 -29.46 28.64 -41.00
C VAL B 31 -28.01 28.32 -41.37
N GLY B 32 -27.71 28.40 -42.66
CA GLY B 32 -26.37 28.10 -43.12
C GLY B 32 -26.27 26.72 -43.75
N VAL B 33 -25.69 26.66 -44.94
CA VAL B 33 -25.66 25.40 -45.66
C VAL B 33 -24.24 25.04 -46.03
N GLY B 34 -23.28 25.46 -45.21
CA GLY B 34 -21.95 24.91 -45.28
C GLY B 34 -22.00 23.48 -44.79
N ALA B 35 -20.81 22.87 -44.72
CA ALA B 35 -20.75 21.44 -44.45
C ALA B 35 -21.43 21.09 -43.13
N VAL B 36 -21.27 21.96 -42.14
CA VAL B 36 -21.86 21.75 -40.81
C VAL B 36 -23.37 21.75 -40.91
N GLY B 37 -23.94 22.79 -41.50
CA GLY B 37 -25.38 22.88 -41.61
C GLY B 37 -26.00 21.74 -42.39
N MET B 38 -25.39 21.39 -43.52
CA MET B 38 -25.90 20.27 -44.30
C MET B 38 -25.77 18.96 -43.53
N ALA B 39 -24.75 18.82 -42.68
CA ALA B 39 -24.62 17.61 -41.88
C ALA B 39 -25.76 17.51 -40.86
N CYS B 40 -26.09 18.65 -40.23
CA CYS B 40 -27.29 18.75 -39.38
C CYS B 40 -28.54 18.41 -40.17
N ALA B 41 -28.71 19.00 -41.35
CA ALA B 41 -29.91 18.76 -42.15
C ALA B 41 -30.11 17.27 -42.44
N ILE B 42 -29.07 16.58 -42.91
CA ILE B 42 -29.24 15.20 -43.32
C ILE B 42 -29.45 14.30 -42.11
N SER B 43 -28.75 14.60 -41.01
CA SER B 43 -28.96 13.87 -39.75
C SER B 43 -30.35 14.09 -39.20
N ILE B 44 -30.88 15.31 -39.29
CA ILE B 44 -32.24 15.54 -38.80
C ILE B 44 -33.24 14.85 -39.71
N LEU B 45 -33.02 14.92 -41.02
CA LEU B 45 -33.91 14.27 -41.96
C LEU B 45 -33.95 12.75 -41.75
N MET B 46 -32.83 12.16 -41.36
CA MET B 46 -32.79 10.71 -41.25
C MET B 46 -33.28 10.20 -39.90
N LYS B 47 -33.49 11.10 -38.94
CA LYS B 47 -34.07 10.75 -37.66
C LYS B 47 -35.55 11.06 -37.58
N ASP B 48 -36.15 11.66 -38.63
CA ASP B 48 -37.60 11.85 -38.72
C ASP B 48 -38.14 12.78 -37.62
N LEU B 49 -37.42 13.87 -37.35
CA LEU B 49 -37.78 14.80 -36.29
C LEU B 49 -38.65 15.97 -36.75
N ALA B 50 -38.91 16.10 -38.04
CA ALA B 50 -39.48 17.30 -38.62
C ALA B 50 -40.48 16.93 -39.71
N ASP B 51 -41.57 17.68 -39.79
CA ASP B 51 -42.43 17.56 -40.97
C ASP B 51 -42.16 18.64 -42.01
N GLU B 52 -41.35 19.65 -41.66
CA GLU B 52 -40.90 20.67 -42.58
C GLU B 52 -39.46 20.99 -42.25
N LEU B 53 -38.63 21.14 -43.28
CA LEU B 53 -37.24 21.53 -43.08
C LEU B 53 -36.95 22.73 -43.96
N ALA B 54 -36.46 23.80 -43.35
CA ALA B 54 -36.12 25.01 -44.08
C ALA B 54 -34.63 25.29 -43.95
N LEU B 55 -34.04 25.76 -45.04
CA LEU B 55 -32.63 26.09 -45.12
C LEU B 55 -32.48 27.52 -45.66
N VAL B 56 -31.61 28.30 -45.02
CA VAL B 56 -31.39 29.69 -45.42
C VAL B 56 -29.90 29.97 -45.39
N ASP B 57 -29.43 30.66 -46.43
CA ASP B 57 -28.06 31.13 -46.50
C ASP B 57 -28.04 32.30 -47.47
N VAL B 58 -26.86 32.91 -47.62
CA VAL B 58 -26.75 34.10 -48.46
C VAL B 58 -26.41 33.76 -49.92
N ILE B 59 -25.71 32.65 -50.16
CA ILE B 59 -25.36 32.17 -51.50
C ILE B 59 -26.54 31.41 -52.07
N GLU B 60 -27.23 31.99 -53.06
CA GLU B 60 -28.46 31.38 -53.57
C GLU B 60 -28.17 30.10 -54.37
N ASP B 61 -27.14 30.13 -55.22
CA ASP B 61 -26.50 28.96 -55.82
C ASP B 61 -26.53 27.70 -54.96
N LYS B 62 -25.58 27.62 -54.03
CA LYS B 62 -25.44 26.43 -53.23
C LYS B 62 -26.73 26.13 -52.49
N LEU B 63 -27.39 27.16 -51.97
CA LEU B 63 -28.62 26.96 -51.22
C LEU B 63 -29.66 26.22 -52.06
N LYS B 64 -29.98 26.74 -53.24
CA LYS B 64 -31.01 26.10 -54.05
C LYS B 64 -30.59 24.69 -54.44
N GLY B 65 -29.30 24.50 -54.71
CA GLY B 65 -28.80 23.18 -55.09
C GLY B 65 -28.76 22.20 -53.94
N GLU B 66 -28.57 22.67 -52.71
CA GLU B 66 -28.67 21.73 -51.60
C GLU B 66 -30.12 21.34 -51.35
N MET B 67 -31.04 22.29 -51.39
CA MET B 67 -32.45 21.93 -51.23
C MET B 67 -32.89 20.90 -52.29
N MET B 68 -32.49 21.11 -53.54
CA MET B 68 -32.89 20.20 -54.61
C MET B 68 -32.31 18.80 -54.42
N ASP B 69 -31.05 18.71 -53.96
CA ASP B 69 -30.45 17.42 -53.72
C ASP B 69 -31.20 16.66 -52.62
N LEU B 70 -31.47 17.32 -51.49
CA LEU B 70 -32.30 16.69 -50.46
C LEU B 70 -33.67 16.35 -51.01
N GLN B 71 -34.25 17.23 -51.83
CA GLN B 71 -35.59 16.95 -52.33
C GLN B 71 -35.62 15.70 -53.17
N HIS B 72 -34.57 15.45 -53.94
CA HIS B 72 -34.59 14.30 -54.85
C HIS B 72 -34.68 12.98 -54.10
N GLY B 73 -34.28 12.95 -52.83
CA GLY B 73 -34.31 11.74 -52.04
C GLY B 73 -35.56 11.58 -51.19
N SER B 74 -36.60 12.38 -51.49
CA SER B 74 -37.85 12.35 -50.70
C SER B 74 -38.40 10.95 -50.54
N LEU B 75 -38.27 10.13 -51.58
CA LEU B 75 -38.85 8.79 -51.56
C LEU B 75 -38.30 7.97 -50.41
N PHE B 76 -37.05 8.21 -50.05
CA PHE B 76 -36.40 7.51 -48.96
C PHE B 76 -36.51 8.24 -47.63
N LEU B 77 -37.39 9.24 -47.52
CA LEU B 77 -37.49 10.05 -46.33
C LEU B 77 -38.93 10.05 -45.83
N ARG B 78 -39.10 10.59 -44.63
CA ARG B 78 -40.41 10.80 -44.01
C ARG B 78 -40.62 12.26 -43.62
N THR B 79 -40.01 13.21 -44.33
CA THR B 79 -40.19 14.65 -44.13
C THR B 79 -40.75 15.25 -45.41
N PRO B 80 -42.05 15.55 -45.47
CA PRO B 80 -42.72 15.77 -46.76
C PRO B 80 -42.49 17.13 -47.41
N LYS B 81 -41.96 18.12 -46.69
CA LYS B 81 -41.74 19.46 -47.25
C LYS B 81 -40.34 19.93 -46.92
N ILE B 82 -39.60 20.34 -47.94
CA ILE B 82 -38.27 20.92 -47.77
C ILE B 82 -38.22 22.20 -48.57
N VAL B 83 -37.86 23.30 -47.92
CA VAL B 83 -37.91 24.62 -48.55
C VAL B 83 -36.60 25.33 -48.26
N SER B 84 -36.37 26.39 -49.04
CA SER B 84 -35.15 27.19 -48.90
C SER B 84 -35.36 28.55 -49.55
N GLY B 85 -34.53 29.50 -49.14
CA GLY B 85 -34.60 30.88 -49.59
C GLY B 85 -33.57 31.76 -48.93
N LYS B 86 -33.10 32.79 -49.66
CA LYS B 86 -32.32 33.85 -49.04
C LYS B 86 -33.14 34.57 -47.97
N ASP B 87 -34.47 34.56 -48.13
CA ASP B 87 -35.42 35.39 -47.41
C ASP B 87 -36.02 34.59 -46.27
N TYR B 88 -35.96 35.14 -45.06
CA TYR B 88 -36.32 34.37 -43.87
C TYR B 88 -37.79 34.02 -43.79
N ASN B 89 -38.64 34.50 -44.70
CA ASN B 89 -40.04 34.11 -44.57
C ASN B 89 -40.26 32.62 -44.81
N VAL B 90 -39.28 31.91 -45.37
CA VAL B 90 -39.39 30.47 -45.52
C VAL B 90 -39.21 29.75 -44.19
N THR B 91 -38.67 30.45 -43.18
CA THR B 91 -38.51 29.91 -41.84
C THR B 91 -39.73 30.09 -40.95
N ALA B 92 -40.82 30.66 -41.46
CA ALA B 92 -42.01 30.93 -40.64
C ALA B 92 -42.45 29.68 -39.89
N ASN B 93 -42.70 29.86 -38.58
CA ASN B 93 -43.35 28.87 -37.71
C ASN B 93 -42.45 27.66 -37.40
N SER B 94 -41.15 27.90 -37.25
CA SER B 94 -40.22 26.87 -36.81
C SER B 94 -40.36 26.62 -35.32
N LYS B 95 -40.42 25.35 -34.92
CA LYS B 95 -40.30 25.03 -33.50
C LYS B 95 -38.85 25.22 -33.03
N LEU B 96 -37.90 24.96 -33.92
CA LEU B 96 -36.48 25.00 -33.62
C LEU B 96 -35.76 25.67 -34.80
N VAL B 97 -34.89 26.64 -34.51
CA VAL B 97 -33.99 27.22 -35.49
C VAL B 97 -32.56 26.97 -35.06
N ILE B 98 -31.82 26.23 -35.89
CA ILE B 98 -30.41 25.90 -35.67
C ILE B 98 -29.57 26.82 -36.54
N ILE B 99 -28.70 27.61 -35.91
CA ILE B 99 -27.90 28.61 -36.61
C ILE B 99 -26.49 28.09 -36.69
N THR B 100 -25.97 27.98 -37.91
CA THR B 100 -24.61 27.52 -38.16
C THR B 100 -23.76 28.56 -38.86
N ALA B 101 -24.39 29.64 -39.35
CA ALA B 101 -23.71 30.66 -40.12
C ALA B 101 -22.78 31.48 -39.25
N GLY B 102 -21.78 32.06 -39.89
CA GLY B 102 -20.83 32.89 -39.18
C GLY B 102 -19.74 33.38 -40.10
N ALA B 103 -18.80 34.10 -39.51
CA ALA B 103 -17.58 34.50 -40.18
C ALA B 103 -16.44 33.71 -39.59
N ARG B 104 -15.48 33.36 -40.43
CA ARG B 104 -14.33 32.57 -40.03
C ARG B 104 -13.09 33.47 -39.97
N GLN B 105 -12.25 33.22 -38.96
CA GLN B 105 -11.16 34.11 -38.59
C GLN B 105 -10.12 34.19 -39.70
N GLN B 106 -9.87 35.40 -40.19
CA GLN B 106 -8.82 35.65 -41.15
C GLN B 106 -7.52 35.97 -40.43
N GLU B 107 -6.42 35.90 -41.17
CA GLU B 107 -5.11 36.01 -40.54
C GLU B 107 -4.81 37.46 -40.20
N GLY B 108 -4.18 37.66 -39.05
CA GLY B 108 -4.01 38.97 -38.43
C GLY B 108 -5.16 39.33 -37.49
N GLU B 109 -6.39 39.01 -37.90
CA GLU B 109 -7.57 39.29 -37.10
C GLU B 109 -7.40 38.80 -35.66
N SER B 110 -7.96 39.55 -34.73
CA SER B 110 -7.99 39.20 -33.30
C SER B 110 -9.30 38.51 -32.96
N ARG B 111 -9.34 37.90 -31.76
CA ARG B 111 -10.55 37.22 -31.31
C ARG B 111 -11.72 38.20 -31.36
N LEU B 112 -11.72 39.21 -30.51
CA LEU B 112 -12.61 40.33 -30.76
C LEU B 112 -12.28 40.89 -32.14
N ASN B 113 -13.31 41.43 -32.81
CA ASN B 113 -13.30 41.81 -34.22
C ASN B 113 -13.84 40.64 -35.02
N LEU B 114 -13.24 39.46 -34.88
CA LEU B 114 -13.88 38.26 -35.38
C LEU B 114 -15.22 38.04 -34.72
N VAL B 115 -15.26 38.16 -33.39
CA VAL B 115 -16.53 38.07 -32.68
C VAL B 115 -17.44 39.24 -33.07
N GLN B 116 -16.85 40.41 -33.30
CA GLN B 116 -17.65 41.55 -33.71
C GLN B 116 -18.27 41.31 -35.08
N ARG B 117 -17.49 40.78 -36.02
CA ARG B 117 -18.04 40.41 -37.33
C ARG B 117 -19.21 39.44 -37.17
N ASN B 118 -19.02 38.41 -36.34
CA ASN B 118 -20.11 37.49 -36.03
C ASN B 118 -21.30 38.22 -35.42
N VAL B 119 -21.05 39.15 -34.50
CA VAL B 119 -22.14 39.95 -33.96
C VAL B 119 -22.88 40.65 -35.09
N ASN B 120 -22.16 41.23 -36.04
CA ASN B 120 -22.82 42.00 -37.09
C ASN B 120 -23.68 41.09 -37.97
N ILE B 121 -23.23 39.87 -38.24
CA ILE B 121 -24.05 38.93 -39.00
C ILE B 121 -25.30 38.56 -38.21
N PHE B 122 -25.15 38.35 -36.88
CA PHE B 122 -26.29 38.02 -36.04
C PHE B 122 -27.29 39.18 -35.89
N LYS B 123 -26.87 40.42 -36.12
CA LYS B 123 -27.85 41.50 -36.09
C LYS B 123 -28.73 41.51 -37.32
N PHE B 124 -28.39 40.72 -38.35
CA PHE B 124 -29.33 40.47 -39.43
C PHE B 124 -30.11 39.18 -39.20
N ILE B 125 -29.42 38.09 -38.85
CA ILE B 125 -30.06 36.77 -38.73
C ILE B 125 -31.04 36.73 -37.56
N ILE B 126 -30.57 37.00 -36.33
CA ILE B 126 -31.42 36.83 -35.16
C ILE B 126 -32.74 37.60 -35.24
N PRO B 127 -32.77 38.90 -35.56
CA PRO B 127 -34.08 39.57 -35.66
C PRO B 127 -35.01 38.95 -36.69
N ASN B 128 -34.45 38.41 -37.78
CA ASN B 128 -35.28 37.81 -38.82
C ASN B 128 -35.83 36.43 -38.43
N VAL B 129 -35.07 35.65 -37.63
CA VAL B 129 -35.63 34.44 -37.05
C VAL B 129 -36.82 34.78 -36.19
N VAL B 130 -36.63 35.75 -35.29
CA VAL B 130 -37.66 36.11 -34.32
C VAL B 130 -38.89 36.66 -35.03
N LYS B 131 -38.70 37.42 -36.10
CA LYS B 131 -39.84 37.97 -36.81
C LYS B 131 -40.79 36.86 -37.23
N TYR B 132 -40.25 35.75 -37.74
CA TYR B 132 -41.09 34.74 -38.38
C TYR B 132 -41.39 33.55 -37.49
N SER B 133 -40.51 33.20 -36.56
CA SER B 133 -40.79 32.18 -35.56
C SER B 133 -40.54 32.77 -34.18
N PRO B 134 -41.47 33.60 -33.70
CA PRO B 134 -41.26 34.27 -32.41
C PRO B 134 -41.21 33.31 -31.22
N ASN B 135 -41.80 32.12 -31.33
CA ASN B 135 -41.89 31.17 -30.22
C ASN B 135 -40.88 30.04 -30.33
N CYS B 136 -39.98 30.11 -31.30
CA CYS B 136 -39.04 29.04 -31.51
C CYS B 136 -38.05 28.94 -30.33
N LYS B 137 -37.31 27.84 -30.31
CA LYS B 137 -36.09 27.73 -29.53
C LYS B 137 -34.92 27.91 -30.47
N LEU B 138 -33.86 28.53 -29.97
CA LEU B 138 -32.67 28.86 -30.76
C LEU B 138 -31.56 27.94 -30.35
N LEU B 139 -31.09 27.11 -31.27
CA LEU B 139 -29.88 26.33 -31.06
C LEU B 139 -28.77 27.04 -31.82
N ILE B 140 -27.71 27.44 -31.10
CA ILE B 140 -26.62 28.23 -31.67
C ILE B 140 -25.41 27.33 -31.77
N VAL B 141 -24.96 27.06 -33.01
CA VAL B 141 -23.82 26.18 -33.26
C VAL B 141 -22.58 26.94 -33.71
N SER B 142 -22.72 28.13 -34.27
CA SER B 142 -21.59 28.93 -34.74
C SER B 142 -20.59 29.19 -33.62
N ASN B 143 -19.25 29.32 -33.99
CA ASN B 143 -18.18 29.55 -33.03
C ASN B 143 -17.72 31.01 -33.01
N PRO B 144 -17.17 31.52 -31.87
CA PRO B 144 -17.13 30.87 -30.55
C PRO B 144 -18.52 30.78 -29.91
N VAL B 145 -18.91 29.55 -29.56
CA VAL B 145 -20.32 29.25 -29.34
C VAL B 145 -20.81 29.89 -28.06
N ASP B 146 -19.94 30.05 -27.07
CA ASP B 146 -20.40 30.63 -25.83
C ASP B 146 -20.67 32.12 -25.97
N ILE B 147 -19.79 32.85 -26.66
CA ILE B 147 -20.03 34.28 -26.85
C ILE B 147 -21.25 34.49 -27.72
N LEU B 148 -21.39 33.70 -28.78
CA LEU B 148 -22.45 33.90 -29.74
C LEU B 148 -23.80 33.39 -29.24
N THR B 149 -23.83 32.49 -28.26
CA THR B 149 -25.10 32.20 -27.60
C THR B 149 -25.56 33.39 -26.77
N TYR B 150 -24.61 34.11 -26.15
CA TYR B 150 -24.94 35.37 -25.49
C TYR B 150 -25.50 36.39 -26.49
N VAL B 151 -24.81 36.58 -27.61
CA VAL B 151 -25.24 37.55 -28.63
C VAL B 151 -26.67 37.25 -29.09
N ALA B 152 -26.92 35.99 -29.46
CA ALA B 152 -28.25 35.55 -29.85
C ALA B 152 -29.26 35.82 -28.74
N TRP B 153 -28.87 35.54 -27.49
CA TRP B 153 -29.72 35.84 -26.34
C TRP B 153 -30.02 37.33 -26.23
N LYS B 154 -28.97 38.16 -26.32
CA LYS B 154 -29.14 39.61 -26.19
C LYS B 154 -29.95 40.19 -27.35
N ILE B 155 -29.68 39.78 -28.58
CA ILE B 155 -30.38 40.38 -29.73
C ILE B 155 -31.83 39.89 -29.84
N SER B 156 -32.14 38.70 -29.34
CA SER B 156 -33.50 38.20 -29.53
C SER B 156 -34.45 38.58 -28.40
N GLY B 157 -33.92 38.80 -27.19
CA GLY B 157 -34.78 39.02 -26.04
C GLY B 157 -35.54 37.80 -25.60
N PHE B 158 -35.24 36.64 -26.19
CA PHE B 158 -35.81 35.39 -25.75
C PHE B 158 -35.44 35.14 -24.29
N PRO B 159 -36.32 34.48 -23.53
CA PRO B 159 -35.94 33.97 -22.21
C PRO B 159 -34.77 33.00 -22.31
N LYS B 160 -33.98 32.91 -21.23
CA LYS B 160 -32.74 32.14 -21.33
C LYS B 160 -32.99 30.64 -21.53
N ASN B 161 -34.18 30.13 -21.24
CA ASN B 161 -34.42 28.72 -21.50
C ASN B 161 -34.45 28.42 -23.00
N ARG B 162 -34.86 29.41 -23.81
CA ARG B 162 -35.06 29.22 -25.24
C ARG B 162 -33.84 29.58 -26.08
N VAL B 163 -32.70 29.87 -25.46
CA VAL B 163 -31.48 30.17 -26.21
C VAL B 163 -30.42 29.21 -25.70
N ILE B 164 -29.92 28.35 -26.59
CA ILE B 164 -29.07 27.21 -26.25
C ILE B 164 -27.86 27.18 -27.19
N GLY B 165 -26.68 26.93 -26.63
CA GLY B 165 -25.48 26.71 -27.42
C GLY B 165 -25.08 25.24 -27.39
N SER B 166 -24.70 24.72 -28.56
CA SER B 166 -24.26 23.33 -28.64
C SER B 166 -23.10 23.05 -27.68
N GLY B 167 -22.32 24.09 -27.34
CA GLY B 167 -21.45 24.01 -26.18
C GLY B 167 -20.41 22.91 -26.30
N CYS B 168 -20.29 22.11 -25.22
CA CYS B 168 -19.45 20.93 -25.14
C CYS B 168 -20.22 19.62 -25.38
N ASN B 169 -21.38 19.70 -26.02
CA ASN B 169 -22.11 18.49 -26.38
C ASN B 169 -21.23 17.52 -27.14
N LEU B 170 -20.69 17.93 -28.29
CA LEU B 170 -19.81 17.04 -29.03
C LEU B 170 -18.50 16.79 -28.28
N ASP B 171 -18.04 17.74 -27.45
CA ASP B 171 -16.84 17.52 -26.65
C ASP B 171 -17.01 16.35 -25.68
N SER B 172 -18.16 16.29 -24.98
CA SER B 172 -18.47 15.14 -24.13
C SER B 172 -18.66 13.87 -24.94
N ALA B 173 -19.21 13.98 -26.14
CA ALA B 173 -19.39 12.80 -26.98
C ALA B 173 -18.04 12.28 -27.47
N ARG B 174 -17.12 13.18 -27.80
CA ARG B 174 -15.77 12.75 -28.14
C ARG B 174 -15.12 12.08 -26.95
N PHE B 175 -15.20 12.71 -25.78
CA PHE B 175 -14.60 12.18 -24.55
C PHE B 175 -15.04 10.75 -24.28
N ARG B 176 -16.32 10.46 -24.53
CA ARG B 176 -16.83 9.11 -24.31
C ARG B 176 -16.41 8.16 -25.43
N TYR B 177 -16.18 8.65 -26.64
CA TYR B 177 -15.59 7.80 -27.67
C TYR B 177 -14.20 7.34 -27.26
N LEU B 178 -13.32 8.30 -26.93
CA LEU B 178 -11.96 7.96 -26.55
C LEU B 178 -11.95 7.14 -25.27
N MET B 179 -12.82 7.48 -24.30
CA MET B 179 -12.93 6.67 -23.09
C MET B 179 -13.24 5.23 -23.43
N GLY B 180 -14.17 5.03 -24.38
CA GLY B 180 -14.55 3.68 -24.74
C GLY B 180 -13.50 2.94 -25.51
N GLU B 181 -12.58 3.66 -26.15
CA GLU B 181 -11.50 2.99 -26.85
C GLU B 181 -10.51 2.39 -25.85
N ARG B 182 -10.14 3.19 -24.84
CA ARG B 182 -9.23 2.70 -23.82
C ARG B 182 -9.81 1.52 -23.05
N LEU B 183 -11.14 1.43 -22.94
CA LEU B 183 -11.77 0.46 -22.06
C LEU B 183 -12.33 -0.77 -22.78
N GLY B 184 -12.41 -0.74 -24.11
CA GLY B 184 -13.10 -1.80 -24.84
C GLY B 184 -14.61 -1.82 -24.66
N VAL B 185 -15.20 -0.67 -24.36
CA VAL B 185 -16.63 -0.57 -24.08
C VAL B 185 -17.25 0.41 -25.06
N HIS B 186 -18.52 0.20 -25.40
CA HIS B 186 -19.20 1.14 -26.29
C HIS B 186 -19.38 2.50 -25.61
N PRO B 187 -19.27 3.59 -26.37
CA PRO B 187 -19.42 4.93 -25.75
C PRO B 187 -20.71 5.12 -24.99
N LEU B 188 -21.81 4.47 -25.41
CA LEU B 188 -23.05 4.61 -24.66
C LEU B 188 -22.93 4.13 -23.23
N SER B 189 -21.94 3.29 -22.91
CA SER B 189 -21.75 2.79 -21.56
C SER B 189 -20.57 3.43 -20.83
N CYS B 190 -19.82 4.33 -21.47
CA CYS B 190 -18.75 5.06 -20.81
C CYS B 190 -19.24 6.47 -20.50
N HIS B 191 -19.31 6.81 -19.22
CA HIS B 191 -19.91 8.07 -18.80
C HIS B 191 -18.84 9.06 -18.38
N GLY B 192 -19.02 10.31 -18.76
CA GLY B 192 -18.04 11.34 -18.54
C GLY B 192 -18.48 12.66 -19.12
N TRP B 193 -18.17 13.76 -18.44
CA TRP B 193 -18.69 15.08 -18.79
C TRP B 193 -17.57 16.09 -18.94
N VAL B 194 -17.59 16.81 -20.07
CA VAL B 194 -16.72 17.95 -20.33
C VAL B 194 -17.60 19.20 -20.29
N LEU B 195 -17.29 20.11 -19.37
CA LEU B 195 -18.12 21.28 -19.11
C LEU B 195 -17.32 22.56 -19.31
N GLY B 196 -18.04 23.69 -19.31
CA GLY B 196 -17.40 24.99 -19.29
C GLY B 196 -17.30 25.65 -20.64
N GLU B 197 -16.18 26.35 -20.88
CA GLU B 197 -15.96 27.03 -22.14
C GLU B 197 -15.62 26.02 -23.22
N HIS B 198 -16.31 26.10 -24.36
CA HIS B 198 -16.03 25.15 -25.44
C HIS B 198 -14.69 25.51 -26.07
N GLY B 199 -13.74 24.59 -25.98
CA GLY B 199 -12.41 24.82 -26.51
C GLY B 199 -11.27 24.42 -25.59
N ASP B 200 -10.16 25.16 -25.68
CA ASP B 200 -8.96 24.83 -24.91
C ASP B 200 -9.23 24.82 -23.41
N SER B 201 -10.06 25.75 -22.93
CA SER B 201 -10.31 25.94 -21.51
C SER B 201 -11.36 24.98 -20.93
N SER B 202 -11.87 24.03 -21.71
CA SER B 202 -12.91 23.16 -21.20
C SER B 202 -12.41 22.38 -19.99
N VAL B 203 -13.36 21.90 -19.21
CA VAL B 203 -13.09 21.23 -17.93
C VAL B 203 -13.52 19.77 -17.99
N PRO B 204 -12.61 18.81 -17.92
CA PRO B 204 -13.01 17.40 -17.77
C PRO B 204 -13.25 17.07 -16.31
N VAL B 205 -14.52 16.95 -15.91
CA VAL B 205 -14.90 16.66 -14.53
C VAL B 205 -14.61 15.20 -14.19
N TRP B 206 -13.38 14.93 -13.73
CA TRP B 206 -12.93 13.56 -13.49
C TRP B 206 -13.77 12.85 -12.44
N SER B 207 -14.41 13.57 -11.54
CA SER B 207 -15.18 12.89 -10.49
C SER B 207 -16.26 11.99 -11.10
N GLY B 208 -16.99 12.50 -12.11
CA GLY B 208 -18.07 11.77 -12.74
C GLY B 208 -17.69 10.71 -13.75
N MET B 209 -16.41 10.53 -14.06
CA MET B 209 -16.01 9.48 -15.01
C MET B 209 -16.26 8.10 -14.41
N ASN B 210 -17.05 7.28 -15.10
CA ASN B 210 -17.41 5.98 -14.54
C ASN B 210 -17.96 5.06 -15.61
N VAL B 211 -17.91 3.76 -15.35
CA VAL B 211 -18.62 2.74 -16.11
C VAL B 211 -19.46 1.93 -15.15
N ALA B 212 -20.78 1.94 -15.35
CA ALA B 212 -21.72 1.23 -14.49
C ALA B 212 -21.79 1.83 -13.09
N GLY B 213 -21.46 3.12 -12.95
CA GLY B 213 -21.52 3.74 -11.65
C GLY B 213 -20.32 3.49 -10.77
N VAL B 214 -19.30 2.79 -11.28
CA VAL B 214 -18.03 2.66 -10.59
C VAL B 214 -17.14 3.82 -11.02
N SER B 215 -16.89 4.76 -10.11
CA SER B 215 -16.03 5.89 -10.41
C SER B 215 -14.59 5.45 -10.69
N LEU B 216 -14.00 6.01 -11.75
CA LEU B 216 -12.61 5.74 -12.08
C LEU B 216 -11.66 6.53 -11.21
N LYS B 217 -12.06 7.72 -10.74
CA LYS B 217 -11.20 8.50 -9.85
C LYS B 217 -11.04 7.78 -8.51
N THR B 218 -12.14 7.31 -7.94
CA THR B 218 -12.05 6.58 -6.68
C THR B 218 -11.24 5.31 -6.84
N LEU B 219 -11.27 4.69 -8.02
CA LEU B 219 -10.61 3.41 -8.20
C LEU B 219 -9.12 3.54 -8.49
N HIS B 220 -8.67 4.73 -8.87
CA HIS B 220 -7.35 5.02 -9.42
C HIS B 220 -7.13 6.52 -9.22
N PRO B 221 -6.85 6.95 -7.98
CA PRO B 221 -7.01 8.38 -7.65
C PRO B 221 -6.05 9.30 -8.38
N ASP B 222 -4.95 8.79 -8.93
CA ASP B 222 -4.08 9.63 -9.77
C ASP B 222 -4.77 10.07 -11.06
N LEU B 223 -5.98 9.56 -11.35
CA LEU B 223 -6.65 9.83 -12.60
C LEU B 223 -6.88 11.32 -12.80
N GLY B 224 -6.44 11.82 -13.94
CA GLY B 224 -6.50 13.24 -14.26
C GLY B 224 -5.25 14.03 -13.92
N THR B 225 -4.69 13.80 -12.73
CA THR B 225 -3.51 14.52 -12.27
C THR B 225 -2.28 14.09 -13.07
N ASP B 226 -1.13 14.69 -12.73
CA ASP B 226 0.10 14.48 -13.45
C ASP B 226 0.93 13.31 -12.92
N LYS B 227 0.66 12.85 -11.69
CA LYS B 227 1.30 11.62 -11.23
C LYS B 227 0.83 10.41 -12.03
N ASP B 228 -0.42 10.45 -12.53
CA ASP B 228 -1.07 9.41 -13.32
C ASP B 228 -0.17 8.67 -14.30
N LYS B 229 0.14 7.40 -14.00
CA LYS B 229 0.96 6.62 -14.91
C LYS B 229 0.23 6.31 -16.21
N GLU B 230 -1.10 6.21 -16.17
CA GLU B 230 -1.85 5.76 -17.33
C GLU B 230 -2.28 6.88 -18.26
N GLN B 231 -1.96 8.14 -17.93
CA GLN B 231 -2.00 9.25 -18.88
C GLN B 231 -3.41 9.81 -19.14
N TRP B 232 -4.34 9.70 -18.20
CA TRP B 232 -5.73 9.99 -18.56
C TRP B 232 -5.95 11.46 -18.90
N LYS B 233 -5.09 12.36 -18.45
CA LYS B 233 -5.24 13.77 -18.80
C LYS B 233 -5.14 13.99 -20.30
N GLU B 234 -4.44 13.09 -21.02
CA GLU B 234 -4.25 13.24 -22.46
C GLU B 234 -5.54 12.97 -23.22
N VAL B 235 -6.39 12.06 -22.71
CA VAL B 235 -7.71 11.84 -23.29
C VAL B 235 -8.46 13.16 -23.46
N HIS B 236 -8.31 14.09 -22.51
CA HIS B 236 -9.03 15.35 -22.63
C HIS B 236 -8.37 16.28 -23.63
N LYS B 237 -7.05 16.36 -23.61
CA LYS B 237 -6.44 17.26 -24.58
C LYS B 237 -6.50 16.68 -25.98
N GLN B 238 -6.65 15.36 -26.10
CA GLN B 238 -7.10 14.77 -27.37
C GLN B 238 -8.46 15.30 -27.79
N VAL B 239 -9.39 15.40 -26.83
CA VAL B 239 -10.71 15.99 -27.08
C VAL B 239 -10.56 17.41 -27.62
N VAL B 240 -9.63 18.17 -27.04
CA VAL B 240 -9.51 19.59 -27.35
C VAL B 240 -8.86 19.81 -28.73
N GLU B 241 -8.03 18.85 -29.18
CA GLU B 241 -7.36 18.95 -30.47
C GLU B 241 -8.06 18.12 -31.53
N SER B 242 -9.20 17.53 -31.20
CA SER B 242 -9.89 16.64 -32.14
C SER B 242 -10.23 17.38 -33.42
N ALA B 243 -10.98 18.46 -33.31
CA ALA B 243 -11.39 19.20 -34.50
C ALA B 243 -10.17 19.66 -35.30
N TYR B 244 -9.10 20.06 -34.61
CA TYR B 244 -7.89 20.49 -35.30
C TYR B 244 -7.26 19.34 -36.08
N GLU B 245 -7.18 18.16 -35.46
CA GLU B 245 -6.62 16.99 -36.14
C GLU B 245 -7.45 16.60 -37.35
N VAL B 246 -8.77 16.77 -37.27
CA VAL B 246 -9.62 16.42 -38.40
C VAL B 246 -9.55 17.50 -39.47
N ILE B 247 -9.54 18.78 -39.07
CA ILE B 247 -9.43 19.86 -40.06
C ILE B 247 -8.13 19.71 -40.84
N LYS B 248 -7.02 19.53 -40.11
CA LYS B 248 -5.72 19.32 -40.74
C LYS B 248 -5.76 18.23 -41.81
N LEU B 249 -6.61 17.21 -41.62
CA LEU B 249 -6.67 16.07 -42.54
C LEU B 249 -7.68 16.23 -43.67
N LYS B 250 -8.89 16.72 -43.39
CA LYS B 250 -9.95 16.74 -44.40
C LYS B 250 -10.50 18.13 -44.68
N GLY B 251 -10.02 19.17 -43.99
CA GLY B 251 -10.33 20.55 -44.30
C GLY B 251 -11.30 21.21 -43.34
N TYR B 252 -12.08 20.42 -42.62
CA TYR B 252 -13.22 20.89 -41.84
C TYR B 252 -13.73 19.69 -41.07
N THR B 253 -14.74 19.91 -40.24
CA THR B 253 -15.45 18.80 -39.62
C THR B 253 -16.93 18.96 -39.90
N SER B 254 -17.63 17.83 -40.02
CA SER B 254 -19.02 17.90 -40.42
C SER B 254 -19.89 16.84 -39.75
N TRP B 255 -19.54 15.56 -39.93
CA TRP B 255 -20.48 14.48 -39.59
C TRP B 255 -20.77 14.44 -38.09
N ALA B 256 -19.71 14.42 -37.27
CA ALA B 256 -19.90 14.28 -35.83
C ALA B 256 -20.69 15.45 -35.25
N ILE B 257 -20.42 16.67 -35.70
CA ILE B 257 -21.21 17.76 -35.15
C ILE B 257 -22.66 17.67 -35.65
N GLY B 258 -22.85 17.25 -36.90
CA GLY B 258 -24.20 17.04 -37.39
C GLY B 258 -24.97 16.00 -36.58
N LEU B 259 -24.30 14.91 -36.21
CA LEU B 259 -24.94 13.89 -35.38
C LEU B 259 -25.25 14.40 -33.98
N SER B 260 -24.35 15.17 -33.38
CA SER B 260 -24.63 15.67 -32.03
C SER B 260 -25.74 16.71 -32.03
N VAL B 261 -25.75 17.61 -33.01
CA VAL B 261 -26.84 18.58 -33.10
C VAL B 261 -28.19 17.87 -33.29
N ALA B 262 -28.23 16.83 -34.13
CA ALA B 262 -29.50 16.11 -34.30
C ALA B 262 -29.93 15.46 -33.00
N ASP B 263 -28.97 15.06 -32.17
CA ASP B 263 -29.31 14.50 -30.87
C ASP B 263 -29.96 15.55 -29.96
N LEU B 264 -29.45 16.78 -29.99
CA LEU B 264 -30.09 17.87 -29.25
C LEU B 264 -31.50 18.12 -29.77
N ALA B 265 -31.66 18.18 -31.09
CA ALA B 265 -32.96 18.39 -31.70
C ALA B 265 -33.96 17.35 -31.24
N GLU B 266 -33.51 16.11 -31.10
CA GLU B 266 -34.44 15.05 -30.75
C GLU B 266 -34.98 15.25 -29.33
N SER B 267 -34.11 15.66 -28.40
CA SER B 267 -34.54 15.95 -27.04
C SER B 267 -35.51 17.12 -27.01
N ILE B 268 -35.24 18.14 -27.82
CA ILE B 268 -36.09 19.34 -27.86
C ILE B 268 -37.42 19.00 -28.53
N MET B 269 -37.36 18.48 -29.76
CA MET B 269 -38.58 18.21 -30.53
C MET B 269 -39.48 17.20 -29.84
N LYS B 270 -38.92 16.24 -29.09
CA LYS B 270 -39.71 15.16 -28.52
C LYS B 270 -39.94 15.31 -27.02
N ASN B 271 -39.44 16.37 -26.40
CA ASN B 271 -39.70 16.66 -25.00
C ASN B 271 -39.15 15.57 -24.09
N LEU B 272 -37.95 15.07 -24.41
CA LEU B 272 -37.49 13.89 -23.69
C LEU B 272 -37.02 14.21 -22.27
N ARG B 273 -36.50 15.41 -22.03
CA ARG B 273 -35.87 15.76 -20.76
C ARG B 273 -34.66 14.87 -20.46
N ARG B 274 -33.93 14.52 -21.52
CA ARG B 274 -32.57 14.00 -21.40
C ARG B 274 -31.62 15.12 -21.03
N VAL B 275 -30.50 14.76 -20.40
CA VAL B 275 -29.53 15.72 -19.91
C VAL B 275 -28.38 15.82 -20.91
N HIS B 276 -28.05 17.05 -21.32
CA HIS B 276 -27.02 17.37 -22.31
C HIS B 276 -26.08 18.47 -21.81
N PRO B 277 -24.81 18.40 -22.13
CA PRO B 277 -23.89 19.45 -21.69
C PRO B 277 -23.84 20.59 -22.68
N VAL B 278 -24.74 21.56 -22.57
CA VAL B 278 -24.87 22.62 -23.55
C VAL B 278 -24.67 23.96 -22.84
N SER B 279 -24.38 25.01 -23.60
CA SER B 279 -24.08 26.31 -23.00
C SER B 279 -25.37 27.08 -22.73
N THR B 280 -25.54 27.49 -21.48
CA THR B 280 -26.65 28.32 -21.07
C THR B 280 -26.11 29.35 -20.10
N MET B 281 -26.93 30.35 -19.80
CA MET B 281 -26.53 31.50 -18.99
C MET B 281 -26.43 31.08 -17.51
N ILE B 282 -25.21 31.07 -16.97
CA ILE B 282 -24.94 30.50 -15.66
C ILE B 282 -24.66 31.57 -14.60
N LYS B 283 -25.06 32.83 -14.85
CA LYS B 283 -24.88 33.89 -13.86
C LYS B 283 -25.59 33.53 -12.57
N GLY B 284 -24.85 33.51 -11.46
CA GLY B 284 -25.40 33.17 -10.17
C GLY B 284 -24.96 31.83 -9.61
N LEU B 285 -24.13 31.08 -10.34
CA LEU B 285 -23.61 29.80 -9.89
C LEU B 285 -22.10 29.76 -10.10
N TYR B 286 -21.39 29.23 -9.10
CA TYR B 286 -19.92 29.18 -9.07
C TYR B 286 -19.29 30.56 -8.96
N GLY B 287 -19.98 31.53 -8.34
CA GLY B 287 -19.45 32.87 -8.20
C GLY B 287 -19.45 33.71 -9.46
N ILE B 288 -19.71 33.12 -10.63
CA ILE B 288 -19.83 33.90 -11.85
C ILE B 288 -20.93 34.93 -11.67
N LYS B 289 -20.59 36.21 -11.88
CA LYS B 289 -21.56 37.28 -11.67
C LYS B 289 -21.96 38.03 -12.94
N ASP B 290 -21.24 37.85 -14.05
CA ASP B 290 -21.58 38.51 -15.30
C ASP B 290 -22.49 37.65 -16.16
N ASP B 291 -23.21 38.31 -17.09
CA ASP B 291 -24.03 37.61 -18.07
C ASP B 291 -23.14 36.82 -19.04
N VAL B 292 -22.96 35.52 -18.79
CA VAL B 292 -21.98 34.71 -19.49
C VAL B 292 -22.56 33.31 -19.69
N PHE B 293 -22.24 32.66 -20.82
CA PHE B 293 -22.77 31.33 -21.12
C PHE B 293 -21.64 30.31 -21.07
N LEU B 294 -21.80 29.30 -20.23
CA LEU B 294 -20.90 28.15 -20.19
C LEU B 294 -21.73 26.87 -20.27
N SER B 295 -21.05 25.73 -20.41
CA SER B 295 -21.71 24.45 -20.58
C SER B 295 -21.87 23.73 -19.23
N VAL B 296 -23.11 23.46 -18.86
CA VAL B 296 -23.43 22.62 -17.71
C VAL B 296 -24.35 21.51 -18.21
N PRO B 297 -24.55 20.45 -17.43
CA PRO B 297 -25.58 19.48 -17.81
C PRO B 297 -26.95 20.12 -17.68
N CYS B 298 -27.66 20.25 -18.80
CA CYS B 298 -28.99 20.85 -18.87
C CYS B 298 -30.02 19.81 -19.26
N ILE B 299 -31.21 19.94 -18.69
CA ILE B 299 -32.34 19.09 -19.03
C ILE B 299 -33.08 19.74 -20.18
N LEU B 300 -33.29 18.99 -21.28
CA LEU B 300 -33.68 19.55 -22.56
C LEU B 300 -35.02 19.00 -23.04
N GLY B 301 -35.92 19.88 -23.45
CA GLY B 301 -37.22 19.46 -23.88
C GLY B 301 -37.92 20.52 -24.70
N GLN B 302 -39.26 20.40 -24.79
CA GLN B 302 -40.01 21.23 -25.74
C GLN B 302 -39.98 22.72 -25.41
N ASN B 303 -39.61 23.10 -24.19
CA ASN B 303 -39.45 24.51 -23.85
C ASN B 303 -37.99 24.95 -23.79
N GLY B 304 -37.08 24.10 -24.25
CA GLY B 304 -35.67 24.42 -24.21
C GLY B 304 -34.99 23.87 -22.97
N ILE B 305 -34.12 24.67 -22.36
CA ILE B 305 -33.47 24.33 -21.10
C ILE B 305 -34.46 24.65 -19.98
N SER B 306 -35.19 23.64 -19.51
CA SER B 306 -36.13 23.85 -18.41
C SER B 306 -35.44 23.80 -17.04
N ASP B 307 -34.33 23.08 -16.96
CA ASP B 307 -33.68 22.77 -15.71
C ASP B 307 -32.19 22.60 -15.98
N LEU B 308 -31.44 22.38 -14.91
CA LEU B 308 -30.01 22.49 -15.02
C LEU B 308 -29.43 21.72 -13.85
N VAL B 309 -28.48 20.83 -14.12
CA VAL B 309 -27.84 20.09 -13.05
C VAL B 309 -26.72 20.93 -12.45
N LYS B 310 -26.52 20.78 -11.14
CA LYS B 310 -25.48 21.47 -10.40
C LYS B 310 -24.39 20.45 -10.04
N VAL B 311 -23.36 20.38 -10.88
CA VAL B 311 -22.28 19.43 -10.64
C VAL B 311 -21.41 19.92 -9.49
N THR B 312 -21.00 18.98 -8.65
CA THR B 312 -20.07 19.30 -7.56
C THR B 312 -18.68 19.40 -8.13
N LEU B 313 -18.09 20.60 -8.04
CA LEU B 313 -16.77 20.86 -8.60
C LEU B 313 -15.73 21.05 -7.50
N THR B 314 -14.54 20.50 -7.72
CA THR B 314 -13.40 20.84 -6.89
C THR B 314 -13.03 22.31 -7.08
N SER B 315 -12.19 22.84 -6.17
CA SER B 315 -11.95 24.28 -6.17
C SER B 315 -11.13 24.74 -7.38
N GLU B 316 -10.26 23.88 -7.90
CA GLU B 316 -9.53 24.16 -9.14
C GLU B 316 -10.48 24.21 -10.33
N GLU B 317 -11.42 23.25 -10.41
CA GLU B 317 -12.46 23.25 -11.44
C GLU B 317 -13.29 24.53 -11.37
N GLU B 318 -13.76 24.87 -10.17
CA GLU B 318 -14.42 26.16 -9.96
C GLU B 318 -13.57 27.33 -10.46
N ALA B 319 -12.28 27.31 -10.15
CA ALA B 319 -11.40 28.39 -10.61
C ALA B 319 -11.46 28.52 -12.13
N ARG B 320 -11.35 27.39 -12.84
CA ARG B 320 -11.31 27.43 -14.30
C ARG B 320 -12.57 28.08 -14.89
N LEU B 321 -13.74 27.70 -14.40
CA LEU B 321 -14.97 28.34 -14.91
C LEU B 321 -14.98 29.82 -14.59
N LYS B 322 -14.39 30.23 -13.47
CA LYS B 322 -14.30 31.65 -13.13
C LYS B 322 -13.40 32.37 -14.13
N LYS B 323 -12.19 31.84 -14.36
CA LYS B 323 -11.29 32.44 -15.35
C LYS B 323 -11.98 32.54 -16.71
N SER B 324 -12.55 31.44 -17.19
CA SER B 324 -13.27 31.46 -18.47
C SER B 324 -14.36 32.52 -18.48
N ALA B 325 -15.24 32.51 -17.47
CA ALA B 325 -16.31 33.48 -17.46
C ALA B 325 -15.76 34.91 -17.47
N ASP B 326 -14.62 35.12 -16.81
CA ASP B 326 -13.99 36.44 -16.82
C ASP B 326 -13.46 36.79 -18.22
N THR B 327 -12.77 35.85 -18.86
CA THR B 327 -12.37 36.06 -20.26
C THR B 327 -13.56 36.45 -21.12
N LEU B 328 -14.68 35.75 -20.97
CA LEU B 328 -15.80 35.95 -21.86
C LEU B 328 -16.43 37.33 -21.67
N TRP B 329 -16.67 37.73 -20.42
CA TRP B 329 -17.17 39.07 -20.18
C TRP B 329 -16.17 40.12 -20.65
N GLY B 330 -14.87 39.80 -20.58
CA GLY B 330 -13.86 40.71 -21.12
C GLY B 330 -14.12 41.07 -22.57
N ILE B 331 -14.60 40.12 -23.37
CA ILE B 331 -14.87 40.35 -24.79
C ILE B 331 -16.29 40.86 -25.02
N GLN B 332 -17.24 40.41 -24.20
CA GLN B 332 -18.63 40.79 -24.44
C GLN B 332 -18.89 42.23 -24.08
N LYS B 333 -18.25 42.74 -23.01
CA LYS B 333 -18.43 44.15 -22.64
C LYS B 333 -17.88 45.09 -23.70
N GLU B 334 -17.02 44.59 -24.60
CA GLU B 334 -16.52 45.33 -25.75
C GLU B 334 -17.34 45.16 -27.01
N LEU B 335 -18.23 44.17 -27.07
CA LEU B 335 -19.04 43.99 -28.27
C LEU B 335 -19.98 45.19 -28.45
N GLN B 336 -20.33 45.46 -29.71
CA GLN B 336 -21.21 46.58 -30.02
C GLN B 336 -22.46 46.04 -30.70
N PHE B 337 -23.60 46.18 -30.03
CA PHE B 337 -24.87 45.67 -30.56
C PHE B 337 -25.65 46.77 -31.26
N ALA C 7 -33.65 21.41 2.38
CA ALA C 7 -33.88 21.37 0.94
C ALA C 7 -33.65 19.96 0.36
N THR C 8 -34.59 19.50 -0.47
CA THR C 8 -34.63 18.10 -0.91
C THR C 8 -33.35 17.73 -1.64
N LEU C 9 -33.21 16.42 -1.89
CA LEU C 9 -32.16 15.94 -2.79
C LEU C 9 -32.33 16.53 -4.18
N LYS C 10 -33.56 16.52 -4.69
CA LYS C 10 -33.86 17.04 -6.01
C LYS C 10 -33.35 18.48 -6.17
N ASP C 11 -33.62 19.34 -5.18
CA ASP C 11 -33.16 20.73 -5.25
C ASP C 11 -31.65 20.84 -5.07
N GLN C 12 -31.04 19.91 -4.35
CA GLN C 12 -29.59 19.93 -4.29
C GLN C 12 -29.01 19.62 -5.67
N LEU C 13 -29.66 18.75 -6.42
CA LEU C 13 -29.12 18.25 -7.68
C LEU C 13 -29.46 19.14 -8.87
N ILE C 14 -30.63 19.79 -8.87
CA ILE C 14 -31.20 20.39 -10.07
C ILE C 14 -31.69 21.79 -9.74
N TYR C 15 -31.32 22.75 -10.58
CA TYR C 15 -31.81 24.12 -10.49
C TYR C 15 -32.89 24.34 -11.54
N ASN C 16 -34.09 24.71 -11.09
CA ASN C 16 -35.23 24.91 -11.99
C ASN C 16 -35.23 26.32 -12.59
N LEU C 17 -35.46 26.40 -13.90
CA LEU C 17 -35.46 27.67 -14.62
C LEU C 17 -36.85 28.17 -14.92
N LEU C 18 -37.78 27.25 -15.08
CA LEU C 18 -39.07 27.48 -15.71
C LEU C 18 -39.92 26.30 -15.32
N LYS C 19 -41.13 26.54 -14.85
CA LYS C 19 -41.80 25.35 -14.35
C LYS C 19 -43.05 24.98 -15.13
N GLU C 20 -43.84 25.93 -15.60
CA GLU C 20 -45.08 25.58 -16.28
C GLU C 20 -44.83 25.64 -17.78
N GLU C 21 -45.26 24.57 -18.46
CA GLU C 21 -44.49 24.01 -19.56
C GLU C 21 -45.34 23.48 -20.72
N GLN C 22 -46.65 23.34 -20.56
CA GLN C 22 -47.31 22.19 -21.20
C GLN C 22 -48.19 22.49 -22.42
N THR C 23 -49.31 21.78 -22.51
CA THR C 23 -50.03 21.40 -23.72
C THR C 23 -49.10 20.51 -24.54
N PRO C 24 -49.46 19.25 -24.75
CA PRO C 24 -48.64 18.39 -25.59
C PRO C 24 -48.84 18.73 -27.05
N GLN C 25 -47.82 18.43 -27.87
CA GLN C 25 -47.85 18.83 -29.27
C GLN C 25 -48.10 17.68 -30.23
N ASN C 26 -47.86 16.43 -29.82
CA ASN C 26 -48.10 15.29 -30.69
C ASN C 26 -48.69 14.17 -29.84
N LYS C 27 -49.94 14.32 -29.45
CA LYS C 27 -50.60 13.37 -28.56
C LYS C 27 -51.51 12.42 -29.34
N ILE C 28 -51.45 11.15 -28.99
CA ILE C 28 -52.33 10.13 -29.56
C ILE C 28 -53.03 9.44 -28.40
N THR C 29 -54.32 9.23 -28.55
CA THR C 29 -55.13 8.50 -27.59
C THR C 29 -55.55 7.18 -28.21
N VAL C 30 -55.52 6.13 -27.43
CA VAL C 30 -56.13 4.88 -27.83
C VAL C 30 -57.24 4.60 -26.84
N VAL C 31 -58.45 4.37 -27.36
CA VAL C 31 -59.62 4.08 -26.55
C VAL C 31 -59.86 2.58 -26.63
N GLY C 32 -59.80 1.91 -25.48
CA GLY C 32 -59.93 0.46 -25.43
C GLY C 32 -58.59 -0.21 -25.24
N VAL C 33 -58.42 -0.98 -24.18
CA VAL C 33 -57.12 -1.59 -23.95
C VAL C 33 -57.26 -3.09 -23.98
N GLY C 34 -58.10 -3.59 -24.90
CA GLY C 34 -58.04 -5.01 -25.24
C GLY C 34 -56.84 -5.29 -26.11
N ALA C 35 -56.83 -6.45 -26.79
CA ALA C 35 -55.64 -6.84 -27.55
C ALA C 35 -55.39 -5.93 -28.74
N VAL C 36 -56.46 -5.50 -29.41
CA VAL C 36 -56.30 -4.61 -30.55
C VAL C 36 -55.70 -3.28 -30.12
N GLY C 37 -56.33 -2.64 -29.12
CA GLY C 37 -55.87 -1.34 -28.69
C GLY C 37 -54.44 -1.38 -28.20
N MET C 38 -54.10 -2.40 -27.41
CA MET C 38 -52.74 -2.53 -26.88
C MET C 38 -51.73 -2.83 -27.99
N ALA C 39 -52.13 -3.58 -29.02
CA ALA C 39 -51.25 -3.78 -30.18
C ALA C 39 -50.96 -2.45 -30.86
N CYS C 40 -52.00 -1.62 -31.05
CA CYS C 40 -51.81 -0.27 -31.60
C CYS C 40 -50.88 0.54 -30.72
N ALA C 41 -51.05 0.45 -29.40
CA ALA C 41 -50.25 1.28 -28.50
C ALA C 41 -48.77 0.90 -28.59
N ILE C 42 -48.46 -0.39 -28.62
CA ILE C 42 -47.06 -0.78 -28.63
C ILE C 42 -46.41 -0.44 -29.98
N SER C 43 -47.16 -0.60 -31.08
CA SER C 43 -46.59 -0.23 -32.37
C SER C 43 -46.40 1.28 -32.47
N ILE C 44 -47.36 2.07 -31.99
CA ILE C 44 -47.21 3.52 -32.04
C ILE C 44 -46.01 3.95 -31.21
N LEU C 45 -45.88 3.42 -29.99
CA LEU C 45 -44.72 3.75 -29.15
C LEU C 45 -43.42 3.33 -29.83
N MET C 46 -43.44 2.20 -30.52
CA MET C 46 -42.28 1.65 -31.19
C MET C 46 -41.86 2.43 -32.43
N LYS C 47 -42.70 3.34 -32.95
CA LYS C 47 -42.34 4.11 -34.13
C LYS C 47 -42.25 5.61 -33.84
N ASP C 48 -42.11 6.00 -32.56
CA ASP C 48 -41.81 7.39 -32.16
C ASP C 48 -42.77 8.40 -32.79
N LEU C 49 -44.06 8.11 -32.72
CA LEU C 49 -45.05 8.97 -33.37
C LEU C 49 -45.64 10.02 -32.44
N ALA C 50 -45.51 9.86 -31.13
CA ALA C 50 -46.21 10.71 -30.19
C ALA C 50 -45.27 11.11 -29.07
N ASP C 51 -45.41 12.36 -28.57
CA ASP C 51 -44.75 12.73 -27.32
C ASP C 51 -45.62 12.56 -26.10
N GLU C 52 -46.87 12.12 -26.29
CA GLU C 52 -47.76 11.74 -25.21
C GLU C 52 -48.71 10.69 -25.74
N LEU C 53 -48.92 9.63 -24.96
CA LEU C 53 -49.88 8.58 -25.31
C LEU C 53 -50.84 8.39 -24.15
N ALA C 54 -52.13 8.41 -24.46
CA ALA C 54 -53.18 8.30 -23.45
C ALA C 54 -53.98 7.04 -23.71
N LEU C 55 -54.27 6.29 -22.66
CA LEU C 55 -55.10 5.09 -22.75
C LEU C 55 -56.38 5.31 -21.96
N VAL C 56 -57.52 4.96 -22.56
CA VAL C 56 -58.83 5.14 -21.94
C VAL C 56 -59.61 3.83 -22.09
N ASP C 57 -60.26 3.41 -21.02
CA ASP C 57 -61.15 2.25 -21.04
C ASP C 57 -61.96 2.25 -19.74
N VAL C 58 -62.94 1.35 -19.66
CA VAL C 58 -63.84 1.34 -18.51
C VAL C 58 -63.38 0.39 -17.39
N ILE C 59 -62.53 -0.59 -17.68
CA ILE C 59 -62.03 -1.55 -16.67
C ILE C 59 -60.78 -0.92 -16.05
N GLU C 60 -60.96 -0.28 -14.90
CA GLU C 60 -59.89 0.56 -14.35
C GLU C 60 -58.64 -0.24 -14.00
N ASP C 61 -58.83 -1.45 -13.48
CA ASP C 61 -57.70 -2.29 -13.10
C ASP C 61 -56.82 -2.61 -14.30
N LYS C 62 -57.40 -3.24 -15.32
CA LYS C 62 -56.63 -3.55 -16.51
C LYS C 62 -56.03 -2.29 -17.10
N LEU C 63 -56.77 -1.18 -17.06
CA LEU C 63 -56.29 0.07 -17.61
C LEU C 63 -55.00 0.51 -16.94
N LYS C 64 -55.03 0.64 -15.61
CA LYS C 64 -53.81 1.02 -14.90
C LYS C 64 -52.69 0.00 -15.11
N GLY C 65 -53.03 -1.29 -15.20
CA GLY C 65 -52.00 -2.30 -15.33
C GLY C 65 -51.23 -2.21 -16.63
N GLU C 66 -51.96 -1.98 -17.74
CA GLU C 66 -51.30 -1.84 -19.03
C GLU C 66 -50.47 -0.55 -19.10
N MET C 67 -50.96 0.54 -18.49
CA MET C 67 -50.18 1.76 -18.52
C MET C 67 -48.90 1.60 -17.71
N MET C 68 -49.00 0.94 -16.55
CA MET C 68 -47.81 0.72 -15.74
C MET C 68 -46.81 -0.15 -16.47
N ASP C 69 -47.29 -1.21 -17.13
CA ASP C 69 -46.41 -2.08 -17.91
C ASP C 69 -45.63 -1.28 -18.95
N LEU C 70 -46.32 -0.44 -19.73
CA LEU C 70 -45.63 0.36 -20.74
C LEU C 70 -44.68 1.36 -20.09
N GLN C 71 -45.07 1.96 -18.96
CA GLN C 71 -44.21 2.96 -18.35
C GLN C 71 -42.89 2.34 -17.88
N HIS C 72 -42.93 1.06 -17.53
CA HIS C 72 -41.74 0.40 -17.03
C HIS C 72 -40.70 0.18 -18.13
N GLY C 73 -41.12 0.28 -19.39
CA GLY C 73 -40.19 0.27 -20.50
C GLY C 73 -39.79 1.64 -21.02
N SER C 74 -40.17 2.72 -20.35
CA SER C 74 -39.80 4.08 -20.73
C SER C 74 -38.36 4.19 -21.23
N LEU C 75 -37.44 3.52 -20.52
CA LEU C 75 -36.02 3.61 -20.85
C LEU C 75 -35.77 3.18 -22.29
N PHE C 76 -36.60 2.31 -22.85
CA PHE C 76 -36.39 1.80 -24.20
C PHE C 76 -37.21 2.52 -25.25
N LEU C 77 -37.97 3.53 -24.86
CA LEU C 77 -38.89 4.26 -25.71
C LEU C 77 -38.46 5.71 -25.86
N ARG C 78 -39.23 6.45 -26.68
CA ARG C 78 -39.02 7.86 -26.93
C ARG C 78 -40.35 8.61 -26.85
N THR C 79 -41.23 8.17 -25.96
CA THR C 79 -42.52 8.81 -25.70
C THR C 79 -42.54 9.12 -24.22
N PRO C 80 -42.25 10.36 -23.83
CA PRO C 80 -41.96 10.67 -22.42
C PRO C 80 -43.16 10.57 -21.51
N LYS C 81 -44.40 10.53 -22.00
CA LYS C 81 -45.54 10.58 -21.10
C LYS C 81 -46.60 9.59 -21.55
N ILE C 82 -46.90 8.63 -20.69
CA ILE C 82 -48.01 7.70 -20.88
C ILE C 82 -48.97 7.87 -19.73
N VAL C 83 -50.21 8.25 -20.04
CA VAL C 83 -51.23 8.48 -19.03
C VAL C 83 -52.43 7.59 -19.29
N SER C 84 -53.28 7.43 -18.28
CA SER C 84 -54.49 6.64 -18.43
C SER C 84 -55.55 7.06 -17.42
N GLY C 85 -56.80 6.74 -17.74
CA GLY C 85 -57.93 6.97 -16.88
C GLY C 85 -59.23 6.52 -17.53
N LYS C 86 -60.23 6.17 -16.71
CA LYS C 86 -61.57 6.03 -17.28
C LYS C 86 -62.17 7.38 -17.61
N ASP C 87 -61.68 8.44 -16.98
CA ASP C 87 -62.16 9.79 -17.25
C ASP C 87 -61.43 10.33 -18.47
N TYR C 88 -62.21 10.85 -19.42
CA TYR C 88 -61.62 11.29 -20.68
C TYR C 88 -60.84 12.58 -20.54
N ASN C 89 -60.75 13.20 -19.36
CA ASN C 89 -59.93 14.40 -19.27
C ASN C 89 -58.46 14.10 -19.55
N VAL C 90 -58.00 12.85 -19.35
CA VAL C 90 -56.65 12.46 -19.73
C VAL C 90 -56.42 12.52 -21.23
N THR C 91 -57.49 12.66 -22.03
CA THR C 91 -57.49 12.66 -23.49
C THR C 91 -57.13 14.01 -24.09
N ALA C 92 -57.16 15.08 -23.29
CA ALA C 92 -57.23 16.45 -23.80
C ALA C 92 -56.09 16.74 -24.77
N ASN C 93 -56.43 17.47 -25.84
CA ASN C 93 -55.44 17.98 -26.79
C ASN C 93 -54.75 16.87 -27.57
N SER C 94 -55.48 15.80 -27.93
CA SER C 94 -54.95 14.77 -28.82
C SER C 94 -55.01 15.23 -30.28
N LYS C 95 -53.92 15.02 -31.03
CA LYS C 95 -54.00 15.18 -32.49
C LYS C 95 -54.83 14.05 -33.13
N LEU C 96 -54.83 12.86 -32.54
CA LEU C 96 -55.43 11.67 -33.16
C LEU C 96 -56.00 10.74 -32.09
N VAL C 97 -57.23 10.28 -32.26
CA VAL C 97 -57.88 9.40 -31.29
C VAL C 97 -58.30 8.12 -31.99
N ILE C 98 -57.81 6.99 -31.49
CA ILE C 98 -58.00 5.68 -32.10
C ILE C 98 -58.99 4.94 -31.21
N ILE C 99 -60.17 4.65 -31.76
CA ILE C 99 -61.23 3.94 -31.04
C ILE C 99 -61.15 2.46 -31.39
N THR C 100 -60.90 1.61 -30.39
CA THR C 100 -60.93 0.16 -30.59
C THR C 100 -62.03 -0.53 -29.79
N ALA C 101 -62.66 0.17 -28.85
CA ALA C 101 -63.66 -0.39 -27.95
C ALA C 101 -65.02 -0.58 -28.62
N GLY C 102 -65.74 -1.57 -28.12
CA GLY C 102 -67.05 -1.87 -28.65
C GLY C 102 -67.69 -2.98 -27.87
N ALA C 103 -68.81 -3.46 -28.37
CA ALA C 103 -69.55 -4.56 -27.77
C ALA C 103 -69.19 -5.88 -28.44
N ARG C 104 -68.88 -6.90 -27.61
CA ARG C 104 -68.66 -8.25 -28.12
C ARG C 104 -70.00 -8.87 -28.53
N GLN C 105 -70.04 -9.45 -29.74
CA GLN C 105 -71.29 -10.05 -30.21
C GLN C 105 -71.76 -11.13 -29.23
N GLN C 106 -73.08 -11.36 -29.23
CA GLN C 106 -73.74 -12.35 -28.40
C GLN C 106 -74.38 -13.41 -29.29
N GLU C 107 -74.41 -14.64 -28.78
CA GLU C 107 -75.02 -15.78 -29.44
C GLU C 107 -76.44 -15.46 -29.90
N GLY C 108 -76.71 -15.60 -31.20
CA GLY C 108 -78.04 -15.31 -31.73
C GLY C 108 -78.48 -13.87 -31.55
N GLU C 109 -77.66 -12.94 -32.05
CA GLU C 109 -77.94 -11.51 -32.07
C GLU C 109 -77.78 -11.05 -33.51
N SER C 110 -78.75 -10.28 -34.00
CA SER C 110 -78.69 -9.87 -35.40
C SER C 110 -77.67 -8.75 -35.59
N ARG C 111 -77.38 -8.45 -36.86
CA ARG C 111 -76.53 -7.33 -37.22
C ARG C 111 -77.07 -6.05 -36.59
N LEU C 112 -78.18 -5.51 -37.09
CA LEU C 112 -78.81 -4.35 -36.46
C LEU C 112 -79.34 -4.79 -35.11
N ASN C 113 -78.58 -4.48 -34.04
CA ASN C 113 -78.75 -5.03 -32.70
C ASN C 113 -77.38 -4.96 -32.06
N LEU C 114 -76.45 -5.75 -32.59
CA LEU C 114 -75.05 -5.60 -32.23
C LEU C 114 -74.56 -4.20 -32.55
N VAL C 115 -74.94 -3.68 -33.72
CA VAL C 115 -74.59 -2.30 -34.04
C VAL C 115 -75.23 -1.35 -33.04
N GLN C 116 -76.50 -1.61 -32.69
CA GLN C 116 -77.20 -0.73 -31.77
C GLN C 116 -76.53 -0.69 -30.41
N ARG C 117 -76.07 -1.85 -29.92
CA ARG C 117 -75.33 -1.80 -28.66
C ARG C 117 -74.02 -1.05 -28.82
N ASN C 118 -73.45 -1.07 -30.02
CA ASN C 118 -72.24 -0.29 -30.26
C ASN C 118 -72.54 1.20 -30.38
N VAL C 119 -73.72 1.57 -30.87
CA VAL C 119 -74.12 2.98 -30.83
C VAL C 119 -74.30 3.43 -29.38
N ASN C 120 -74.93 2.60 -28.56
CA ASN C 120 -75.08 2.93 -27.15
C ASN C 120 -73.74 3.23 -26.50
N ILE C 121 -72.70 2.50 -26.89
CA ILE C 121 -71.38 2.74 -26.32
C ILE C 121 -70.79 4.02 -26.88
N PHE C 122 -70.85 4.20 -28.21
CA PHE C 122 -70.34 5.40 -28.86
C PHE C 122 -71.08 6.67 -28.44
N LYS C 123 -72.35 6.55 -27.99
CA LYS C 123 -73.06 7.71 -27.44
C LYS C 123 -72.36 8.26 -26.19
N PHE C 124 -71.63 7.42 -25.46
CA PHE C 124 -70.75 7.85 -24.38
C PHE C 124 -69.34 8.23 -24.86
N ILE C 125 -68.71 7.45 -25.73
CA ILE C 125 -67.31 7.69 -26.06
C ILE C 125 -67.15 8.96 -26.89
N ILE C 126 -67.86 9.07 -28.02
CA ILE C 126 -67.57 10.13 -29.00
C ILE C 126 -67.75 11.53 -28.39
N PRO C 127 -68.88 11.86 -27.76
CA PRO C 127 -68.99 13.22 -27.20
C PRO C 127 -67.91 13.54 -26.18
N ASN C 128 -67.45 12.54 -25.43
CA ASN C 128 -66.37 12.77 -24.48
C ASN C 128 -65.06 13.07 -25.19
N VAL C 129 -64.73 12.30 -26.23
CA VAL C 129 -63.55 12.60 -27.03
C VAL C 129 -63.62 14.03 -27.55
N VAL C 130 -64.71 14.36 -28.22
CA VAL C 130 -64.86 15.67 -28.84
C VAL C 130 -64.77 16.77 -27.79
N LYS C 131 -65.20 16.49 -26.56
CA LYS C 131 -65.12 17.51 -25.52
C LYS C 131 -63.68 17.94 -25.30
N TYR C 132 -62.76 16.99 -25.20
CA TYR C 132 -61.40 17.30 -24.75
C TYR C 132 -60.40 17.41 -25.88
N SER C 133 -60.72 16.93 -27.07
CA SER C 133 -59.91 17.18 -28.27
C SER C 133 -60.83 17.54 -29.42
N PRO C 134 -61.32 18.77 -29.47
CA PRO C 134 -62.33 19.13 -30.49
C PRO C 134 -61.76 19.25 -31.88
N ASN C 135 -60.43 19.29 -32.03
CA ASN C 135 -59.79 19.35 -33.33
C ASN C 135 -59.09 18.05 -33.71
N CYS C 136 -59.37 16.94 -33.03
CA CYS C 136 -58.63 15.74 -33.34
C CYS C 136 -59.14 15.10 -34.64
N LYS C 137 -58.35 14.15 -35.13
CA LYS C 137 -58.77 13.20 -36.15
C LYS C 137 -59.26 11.94 -35.44
N LEU C 138 -60.34 11.37 -35.96
CA LEU C 138 -60.97 10.19 -35.37
C LEU C 138 -60.68 8.98 -36.26
N LEU C 139 -59.97 7.99 -35.72
CA LEU C 139 -59.73 6.72 -36.42
C LEU C 139 -60.53 5.62 -35.75
N ILE C 140 -61.55 5.11 -36.44
CA ILE C 140 -62.42 4.06 -35.94
C ILE C 140 -61.88 2.70 -36.38
N VAL C 141 -61.57 1.84 -35.42
CA VAL C 141 -61.15 0.47 -35.69
C VAL C 141 -62.17 -0.56 -35.21
N SER C 142 -63.14 -0.14 -34.39
CA SER C 142 -64.16 -1.06 -33.90
C SER C 142 -64.99 -1.63 -35.04
N ASN C 143 -65.36 -2.94 -34.95
CA ASN C 143 -66.12 -3.60 -36.00
C ASN C 143 -67.61 -3.66 -35.68
N PRO C 144 -68.51 -3.58 -36.69
CA PRO C 144 -68.27 -3.41 -38.12
C PRO C 144 -67.79 -2.00 -38.46
N VAL C 145 -66.55 -1.89 -38.94
CA VAL C 145 -65.85 -0.62 -38.98
C VAL C 145 -66.60 0.40 -39.84
N ASP C 146 -67.19 -0.03 -40.94
CA ASP C 146 -67.79 0.94 -41.85
C ASP C 146 -69.02 1.58 -41.22
N ILE C 147 -69.88 0.80 -40.54
CA ILE C 147 -71.04 1.38 -39.86
C ILE C 147 -70.59 2.23 -38.68
N LEU C 148 -69.63 1.73 -37.88
CA LEU C 148 -69.21 2.45 -36.68
C LEU C 148 -68.46 3.72 -37.03
N THR C 149 -67.80 3.75 -38.18
CA THR C 149 -67.25 5.04 -38.63
C THR C 149 -68.37 6.02 -38.96
N TYR C 150 -69.46 5.51 -39.54
CA TYR C 150 -70.63 6.37 -39.77
C TYR C 150 -71.23 6.84 -38.45
N VAL C 151 -71.36 5.93 -37.48
CA VAL C 151 -71.89 6.30 -36.17
C VAL C 151 -71.05 7.43 -35.58
N ALA C 152 -69.72 7.27 -35.61
CA ALA C 152 -68.83 8.27 -35.00
C ALA C 152 -68.95 9.60 -35.70
N TRP C 153 -69.22 9.60 -36.99
CA TRP C 153 -69.36 10.84 -37.73
C TRP C 153 -70.68 11.53 -37.39
N LYS C 154 -71.77 10.77 -37.31
CA LYS C 154 -73.07 11.34 -36.93
C LYS C 154 -73.02 11.94 -35.54
N ILE C 155 -72.41 11.23 -34.58
CA ILE C 155 -72.41 11.72 -33.21
C ILE C 155 -71.48 12.91 -33.04
N SER C 156 -70.32 12.88 -33.70
CA SER C 156 -69.29 13.88 -33.45
C SER C 156 -69.58 15.24 -34.08
N GLY C 157 -70.31 15.28 -35.20
CA GLY C 157 -70.43 16.51 -35.96
C GLY C 157 -69.16 16.96 -36.66
N PHE C 158 -68.19 16.05 -36.80
CA PHE C 158 -66.92 16.36 -37.47
C PHE C 158 -67.10 16.39 -38.99
N PRO C 159 -66.34 17.23 -39.68
CA PRO C 159 -66.31 17.16 -41.15
C PRO C 159 -65.74 15.81 -41.63
N LYS C 160 -66.13 15.38 -42.83
CA LYS C 160 -65.81 14.00 -43.21
C LYS C 160 -64.30 13.73 -43.32
N ASN C 161 -63.47 14.76 -43.50
CA ASN C 161 -62.03 14.55 -43.60
C ASN C 161 -61.43 14.05 -42.28
N ARG C 162 -62.14 14.22 -41.17
CA ARG C 162 -61.57 13.98 -39.86
C ARG C 162 -62.19 12.76 -39.18
N VAL C 163 -62.96 11.96 -39.91
CA VAL C 163 -63.45 10.70 -39.38
C VAL C 163 -63.03 9.62 -40.38
N ILE C 164 -62.12 8.76 -39.94
CA ILE C 164 -61.48 7.75 -40.77
C ILE C 164 -61.70 6.39 -40.14
N GLY C 165 -62.24 5.45 -40.92
CA GLY C 165 -62.37 4.06 -40.49
C GLY C 165 -61.20 3.25 -41.03
N SER C 166 -60.71 2.30 -40.22
CA SER C 166 -59.56 1.51 -40.67
C SER C 166 -59.90 0.65 -41.88
N GLY C 167 -61.17 0.31 -42.05
CA GLY C 167 -61.64 -0.15 -43.34
C GLY C 167 -60.89 -1.37 -43.87
N CYS C 168 -60.38 -1.25 -45.09
CA CYS C 168 -59.70 -2.33 -45.78
C CYS C 168 -58.18 -2.22 -45.75
N ASN C 169 -57.63 -1.36 -44.90
CA ASN C 169 -56.19 -1.14 -44.86
C ASN C 169 -55.45 -2.45 -44.57
N LEU C 170 -55.90 -3.20 -43.57
CA LEU C 170 -55.22 -4.45 -43.29
C LEU C 170 -55.59 -5.53 -44.29
N ASP C 171 -56.77 -5.45 -44.90
CA ASP C 171 -57.15 -6.39 -45.94
C ASP C 171 -56.23 -6.28 -47.15
N SER C 172 -55.90 -5.05 -47.54
CA SER C 172 -54.92 -4.84 -48.60
C SER C 172 -53.54 -5.31 -48.20
N ALA C 173 -53.13 -5.05 -46.96
CA ALA C 173 -51.82 -5.51 -46.51
C ALA C 173 -51.72 -7.04 -46.54
N ARG C 174 -52.80 -7.73 -46.16
CA ARG C 174 -52.87 -9.18 -46.24
C ARG C 174 -52.86 -9.67 -47.69
N PHE C 175 -53.63 -9.01 -48.53
CA PHE C 175 -53.65 -9.30 -49.96
C PHE C 175 -52.25 -9.23 -50.54
N ARG C 176 -51.49 -8.19 -50.18
CA ARG C 176 -50.15 -8.03 -50.75
C ARG C 176 -49.16 -9.03 -50.16
N TYR C 177 -49.40 -9.49 -48.94
CA TYR C 177 -48.59 -10.57 -48.40
C TYR C 177 -48.84 -11.87 -49.14
N LEU C 178 -50.11 -12.24 -49.31
CA LEU C 178 -50.44 -13.44 -50.08
C LEU C 178 -49.92 -13.36 -51.52
N MET C 179 -50.10 -12.20 -52.16
CA MET C 179 -49.48 -11.96 -53.47
C MET C 179 -47.97 -12.22 -53.43
N GLY C 180 -47.28 -11.62 -52.45
CA GLY C 180 -45.85 -11.83 -52.38
C GLY C 180 -45.45 -13.27 -52.15
N GLU C 181 -46.27 -14.02 -51.40
CA GLU C 181 -45.99 -15.43 -51.16
C GLU C 181 -46.09 -16.24 -52.45
N ARG C 182 -46.99 -15.84 -53.34
CA ARG C 182 -47.10 -16.53 -54.63
C ARG C 182 -45.96 -16.15 -55.57
N LEU C 183 -45.53 -14.90 -55.57
CA LEU C 183 -44.60 -14.41 -56.58
C LEU C 183 -43.15 -14.45 -56.14
N GLY C 184 -42.88 -14.74 -54.87
CA GLY C 184 -41.51 -14.71 -54.38
C GLY C 184 -40.95 -13.31 -54.24
N VAL C 185 -41.82 -12.34 -54.00
CA VAL C 185 -41.46 -10.93 -53.92
C VAL C 185 -42.02 -10.37 -52.61
N HIS C 186 -41.27 -9.48 -51.98
CA HIS C 186 -41.71 -8.85 -50.74
C HIS C 186 -43.02 -8.10 -50.95
N PRO C 187 -43.87 -8.01 -49.92
CA PRO C 187 -45.15 -7.27 -50.08
C PRO C 187 -45.00 -5.81 -50.46
N LEU C 188 -43.97 -5.11 -49.96
CA LEU C 188 -43.74 -3.72 -50.36
C LEU C 188 -43.71 -3.54 -51.88
N SER C 189 -43.15 -4.52 -52.60
CA SER C 189 -43.04 -4.41 -54.05
C SER C 189 -44.20 -5.08 -54.78
N CYS C 190 -45.25 -5.49 -54.06
CA CYS C 190 -46.46 -6.11 -54.60
C CYS C 190 -47.65 -5.18 -54.36
N HIS C 191 -48.46 -4.94 -55.40
CA HIS C 191 -49.49 -3.90 -55.35
C HIS C 191 -50.87 -4.43 -55.70
N GLY C 192 -51.84 -4.13 -54.85
CA GLY C 192 -53.12 -4.78 -54.95
C GLY C 192 -54.35 -3.91 -54.91
N TRP C 193 -54.78 -3.61 -53.67
CA TRP C 193 -55.97 -2.83 -53.34
C TRP C 193 -57.24 -3.66 -53.24
N VAL C 194 -57.67 -3.91 -51.99
CA VAL C 194 -58.99 -4.39 -51.65
C VAL C 194 -59.82 -3.20 -51.18
N LEU C 195 -61.02 -3.05 -51.73
CA LEU C 195 -61.78 -1.84 -51.54
C LEU C 195 -63.18 -2.19 -51.08
N GLY C 196 -63.99 -1.14 -50.84
CA GLY C 196 -65.38 -1.27 -50.48
C GLY C 196 -65.63 -1.56 -49.00
N GLU C 197 -66.54 -2.48 -48.75
CA GLU C 197 -67.00 -2.83 -47.42
C GLU C 197 -66.06 -3.87 -46.83
N HIS C 198 -65.58 -3.59 -45.61
CA HIS C 198 -64.73 -4.53 -44.91
C HIS C 198 -65.53 -5.78 -44.59
N GLY C 199 -64.97 -6.94 -44.90
CA GLY C 199 -65.64 -8.20 -44.63
C GLY C 199 -65.83 -9.04 -45.88
N ASP C 200 -66.75 -10.00 -45.77
CA ASP C 200 -67.02 -10.97 -46.84
C ASP C 200 -67.23 -10.33 -48.21
N SER C 201 -67.69 -9.09 -48.26
CA SER C 201 -68.12 -8.49 -49.52
C SER C 201 -67.11 -7.52 -50.13
N SER C 202 -65.87 -7.49 -49.64
CA SER C 202 -64.93 -6.53 -50.21
C SER C 202 -64.62 -6.87 -51.67
N VAL C 203 -63.95 -5.95 -52.34
CA VAL C 203 -63.72 -6.01 -53.78
C VAL C 203 -62.22 -5.94 -54.07
N PRO C 204 -61.58 -7.02 -54.51
CA PRO C 204 -60.19 -6.93 -54.97
C PRO C 204 -60.16 -6.37 -56.39
N VAL C 205 -59.47 -5.25 -56.57
CA VAL C 205 -59.47 -4.60 -57.88
C VAL C 205 -58.37 -5.24 -58.72
N TRP C 206 -58.74 -6.32 -59.43
CA TRP C 206 -57.75 -7.08 -60.20
C TRP C 206 -56.99 -6.19 -61.17
N SER C 207 -57.67 -5.20 -61.76
CA SER C 207 -57.04 -4.32 -62.75
C SER C 207 -55.84 -3.57 -62.19
N GLY C 208 -55.78 -3.35 -60.88
CA GLY C 208 -54.66 -2.59 -60.36
C GLY C 208 -53.50 -3.43 -59.91
N MET C 209 -53.69 -4.73 -59.83
CA MET C 209 -52.65 -5.60 -59.32
C MET C 209 -51.45 -5.66 -60.27
N ASN C 210 -50.26 -5.42 -59.74
CA ASN C 210 -49.08 -5.38 -60.60
C ASN C 210 -47.83 -5.49 -59.74
N VAL C 211 -46.71 -5.70 -60.42
CA VAL C 211 -45.37 -5.53 -59.88
C VAL C 211 -44.60 -4.69 -60.87
N ALA C 212 -43.87 -3.70 -60.35
CA ALA C 212 -43.07 -2.78 -61.17
C ALA C 212 -43.89 -2.15 -62.30
N GLY C 213 -45.16 -1.89 -62.08
CA GLY C 213 -45.94 -1.31 -63.14
C GLY C 213 -46.43 -2.28 -64.19
N VAL C 214 -46.14 -3.57 -64.06
CA VAL C 214 -46.58 -4.56 -65.04
C VAL C 214 -47.95 -5.08 -64.59
N SER C 215 -49.00 -4.68 -65.28
CA SER C 215 -50.35 -5.11 -64.91
C SER C 215 -50.50 -6.62 -65.04
N LEU C 216 -50.87 -7.28 -63.91
CA LEU C 216 -51.06 -8.73 -63.95
C LEU C 216 -52.26 -9.14 -64.81
N LYS C 217 -53.34 -8.34 -64.81
CA LYS C 217 -54.51 -8.71 -65.61
C LYS C 217 -54.22 -8.57 -67.10
N THR C 218 -53.27 -7.71 -67.47
CA THR C 218 -52.97 -7.59 -68.89
C THR C 218 -52.12 -8.76 -69.36
N LEU C 219 -51.19 -9.21 -68.52
CA LEU C 219 -50.40 -10.41 -68.80
C LEU C 219 -51.26 -11.67 -68.81
N HIS C 220 -52.18 -11.81 -67.84
CA HIS C 220 -52.94 -13.03 -67.59
C HIS C 220 -54.41 -12.67 -67.50
N PRO C 221 -55.08 -12.45 -68.64
CA PRO C 221 -56.40 -11.79 -68.61
C PRO C 221 -57.52 -12.55 -67.92
N ASP C 222 -57.35 -13.84 -67.66
CA ASP C 222 -58.41 -14.53 -66.95
C ASP C 222 -58.32 -14.27 -65.45
N LEU C 223 -57.34 -13.48 -65.04
CA LEU C 223 -57.05 -13.23 -63.63
C LEU C 223 -58.26 -12.74 -62.86
N GLY C 224 -58.54 -13.42 -61.75
CA GLY C 224 -59.61 -13.05 -60.86
C GLY C 224 -60.95 -13.70 -61.15
N THR C 225 -61.15 -14.18 -62.37
CA THR C 225 -62.43 -14.70 -62.83
C THR C 225 -62.57 -16.17 -62.48
N ASP C 226 -63.69 -16.76 -62.91
CA ASP C 226 -63.91 -18.18 -62.66
C ASP C 226 -63.08 -19.06 -63.61
N LYS C 227 -62.73 -18.57 -64.80
CA LYS C 227 -61.89 -19.32 -65.74
C LYS C 227 -60.43 -19.45 -65.29
N ASP C 228 -59.95 -18.58 -64.41
CA ASP C 228 -58.55 -18.53 -63.99
C ASP C 228 -57.97 -19.91 -63.66
N LYS C 229 -57.07 -20.42 -64.52
CA LYS C 229 -56.44 -21.72 -64.24
C LYS C 229 -55.57 -21.68 -62.99
N GLU C 230 -55.13 -20.50 -62.58
CA GLU C 230 -54.36 -20.36 -61.34
C GLU C 230 -55.24 -20.00 -60.15
N GLN C 231 -56.51 -19.65 -60.38
CA GLN C 231 -57.49 -19.42 -59.32
C GLN C 231 -57.00 -18.33 -58.36
N TRP C 232 -56.75 -17.15 -58.92
CA TRP C 232 -56.30 -16.04 -58.08
C TRP C 232 -57.43 -15.50 -57.19
N LYS C 233 -58.70 -15.78 -57.52
CA LYS C 233 -59.77 -15.36 -56.62
C LYS C 233 -59.60 -16.00 -55.25
N GLU C 234 -58.92 -17.13 -55.16
CA GLU C 234 -58.67 -17.74 -53.86
C GLU C 234 -57.81 -16.84 -52.99
N VAL C 235 -57.10 -15.87 -53.57
CA VAL C 235 -56.30 -14.98 -52.75
C VAL C 235 -57.16 -13.99 -52.02
N HIS C 236 -58.20 -13.47 -52.69
CA HIS C 236 -59.19 -12.69 -51.98
C HIS C 236 -59.90 -13.53 -50.93
N LYS C 237 -60.23 -14.77 -51.30
CA LYS C 237 -60.90 -15.65 -50.35
C LYS C 237 -60.05 -15.83 -49.09
N GLN C 238 -58.74 -15.98 -49.23
CA GLN C 238 -57.91 -16.09 -48.03
C GLN C 238 -57.88 -14.77 -47.24
N VAL C 239 -57.91 -13.64 -47.95
CA VAL C 239 -57.95 -12.33 -47.26
C VAL C 239 -59.19 -12.24 -46.41
N VAL C 240 -60.33 -12.58 -46.99
CA VAL C 240 -61.63 -12.42 -46.38
C VAL C 240 -61.82 -13.39 -45.21
N GLU C 241 -61.12 -14.53 -45.18
CA GLU C 241 -61.25 -15.43 -44.04
C GLU C 241 -59.92 -15.63 -43.32
N SER C 242 -58.97 -14.70 -43.49
CA SER C 242 -57.73 -14.75 -42.72
C SER C 242 -57.99 -14.52 -41.23
N ALA C 243 -58.91 -13.60 -40.89
CA ALA C 243 -59.18 -13.33 -39.49
C ALA C 243 -59.91 -14.49 -38.81
N TYR C 244 -60.94 -15.02 -39.47
CA TYR C 244 -61.58 -16.23 -38.97
C TYR C 244 -60.54 -17.30 -38.64
N GLU C 245 -59.54 -17.48 -39.52
CA GLU C 245 -58.55 -18.53 -39.32
C GLU C 245 -57.65 -18.25 -38.12
N VAL C 246 -57.23 -16.99 -37.94
CA VAL C 246 -56.38 -16.66 -36.80
C VAL C 246 -57.16 -16.72 -35.50
N ILE C 247 -58.42 -16.25 -35.52
CA ILE C 247 -59.25 -16.30 -34.31
C ILE C 247 -59.40 -17.73 -33.82
N LYS C 248 -59.62 -18.67 -34.75
CA LYS C 248 -59.80 -20.08 -34.44
C LYS C 248 -58.52 -20.70 -33.86
N LEU C 249 -57.35 -20.17 -34.23
CA LEU C 249 -56.08 -20.71 -33.76
C LEU C 249 -55.56 -20.05 -32.47
N LYS C 250 -55.72 -18.74 -32.33
CA LYS C 250 -55.15 -18.07 -31.17
C LYS C 250 -56.16 -17.28 -30.35
N GLY C 251 -57.42 -17.19 -30.80
CA GLY C 251 -58.50 -16.61 -30.03
C GLY C 251 -58.92 -15.23 -30.50
N TYR C 252 -58.02 -14.48 -31.10
CA TYR C 252 -58.28 -13.09 -31.42
C TYR C 252 -57.20 -12.66 -32.41
N THR C 253 -57.31 -11.44 -32.90
CA THR C 253 -56.35 -10.89 -33.85
C THR C 253 -55.82 -9.61 -33.23
N SER C 254 -54.50 -9.45 -33.22
CA SER C 254 -53.96 -8.22 -32.63
C SER C 254 -52.74 -7.66 -33.36
N TRP C 255 -51.68 -8.45 -33.56
CA TRP C 255 -50.42 -7.89 -34.04
C TRP C 255 -50.57 -7.19 -35.38
N ALA C 256 -51.20 -7.85 -36.34
CA ALA C 256 -51.24 -7.28 -37.68
C ALA C 256 -52.11 -6.02 -37.74
N ILE C 257 -53.21 -5.97 -36.99
CA ILE C 257 -54.02 -4.76 -37.01
C ILE C 257 -53.30 -3.62 -36.29
N GLY C 258 -52.50 -3.94 -35.27
CA GLY C 258 -51.70 -2.92 -34.60
C GLY C 258 -50.67 -2.29 -35.53
N LEU C 259 -49.96 -3.10 -36.32
CA LEU C 259 -48.97 -2.53 -37.22
C LEU C 259 -49.62 -1.72 -38.33
N SER C 260 -50.81 -2.13 -38.77
CA SER C 260 -51.48 -1.39 -39.81
C SER C 260 -52.12 -0.10 -39.27
N VAL C 261 -52.62 -0.10 -38.03
CA VAL C 261 -53.13 1.17 -37.50
C VAL C 261 -51.99 2.15 -37.27
N ALA C 262 -50.81 1.64 -36.85
CA ALA C 262 -49.65 2.52 -36.67
C ALA C 262 -49.22 3.15 -37.98
N ASP C 263 -49.29 2.39 -39.07
CA ASP C 263 -48.95 2.92 -40.38
C ASP C 263 -49.93 4.01 -40.82
N LEU C 264 -51.22 3.88 -40.50
CA LEU C 264 -52.13 5.00 -40.67
C LEU C 264 -51.72 6.18 -39.80
N ALA C 265 -51.36 5.91 -38.54
CA ALA C 265 -51.00 7.01 -37.64
C ALA C 265 -49.78 7.76 -38.14
N GLU C 266 -48.81 7.04 -38.70
CA GLU C 266 -47.60 7.71 -39.15
C GLU C 266 -47.91 8.69 -40.27
N SER C 267 -48.88 8.35 -41.13
CA SER C 267 -49.24 9.23 -42.24
C SER C 267 -49.97 10.48 -41.74
N ILE C 268 -50.86 10.31 -40.75
CA ILE C 268 -51.58 11.46 -40.22
C ILE C 268 -50.63 12.37 -39.43
N MET C 269 -49.87 11.80 -38.50
CA MET C 269 -49.05 12.61 -37.60
C MET C 269 -47.89 13.27 -38.31
N LYS C 270 -47.35 12.64 -39.35
CA LYS C 270 -46.24 13.19 -40.10
C LYS C 270 -46.67 13.86 -41.41
N ASN C 271 -47.97 13.88 -41.72
CA ASN C 271 -48.51 14.61 -42.87
C ASN C 271 -47.85 14.16 -44.16
N LEU C 272 -47.82 12.84 -44.37
CA LEU C 272 -47.08 12.29 -45.49
C LEU C 272 -47.80 12.49 -46.81
N ARG C 273 -49.13 12.36 -46.80
CA ARG C 273 -49.96 12.29 -48.00
C ARG C 273 -49.69 11.00 -48.80
N ARG C 274 -49.39 9.92 -48.07
CA ARG C 274 -49.48 8.57 -48.59
C ARG C 274 -50.94 8.17 -48.77
N VAL C 275 -51.16 7.20 -49.66
CA VAL C 275 -52.48 6.75 -50.03
C VAL C 275 -52.74 5.44 -49.30
N HIS C 276 -53.90 5.34 -48.66
CA HIS C 276 -54.28 4.15 -47.89
C HIS C 276 -55.73 3.80 -48.18
N PRO C 277 -56.06 2.52 -48.19
CA PRO C 277 -57.46 2.13 -48.38
C PRO C 277 -58.22 2.15 -47.06
N VAL C 278 -58.71 3.32 -46.67
CA VAL C 278 -59.45 3.51 -45.42
C VAL C 278 -60.89 3.91 -45.75
N SER C 279 -61.74 3.80 -44.74
CA SER C 279 -63.17 3.97 -44.91
C SER C 279 -63.56 5.44 -44.78
N THR C 280 -64.20 5.98 -45.81
CA THR C 280 -64.56 7.39 -45.87
C THR C 280 -65.98 7.50 -46.37
N MET C 281 -66.58 8.67 -46.12
CA MET C 281 -67.94 8.97 -46.56
C MET C 281 -67.97 9.18 -48.07
N ILE C 282 -68.67 8.32 -48.81
CA ILE C 282 -68.55 8.30 -50.27
C ILE C 282 -69.79 8.75 -51.01
N LYS C 283 -70.84 9.22 -50.33
CA LYS C 283 -72.01 9.70 -51.06
C LYS C 283 -71.58 10.68 -52.14
N GLY C 284 -72.10 10.49 -53.34
CA GLY C 284 -71.71 11.28 -54.49
C GLY C 284 -70.78 10.57 -55.45
N LEU C 285 -70.01 9.59 -54.98
CA LEU C 285 -69.08 8.83 -55.80
C LEU C 285 -69.63 7.44 -56.06
N TYR C 286 -69.04 6.77 -57.07
CA TYR C 286 -69.45 5.46 -57.58
C TYR C 286 -70.96 5.28 -57.60
N GLY C 287 -71.69 6.34 -57.92
CA GLY C 287 -73.14 6.25 -58.06
C GLY C 287 -73.87 5.93 -56.77
N ILE C 288 -73.34 6.37 -55.64
CA ILE C 288 -73.94 6.09 -54.33
C ILE C 288 -74.68 7.33 -53.85
N LYS C 289 -75.81 7.10 -53.19
CA LYS C 289 -76.77 8.14 -52.87
C LYS C 289 -77.00 8.34 -51.38
N ASP C 290 -76.58 7.41 -50.54
CA ASP C 290 -76.85 7.44 -49.12
C ASP C 290 -75.58 7.77 -48.34
N ASP C 291 -75.75 8.05 -47.04
CA ASP C 291 -74.62 8.39 -46.17
C ASP C 291 -74.00 7.10 -45.65
N VAL C 292 -73.14 6.50 -46.46
CA VAL C 292 -72.43 5.31 -46.04
C VAL C 292 -70.93 5.53 -46.24
N PHE C 293 -70.16 4.79 -45.47
CA PHE C 293 -68.71 4.80 -45.53
C PHE C 293 -68.23 3.52 -46.22
N LEU C 294 -67.33 3.68 -47.19
CA LEU C 294 -66.71 2.57 -47.89
C LEU C 294 -65.21 2.84 -47.98
N SER C 295 -64.42 1.76 -48.03
CA SER C 295 -62.98 1.94 -48.21
C SER C 295 -62.65 2.21 -49.68
N VAL C 296 -61.74 3.16 -49.87
CA VAL C 296 -61.45 3.81 -51.13
C VAL C 296 -60.05 4.37 -50.88
N PRO C 297 -59.20 4.62 -51.88
CA PRO C 297 -57.84 5.07 -51.56
C PRO C 297 -57.85 6.56 -51.19
N CYS C 298 -57.38 6.87 -50.00
CA CYS C 298 -57.44 8.24 -49.49
C CYS C 298 -56.04 8.77 -49.24
N ILE C 299 -55.82 10.04 -49.57
CA ILE C 299 -54.56 10.70 -49.20
C ILE C 299 -54.68 11.14 -47.76
N LEU C 300 -53.78 10.62 -46.90
CA LEU C 300 -53.82 10.83 -45.46
C LEU C 300 -52.72 11.80 -45.06
N GLY C 301 -53.06 12.76 -44.22
CA GLY C 301 -52.14 13.78 -43.74
C GLY C 301 -52.69 14.39 -42.47
N GLN C 302 -52.17 15.57 -42.11
CA GLN C 302 -52.50 16.15 -40.80
C GLN C 302 -53.94 16.65 -40.73
N ASN C 303 -54.56 16.91 -41.86
CA ASN C 303 -55.99 17.23 -41.89
C ASN C 303 -56.88 16.00 -41.92
N GLY C 304 -56.32 14.80 -41.84
CA GLY C 304 -57.08 13.58 -42.07
C GLY C 304 -57.07 13.22 -43.54
N ILE C 305 -58.26 13.02 -44.11
CA ILE C 305 -58.41 12.69 -45.52
C ILE C 305 -58.61 14.01 -46.26
N SER C 306 -57.52 14.54 -46.84
CA SER C 306 -57.61 15.75 -47.66
C SER C 306 -58.14 15.45 -49.05
N ASP C 307 -57.81 14.28 -49.61
CA ASP C 307 -58.13 13.94 -50.99
C ASP C 307 -58.44 12.45 -51.05
N LEU C 308 -59.06 12.01 -52.16
CA LEU C 308 -59.25 10.59 -52.36
C LEU C 308 -59.15 10.26 -53.85
N VAL C 309 -58.74 9.03 -54.15
CA VAL C 309 -58.48 8.59 -55.51
C VAL C 309 -59.71 7.92 -56.09
N LYS C 310 -60.09 8.35 -57.30
CA LYS C 310 -61.24 7.78 -58.01
C LYS C 310 -60.75 6.61 -58.86
N VAL C 311 -60.90 5.39 -58.33
CA VAL C 311 -60.44 4.22 -59.06
C VAL C 311 -61.46 3.89 -60.13
N THR C 312 -60.98 3.65 -61.35
CA THR C 312 -61.84 3.14 -62.41
C THR C 312 -62.21 1.69 -62.13
N LEU C 313 -63.51 1.41 -62.04
CA LEU C 313 -64.01 0.09 -61.67
C LEU C 313 -64.90 -0.47 -62.78
N THR C 314 -64.77 -1.78 -63.04
CA THR C 314 -65.65 -2.46 -63.99
C THR C 314 -67.10 -2.26 -63.60
N SER C 315 -68.03 -2.61 -64.47
CA SER C 315 -69.43 -2.50 -64.09
C SER C 315 -69.78 -3.50 -62.99
N GLU C 316 -69.09 -4.65 -62.95
CA GLU C 316 -69.34 -5.59 -61.86
C GLU C 316 -68.88 -5.01 -60.52
N GLU C 317 -67.74 -4.33 -60.52
CA GLU C 317 -67.17 -3.86 -59.26
C GLU C 317 -67.97 -2.70 -58.69
N GLU C 318 -68.37 -1.76 -59.54
CA GLU C 318 -69.26 -0.68 -59.11
C GLU C 318 -70.52 -1.23 -58.47
N ALA C 319 -71.10 -2.28 -59.07
CA ALA C 319 -72.35 -2.83 -58.57
C ALA C 319 -72.16 -3.54 -57.24
N ARG C 320 -70.97 -4.09 -56.98
CA ARG C 320 -70.74 -4.68 -55.67
C ARG C 320 -70.64 -3.60 -54.60
N LEU C 321 -70.11 -2.44 -54.95
CA LEU C 321 -70.09 -1.32 -54.01
C LEU C 321 -71.49 -0.78 -53.75
N LYS C 322 -72.31 -0.63 -54.80
CA LYS C 322 -73.65 -0.11 -54.60
C LYS C 322 -74.46 -1.02 -53.70
N LYS C 323 -74.30 -2.33 -53.86
CA LYS C 323 -75.09 -3.26 -53.07
C LYS C 323 -74.61 -3.32 -51.64
N SER C 324 -73.29 -3.26 -51.44
CA SER C 324 -72.76 -3.05 -50.09
C SER C 324 -73.33 -1.77 -49.48
N ALA C 325 -73.36 -0.70 -50.26
CA ALA C 325 -73.89 0.57 -49.77
C ALA C 325 -75.38 0.46 -49.44
N ASP C 326 -76.16 -0.31 -50.23
CA ASP C 326 -77.57 -0.49 -49.91
C ASP C 326 -77.74 -1.23 -48.59
N THR C 327 -76.90 -2.24 -48.36
CA THR C 327 -77.00 -3.02 -47.12
C THR C 327 -76.61 -2.19 -45.92
N LEU C 328 -75.54 -1.39 -46.04
CA LEU C 328 -75.11 -0.57 -44.92
C LEU C 328 -76.17 0.46 -44.56
N TRP C 329 -76.72 1.16 -45.56
CA TRP C 329 -77.76 2.13 -45.26
C TRP C 329 -79.01 1.45 -44.70
N GLY C 330 -79.27 0.21 -45.09
CA GLY C 330 -80.41 -0.50 -44.55
C GLY C 330 -80.28 -0.75 -43.06
N ILE C 331 -79.07 -1.04 -42.59
CA ILE C 331 -78.81 -1.09 -41.16
C ILE C 331 -78.86 0.32 -40.55
N GLN C 332 -78.22 1.28 -41.20
CA GLN C 332 -78.00 2.56 -40.52
C GLN C 332 -79.30 3.35 -40.35
N LYS C 333 -80.19 3.30 -41.34
CA LYS C 333 -81.43 4.08 -41.28
C LYS C 333 -82.36 3.64 -40.15
N GLU C 334 -82.10 2.51 -39.49
CA GLU C 334 -82.91 2.11 -38.35
C GLU C 334 -82.20 2.30 -37.00
N LEU C 335 -80.95 2.74 -36.98
CA LEU C 335 -80.28 2.97 -35.72
C LEU C 335 -80.98 4.07 -34.92
N GLN C 336 -81.08 3.87 -33.60
CA GLN C 336 -81.65 4.86 -32.68
C GLN C 336 -80.52 5.64 -32.02
N PHE C 337 -80.55 6.96 -32.15
CA PHE C 337 -79.61 7.82 -31.46
C PHE C 337 -80.35 8.58 -30.36
N ALA D 7 -47.14 -21.14 -70.17
CA ALA D 7 -46.38 -20.76 -68.98
C ALA D 7 -47.20 -19.97 -67.93
N THR D 8 -46.84 -20.13 -66.66
CA THR D 8 -47.62 -19.55 -65.57
C THR D 8 -47.37 -18.04 -65.47
N LEU D 9 -48.30 -17.36 -64.78
CA LEU D 9 -48.18 -15.92 -64.56
C LEU D 9 -46.84 -15.56 -63.91
N LYS D 10 -46.46 -16.27 -62.84
CA LYS D 10 -45.16 -16.02 -62.21
C LYS D 10 -44.03 -16.08 -63.23
N ASP D 11 -43.99 -17.14 -64.04
CA ASP D 11 -42.89 -17.27 -65.00
C ASP D 11 -42.99 -16.24 -66.11
N GLN D 12 -44.21 -15.83 -66.49
CA GLN D 12 -44.37 -14.75 -67.46
C GLN D 12 -43.84 -13.44 -66.92
N LEU D 13 -43.99 -13.21 -65.61
CA LEU D 13 -43.61 -11.95 -64.99
C LEU D 13 -42.16 -11.92 -64.55
N ILE D 14 -41.62 -13.04 -64.04
CA ILE D 14 -40.31 -13.04 -63.40
C ILE D 14 -39.39 -14.04 -64.09
N TYR D 15 -38.17 -13.61 -64.35
CA TYR D 15 -37.10 -14.47 -64.86
C TYR D 15 -36.17 -14.79 -63.70
N ASN D 16 -36.02 -16.07 -63.39
CA ASN D 16 -35.19 -16.46 -62.27
C ASN D 16 -33.73 -16.58 -62.71
N LEU D 17 -32.83 -15.98 -61.94
CA LEU D 17 -31.40 -16.02 -62.18
C LEU D 17 -30.75 -17.23 -61.53
N LEU D 18 -31.07 -17.47 -60.26
CA LEU D 18 -30.52 -18.59 -59.53
C LEU D 18 -31.49 -18.89 -58.41
N LYS D 19 -31.61 -20.17 -58.07
CA LYS D 19 -32.57 -20.53 -57.03
C LYS D 19 -31.93 -21.05 -55.77
N GLU D 20 -30.87 -21.85 -55.86
CA GLU D 20 -30.32 -22.46 -54.65
C GLU D 20 -29.83 -21.37 -53.70
N GLU D 21 -30.35 -21.39 -52.48
CA GLU D 21 -30.18 -20.27 -51.56
C GLU D 21 -30.26 -20.82 -50.15
N GLN D 22 -29.81 -19.97 -49.21
CA GLN D 22 -30.26 -19.87 -47.82
C GLN D 22 -29.14 -19.89 -46.81
N THR D 23 -29.49 -20.39 -45.63
CA THR D 23 -28.87 -20.18 -44.32
C THR D 23 -29.08 -18.72 -43.97
N PRO D 24 -30.04 -18.44 -43.10
CA PRO D 24 -30.24 -17.06 -42.64
C PRO D 24 -28.99 -16.55 -41.93
N GLN D 25 -28.72 -15.25 -42.10
CA GLN D 25 -27.52 -14.64 -41.55
C GLN D 25 -27.73 -14.07 -40.15
N ASN D 26 -28.97 -13.81 -39.76
CA ASN D 26 -29.25 -13.15 -38.48
C ASN D 26 -30.55 -13.70 -37.90
N LYS D 27 -30.60 -14.98 -37.61
CA LYS D 27 -31.84 -15.60 -37.17
C LYS D 27 -31.93 -15.58 -35.65
N ILE D 28 -33.14 -15.32 -35.15
CA ILE D 28 -33.44 -15.36 -33.73
C ILE D 28 -34.64 -16.28 -33.52
N THR D 29 -34.58 -17.08 -32.45
CA THR D 29 -35.68 -17.97 -32.09
C THR D 29 -36.22 -17.53 -30.74
N VAL D 30 -37.54 -17.46 -30.62
CA VAL D 30 -38.21 -17.34 -29.33
C VAL D 30 -38.91 -18.67 -29.02
N VAL D 31 -38.59 -19.25 -27.88
CA VAL D 31 -39.22 -20.49 -27.43
C VAL D 31 -40.29 -20.10 -26.44
N GLY D 32 -41.51 -20.58 -26.67
CA GLY D 32 -42.58 -20.16 -25.78
C GLY D 32 -43.28 -18.89 -26.22
N VAL D 33 -44.57 -19.01 -26.58
CA VAL D 33 -45.33 -17.92 -27.17
C VAL D 33 -46.44 -17.43 -26.24
N GLY D 34 -46.17 -17.43 -24.94
CA GLY D 34 -47.01 -16.74 -24.00
C GLY D 34 -46.82 -15.24 -24.17
N ALA D 35 -47.42 -14.49 -23.26
CA ALA D 35 -47.39 -13.04 -23.42
C ALA D 35 -45.96 -12.52 -23.44
N VAL D 36 -45.08 -13.11 -22.61
CA VAL D 36 -43.70 -12.67 -22.56
C VAL D 36 -43.02 -12.95 -23.89
N GLY D 37 -43.15 -14.17 -24.39
CA GLY D 37 -42.51 -14.50 -25.65
C GLY D 37 -42.98 -13.63 -26.79
N MET D 38 -44.29 -13.36 -26.86
CA MET D 38 -44.78 -12.59 -27.99
C MET D 38 -44.39 -11.13 -27.86
N ALA D 39 -44.29 -10.62 -26.63
CA ALA D 39 -43.82 -9.26 -26.45
C ALA D 39 -42.36 -9.12 -26.89
N CYS D 40 -41.56 -10.17 -26.65
CA CYS D 40 -40.20 -10.21 -27.18
C CYS D 40 -40.21 -10.25 -28.69
N ALA D 41 -41.06 -11.11 -29.26
CA ALA D 41 -41.14 -11.23 -30.71
C ALA D 41 -41.44 -9.88 -31.36
N ILE D 42 -42.49 -9.20 -30.87
CA ILE D 42 -42.95 -7.98 -31.54
C ILE D 42 -41.90 -6.88 -31.41
N SER D 43 -41.20 -6.86 -30.28
CA SER D 43 -40.16 -5.86 -30.05
C SER D 43 -38.97 -6.10 -30.96
N ILE D 44 -38.53 -7.36 -31.05
CA ILE D 44 -37.44 -7.74 -31.95
C ILE D 44 -37.80 -7.42 -33.40
N LEU D 45 -39.00 -7.78 -33.83
CA LEU D 45 -39.42 -7.46 -35.19
C LEU D 45 -39.40 -5.96 -35.44
N MET D 46 -39.84 -5.17 -34.46
CA MET D 46 -39.94 -3.75 -34.78
C MET D 46 -38.62 -3.01 -34.62
N LYS D 47 -37.58 -3.66 -34.10
CA LYS D 47 -36.24 -3.08 -34.09
C LYS D 47 -35.36 -3.59 -35.23
N ASP D 48 -35.91 -4.38 -36.18
CA ASP D 48 -35.18 -4.87 -37.35
C ASP D 48 -33.89 -5.63 -36.96
N LEU D 49 -34.02 -6.55 -36.01
CA LEU D 49 -32.81 -7.21 -35.52
C LEU D 49 -32.52 -8.55 -36.21
N ALA D 50 -33.39 -9.04 -37.08
CA ALA D 50 -33.29 -10.42 -37.53
C ALA D 50 -33.81 -10.57 -38.94
N ASP D 51 -33.11 -11.35 -39.76
CA ASP D 51 -33.67 -11.68 -41.07
C ASP D 51 -34.51 -12.95 -41.04
N GLU D 52 -34.62 -13.61 -39.90
CA GLU D 52 -35.51 -14.75 -39.70
C GLU D 52 -35.88 -14.83 -38.23
N LEU D 53 -37.18 -14.95 -37.94
CA LEU D 53 -37.67 -15.16 -36.59
C LEU D 53 -38.36 -16.52 -36.52
N ALA D 54 -37.92 -17.35 -35.57
CA ALA D 54 -38.53 -18.67 -35.36
C ALA D 54 -39.23 -18.71 -34.00
N LEU D 55 -40.47 -19.19 -34.00
CA LEU D 55 -41.25 -19.39 -32.77
C LEU D 55 -41.54 -20.87 -32.58
N VAL D 56 -41.29 -21.37 -31.37
CA VAL D 56 -41.60 -22.75 -31.01
C VAL D 56 -42.26 -22.76 -29.63
N ASP D 57 -43.26 -23.64 -29.47
CA ASP D 57 -44.03 -23.81 -28.24
C ASP D 57 -44.70 -25.18 -28.33
N VAL D 58 -45.29 -25.63 -27.22
CA VAL D 58 -45.88 -26.97 -27.20
C VAL D 58 -47.32 -26.99 -27.70
N ILE D 59 -48.04 -25.88 -27.57
CA ILE D 59 -49.45 -25.77 -28.00
C ILE D 59 -49.48 -25.40 -29.47
N GLU D 60 -49.82 -26.36 -30.34
CA GLU D 60 -49.61 -26.18 -31.78
C GLU D 60 -50.53 -25.12 -32.38
N ASP D 61 -51.78 -25.06 -31.92
CA ASP D 61 -52.73 -24.12 -32.53
C ASP D 61 -52.34 -22.69 -32.25
N LYS D 62 -52.03 -22.36 -31.00
CA LYS D 62 -51.69 -20.98 -30.69
C LYS D 62 -50.39 -20.58 -31.39
N LEU D 63 -49.42 -21.50 -31.45
CA LEU D 63 -48.19 -21.24 -32.17
C LEU D 63 -48.48 -20.81 -33.60
N LYS D 64 -49.24 -21.63 -34.35
CA LYS D 64 -49.59 -21.27 -35.72
C LYS D 64 -50.40 -19.97 -35.77
N GLY D 65 -51.25 -19.75 -34.77
CA GLY D 65 -52.03 -18.53 -34.74
C GLY D 65 -51.16 -17.31 -34.60
N GLU D 66 -50.24 -17.33 -33.63
CA GLU D 66 -49.38 -16.17 -33.45
C GLU D 66 -48.46 -15.97 -34.64
N MET D 67 -47.99 -17.04 -35.28
CA MET D 67 -47.16 -16.86 -36.47
C MET D 67 -47.96 -16.22 -37.59
N MET D 68 -49.19 -16.66 -37.83
CA MET D 68 -49.98 -16.10 -38.93
C MET D 68 -50.29 -14.62 -38.68
N ASP D 69 -50.55 -14.25 -37.44
CA ASP D 69 -50.82 -12.86 -37.12
C ASP D 69 -49.61 -11.98 -37.43
N LEU D 70 -48.40 -12.44 -37.06
CA LEU D 70 -47.19 -11.69 -37.40
C LEU D 70 -47.01 -11.59 -38.91
N GLN D 71 -47.19 -12.70 -39.62
CA GLN D 71 -46.95 -12.67 -41.05
C GLN D 71 -47.89 -11.69 -41.75
N HIS D 72 -49.14 -11.61 -41.30
CA HIS D 72 -50.07 -10.66 -41.91
C HIS D 72 -49.59 -9.22 -41.79
N GLY D 73 -48.66 -8.95 -40.87
CA GLY D 73 -48.10 -7.62 -40.79
C GLY D 73 -46.76 -7.42 -41.48
N SER D 74 -46.40 -8.29 -42.44
CA SER D 74 -45.07 -8.20 -43.05
C SER D 74 -44.91 -6.89 -43.80
N LEU D 75 -45.97 -6.42 -44.47
CA LEU D 75 -45.88 -5.19 -45.25
C LEU D 75 -45.27 -4.06 -44.44
N PHE D 76 -45.52 -4.05 -43.14
CA PHE D 76 -45.05 -3.03 -42.24
C PHE D 76 -43.78 -3.44 -41.52
N LEU D 77 -43.10 -4.49 -41.98
CA LEU D 77 -41.93 -4.99 -41.27
C LEU D 77 -40.79 -5.20 -42.25
N ARG D 78 -39.60 -5.43 -41.69
CA ARG D 78 -38.37 -5.65 -42.43
C ARG D 78 -37.73 -6.98 -42.03
N THR D 79 -38.53 -7.97 -41.64
CA THR D 79 -38.02 -9.28 -41.26
C THR D 79 -38.69 -10.30 -42.17
N PRO D 80 -38.06 -10.65 -43.29
CA PRO D 80 -38.81 -11.28 -44.38
C PRO D 80 -39.20 -12.74 -44.13
N LYS D 81 -38.79 -13.38 -43.04
CA LYS D 81 -39.12 -14.78 -42.82
C LYS D 81 -39.48 -15.01 -41.35
N ILE D 82 -40.75 -15.35 -41.12
CA ILE D 82 -41.25 -15.74 -39.82
C ILE D 82 -41.70 -17.19 -39.93
N VAL D 83 -41.18 -18.07 -39.06
CA VAL D 83 -41.57 -19.48 -39.08
C VAL D 83 -41.89 -19.98 -37.67
N SER D 84 -42.63 -21.08 -37.61
CA SER D 84 -43.05 -21.65 -36.34
C SER D 84 -43.12 -23.18 -36.44
N GLY D 85 -43.11 -23.81 -35.27
CA GLY D 85 -43.34 -25.25 -35.16
C GLY D 85 -43.00 -25.80 -33.78
N LYS D 86 -43.56 -26.94 -33.39
CA LYS D 86 -43.11 -27.54 -32.12
C LYS D 86 -41.82 -28.31 -32.31
N ASP D 87 -41.53 -28.75 -33.52
CA ASP D 87 -40.24 -29.32 -33.83
C ASP D 87 -39.16 -28.25 -33.75
N TYR D 88 -38.13 -28.47 -32.94
CA TYR D 88 -37.06 -27.49 -32.89
C TYR D 88 -36.22 -27.46 -34.16
N ASN D 89 -36.55 -28.26 -35.17
CA ASN D 89 -35.87 -28.12 -36.45
C ASN D 89 -36.11 -26.75 -37.07
N VAL D 90 -37.22 -26.10 -36.75
CA VAL D 90 -37.48 -24.75 -37.25
C VAL D 90 -36.52 -23.71 -36.70
N THR D 91 -35.68 -24.07 -35.73
CA THR D 91 -34.76 -23.13 -35.09
C THR D 91 -33.34 -23.19 -35.63
N ALA D 92 -33.07 -23.99 -36.67
CA ALA D 92 -31.70 -24.22 -37.09
C ALA D 92 -31.00 -22.92 -37.48
N ASN D 93 -29.75 -22.80 -37.03
CA ASN D 93 -28.86 -21.67 -37.38
C ASN D 93 -29.36 -20.34 -36.80
N SER D 94 -29.67 -20.33 -35.51
CA SER D 94 -30.00 -19.09 -34.81
C SER D 94 -28.76 -18.51 -34.17
N LYS D 95 -28.53 -17.21 -34.38
CA LYS D 95 -27.51 -16.52 -33.59
C LYS D 95 -27.92 -16.48 -32.13
N LEU D 96 -29.15 -16.04 -31.85
CA LEU D 96 -29.70 -15.90 -30.51
C LEU D 96 -30.91 -16.81 -30.38
N VAL D 97 -31.00 -17.51 -29.24
CA VAL D 97 -32.20 -18.27 -28.89
C VAL D 97 -32.68 -17.80 -27.52
N ILE D 98 -33.91 -17.30 -27.45
CA ILE D 98 -34.50 -16.71 -26.24
C ILE D 98 -35.58 -17.65 -25.71
N ILE D 99 -35.51 -18.00 -24.42
CA ILE D 99 -36.17 -19.21 -23.94
C ILE D 99 -37.54 -18.96 -23.31
N THR D 100 -37.74 -17.96 -22.44
CA THR D 100 -39.10 -17.61 -21.91
C THR D 100 -40.15 -18.72 -21.76
N ALA D 101 -39.80 -19.95 -21.39
CA ALA D 101 -40.79 -21.02 -21.29
C ALA D 101 -40.55 -21.77 -19.99
N GLY D 102 -41.56 -22.47 -19.50
CA GLY D 102 -41.37 -23.20 -18.26
C GLY D 102 -42.66 -23.29 -17.46
N ALA D 103 -42.50 -23.41 -16.13
CA ALA D 103 -43.58 -23.78 -15.24
C ALA D 103 -43.93 -22.66 -14.28
N ARG D 104 -45.23 -22.54 -13.97
CA ARG D 104 -45.75 -21.57 -13.01
C ARG D 104 -45.99 -22.24 -11.66
N GLN D 105 -45.83 -21.46 -10.58
CA GLN D 105 -45.75 -22.05 -9.25
C GLN D 105 -47.10 -22.54 -8.76
N GLN D 106 -47.15 -23.82 -8.37
CA GLN D 106 -48.32 -24.44 -7.78
C GLN D 106 -48.45 -24.04 -6.31
N GLU D 107 -49.63 -24.30 -5.73
CA GLU D 107 -49.91 -23.84 -4.37
C GLU D 107 -49.08 -24.60 -3.34
N GLY D 108 -48.39 -23.85 -2.48
CA GLY D 108 -47.61 -24.43 -1.40
C GLY D 108 -46.42 -25.26 -1.83
N GLU D 109 -45.87 -25.02 -3.01
CA GLU D 109 -44.76 -25.80 -3.54
C GLU D 109 -43.44 -25.23 -3.04
N SER D 110 -42.48 -26.13 -2.77
CA SER D 110 -41.16 -25.67 -2.36
C SER D 110 -40.48 -24.91 -3.48
N ARG D 111 -39.54 -24.04 -3.11
CA ARG D 111 -38.65 -23.42 -4.10
C ARG D 111 -37.95 -24.50 -4.92
N LEU D 112 -37.21 -25.40 -4.25
CA LEU D 112 -36.77 -26.65 -4.84
C LEU D 112 -37.98 -27.33 -5.47
N ASN D 113 -37.76 -28.27 -6.40
CA ASN D 113 -38.87 -29.08 -6.89
C ASN D 113 -39.82 -28.30 -7.81
N LEU D 114 -40.06 -27.00 -7.54
CA LEU D 114 -40.49 -26.11 -8.61
C LEU D 114 -39.39 -25.96 -9.65
N VAL D 115 -38.18 -25.61 -9.18
CA VAL D 115 -37.02 -25.56 -10.05
C VAL D 115 -36.84 -26.90 -10.73
N GLN D 116 -37.19 -27.99 -10.04
CA GLN D 116 -36.94 -29.29 -10.62
C GLN D 116 -37.91 -29.58 -11.76
N ARG D 117 -39.18 -29.23 -11.60
CA ARG D 117 -40.12 -29.35 -12.71
C ARG D 117 -39.62 -28.56 -13.91
N ASN D 118 -39.08 -27.37 -13.65
CA ASN D 118 -38.50 -26.55 -14.70
C ASN D 118 -37.26 -27.18 -15.29
N VAL D 119 -36.42 -27.78 -14.44
CA VAL D 119 -35.28 -28.55 -14.94
C VAL D 119 -35.75 -29.61 -15.91
N ASN D 120 -36.78 -30.34 -15.52
CA ASN D 120 -37.26 -31.41 -16.37
C ASN D 120 -37.76 -30.87 -17.71
N ILE D 121 -38.20 -29.61 -17.75
CA ILE D 121 -38.63 -29.02 -19.02
C ILE D 121 -37.40 -28.70 -19.88
N PHE D 122 -36.46 -27.94 -19.32
CA PHE D 122 -35.22 -27.59 -20.03
C PHE D 122 -34.49 -28.83 -20.54
N LYS D 123 -34.57 -29.95 -19.81
CA LYS D 123 -33.97 -31.21 -20.23
C LYS D 123 -34.47 -31.66 -21.61
N PHE D 124 -35.57 -31.10 -22.10
CA PHE D 124 -36.05 -31.31 -23.47
C PHE D 124 -35.73 -30.12 -24.38
N ILE D 125 -35.99 -28.90 -23.89
CA ILE D 125 -35.83 -27.71 -24.71
C ILE D 125 -34.37 -27.50 -25.07
N ILE D 126 -33.51 -27.50 -24.05
CA ILE D 126 -32.12 -27.09 -24.23
C ILE D 126 -31.33 -28.05 -25.14
N PRO D 127 -31.44 -29.37 -25.04
CA PRO D 127 -30.67 -30.20 -25.99
C PRO D 127 -31.17 -30.07 -27.40
N ASN D 128 -32.46 -29.79 -27.60
CA ASN D 128 -32.95 -29.61 -28.96
C ASN D 128 -32.42 -28.30 -29.56
N VAL D 129 -32.38 -27.23 -28.76
CA VAL D 129 -31.78 -25.97 -29.19
C VAL D 129 -30.35 -26.18 -29.63
N VAL D 130 -29.53 -26.82 -28.77
CA VAL D 130 -28.11 -27.04 -29.06
C VAL D 130 -27.94 -27.91 -30.30
N LYS D 131 -28.84 -28.87 -30.49
CA LYS D 131 -28.81 -29.75 -31.64
C LYS D 131 -28.83 -28.96 -32.94
N TYR D 132 -29.56 -27.85 -32.99
CA TYR D 132 -29.79 -27.18 -34.26
C TYR D 132 -29.06 -25.85 -34.39
N SER D 133 -28.65 -25.24 -33.29
CA SER D 133 -27.89 -24.00 -33.31
C SER D 133 -26.75 -24.11 -32.31
N PRO D 134 -25.76 -24.98 -32.59
CA PRO D 134 -24.72 -25.26 -31.59
C PRO D 134 -23.83 -24.07 -31.31
N ASN D 135 -23.83 -23.06 -32.19
CA ASN D 135 -23.06 -21.84 -32.00
C ASN D 135 -23.90 -20.69 -31.49
N CYS D 136 -25.18 -20.90 -31.21
CA CYS D 136 -26.04 -19.81 -30.79
C CYS D 136 -25.59 -19.28 -29.42
N LYS D 137 -26.15 -18.14 -29.05
CA LYS D 137 -26.15 -17.68 -27.67
C LYS D 137 -27.53 -17.97 -27.09
N LEU D 138 -27.56 -18.31 -25.81
CA LEU D 138 -28.79 -18.62 -25.09
C LEU D 138 -29.15 -17.47 -24.16
N LEU D 139 -30.38 -16.96 -24.31
CA LEU D 139 -30.93 -15.94 -23.42
C LEU D 139 -32.08 -16.55 -22.62
N ILE D 140 -31.86 -16.74 -21.32
CA ILE D 140 -32.85 -17.35 -20.45
C ILE D 140 -33.67 -16.23 -19.82
N VAL D 141 -34.99 -16.30 -20.01
CA VAL D 141 -35.89 -15.36 -19.36
C VAL D 141 -36.79 -16.04 -18.35
N SER D 142 -37.05 -17.34 -18.50
CA SER D 142 -37.90 -18.10 -17.56
C SER D 142 -37.46 -17.93 -16.12
N ASN D 143 -38.43 -17.66 -15.23
CA ASN D 143 -38.08 -17.55 -13.81
C ASN D 143 -38.11 -18.91 -13.11
N PRO D 144 -37.33 -19.12 -12.01
CA PRO D 144 -36.35 -18.19 -11.38
C PRO D 144 -35.07 -18.06 -12.20
N VAL D 145 -34.84 -16.87 -12.78
CA VAL D 145 -33.96 -16.79 -13.93
C VAL D 145 -32.52 -17.16 -13.57
N ASP D 146 -32.05 -16.76 -12.38
CA ASP D 146 -30.68 -17.09 -11.99
C ASP D 146 -30.46 -18.60 -11.92
N ILE D 147 -31.32 -19.33 -11.20
CA ILE D 147 -31.19 -20.79 -11.09
C ILE D 147 -31.35 -21.46 -12.46
N LEU D 148 -32.34 -21.02 -13.24
CA LEU D 148 -32.61 -21.66 -14.53
C LEU D 148 -31.52 -21.36 -15.57
N THR D 149 -30.83 -20.22 -15.45
CA THR D 149 -29.71 -19.97 -16.34
C THR D 149 -28.57 -20.95 -16.04
N TYR D 150 -28.38 -21.29 -14.76
CA TYR D 150 -27.46 -22.37 -14.37
C TYR D 150 -27.89 -23.70 -14.99
N VAL D 151 -29.18 -24.03 -14.93
CA VAL D 151 -29.66 -25.28 -15.48
C VAL D 151 -29.39 -25.36 -16.98
N ALA D 152 -29.65 -24.27 -17.71
CA ALA D 152 -29.41 -24.28 -19.15
C ALA D 152 -27.93 -24.39 -19.45
N TRP D 153 -27.07 -23.77 -18.64
CA TRP D 153 -25.63 -23.90 -18.82
C TRP D 153 -25.19 -25.34 -18.58
N LYS D 154 -25.66 -25.95 -17.49
CA LYS D 154 -25.31 -27.34 -17.20
C LYS D 154 -25.77 -28.28 -18.31
N ILE D 155 -27.00 -28.09 -18.80
CA ILE D 155 -27.51 -29.03 -19.80
C ILE D 155 -26.86 -28.81 -21.15
N SER D 156 -26.51 -27.56 -21.49
CA SER D 156 -26.07 -27.29 -22.85
C SER D 156 -24.58 -27.55 -23.07
N GLY D 157 -23.78 -27.48 -22.01
CA GLY D 157 -22.35 -27.58 -22.19
C GLY D 157 -21.72 -26.40 -22.88
N PHE D 158 -22.46 -25.30 -23.04
CA PHE D 158 -21.90 -24.11 -23.65
C PHE D 158 -20.90 -23.44 -22.72
N PRO D 159 -19.98 -22.67 -23.28
CA PRO D 159 -19.09 -21.85 -22.46
C PRO D 159 -19.87 -20.75 -21.75
N LYS D 160 -19.33 -20.30 -20.62
CA LYS D 160 -20.11 -19.43 -19.74
C LYS D 160 -20.52 -18.13 -20.42
N ASN D 161 -19.76 -17.69 -21.44
CA ASN D 161 -20.06 -16.43 -22.14
C ASN D 161 -21.29 -16.51 -23.05
N ARG D 162 -21.69 -17.71 -23.50
CA ARG D 162 -22.82 -17.86 -24.42
C ARG D 162 -24.08 -18.35 -23.73
N VAL D 163 -24.16 -18.21 -22.41
CA VAL D 163 -25.35 -18.52 -21.65
C VAL D 163 -25.61 -17.29 -20.78
N ILE D 164 -26.67 -16.54 -21.09
CA ILE D 164 -27.02 -15.29 -20.44
C ILE D 164 -28.42 -15.38 -19.85
N GLY D 165 -28.59 -14.87 -18.64
CA GLY D 165 -29.91 -14.73 -18.03
C GLY D 165 -30.33 -13.27 -18.02
N SER D 166 -31.64 -13.04 -18.19
CA SER D 166 -32.13 -11.66 -18.20
C SER D 166 -31.94 -10.96 -16.86
N GLY D 167 -31.86 -11.72 -15.77
CA GLY D 167 -31.37 -11.19 -14.52
C GLY D 167 -32.10 -9.95 -14.07
N CYS D 168 -31.33 -8.98 -13.57
CA CYS D 168 -31.83 -7.69 -13.13
C CYS D 168 -31.86 -6.64 -14.24
N ASN D 169 -31.80 -7.04 -15.52
CA ASN D 169 -31.81 -6.04 -16.59
C ASN D 169 -33.09 -5.21 -16.57
N LEU D 170 -34.25 -5.86 -16.48
CA LEU D 170 -35.49 -5.10 -16.37
C LEU D 170 -35.64 -4.42 -15.01
N ASP D 171 -35.07 -4.99 -13.94
CA ASP D 171 -35.18 -4.33 -12.65
C ASP D 171 -34.44 -3.00 -12.65
N SER D 172 -33.29 -2.95 -13.35
CA SER D 172 -32.51 -1.72 -13.44
C SER D 172 -33.21 -0.70 -14.31
N ALA D 173 -33.81 -1.15 -15.42
CA ALA D 173 -34.69 -0.29 -16.19
C ALA D 173 -35.77 0.34 -15.31
N ARG D 174 -36.46 -0.49 -14.51
CA ARG D 174 -37.51 0.02 -13.64
C ARG D 174 -36.95 1.01 -12.62
N PHE D 175 -35.83 0.64 -11.99
CA PHE D 175 -35.11 1.54 -11.11
C PHE D 175 -34.99 2.91 -11.72
N ARG D 176 -34.44 2.97 -12.94
CA ARG D 176 -34.16 4.25 -13.57
C ARG D 176 -35.45 4.99 -13.92
N TYR D 177 -36.51 4.25 -14.27
CA TYR D 177 -37.81 4.88 -14.47
C TYR D 177 -38.27 5.58 -13.20
N LEU D 178 -38.22 4.86 -12.07
CA LEU D 178 -38.69 5.42 -10.81
C LEU D 178 -37.80 6.57 -10.35
N MET D 179 -36.48 6.44 -10.59
CA MET D 179 -35.56 7.54 -10.27
C MET D 179 -35.88 8.78 -11.09
N GLY D 180 -36.10 8.61 -12.39
CA GLY D 180 -36.49 9.75 -13.22
C GLY D 180 -37.82 10.36 -12.83
N GLU D 181 -38.71 9.59 -12.21
CA GLU D 181 -39.97 10.15 -11.77
C GLU D 181 -39.79 11.03 -10.54
N ARG D 182 -38.88 10.64 -9.64
CA ARG D 182 -38.59 11.49 -8.48
C ARG D 182 -37.92 12.78 -8.93
N LEU D 183 -36.93 12.65 -9.81
CA LEU D 183 -36.10 13.78 -10.21
C LEU D 183 -36.63 14.56 -11.42
N GLY D 184 -37.71 14.11 -12.06
CA GLY D 184 -38.17 14.79 -13.27
C GLY D 184 -37.17 14.82 -14.39
N VAL D 185 -36.47 13.70 -14.61
CA VAL D 185 -35.44 13.56 -15.64
C VAL D 185 -35.79 12.30 -16.42
N HIS D 186 -35.46 12.29 -17.72
CA HIS D 186 -35.70 11.08 -18.49
C HIS D 186 -34.86 9.92 -17.96
N PRO D 187 -35.41 8.70 -17.89
CA PRO D 187 -34.64 7.57 -17.37
C PRO D 187 -33.32 7.35 -18.09
N LEU D 188 -33.19 7.79 -19.34
CA LEU D 188 -31.91 7.65 -20.04
C LEU D 188 -30.80 8.44 -19.36
N SER D 189 -31.15 9.51 -18.63
CA SER D 189 -30.17 10.33 -17.96
C SER D 189 -30.11 10.10 -16.45
N CYS D 190 -30.82 9.09 -15.94
CA CYS D 190 -30.74 8.64 -14.55
C CYS D 190 -30.07 7.29 -14.50
N HIS D 191 -28.89 7.23 -13.87
CA HIS D 191 -28.10 6.01 -13.82
C HIS D 191 -28.13 5.40 -12.43
N GLY D 192 -28.14 4.07 -12.41
CA GLY D 192 -28.35 3.31 -11.18
C GLY D 192 -28.44 1.85 -11.50
N TRP D 193 -27.83 1.00 -10.68
CA TRP D 193 -27.74 -0.43 -10.96
C TRP D 193 -28.34 -1.25 -9.84
N VAL D 194 -29.16 -2.22 -10.22
CA VAL D 194 -29.69 -3.24 -9.33
C VAL D 194 -29.01 -4.54 -9.72
N LEU D 195 -28.27 -5.13 -8.79
CA LEU D 195 -27.45 -6.29 -9.10
C LEU D 195 -27.85 -7.48 -8.24
N GLY D 196 -27.41 -8.65 -8.69
CA GLY D 196 -27.46 -9.82 -7.86
C GLY D 196 -28.49 -10.85 -8.24
N GLU D 197 -29.20 -11.36 -7.22
CA GLU D 197 -30.26 -12.33 -7.41
C GLU D 197 -31.55 -11.60 -7.77
N HIS D 198 -32.24 -12.12 -8.78
CA HIS D 198 -33.43 -11.49 -9.31
C HIS D 198 -34.62 -11.80 -8.40
N GLY D 199 -35.16 -10.76 -7.74
CA GLY D 199 -36.30 -10.92 -6.86
C GLY D 199 -36.14 -10.14 -5.57
N ASP D 200 -36.69 -10.68 -4.47
CA ASP D 200 -36.76 -9.95 -3.20
C ASP D 200 -35.40 -9.43 -2.73
N SER D 201 -34.30 -10.07 -3.15
CA SER D 201 -32.99 -9.87 -2.54
C SER D 201 -31.97 -9.23 -3.48
N SER D 202 -32.42 -8.67 -4.59
CA SER D 202 -31.57 -7.84 -5.43
C SER D 202 -30.91 -6.77 -4.57
N VAL D 203 -29.81 -6.21 -5.03
CA VAL D 203 -29.09 -5.18 -4.30
C VAL D 203 -29.11 -3.89 -5.10
N PRO D 204 -29.63 -2.78 -4.54
CA PRO D 204 -29.46 -1.47 -5.17
C PRO D 204 -28.14 -0.79 -4.76
N VAL D 205 -27.21 -0.66 -5.72
CA VAL D 205 -25.89 -0.08 -5.48
C VAL D 205 -25.93 1.44 -5.37
N TRP D 206 -26.29 1.94 -4.18
CA TRP D 206 -26.51 3.38 -3.99
C TRP D 206 -25.31 4.23 -4.39
N SER D 207 -24.09 3.71 -4.28
CA SER D 207 -22.91 4.50 -4.59
C SER D 207 -22.90 4.99 -6.04
N GLY D 208 -23.31 4.13 -6.97
CA GLY D 208 -23.32 4.46 -8.39
C GLY D 208 -24.56 5.16 -8.90
N MET D 209 -25.50 5.53 -8.03
CA MET D 209 -26.71 6.25 -8.43
C MET D 209 -26.39 7.71 -8.74
N ASN D 210 -26.33 8.07 -10.01
CA ASN D 210 -25.94 9.43 -10.34
C ASN D 210 -26.82 9.99 -11.46
N VAL D 211 -26.64 11.30 -11.67
CA VAL D 211 -27.16 12.04 -12.82
C VAL D 211 -26.04 12.96 -13.28
N ALA D 212 -25.55 12.75 -14.50
CA ALA D 212 -24.47 13.54 -15.06
C ALA D 212 -23.20 13.41 -14.22
N GLY D 213 -22.93 12.21 -13.73
CA GLY D 213 -21.74 11.97 -12.95
C GLY D 213 -21.78 12.47 -11.52
N VAL D 214 -22.83 13.19 -11.12
CA VAL D 214 -22.96 13.69 -9.75
C VAL D 214 -23.49 12.56 -8.86
N SER D 215 -22.66 12.09 -7.94
CA SER D 215 -23.07 10.97 -7.09
C SER D 215 -24.16 11.40 -6.14
N LEU D 216 -25.29 10.69 -6.15
CA LEU D 216 -26.38 11.11 -5.28
C LEU D 216 -26.12 10.69 -3.84
N LYS D 217 -25.28 9.68 -3.63
CA LYS D 217 -24.89 9.30 -2.27
C LYS D 217 -24.00 10.35 -1.62
N THR D 218 -23.13 10.99 -2.40
CA THR D 218 -22.33 12.06 -1.83
C THR D 218 -23.19 13.25 -1.42
N LEU D 219 -24.06 13.72 -2.31
CA LEU D 219 -24.88 14.89 -1.98
C LEU D 219 -25.93 14.60 -0.92
N HIS D 220 -26.24 13.33 -0.68
CA HIS D 220 -27.23 12.94 0.33
C HIS D 220 -26.76 11.63 0.96
N PRO D 221 -25.85 11.71 1.93
CA PRO D 221 -25.23 10.47 2.44
C PRO D 221 -26.20 9.52 3.13
N ASP D 222 -27.34 10.01 3.62
CA ASP D 222 -28.34 9.13 4.22
C ASP D 222 -29.08 8.29 3.18
N LEU D 223 -28.70 8.38 1.92
CA LEU D 223 -29.45 7.74 0.85
C LEU D 223 -29.44 6.22 0.98
N GLY D 224 -30.61 5.61 0.84
CA GLY D 224 -30.72 4.17 0.90
C GLY D 224 -30.63 3.57 2.28
N THR D 225 -30.77 4.38 3.32
CA THR D 225 -30.64 3.89 4.69
C THR D 225 -31.96 4.06 5.43
N ASP D 226 -31.90 4.09 6.75
CA ASP D 226 -33.12 4.24 7.54
C ASP D 226 -33.39 5.71 7.89
N LYS D 227 -32.35 6.48 8.24
CA LYS D 227 -32.54 7.89 8.57
C LYS D 227 -32.98 8.73 7.37
N ASP D 228 -32.73 8.24 6.16
CA ASP D 228 -33.18 8.85 4.91
C ASP D 228 -34.59 9.39 5.02
N LYS D 229 -34.70 10.69 5.30
CA LYS D 229 -36.02 11.33 5.43
C LYS D 229 -36.80 11.25 4.14
N GLU D 230 -36.12 11.18 3.01
CA GLU D 230 -36.75 11.06 1.71
C GLU D 230 -37.08 9.62 1.32
N GLN D 231 -36.70 8.65 2.16
CA GLN D 231 -37.14 7.26 2.03
C GLN D 231 -36.71 6.64 0.69
N TRP D 232 -35.48 6.93 0.25
CA TRP D 232 -35.08 6.48 -1.08
C TRP D 232 -35.06 4.97 -1.20
N LYS D 233 -35.05 4.23 -0.09
CA LYS D 233 -35.05 2.78 -0.23
C LYS D 233 -36.37 2.29 -0.80
N GLU D 234 -37.42 3.12 -0.76
CA GLU D 234 -38.71 2.74 -1.35
C GLU D 234 -38.60 2.54 -2.87
N VAL D 235 -37.70 3.28 -3.53
CA VAL D 235 -37.48 3.06 -4.96
C VAL D 235 -37.11 1.61 -5.20
N HIS D 236 -36.18 1.07 -4.42
CA HIS D 236 -35.83 -0.33 -4.63
C HIS D 236 -36.95 -1.26 -4.20
N LYS D 237 -37.70 -0.91 -3.16
CA LYS D 237 -38.87 -1.70 -2.81
C LYS D 237 -39.86 -1.70 -3.97
N GLN D 238 -40.08 -0.54 -4.59
CA GLN D 238 -41.01 -0.45 -5.73
C GLN D 238 -40.55 -1.31 -6.91
N VAL D 239 -39.23 -1.48 -7.06
CA VAL D 239 -38.69 -2.29 -8.14
C VAL D 239 -39.04 -3.76 -7.93
N VAL D 240 -38.83 -4.27 -6.71
CA VAL D 240 -39.09 -5.70 -6.52
C VAL D 240 -40.58 -5.99 -6.41
N GLU D 241 -41.41 -5.00 -6.07
CA GLU D 241 -42.85 -5.20 -6.10
C GLU D 241 -43.48 -4.86 -7.44
N SER D 242 -42.72 -4.29 -8.38
CA SER D 242 -43.26 -3.87 -9.66
C SER D 242 -44.06 -4.97 -10.37
N ALA D 243 -43.45 -6.13 -10.58
CA ALA D 243 -44.13 -7.18 -11.36
C ALA D 243 -45.43 -7.61 -10.69
N TYR D 244 -45.43 -7.76 -9.36
CA TYR D 244 -46.65 -8.15 -8.64
C TYR D 244 -47.71 -7.06 -8.72
N GLU D 245 -47.31 -5.79 -8.61
CA GLU D 245 -48.26 -4.71 -8.78
C GLU D 245 -48.98 -4.83 -10.11
N VAL D 246 -48.27 -5.28 -11.16
CA VAL D 246 -48.86 -5.30 -12.49
C VAL D 246 -49.64 -6.59 -12.71
N ILE D 247 -49.15 -7.70 -12.19
CA ILE D 247 -49.93 -8.93 -12.20
C ILE D 247 -51.27 -8.71 -11.48
N LYS D 248 -51.23 -8.04 -10.33
CA LYS D 248 -52.47 -7.77 -9.61
C LYS D 248 -53.49 -7.05 -10.48
N LEU D 249 -53.04 -6.21 -11.40
CA LEU D 249 -53.89 -5.31 -12.16
C LEU D 249 -54.29 -5.86 -13.53
N LYS D 250 -53.35 -6.42 -14.29
CA LYS D 250 -53.66 -6.95 -15.62
C LYS D 250 -53.48 -8.45 -15.75
N GLY D 251 -52.95 -9.15 -14.72
CA GLY D 251 -52.84 -10.60 -14.70
C GLY D 251 -51.47 -11.18 -15.01
N TYR D 252 -50.54 -10.37 -15.52
CA TYR D 252 -49.27 -10.77 -16.09
C TYR D 252 -48.54 -9.51 -16.52
N THR D 253 -47.22 -9.60 -16.64
CA THR D 253 -46.41 -8.57 -17.27
C THR D 253 -46.00 -9.05 -18.64
N SER D 254 -45.82 -8.11 -19.56
CA SER D 254 -45.31 -8.51 -20.87
C SER D 254 -44.56 -7.37 -21.56
N TRP D 255 -45.14 -6.16 -21.62
CA TRP D 255 -44.61 -5.17 -22.53
C TRP D 255 -43.22 -4.73 -22.10
N ALA D 256 -43.02 -4.50 -20.79
CA ALA D 256 -41.71 -4.02 -20.35
C ALA D 256 -40.64 -5.10 -20.48
N ILE D 257 -40.96 -6.34 -20.10
CA ILE D 257 -39.96 -7.39 -20.27
C ILE D 257 -39.63 -7.56 -21.75
N GLY D 258 -40.61 -7.40 -22.62
CA GLY D 258 -40.38 -7.53 -24.05
C GLY D 258 -39.45 -6.48 -24.62
N LEU D 259 -39.51 -5.25 -24.13
CA LEU D 259 -38.61 -4.24 -24.67
C LEU D 259 -37.18 -4.43 -24.15
N SER D 260 -37.01 -4.82 -22.88
CA SER D 260 -35.67 -5.03 -22.35
C SER D 260 -35.00 -6.26 -22.96
N VAL D 261 -35.78 -7.27 -23.32
CA VAL D 261 -35.17 -8.41 -24.00
C VAL D 261 -34.69 -7.99 -25.38
N ALA D 262 -35.46 -7.13 -26.06
CA ALA D 262 -35.05 -6.65 -27.37
C ALA D 262 -33.83 -5.75 -27.26
N ASP D 263 -33.77 -4.93 -26.22
CA ASP D 263 -32.57 -4.14 -25.97
C ASP D 263 -31.36 -5.05 -25.82
N LEU D 264 -31.52 -6.16 -25.07
CA LEU D 264 -30.43 -7.11 -24.90
C LEU D 264 -30.10 -7.79 -26.23
N ALA D 265 -31.13 -8.21 -26.97
CA ALA D 265 -30.90 -8.76 -28.31
C ALA D 265 -30.13 -7.78 -29.19
N GLU D 266 -30.51 -6.51 -29.17
CA GLU D 266 -29.78 -5.52 -29.96
C GLU D 266 -28.29 -5.59 -29.71
N SER D 267 -27.86 -5.47 -28.45
CA SER D 267 -26.43 -5.47 -28.15
C SER D 267 -25.73 -6.73 -28.62
N ILE D 268 -26.40 -7.88 -28.51
CA ILE D 268 -25.81 -9.12 -28.99
C ILE D 268 -25.71 -9.13 -30.51
N MET D 269 -26.82 -8.83 -31.20
CA MET D 269 -26.86 -9.05 -32.65
C MET D 269 -26.03 -8.05 -33.44
N LYS D 270 -25.82 -6.86 -32.88
CA LYS D 270 -25.07 -5.79 -33.55
C LYS D 270 -23.69 -5.61 -32.96
N ASN D 271 -23.27 -6.51 -32.07
CA ASN D 271 -21.95 -6.52 -31.45
C ASN D 271 -21.58 -5.15 -30.87
N LEU D 272 -22.49 -4.60 -30.08
CA LEU D 272 -22.35 -3.22 -29.61
C LEU D 272 -21.35 -3.09 -28.46
N ARG D 273 -21.22 -4.12 -27.63
CA ARG D 273 -20.41 -4.06 -26.40
C ARG D 273 -20.95 -3.03 -25.41
N ARG D 274 -22.27 -3.06 -25.19
CA ARG D 274 -22.96 -2.27 -24.18
C ARG D 274 -23.00 -3.01 -22.83
N VAL D 275 -22.98 -2.26 -21.73
CA VAL D 275 -22.93 -2.83 -20.39
C VAL D 275 -24.35 -2.98 -19.87
N HIS D 276 -24.76 -4.24 -19.62
CA HIS D 276 -26.06 -4.62 -19.10
C HIS D 276 -25.95 -5.40 -17.80
N PRO D 277 -26.88 -5.19 -16.85
CA PRO D 277 -26.92 -6.08 -15.68
C PRO D 277 -27.66 -7.37 -16.03
N VAL D 278 -26.92 -8.43 -16.34
CA VAL D 278 -27.49 -9.72 -16.68
C VAL D 278 -26.84 -10.75 -15.76
N SER D 279 -27.46 -11.93 -15.69
CA SER D 279 -26.94 -12.97 -14.80
C SER D 279 -25.94 -13.83 -15.55
N THR D 280 -24.76 -13.98 -14.95
CA THR D 280 -23.65 -14.75 -15.49
C THR D 280 -22.99 -15.49 -14.31
N MET D 281 -22.19 -16.51 -14.62
CA MET D 281 -21.58 -17.36 -13.60
C MET D 281 -20.48 -16.60 -12.86
N ILE D 282 -20.64 -16.36 -11.56
CA ILE D 282 -19.64 -15.53 -10.90
C ILE D 282 -18.82 -16.29 -9.87
N LYS D 283 -18.55 -17.56 -10.13
CA LYS D 283 -17.52 -18.25 -9.35
C LYS D 283 -16.19 -17.54 -9.57
N GLY D 284 -15.55 -17.16 -8.49
CA GLY D 284 -14.29 -16.45 -8.55
C GLY D 284 -14.38 -15.00 -8.15
N LEU D 285 -15.56 -14.51 -7.76
CA LEU D 285 -15.79 -13.09 -7.54
C LEU D 285 -16.61 -12.90 -6.26
N TYR D 286 -16.32 -11.81 -5.55
CA TYR D 286 -17.03 -11.42 -4.32
C TYR D 286 -17.05 -12.53 -3.26
N GLY D 287 -16.05 -13.41 -3.30
CA GLY D 287 -16.01 -14.49 -2.35
C GLY D 287 -16.97 -15.62 -2.64
N ILE D 288 -17.58 -15.62 -3.81
CA ILE D 288 -18.46 -16.72 -4.19
C ILE D 288 -17.61 -17.86 -4.72
N LYS D 289 -17.83 -19.06 -4.18
CA LYS D 289 -17.06 -20.21 -4.61
C LYS D 289 -17.91 -21.29 -5.25
N ASP D 290 -19.24 -21.17 -5.25
CA ASP D 290 -20.10 -22.15 -5.90
C ASP D 290 -20.41 -21.74 -7.34
N ASP D 291 -20.91 -22.71 -8.12
CA ASP D 291 -21.30 -22.47 -9.51
C ASP D 291 -22.68 -21.81 -9.57
N VAL D 292 -22.72 -20.50 -9.37
CA VAL D 292 -24.01 -19.83 -9.38
C VAL D 292 -23.95 -18.60 -10.28
N PHE D 293 -25.10 -18.26 -10.86
CA PHE D 293 -25.29 -17.09 -11.70
C PHE D 293 -25.95 -16.00 -10.89
N LEU D 294 -25.37 -14.80 -10.91
CA LEU D 294 -26.01 -13.62 -10.36
C LEU D 294 -25.78 -12.46 -11.33
N SER D 295 -26.60 -11.43 -11.22
CA SER D 295 -26.55 -10.33 -12.18
C SER D 295 -25.48 -9.32 -11.75
N VAL D 296 -24.45 -9.18 -12.58
CA VAL D 296 -23.46 -8.11 -12.50
C VAL D 296 -23.43 -7.42 -13.85
N PRO D 297 -22.90 -6.21 -13.94
CA PRO D 297 -22.86 -5.51 -15.24
C PRO D 297 -21.92 -6.23 -16.21
N CYS D 298 -22.45 -6.62 -17.38
CA CYS D 298 -21.69 -7.38 -18.37
C CYS D 298 -21.64 -6.65 -19.70
N ILE D 299 -20.58 -6.92 -20.47
CA ILE D 299 -20.40 -6.36 -21.81
C ILE D 299 -20.89 -7.41 -22.81
N LEU D 300 -21.96 -7.08 -23.53
CA LEU D 300 -22.67 -8.03 -24.38
C LEU D 300 -22.36 -7.73 -25.84
N GLY D 301 -22.28 -8.78 -26.62
CA GLY D 301 -21.95 -8.57 -28.01
C GLY D 301 -22.08 -9.84 -28.78
N GLN D 302 -21.33 -9.88 -29.88
CA GLN D 302 -21.35 -10.96 -30.85
C GLN D 302 -21.08 -12.33 -30.25
N ASN D 303 -20.49 -12.40 -29.06
CA ASN D 303 -20.08 -13.66 -28.46
C ASN D 303 -20.65 -13.76 -27.05
N GLY D 304 -21.80 -13.14 -26.81
CA GLY D 304 -22.36 -13.15 -25.48
C GLY D 304 -21.55 -12.28 -24.53
N ILE D 305 -21.29 -12.82 -23.33
CA ILE D 305 -20.67 -12.06 -22.26
C ILE D 305 -19.16 -12.22 -22.41
N SER D 306 -18.49 -11.19 -22.93
CA SER D 306 -17.06 -11.25 -23.11
C SER D 306 -16.28 -10.61 -21.97
N ASP D 307 -16.94 -9.79 -21.15
CA ASP D 307 -16.28 -9.11 -20.04
C ASP D 307 -17.32 -8.81 -18.95
N LEU D 308 -16.83 -8.62 -17.72
CA LEU D 308 -17.62 -8.31 -16.53
C LEU D 308 -17.11 -7.03 -15.92
N VAL D 309 -17.99 -6.24 -15.32
CA VAL D 309 -17.54 -5.08 -14.57
C VAL D 309 -17.47 -5.43 -13.09
N LYS D 310 -16.30 -5.22 -12.49
CA LYS D 310 -16.07 -5.58 -11.11
C LYS D 310 -16.51 -4.41 -10.28
N VAL D 311 -17.79 -4.40 -9.92
CA VAL D 311 -18.34 -3.28 -9.16
C VAL D 311 -17.81 -3.34 -7.73
N THR D 312 -17.39 -2.17 -7.23
CA THR D 312 -16.95 -2.04 -5.84
C THR D 312 -18.16 -2.06 -4.91
N LEU D 313 -18.33 -3.14 -4.17
CA LEU D 313 -19.42 -3.26 -3.20
C LEU D 313 -18.94 -2.93 -1.79
N THR D 314 -19.88 -2.48 -0.95
CA THR D 314 -19.61 -2.44 0.46
C THR D 314 -19.60 -3.87 1.01
N SER D 315 -19.32 -4.00 2.31
CA SER D 315 -19.38 -5.32 2.94
C SER D 315 -20.83 -5.79 3.07
N GLU D 316 -21.74 -4.91 3.48
CA GLU D 316 -23.16 -5.24 3.52
C GLU D 316 -23.67 -5.70 2.15
N GLU D 317 -23.27 -4.99 1.09
CA GLU D 317 -23.60 -5.42 -0.25
C GLU D 317 -22.93 -6.74 -0.58
N GLU D 318 -21.61 -6.83 -0.31
CA GLU D 318 -20.87 -8.06 -0.59
C GLU D 318 -21.46 -9.26 0.14
N ALA D 319 -21.89 -9.06 1.39
CA ALA D 319 -22.45 -10.17 2.16
C ALA D 319 -23.80 -10.61 1.61
N ARG D 320 -24.65 -9.65 1.21
CA ARG D 320 -25.96 -9.97 0.64
C ARG D 320 -25.86 -10.81 -0.61
N LEU D 321 -24.77 -10.65 -1.37
CA LEU D 321 -24.56 -11.43 -2.57
C LEU D 321 -24.12 -12.85 -2.24
N LYS D 322 -23.12 -12.99 -1.35
CA LYS D 322 -22.68 -14.31 -0.93
C LYS D 322 -23.83 -15.09 -0.31
N LYS D 323 -24.75 -14.39 0.33
CA LYS D 323 -25.90 -15.04 0.96
C LYS D 323 -26.87 -15.61 -0.07
N SER D 324 -27.16 -14.84 -1.15
CA SER D 324 -27.98 -15.35 -2.25
C SER D 324 -27.26 -16.46 -3.02
N ALA D 325 -25.96 -16.30 -3.20
CA ALA D 325 -25.14 -17.39 -3.73
C ALA D 325 -25.38 -18.69 -2.99
N ASP D 326 -25.37 -18.63 -1.66
CA ASP D 326 -25.51 -19.85 -0.87
C ASP D 326 -26.88 -20.47 -1.05
N THR D 327 -27.94 -19.65 -1.02
CA THR D 327 -29.28 -20.19 -1.17
C THR D 327 -29.46 -20.83 -2.55
N LEU D 328 -28.83 -20.24 -3.59
CA LEU D 328 -28.99 -20.78 -4.93
C LEU D 328 -28.27 -22.12 -5.06
N TRP D 329 -27.04 -22.21 -4.55
CA TRP D 329 -26.34 -23.49 -4.61
C TRP D 329 -27.06 -24.54 -3.75
N GLY D 330 -27.63 -24.11 -2.62
CA GLY D 330 -28.43 -25.01 -1.79
C GLY D 330 -29.52 -25.73 -2.57
N ILE D 331 -30.22 -25.01 -3.44
CA ILE D 331 -31.18 -25.64 -4.35
C ILE D 331 -30.45 -26.40 -5.46
N GLN D 332 -29.45 -25.76 -6.06
CA GLN D 332 -28.84 -26.28 -7.28
C GLN D 332 -28.16 -27.62 -7.03
N LYS D 333 -27.52 -27.78 -5.87
CA LYS D 333 -26.90 -29.05 -5.50
C LYS D 333 -27.94 -30.16 -5.30
N GLU D 334 -29.18 -29.79 -5.01
CA GLU D 334 -30.25 -30.74 -4.72
C GLU D 334 -31.05 -31.14 -5.94
N LEU D 335 -30.88 -30.46 -7.08
CA LEU D 335 -31.54 -30.89 -8.31
C LEU D 335 -30.98 -32.24 -8.74
N GLN D 336 -31.60 -32.82 -9.76
CA GLN D 336 -30.82 -33.71 -10.59
C GLN D 336 -31.31 -33.73 -12.03
N PHE D 337 -30.34 -33.92 -12.91
CA PHE D 337 -30.44 -33.68 -14.33
C PHE D 337 -30.63 -34.99 -15.08
N ALA E 7 -26.04 62.50 53.88
CA ALA E 7 -24.74 61.82 53.76
C ALA E 7 -24.35 61.61 52.28
N THR E 8 -23.10 61.94 51.95
CA THR E 8 -22.66 62.02 50.56
C THR E 8 -22.64 60.64 49.91
N LEU E 9 -22.55 60.63 48.57
CA LEU E 9 -22.56 59.38 47.82
C LEU E 9 -21.31 58.56 48.14
N LYS E 10 -20.16 59.22 48.27
CA LYS E 10 -18.93 58.51 48.61
C LYS E 10 -19.08 57.72 49.91
N ASP E 11 -19.54 58.38 50.97
CA ASP E 11 -19.79 57.70 52.25
C ASP E 11 -20.91 56.68 52.15
N GLN E 12 -21.90 56.92 51.29
CA GLN E 12 -22.91 55.89 51.04
C GLN E 12 -22.29 54.65 50.41
N LEU E 13 -21.27 54.84 49.56
CA LEU E 13 -20.70 53.74 48.80
C LEU E 13 -19.53 53.08 49.51
N ILE E 14 -18.80 53.81 50.36
CA ILE E 14 -17.46 53.46 50.81
C ILE E 14 -17.34 53.69 52.32
N TYR E 15 -16.74 52.73 53.03
CA TYR E 15 -16.53 52.86 54.46
C TYR E 15 -15.04 52.95 54.75
N ASN E 16 -14.58 54.09 55.27
CA ASN E 16 -13.15 54.28 55.45
C ASN E 16 -12.63 53.58 56.71
N LEU E 17 -11.30 53.46 56.79
CA LEU E 17 -10.60 52.88 57.93
C LEU E 17 -9.39 53.67 58.41
N LEU E 18 -8.91 54.71 57.73
CA LEU E 18 -7.48 54.94 57.90
C LEU E 18 -7.09 56.40 57.63
N LYS E 19 -5.83 56.60 57.21
CA LYS E 19 -5.06 57.82 57.34
C LYS E 19 -4.52 58.25 55.99
N GLU E 20 -4.30 59.55 55.85
CA GLU E 20 -3.65 60.14 54.67
C GLU E 20 -2.13 60.12 54.77
N GLU E 21 -1.58 59.88 55.95
CA GLU E 21 -0.13 59.87 56.17
C GLU E 21 0.41 58.52 55.76
N GLN E 22 0.75 58.42 54.46
CA GLN E 22 1.26 57.18 53.88
C GLN E 22 2.78 57.18 53.68
N THR E 23 3.36 58.31 53.19
CA THR E 23 4.73 58.43 52.67
C THR E 23 4.87 57.61 51.39
N PRO E 24 5.19 58.23 50.27
CA PRO E 24 5.34 57.46 49.02
C PRO E 24 6.51 56.50 49.12
N GLN E 25 6.29 55.26 48.71
CA GLN E 25 7.29 54.21 48.90
C GLN E 25 8.35 54.16 47.80
N ASN E 26 7.99 54.53 46.55
CA ASN E 26 8.90 54.45 45.39
C ASN E 26 8.63 55.64 44.47
N LYS E 27 8.97 56.84 44.92
CA LYS E 27 8.64 58.06 44.21
C LYS E 27 9.82 58.54 43.38
N ILE E 28 9.52 59.05 42.20
CA ILE E 28 10.52 59.62 41.30
C ILE E 28 10.10 61.04 40.93
N THR E 29 11.06 61.96 40.91
CA THR E 29 10.82 63.30 40.41
C THR E 29 11.61 63.51 39.12
N VAL E 30 10.97 64.15 38.14
CA VAL E 30 11.65 64.63 36.95
C VAL E 30 11.64 66.15 37.00
N VAL E 31 12.82 66.75 36.95
CA VAL E 31 12.99 68.19 37.01
C VAL E 31 13.27 68.66 35.60
N GLY E 32 12.31 69.40 35.02
CA GLY E 32 12.35 69.85 33.65
C GLY E 32 11.34 69.10 32.79
N VAL E 33 10.40 69.81 32.16
CA VAL E 33 9.38 69.12 31.38
C VAL E 33 9.48 69.55 29.93
N GLY E 34 10.70 69.84 29.50
CA GLY E 34 11.00 69.91 28.08
C GLY E 34 10.94 68.51 27.47
N ALA E 35 11.37 68.42 26.21
CA ALA E 35 11.20 67.18 25.47
C ALA E 35 11.91 66.02 26.15
N VAL E 36 13.13 66.28 26.64
CA VAL E 36 13.91 65.27 27.35
C VAL E 36 13.15 64.79 28.58
N GLY E 37 12.81 65.72 29.48
CA GLY E 37 12.17 65.35 30.73
C GLY E 37 10.86 64.62 30.54
N MET E 38 10.02 65.10 29.61
CA MET E 38 8.77 64.40 29.35
C MET E 38 9.02 63.01 28.75
N ALA E 39 10.11 62.82 27.99
CA ALA E 39 10.39 61.50 27.43
C ALA E 39 10.81 60.52 28.51
N CYS E 40 11.60 61.02 29.48
CA CYS E 40 11.90 60.23 30.67
C CYS E 40 10.63 59.88 31.41
N ALA E 41 9.74 60.87 31.58
CA ALA E 41 8.55 60.69 32.39
C ALA E 41 7.68 59.56 31.84
N ILE E 42 7.37 59.62 30.55
CA ILE E 42 6.48 58.61 29.99
C ILE E 42 7.21 57.26 29.92
N SER E 43 8.53 57.27 29.73
CA SER E 43 9.26 56.01 29.75
C SER E 43 9.19 55.35 31.11
N ILE E 44 9.26 56.15 32.18
CA ILE E 44 9.17 55.62 33.53
C ILE E 44 7.75 55.15 33.83
N LEU E 45 6.76 55.93 33.39
CA LEU E 45 5.36 55.57 33.61
C LEU E 45 5.05 54.23 32.97
N MET E 46 5.72 53.91 31.88
CA MET E 46 5.40 52.70 31.15
C MET E 46 6.24 51.51 31.58
N LYS E 47 7.29 51.72 32.35
CA LYS E 47 8.00 50.60 32.97
C LYS E 47 7.54 50.33 34.41
N ASP E 48 6.48 51.02 34.88
CA ASP E 48 5.97 50.90 36.26
C ASP E 48 7.09 50.96 37.30
N LEU E 49 7.96 51.97 37.21
CA LEU E 49 9.06 52.05 38.16
C LEU E 49 8.72 52.82 39.43
N ALA E 50 7.65 53.61 39.42
CA ALA E 50 7.31 54.47 40.55
C ALA E 50 5.83 54.39 40.89
N ASP E 51 5.54 54.48 42.19
CA ASP E 51 4.17 54.67 42.65
C ASP E 51 3.79 56.13 42.74
N GLU E 52 4.76 57.04 42.69
CA GLU E 52 4.48 58.46 42.66
C GLU E 52 5.47 59.13 41.72
N LEU E 53 4.96 59.95 40.79
CA LEU E 53 5.77 60.74 39.88
C LEU E 53 5.50 62.23 40.09
N ALA E 54 6.55 62.98 40.40
CA ALA E 54 6.50 64.43 40.55
C ALA E 54 7.20 65.06 39.35
N LEU E 55 6.56 66.05 38.73
CA LEU E 55 7.16 66.89 37.70
C LEU E 55 7.27 68.30 38.25
N VAL E 56 8.39 68.96 37.98
CA VAL E 56 8.64 70.32 38.45
C VAL E 56 9.37 71.07 37.36
N ASP E 57 8.87 72.26 37.01
CA ASP E 57 9.55 73.16 36.08
C ASP E 57 9.13 74.60 36.41
N VAL E 58 9.64 75.57 35.64
CA VAL E 58 9.43 76.97 35.96
C VAL E 58 8.29 77.64 35.16
N ILE E 59 7.92 77.10 33.99
CA ILE E 59 6.79 77.63 33.23
C ILE E 59 5.51 77.02 33.79
N GLU E 60 4.62 77.86 34.30
CA GLU E 60 3.53 77.37 35.13
C GLU E 60 2.51 76.57 34.32
N ASP E 61 2.10 77.10 33.19
CA ASP E 61 1.00 76.51 32.43
C ASP E 61 1.46 75.31 31.63
N LYS E 62 2.71 75.32 31.17
CA LYS E 62 3.28 74.12 30.56
C LYS E 62 3.35 72.97 31.58
N LEU E 63 3.77 73.26 32.81
CA LEU E 63 3.81 72.23 33.84
C LEU E 63 2.44 71.60 34.06
N LYS E 64 1.44 72.45 34.34
CA LYS E 64 0.10 71.95 34.60
C LYS E 64 -0.45 71.16 33.43
N GLY E 65 -0.17 71.61 32.21
CA GLY E 65 -0.69 70.93 31.03
C GLY E 65 -0.04 69.57 30.79
N GLU E 66 1.27 69.47 31.03
CA GLU E 66 1.92 68.17 30.90
C GLU E 66 1.45 67.24 32.00
N MET E 67 1.37 67.74 33.24
CA MET E 67 0.85 66.90 34.31
C MET E 67 -0.53 66.40 33.96
N MET E 68 -1.40 67.30 33.48
CA MET E 68 -2.77 66.92 33.19
C MET E 68 -2.84 65.87 32.10
N ASP E 69 -2.05 66.04 31.04
CA ASP E 69 -2.08 65.13 29.91
C ASP E 69 -1.70 63.71 30.35
N LEU E 70 -0.73 63.60 31.28
CA LEU E 70 -0.43 62.28 31.85
C LEU E 70 -1.56 61.79 32.75
N GLN E 71 -2.19 62.68 33.51
CA GLN E 71 -3.21 62.21 34.44
C GLN E 71 -4.38 61.62 33.68
N HIS E 72 -4.74 62.20 32.54
CA HIS E 72 -5.84 61.63 31.78
C HIS E 72 -5.50 60.22 31.29
N GLY E 73 -4.23 59.84 31.30
CA GLY E 73 -3.81 58.52 30.89
C GLY E 73 -3.80 57.48 31.99
N SER E 74 -4.22 57.87 33.21
CA SER E 74 -4.08 57.02 34.40
C SER E 74 -4.74 55.65 34.24
N LEU E 75 -5.79 55.54 33.44
CA LEU E 75 -6.46 54.26 33.31
C LEU E 75 -5.57 53.23 32.64
N PHE E 76 -4.63 53.68 31.81
CA PHE E 76 -3.75 52.81 31.06
C PHE E 76 -2.39 52.63 31.73
N LEU E 77 -2.24 53.07 32.98
CA LEU E 77 -0.97 53.03 33.67
C LEU E 77 -1.15 52.37 35.03
N ARG E 78 -0.05 52.30 35.76
CA ARG E 78 0.05 51.67 37.06
C ARG E 78 0.78 52.57 38.06
N THR E 79 0.71 53.88 37.83
CA THR E 79 1.35 54.84 38.73
C THR E 79 0.27 55.71 39.34
N PRO E 80 -0.11 55.48 40.60
CA PRO E 80 -1.39 56.04 41.09
C PRO E 80 -1.36 57.55 41.27
N LYS E 81 -0.23 58.15 41.58
CA LYS E 81 -0.15 59.57 41.84
C LYS E 81 0.82 60.24 40.86
N ILE E 82 0.32 61.20 40.10
CA ILE E 82 1.16 62.08 39.29
C ILE E 82 0.92 63.49 39.78
N VAL E 83 1.98 64.15 40.22
CA VAL E 83 1.91 65.48 40.82
C VAL E 83 2.87 66.44 40.11
N SER E 84 2.56 67.73 40.20
CA SER E 84 3.41 68.76 39.62
C SER E 84 3.33 70.00 40.49
N GLY E 85 4.28 70.91 40.28
CA GLY E 85 4.29 72.15 40.99
C GLY E 85 5.54 72.95 40.75
N LYS E 86 5.45 74.27 40.87
CA LYS E 86 6.67 75.07 40.76
C LYS E 86 7.43 75.06 42.08
N ASP E 87 6.74 74.86 43.20
CA ASP E 87 7.36 74.70 44.50
C ASP E 87 7.94 73.31 44.63
N TYR E 88 9.21 73.23 45.04
CA TYR E 88 9.80 71.93 45.25
C TYR E 88 9.18 71.15 46.38
N ASN E 89 8.10 71.52 47.07
CA ASN E 89 7.60 70.63 48.11
C ASN E 89 6.85 69.44 47.54
N VAL E 90 6.43 69.50 46.27
CA VAL E 90 5.87 68.32 45.63
C VAL E 90 6.93 67.23 45.39
N THR E 91 8.19 67.54 45.65
CA THR E 91 9.32 66.64 45.48
C THR E 91 9.57 65.76 46.71
N ALA E 92 8.91 66.05 47.83
CA ALA E 92 9.22 65.41 49.10
C ALA E 92 9.22 63.89 49.03
N ASN E 93 10.29 63.29 49.59
CA ASN E 93 10.41 61.84 49.80
C ASN E 93 10.63 61.09 48.48
N SER E 94 11.52 61.62 47.65
CA SER E 94 11.84 60.99 46.37
C SER E 94 12.98 60.00 46.55
N LYS E 95 12.82 58.79 45.99
CA LYS E 95 13.94 57.87 45.95
C LYS E 95 14.95 58.30 44.90
N LEU E 96 14.50 58.98 43.85
CA LEU E 96 15.33 59.28 42.69
C LEU E 96 14.86 60.58 42.06
N VAL E 97 15.77 61.53 41.89
CA VAL E 97 15.46 62.81 41.26
C VAL E 97 16.29 62.93 39.98
N ILE E 98 15.62 63.06 38.86
CA ILE E 98 16.24 63.20 37.55
C ILE E 98 16.20 64.67 37.16
N ILE E 99 17.35 65.25 36.85
CA ILE E 99 17.46 66.67 36.53
C ILE E 99 17.70 66.81 35.03
N THR E 100 16.71 67.34 34.32
CA THR E 100 16.89 67.67 32.91
C THR E 100 16.89 69.17 32.62
N ALA E 101 16.63 70.04 33.61
CA ALA E 101 16.54 71.48 33.33
C ALA E 101 17.93 72.10 33.23
N GLY E 102 17.95 73.36 32.83
CA GLY E 102 19.19 74.10 32.76
C GLY E 102 19.16 75.10 31.62
N ALA E 103 20.21 75.91 31.56
CA ALA E 103 20.31 76.91 30.51
C ALA E 103 20.91 76.28 29.27
N ARG E 104 20.54 76.82 28.11
CA ARG E 104 21.18 76.40 26.88
C ARG E 104 21.44 77.61 25.99
N GLN E 105 22.32 77.38 25.00
CA GLN E 105 23.15 78.41 24.41
C GLN E 105 22.36 79.61 23.91
N GLN E 106 22.94 80.79 24.07
CA GLN E 106 22.73 81.94 23.20
C GLN E 106 23.90 82.02 22.21
N GLU E 107 23.77 82.87 21.21
CA GLU E 107 24.83 83.00 20.23
C GLU E 107 25.90 83.96 20.71
N GLY E 108 27.16 83.57 20.52
CA GLY E 108 28.26 84.24 21.14
C GLY E 108 28.55 83.81 22.56
N GLU E 109 27.83 82.82 23.07
CA GLU E 109 28.08 82.36 24.43
C GLU E 109 29.43 81.65 24.51
N SER E 110 30.18 81.98 25.55
CA SER E 110 31.40 81.25 25.83
C SER E 110 31.08 79.94 26.56
N ARG E 111 32.00 78.97 26.46
CA ARG E 111 31.82 77.68 27.10
C ARG E 111 31.69 77.85 28.60
N LEU E 112 32.77 78.26 29.26
CA LEU E 112 32.70 78.71 30.65
C LEU E 112 32.02 80.07 30.67
N ASN E 113 30.73 80.08 31.01
CA ASN E 113 29.78 81.14 30.68
C ASN E 113 28.41 80.50 30.56
N LEU E 114 28.25 79.68 29.51
CA LEU E 114 27.14 78.74 29.45
C LEU E 114 27.11 77.88 30.70
N VAL E 115 28.27 77.34 31.09
CA VAL E 115 28.37 76.53 32.30
C VAL E 115 27.95 77.36 33.51
N GLN E 116 28.36 78.63 33.55
CA GLN E 116 28.09 79.43 34.73
C GLN E 116 26.61 79.73 34.88
N ARG E 117 25.95 80.13 33.80
CA ARG E 117 24.49 80.30 33.85
C ARG E 117 23.82 79.01 34.29
N ASN E 118 24.40 77.86 33.91
CA ASN E 118 23.88 76.58 34.37
C ASN E 118 24.25 76.32 35.83
N VAL E 119 25.37 76.84 36.31
CA VAL E 119 25.68 76.76 37.73
C VAL E 119 24.69 77.59 38.53
N ASN E 120 24.33 78.76 38.01
CA ASN E 120 23.40 79.63 38.72
C ASN E 120 22.03 78.99 38.83
N ILE E 121 21.58 78.33 37.77
CA ILE E 121 20.33 77.58 37.86
C ILE E 121 20.47 76.45 38.86
N PHE E 122 21.60 75.74 38.85
CA PHE E 122 21.71 74.57 39.70
C PHE E 122 21.84 74.92 41.17
N LYS E 123 22.27 76.15 41.50
CA LYS E 123 22.31 76.54 42.90
C LYS E 123 20.92 76.92 43.42
N PHE E 124 19.93 77.07 42.54
CA PHE E 124 18.53 77.12 43.00
C PHE E 124 17.88 75.74 43.06
N ILE E 125 18.18 74.85 42.10
CA ILE E 125 17.53 73.55 42.02
C ILE E 125 18.07 72.59 43.08
N ILE E 126 19.37 72.34 43.06
CA ILE E 126 19.95 71.30 43.92
C ILE E 126 19.60 71.48 45.40
N PRO E 127 19.71 72.67 45.98
CA PRO E 127 19.32 72.80 47.40
C PRO E 127 17.86 72.49 47.66
N ASN E 128 16.96 72.91 46.78
CA ASN E 128 15.55 72.62 47.03
C ASN E 128 15.26 71.13 46.91
N VAL E 129 15.96 70.45 45.99
CA VAL E 129 15.85 68.99 45.88
C VAL E 129 16.33 68.33 47.16
N VAL E 130 17.45 68.81 47.70
CA VAL E 130 18.00 68.20 48.92
C VAL E 130 17.18 68.58 50.15
N LYS E 131 16.52 69.74 50.12
CA LYS E 131 15.62 70.11 51.20
C LYS E 131 14.54 69.06 51.37
N TYR E 132 13.84 68.73 50.28
CA TYR E 132 12.62 67.94 50.39
C TYR E 132 12.84 66.44 50.21
N SER E 133 13.99 66.02 49.71
CA SER E 133 14.29 64.60 49.53
C SER E 133 15.77 64.40 49.84
N PRO E 134 16.14 64.36 51.14
CA PRO E 134 17.58 64.38 51.49
C PRO E 134 18.35 63.08 51.23
N ASN E 135 17.70 61.91 51.28
CA ASN E 135 18.38 60.63 51.06
C ASN E 135 18.16 60.07 49.66
N CYS E 136 18.03 60.92 48.66
CA CYS E 136 17.71 60.49 47.31
C CYS E 136 18.98 60.27 46.48
N LYS E 137 18.79 59.64 45.33
CA LYS E 137 19.82 59.55 44.31
C LYS E 137 19.60 60.66 43.28
N LEU E 138 20.68 61.30 42.87
CA LEU E 138 20.64 62.39 41.91
C LEU E 138 21.13 61.88 40.57
N LEU E 139 20.31 62.02 39.53
CA LEU E 139 20.64 61.62 38.16
C LEU E 139 20.67 62.85 37.30
N ILE E 140 21.85 63.29 36.91
CA ILE E 140 22.01 64.51 36.13
C ILE E 140 21.98 64.15 34.66
N VAL E 141 21.02 64.72 33.93
CA VAL E 141 20.93 64.50 32.49
C VAL E 141 21.17 65.79 31.72
N SER E 142 21.21 66.92 32.39
CA SER E 142 21.38 68.20 31.72
C SER E 142 22.78 68.32 31.15
N ASN E 143 22.88 68.89 29.95
CA ASN E 143 24.22 68.97 29.40
C ASN E 143 24.84 70.35 29.63
N PRO E 144 26.19 70.48 29.69
CA PRO E 144 27.25 69.46 29.61
C PRO E 144 27.30 68.58 30.86
N VAL E 145 27.04 67.28 30.69
CA VAL E 145 26.65 66.46 31.81
C VAL E 145 27.82 66.10 32.72
N ASP E 146 29.05 66.04 32.19
CA ASP E 146 30.19 65.67 33.03
C ASP E 146 30.55 66.79 33.99
N ILE E 147 30.34 68.04 33.59
CA ILE E 147 30.60 69.18 34.46
C ILE E 147 29.44 69.39 35.42
N LEU E 148 28.20 69.43 34.89
CA LEU E 148 27.03 69.67 35.74
C LEU E 148 26.83 68.56 36.77
N THR E 149 27.29 67.34 36.49
CA THR E 149 27.30 66.33 37.54
C THR E 149 28.28 66.70 38.65
N TYR E 150 29.40 67.32 38.30
CA TYR E 150 30.30 67.85 39.32
C TYR E 150 29.65 69.00 40.09
N VAL E 151 29.00 69.91 39.38
CA VAL E 151 28.31 71.04 40.02
C VAL E 151 27.20 70.53 40.93
N ALA E 152 26.42 69.56 40.44
CA ALA E 152 25.38 68.97 41.27
C ALA E 152 25.98 68.27 42.48
N TRP E 153 27.13 67.64 42.31
CA TRP E 153 27.79 66.98 43.43
C TRP E 153 28.27 68.00 44.46
N LYS E 154 28.77 69.15 44.02
CA LYS E 154 29.31 70.09 44.99
C LYS E 154 28.20 70.81 45.76
N ILE E 155 27.22 71.41 45.06
CA ILE E 155 26.11 72.03 45.75
C ILE E 155 25.38 71.03 46.63
N SER E 156 25.30 69.78 46.19
CA SER E 156 24.51 68.81 46.94
C SER E 156 25.17 68.42 48.27
N GLY E 157 26.50 68.25 48.29
CA GLY E 157 27.11 67.68 49.44
C GLY E 157 26.87 66.20 49.64
N PHE E 158 26.32 65.50 48.63
CA PHE E 158 26.03 64.07 48.70
C PHE E 158 27.30 63.24 48.53
N PRO E 159 27.36 62.08 49.17
CA PRO E 159 28.46 61.14 48.87
C PRO E 159 28.53 60.87 47.37
N LYS E 160 29.69 60.44 46.85
CA LYS E 160 29.80 60.33 45.40
C LYS E 160 28.92 59.21 44.84
N ASN E 161 28.56 58.21 45.64
CA ASN E 161 27.73 57.14 45.10
C ASN E 161 26.32 57.60 44.77
N ARG E 162 25.91 58.79 45.22
CA ARG E 162 24.54 59.25 45.05
C ARG E 162 24.41 60.39 44.04
N VAL E 163 25.44 60.65 43.25
CA VAL E 163 25.35 61.66 42.20
C VAL E 163 25.84 61.00 40.92
N ILE E 164 24.96 60.88 39.94
CA ILE E 164 25.18 60.10 38.72
C ILE E 164 24.90 61.00 37.53
N GLY E 165 25.73 60.89 36.50
CA GLY E 165 25.49 61.56 35.23
C GLY E 165 25.21 60.53 34.15
N SER E 166 24.13 60.77 33.39
CA SER E 166 23.78 59.85 32.31
C SER E 166 24.97 59.58 31.40
N GLY E 167 25.86 60.55 31.28
CA GLY E 167 27.17 60.29 30.70
C GLY E 167 27.08 59.74 29.30
N CYS E 168 27.69 58.57 29.11
CA CYS E 168 27.72 57.88 27.82
C CYS E 168 26.79 56.66 27.77
N ASN E 169 25.82 56.61 28.69
CA ASN E 169 24.82 55.54 28.72
C ASN E 169 24.09 55.43 27.38
N LEU E 170 23.62 56.55 26.84
CA LEU E 170 22.97 56.53 25.54
C LEU E 170 23.97 56.42 24.39
N ASP E 171 25.13 57.10 24.49
CA ASP E 171 26.18 56.93 23.49
C ASP E 171 26.51 55.46 23.26
N SER E 172 26.63 54.68 24.34
CA SER E 172 26.89 53.25 24.23
C SER E 172 25.71 52.50 23.65
N ALA E 173 24.48 52.96 23.93
CA ALA E 173 23.30 52.36 23.33
C ALA E 173 23.28 52.59 21.82
N ARG E 174 23.60 53.82 21.40
CA ARG E 174 23.68 54.14 19.98
C ARG E 174 24.76 53.32 19.28
N PHE E 175 25.93 53.20 19.91
CA PHE E 175 27.02 52.39 19.37
C PHE E 175 26.59 50.94 19.15
N ARG E 176 25.92 50.35 20.15
CA ARG E 176 25.47 48.96 20.01
C ARG E 176 24.41 48.83 18.91
N TYR E 177 23.52 49.82 18.79
CA TYR E 177 22.58 49.83 17.66
C TYR E 177 23.32 49.80 16.33
N LEU E 178 24.29 50.70 16.15
CA LEU E 178 25.05 50.74 14.89
C LEU E 178 25.82 49.44 14.68
N MET E 179 26.45 48.93 15.74
CA MET E 179 27.13 47.65 15.65
C MET E 179 26.18 46.59 15.14
N GLY E 180 24.93 46.64 15.59
CA GLY E 180 23.93 45.65 15.24
C GLY E 180 23.46 45.77 13.81
N GLU E 181 23.27 47.00 13.35
CA GLU E 181 22.94 47.20 11.93
C GLU E 181 24.09 46.71 11.04
N ARG E 182 25.32 46.81 11.51
CA ARG E 182 26.46 46.33 10.72
C ARG E 182 26.47 44.82 10.63
N LEU E 183 26.31 44.14 11.76
CA LEU E 183 26.46 42.70 11.82
C LEU E 183 25.15 41.95 11.64
N GLY E 184 24.02 42.65 11.50
CA GLY E 184 22.74 41.99 11.33
C GLY E 184 22.24 41.32 12.59
N VAL E 185 22.57 41.86 13.76
CA VAL E 185 22.32 41.23 15.04
C VAL E 185 21.64 42.26 15.93
N HIS E 186 20.71 41.81 16.76
CA HIS E 186 20.00 42.73 17.65
C HIS E 186 20.98 43.44 18.59
N PRO E 187 20.77 44.72 18.88
CA PRO E 187 21.67 45.43 19.80
C PRO E 187 21.89 44.73 21.14
N LEU E 188 20.86 44.10 21.70
CA LEU E 188 20.98 43.38 22.96
C LEU E 188 22.17 42.43 22.97
N SER E 189 22.52 41.86 21.83
CA SER E 189 23.56 40.86 21.72
C SER E 189 24.85 41.40 21.12
N CYS E 190 24.91 42.71 20.79
CA CYS E 190 26.14 43.39 20.38
C CYS E 190 26.72 44.19 21.54
N HIS E 191 27.95 43.87 21.93
CA HIS E 191 28.53 44.45 23.15
C HIS E 191 29.69 45.37 22.82
N GLY E 192 29.71 46.51 23.52
CA GLY E 192 30.67 47.56 23.23
C GLY E 192 30.43 48.77 24.12
N TRP E 193 31.48 49.54 24.41
CA TRP E 193 31.40 50.55 25.44
C TRP E 193 32.06 51.84 24.98
N VAL E 194 31.34 52.95 25.15
CA VAL E 194 31.86 54.29 24.90
C VAL E 194 32.01 54.98 26.24
N LEU E 195 33.19 55.50 26.51
CA LEU E 195 33.53 55.93 27.86
C LEU E 195 34.21 57.29 27.85
N GLY E 196 34.40 57.81 29.07
CA GLY E 196 35.05 59.10 29.23
C GLY E 196 34.13 60.28 29.17
N GLU E 197 34.58 61.35 28.51
CA GLU E 197 33.85 62.61 28.47
C GLU E 197 32.76 62.53 27.41
N HIS E 198 31.51 62.70 27.84
CA HIS E 198 30.35 62.63 26.97
C HIS E 198 30.43 63.69 25.88
N GLY E 199 30.63 63.29 24.64
CA GLY E 199 30.78 64.28 23.59
C GLY E 199 31.77 63.80 22.54
N ASP E 200 32.46 64.77 21.94
CA ASP E 200 33.34 64.45 20.81
C ASP E 200 34.64 63.77 21.23
N SER E 201 34.99 63.81 22.52
CA SER E 201 36.22 63.20 23.00
C SER E 201 35.99 61.88 23.71
N SER E 202 34.81 61.28 23.56
CA SER E 202 34.53 59.99 24.19
C SER E 202 35.31 58.90 23.46
N VAL E 203 35.67 57.85 24.21
CA VAL E 203 36.58 56.83 23.71
C VAL E 203 35.79 55.56 23.44
N PRO E 204 35.75 55.06 22.20
CA PRO E 204 35.21 53.72 21.94
C PRO E 204 36.24 52.67 22.31
N VAL E 205 35.92 51.84 23.29
CA VAL E 205 36.88 50.81 23.70
C VAL E 205 36.81 49.65 22.72
N TRP E 206 37.60 49.72 21.63
CA TRP E 206 37.62 48.61 20.68
C TRP E 206 37.99 47.30 21.35
N SER E 207 38.75 47.38 22.45
CA SER E 207 39.17 46.21 23.20
C SER E 207 37.99 45.29 23.53
N GLY E 208 36.83 45.86 23.82
CA GLY E 208 35.71 45.09 24.33
C GLY E 208 34.55 44.83 23.39
N MET E 209 34.64 45.18 22.11
CA MET E 209 33.55 44.90 21.19
C MET E 209 33.51 43.40 20.89
N ASN E 210 32.38 42.76 21.16
CA ASN E 210 32.26 41.35 20.87
C ASN E 210 30.81 40.98 20.60
N VAL E 211 30.63 39.82 20.00
CA VAL E 211 29.35 39.15 19.91
C VAL E 211 29.56 37.75 20.44
N ALA E 212 28.79 37.37 21.47
CA ALA E 212 28.93 36.06 22.10
C ALA E 212 30.32 35.86 22.70
N GLY E 213 30.99 36.94 23.08
CA GLY E 213 32.31 36.79 23.65
C GLY E 213 33.39 36.55 22.63
N VAL E 214 33.10 36.74 21.34
CA VAL E 214 34.09 36.63 20.27
C VAL E 214 34.63 38.03 20.02
N SER E 215 35.89 38.26 20.37
CA SER E 215 36.47 39.60 20.29
C SER E 215 36.55 40.05 18.84
N LEU E 216 35.93 41.19 18.54
CA LEU E 216 35.92 41.67 17.17
C LEU E 216 37.30 42.14 16.75
N LYS E 217 38.04 42.78 17.66
CA LYS E 217 39.37 43.27 17.34
C LYS E 217 40.38 42.13 17.17
N THR E 218 40.22 41.04 17.94
CA THR E 218 41.10 39.89 17.72
C THR E 218 40.89 39.28 16.34
N LEU E 219 39.62 39.18 15.90
CA LEU E 219 39.31 38.65 14.57
C LEU E 219 39.74 39.58 13.43
N HIS E 220 40.09 40.83 13.74
CA HIS E 220 40.21 41.89 12.76
C HIS E 220 41.08 43.00 13.33
N PRO E 221 42.41 42.80 13.36
CA PRO E 221 43.29 43.72 14.11
C PRO E 221 43.17 45.18 13.71
N ASP E 222 42.76 45.47 12.46
CA ASP E 222 42.64 46.87 12.01
C ASP E 222 41.40 47.58 12.57
N LEU E 223 40.66 46.92 13.46
CA LEU E 223 39.47 47.50 14.08
C LEU E 223 39.82 48.76 14.84
N GLY E 224 39.15 49.85 14.49
CA GLY E 224 39.37 51.11 15.18
C GLY E 224 40.66 51.83 14.84
N THR E 225 41.29 51.50 13.72
CA THR E 225 42.45 52.22 13.21
C THR E 225 42.12 52.80 11.85
N ASP E 226 43.08 53.49 11.24
CA ASP E 226 42.86 54.11 9.94
C ASP E 226 43.28 53.21 8.77
N LYS E 227 43.90 52.07 9.04
CA LYS E 227 44.10 51.03 8.03
C LYS E 227 42.85 50.18 7.83
N ASP E 228 41.81 50.38 8.64
CA ASP E 228 40.55 49.64 8.57
C ASP E 228 39.89 49.78 7.21
N LYS E 229 39.98 48.73 6.39
CA LYS E 229 39.23 48.73 5.14
C LYS E 229 37.73 48.79 5.41
N GLU E 230 37.28 48.29 6.56
CA GLU E 230 35.88 48.35 6.93
C GLU E 230 35.51 49.63 7.68
N GLN E 231 36.50 50.38 8.16
CA GLN E 231 36.29 51.74 8.68
C GLN E 231 35.41 51.74 9.93
N TRP E 232 35.76 50.90 10.90
CA TRP E 232 34.90 50.84 12.06
C TRP E 232 35.01 52.10 12.93
N LYS E 233 36.01 52.95 12.70
CA LYS E 233 36.05 54.22 13.41
C LYS E 233 34.82 55.07 13.07
N GLU E 234 34.25 54.88 11.88
CA GLU E 234 33.06 55.64 11.47
C GLU E 234 31.87 55.37 12.37
N VAL E 235 31.74 54.15 12.89
CA VAL E 235 30.70 53.88 13.86
C VAL E 235 30.83 54.81 15.06
N HIS E 236 32.06 55.03 15.55
CA HIS E 236 32.15 55.97 16.66
C HIS E 236 31.89 57.40 16.21
N LYS E 237 32.34 57.76 15.01
CA LYS E 237 32.06 59.10 14.49
C LYS E 237 30.56 59.31 14.33
N GLN E 238 29.81 58.26 14.04
CA GLN E 238 28.37 58.39 13.94
C GLN E 238 27.73 58.53 15.31
N VAL E 239 28.32 57.90 16.35
CA VAL E 239 27.81 58.04 17.70
C VAL E 239 27.89 59.50 18.14
N VAL E 240 29.06 60.10 18.00
CA VAL E 240 29.31 61.46 18.48
C VAL E 240 28.66 62.53 17.64
N GLU E 241 28.22 62.20 16.42
CA GLU E 241 27.53 63.13 15.55
C GLU E 241 26.04 62.83 15.42
N SER E 242 25.53 61.89 16.22
CA SER E 242 24.13 61.47 16.14
C SER E 242 23.19 62.52 16.73
N ALA E 243 23.51 63.02 17.93
CA ALA E 243 22.74 64.11 18.50
C ALA E 243 22.55 65.20 17.47
N TYR E 244 23.67 65.73 16.96
CA TYR E 244 23.62 66.81 15.97
C TYR E 244 22.77 66.42 14.76
N GLU E 245 22.89 65.15 14.31
CA GLU E 245 22.17 64.73 13.10
C GLU E 245 20.67 64.66 13.32
N VAL E 246 20.24 64.21 14.50
CA VAL E 246 18.80 64.17 14.79
C VAL E 246 18.28 65.58 15.05
N ILE E 247 19.07 66.40 15.76
CA ILE E 247 18.66 67.79 16.03
C ILE E 247 18.35 68.53 14.74
N LYS E 248 19.17 68.37 13.71
CA LYS E 248 18.94 69.16 12.53
C LYS E 248 17.82 68.59 11.66
N LEU E 249 17.31 67.40 11.97
CA LEU E 249 16.17 66.79 11.28
C LEU E 249 14.83 67.02 11.97
N LYS E 250 14.78 66.99 13.31
CA LYS E 250 13.53 67.18 14.04
C LYS E 250 13.59 68.25 15.12
N GLY E 251 14.74 68.90 15.33
CA GLY E 251 14.85 70.04 16.21
C GLY E 251 15.47 69.75 17.57
N TYR E 252 15.47 68.50 18.00
CA TYR E 252 15.87 68.09 19.35
C TYR E 252 15.95 66.57 19.35
N THR E 253 16.46 65.99 20.44
CA THR E 253 16.37 64.55 20.66
C THR E 253 15.55 64.30 21.91
N SER E 254 14.77 63.21 21.92
CA SER E 254 13.91 62.93 23.07
C SER E 254 13.75 61.43 23.40
N TRP E 255 13.30 60.64 22.44
CA TRP E 255 12.83 59.28 22.75
C TRP E 255 13.95 58.37 23.23
N ALA E 256 15.07 58.32 22.50
CA ALA E 256 16.19 57.47 22.89
C ALA E 256 16.70 57.85 24.28
N ILE E 257 16.98 59.13 24.51
CA ILE E 257 17.54 59.54 25.79
C ILE E 257 16.57 59.23 26.91
N GLY E 258 15.27 59.40 26.65
CA GLY E 258 14.29 59.04 27.67
C GLY E 258 14.25 57.55 27.96
N LEU E 259 14.30 56.71 26.92
CA LEU E 259 14.36 55.27 27.10
C LEU E 259 15.63 54.84 27.81
N SER E 260 16.76 55.48 27.48
CA SER E 260 18.01 55.16 28.17
C SER E 260 17.97 55.60 29.64
N VAL E 261 17.36 56.75 29.93
CA VAL E 261 17.28 57.18 31.33
C VAL E 261 16.36 56.25 32.12
N ALA E 262 15.23 55.85 31.54
CA ALA E 262 14.32 54.95 32.25
C ALA E 262 14.97 53.63 32.55
N ASP E 263 15.95 53.22 31.75
CA ASP E 263 16.70 52.00 32.03
C ASP E 263 17.66 52.21 33.18
N LEU E 264 18.25 53.40 33.30
CA LEU E 264 19.00 53.72 34.51
C LEU E 264 18.09 53.66 35.72
N ALA E 265 16.89 54.25 35.59
CA ALA E 265 15.93 54.26 36.70
C ALA E 265 15.60 52.85 37.15
N GLU E 266 15.45 51.91 36.20
CA GLU E 266 15.05 50.54 36.57
C GLU E 266 16.15 49.85 37.38
N SER E 267 17.41 50.05 37.00
CA SER E 267 18.50 49.49 37.79
C SER E 267 18.53 50.08 39.19
N ILE E 268 18.31 51.39 39.30
CA ILE E 268 18.34 52.01 40.62
C ILE E 268 17.11 51.62 41.44
N MET E 269 15.91 51.75 40.86
CA MET E 269 14.69 51.54 41.65
C MET E 269 14.56 50.10 42.10
N LYS E 270 14.97 49.15 41.27
CA LYS E 270 14.81 47.75 41.54
C LYS E 270 16.09 47.12 42.10
N ASN E 271 17.17 47.89 42.26
CA ASN E 271 18.38 47.41 42.95
C ASN E 271 19.03 46.27 42.17
N LEU E 272 19.07 46.42 40.84
CA LEU E 272 19.47 45.32 39.99
C LEU E 272 20.98 45.09 40.00
N ARG E 273 21.78 46.12 40.21
CA ARG E 273 23.24 46.00 40.13
C ARG E 273 23.67 45.54 38.73
N ARG E 274 23.06 46.15 37.72
CA ARG E 274 23.57 46.06 36.38
C ARG E 274 24.70 47.07 36.18
N VAL E 275 25.41 46.91 35.07
CA VAL E 275 26.54 47.76 34.74
C VAL E 275 26.11 48.73 33.67
N HIS E 276 26.30 50.02 33.92
CA HIS E 276 26.01 51.02 32.92
C HIS E 276 27.20 51.97 32.81
N PRO E 277 27.43 52.54 31.63
CA PRO E 277 28.48 53.54 31.52
C PRO E 277 27.98 54.93 31.90
N VAL E 278 28.01 55.26 33.19
CA VAL E 278 27.53 56.54 33.67
C VAL E 278 28.69 57.37 34.22
N SER E 279 28.45 58.65 34.42
CA SER E 279 29.47 59.59 34.84
C SER E 279 29.58 59.60 36.35
N THR E 280 30.74 59.18 36.88
CA THR E 280 30.99 59.19 38.32
C THR E 280 32.28 59.94 38.61
N MET E 281 32.48 60.26 39.89
CA MET E 281 33.68 60.96 40.33
C MET E 281 34.86 59.98 40.37
N ILE E 282 35.85 60.19 39.50
CA ILE E 282 36.83 59.17 39.16
C ILE E 282 38.26 59.56 39.54
N LYS E 283 38.45 60.65 40.29
CA LYS E 283 39.79 60.92 40.81
C LYS E 283 40.30 59.70 41.56
N GLY E 284 41.61 59.46 41.45
CA GLY E 284 42.20 58.24 41.98
C GLY E 284 42.13 57.06 41.04
N LEU E 285 41.99 57.31 39.73
CA LEU E 285 41.83 56.26 38.74
C LEU E 285 42.34 56.76 37.39
N TYR E 286 42.94 55.83 36.63
CA TYR E 286 43.49 56.06 35.29
C TYR E 286 44.40 57.28 35.22
N GLY E 287 44.94 57.73 36.36
CA GLY E 287 45.89 58.82 36.38
C GLY E 287 45.30 60.20 36.58
N ILE E 288 44.00 60.30 36.78
CA ILE E 288 43.35 61.59 36.97
C ILE E 288 43.43 61.94 38.45
N LYS E 289 43.83 63.18 38.74
CA LYS E 289 44.01 63.63 40.11
C LYS E 289 43.14 64.83 40.46
N ASP E 290 42.14 65.15 39.65
CA ASP E 290 41.19 66.24 39.91
C ASP E 290 39.77 65.71 40.10
N ASP E 291 38.92 66.53 40.72
CA ASP E 291 37.49 66.24 40.82
C ASP E 291 36.83 66.50 39.48
N VAL E 292 36.82 65.48 38.64
CA VAL E 292 36.02 65.48 37.42
C VAL E 292 35.26 64.17 37.36
N PHE E 293 34.16 64.20 36.64
CA PHE E 293 33.32 63.04 36.42
C PHE E 293 33.51 62.58 34.99
N LEU E 294 33.95 61.33 34.81
CA LEU E 294 33.99 60.69 33.51
C LEU E 294 33.15 59.41 33.54
N SER E 295 32.70 58.99 32.35
CA SER E 295 31.89 57.77 32.23
C SER E 295 32.76 56.52 32.24
N VAL E 296 32.42 55.57 33.11
CA VAL E 296 33.12 54.31 33.29
C VAL E 296 32.05 53.30 33.68
N PRO E 297 32.14 52.02 33.32
CA PRO E 297 31.07 51.09 33.67
C PRO E 297 30.85 50.96 35.18
N CYS E 298 29.75 51.52 35.66
CA CYS E 298 29.40 51.47 37.08
C CYS E 298 28.31 50.42 37.34
N ILE E 299 28.26 49.97 38.59
CA ILE E 299 27.25 49.03 39.07
C ILE E 299 26.17 49.84 39.79
N LEU E 300 24.96 49.89 39.21
CA LEU E 300 23.87 50.72 39.72
C LEU E 300 22.90 49.89 40.55
N GLY E 301 22.62 50.35 41.75
CA GLY E 301 21.63 49.71 42.60
C GLY E 301 20.87 50.72 43.40
N GLN E 302 20.41 50.35 44.61
CA GLN E 302 19.57 51.24 45.39
C GLN E 302 20.35 52.35 46.10
N ASN E 303 21.67 52.24 46.21
CA ASN E 303 22.50 53.29 46.75
C ASN E 303 23.16 54.13 45.67
N GLY E 304 22.83 53.87 44.41
CA GLY E 304 23.50 54.55 43.31
C GLY E 304 24.68 53.73 42.82
N ILE E 305 25.83 54.39 42.67
CA ILE E 305 27.03 53.74 42.14
C ILE E 305 27.73 53.04 43.29
N SER E 306 27.50 51.72 43.40
CA SER E 306 28.04 50.90 44.48
C SER E 306 29.48 50.50 44.23
N ASP E 307 29.82 50.26 42.97
CA ASP E 307 31.13 49.78 42.56
C ASP E 307 31.35 50.29 41.13
N LEU E 308 32.56 50.11 40.60
CA LEU E 308 32.75 50.30 39.16
C LEU E 308 33.75 49.29 38.62
N VAL E 309 33.76 49.16 37.30
CA VAL E 309 34.68 48.23 36.65
C VAL E 309 35.94 48.98 36.23
N LYS E 310 37.10 48.46 36.64
CA LYS E 310 38.39 48.98 36.21
C LYS E 310 38.67 48.39 34.84
N VAL E 311 38.13 49.04 33.81
CA VAL E 311 38.34 48.54 32.47
C VAL E 311 39.78 48.78 32.06
N THR E 312 40.41 47.74 31.54
CA THR E 312 41.80 47.81 31.10
C THR E 312 41.86 48.53 29.75
N LEU E 313 42.41 49.74 29.75
CA LEU E 313 42.48 50.61 28.59
C LEU E 313 43.87 50.58 27.98
N THR E 314 43.93 50.83 26.67
CA THR E 314 45.24 51.03 26.06
C THR E 314 45.85 52.34 26.53
N SER E 315 47.15 52.47 26.28
CA SER E 315 47.87 53.68 26.66
C SER E 315 47.27 54.92 26.01
N GLU E 316 46.82 54.81 24.77
CA GLU E 316 46.22 55.94 24.07
C GLU E 316 44.84 56.28 24.64
N GLU E 317 44.03 55.26 24.95
CA GLU E 317 42.73 55.50 25.56
C GLU E 317 42.87 56.12 26.94
N GLU E 318 43.76 55.56 27.77
CA GLU E 318 44.04 56.15 29.08
C GLU E 318 44.47 57.60 28.96
N ALA E 319 45.08 57.97 27.83
CA ALA E 319 45.48 59.35 27.60
C ALA E 319 44.26 60.24 27.41
N ARG E 320 43.39 59.86 26.47
CA ARG E 320 42.22 60.68 26.15
C ARG E 320 41.33 60.92 27.38
N LEU E 321 41.29 59.98 28.33
CA LEU E 321 40.63 60.27 29.60
C LEU E 321 41.32 61.41 30.32
N LYS E 322 42.66 61.38 30.38
CA LYS E 322 43.41 62.41 31.10
C LYS E 322 43.29 63.76 30.40
N LYS E 323 43.32 63.76 29.07
CA LYS E 323 43.14 65.02 28.34
C LYS E 323 41.74 65.60 28.55
N SER E 324 40.72 64.74 28.62
CA SER E 324 39.39 65.24 28.91
C SER E 324 39.29 65.65 30.38
N ALA E 325 39.87 64.86 31.27
CA ALA E 325 39.85 65.24 32.68
C ALA E 325 40.55 66.57 32.92
N ASP E 326 41.59 66.85 32.14
CA ASP E 326 42.29 68.13 32.27
C ASP E 326 41.42 69.27 31.78
N THR E 327 40.88 69.13 30.56
CA THR E 327 39.98 70.13 30.01
C THR E 327 38.79 70.40 30.94
N LEU E 328 38.28 69.37 31.61
CA LEU E 328 37.13 69.55 32.46
C LEU E 328 37.50 70.33 33.72
N TRP E 329 38.57 69.93 34.40
CA TRP E 329 38.96 70.65 35.62
C TRP E 329 39.33 72.09 35.31
N GLY E 330 39.74 72.38 34.07
CA GLY E 330 40.12 73.73 33.70
C GLY E 330 38.92 74.66 33.62
N ILE E 331 37.80 74.17 33.11
CA ILE E 331 36.56 74.94 33.18
C ILE E 331 36.05 75.02 34.61
N GLN E 332 36.24 73.96 35.41
CA GLN E 332 35.62 73.90 36.73
C GLN E 332 36.31 74.78 37.78
N LYS E 333 37.64 74.99 37.67
CA LYS E 333 38.34 75.82 38.64
C LYS E 333 37.82 77.25 38.63
N GLU E 334 37.53 77.78 37.44
CA GLU E 334 36.99 79.12 37.24
C GLU E 334 35.47 79.17 37.34
N LEU E 335 34.89 78.41 38.27
CA LEU E 335 33.45 78.31 38.43
C LEU E 335 33.06 78.94 39.76
N GLN E 336 32.14 79.88 39.70
CA GLN E 336 31.75 80.65 40.88
C GLN E 336 30.39 80.16 41.38
N PHE E 337 30.38 79.59 42.59
CA PHE E 337 29.12 79.39 43.32
C PHE E 337 29.26 79.51 44.84
N ALA F 7 37.13 38.24 2.66
CA ALA F 7 36.22 37.89 3.75
C ALA F 7 36.05 39.03 4.76
N THR F 8 34.83 39.53 4.90
CA THR F 8 34.57 40.63 5.82
C THR F 8 34.52 40.13 7.25
N LEU F 9 34.60 41.09 8.19
CA LEU F 9 34.45 40.77 9.60
C LEU F 9 33.08 40.14 9.88
N LYS F 10 32.03 40.65 9.22
CA LYS F 10 30.71 40.05 9.35
C LYS F 10 30.72 38.58 8.96
N ASP F 11 31.37 38.26 7.83
CA ASP F 11 31.40 36.89 7.34
C ASP F 11 32.35 36.00 8.12
N GLN F 12 33.46 36.55 8.63
CA GLN F 12 34.30 35.75 9.51
C GLN F 12 33.55 35.38 10.79
N LEU F 13 32.65 36.24 11.24
CA LEU F 13 31.99 36.11 12.54
C LEU F 13 30.67 35.34 12.46
N ILE F 14 29.92 35.49 11.37
CA ILE F 14 28.57 34.97 11.28
C ILE F 14 28.45 34.15 10.01
N TYR F 15 27.98 32.92 10.14
CA TYR F 15 27.67 32.08 9.00
C TYR F 15 26.17 32.15 8.74
N ASN F 16 25.81 32.44 7.49
CA ASN F 16 24.42 32.60 7.10
C ASN F 16 23.80 31.27 6.68
N LEU F 17 22.64 30.95 7.26
CA LEU F 17 21.89 29.75 6.93
C LEU F 17 20.83 29.99 5.88
N LEU F 18 20.23 31.18 5.85
CA LEU F 18 19.33 31.61 4.78
C LEU F 18 19.23 33.12 4.86
N LYS F 19 18.71 33.73 3.79
CA LYS F 19 18.52 35.17 3.78
C LYS F 19 17.07 35.58 3.58
N GLU F 20 16.23 34.67 3.09
CA GLU F 20 14.94 34.97 2.50
C GLU F 20 13.88 35.36 3.50
N GLU F 21 12.62 35.28 3.07
CA GLU F 21 11.44 35.11 3.91
C GLU F 21 11.14 36.31 4.81
N GLN F 22 10.74 37.42 4.20
CA GLN F 22 10.22 38.55 4.95
C GLN F 22 8.71 38.37 5.07
N THR F 23 7.95 39.32 4.51
CA THR F 23 6.53 39.51 4.83
C THR F 23 6.43 39.67 6.33
N PRO F 24 6.30 40.90 6.80
CA PRO F 24 6.19 41.12 8.24
C PRO F 24 4.92 40.47 8.78
N GLN F 25 5.00 40.01 10.02
CA GLN F 25 3.92 39.20 10.57
C GLN F 25 2.98 39.97 11.50
N ASN F 26 3.45 41.05 12.12
CA ASN F 26 2.66 41.85 13.05
C ASN F 26 3.06 43.31 12.88
N LYS F 27 2.86 43.84 11.68
CA LYS F 27 3.32 45.17 11.34
C LYS F 27 2.25 46.23 11.62
N ILE F 28 2.67 47.31 12.28
CA ILE F 28 1.83 48.48 12.53
C ILE F 28 2.44 49.68 11.81
N THR F 29 1.59 50.44 11.14
CA THR F 29 1.96 51.73 10.57
C THR F 29 1.28 52.84 11.36
N VAL F 30 2.04 53.88 11.68
CA VAL F 30 1.51 55.14 12.19
C VAL F 30 1.68 56.20 11.10
N VAL F 31 0.56 56.75 10.60
CA VAL F 31 0.57 57.85 9.64
C VAL F 31 0.49 59.18 10.40
N GLY F 32 1.40 60.10 10.10
CA GLY F 32 1.53 61.35 10.84
C GLY F 32 2.52 61.28 11.99
N VAL F 33 3.47 62.20 12.07
CA VAL F 33 4.47 62.21 13.13
C VAL F 33 4.45 63.52 13.92
N GLY F 34 3.30 64.16 14.00
CA GLY F 34 3.07 65.18 15.01
C GLY F 34 3.05 64.55 16.40
N ALA F 35 2.80 65.39 17.40
CA ALA F 35 2.89 64.93 18.79
C ALA F 35 1.97 63.76 19.06
N VAL F 36 0.80 63.70 18.44
CA VAL F 36 -0.08 62.59 18.75
C VAL F 36 0.43 61.32 18.06
N GLY F 37 0.80 61.42 16.79
CA GLY F 37 1.37 60.28 16.11
C GLY F 37 2.56 59.70 16.85
N MET F 38 3.49 60.57 17.28
CA MET F 38 4.65 60.05 17.97
C MET F 38 4.30 59.52 19.35
N ALA F 39 3.19 59.98 19.94
CA ALA F 39 2.81 59.42 21.24
C ALA F 39 2.25 58.01 21.07
N CYS F 40 1.45 57.80 20.00
CA CYS F 40 1.01 56.47 19.60
C CYS F 40 2.20 55.53 19.42
N ALA F 41 3.23 56.00 18.72
CA ALA F 41 4.38 55.17 18.41
C ALA F 41 5.14 54.73 19.67
N ILE F 42 5.51 55.68 20.53
CA ILE F 42 6.26 55.30 21.73
C ILE F 42 5.39 54.41 22.61
N SER F 43 4.08 54.65 22.64
CA SER F 43 3.21 53.79 23.46
C SER F 43 3.14 52.37 22.88
N ILE F 44 2.99 52.26 21.56
CA ILE F 44 2.97 50.94 20.94
C ILE F 44 4.32 50.25 21.12
N LEU F 45 5.41 50.99 20.98
CA LEU F 45 6.74 50.40 21.14
C LEU F 45 6.96 49.86 22.54
N MET F 46 6.45 50.54 23.56
CA MET F 46 6.70 50.13 24.93
C MET F 46 5.73 49.07 25.42
N LYS F 47 4.73 48.73 24.63
CA LYS F 47 3.79 47.66 24.92
C LYS F 47 4.03 46.42 24.06
N ASP F 48 5.15 46.35 23.33
CA ASP F 48 5.60 45.17 22.57
C ASP F 48 4.50 44.62 21.64
N LEU F 49 3.76 45.52 20.99
CA LEU F 49 2.61 45.14 20.19
C LEU F 49 2.94 44.85 18.73
N ALA F 50 4.15 45.17 18.26
CA ALA F 50 4.48 45.02 16.86
C ALA F 50 5.89 44.51 16.69
N ASP F 51 6.08 43.67 15.67
CA ASP F 51 7.43 43.30 15.28
C ASP F 51 8.02 44.23 14.22
N GLU F 52 7.18 44.92 13.45
CA GLU F 52 7.62 45.99 12.56
C GLU F 52 6.77 47.23 12.78
N LEU F 53 7.41 48.40 12.89
CA LEU F 53 6.72 49.68 12.96
C LEU F 53 7.20 50.55 11.80
N ALA F 54 6.24 51.12 11.06
CA ALA F 54 6.55 52.07 9.99
C ALA F 54 5.90 53.42 10.27
N LEU F 55 6.67 54.49 10.06
CA LEU F 55 6.17 55.86 10.06
C LEU F 55 6.12 56.40 8.64
N VAL F 56 5.04 57.11 8.30
CA VAL F 56 4.95 57.87 7.06
C VAL F 56 4.28 59.22 7.33
N ASP F 57 4.82 60.27 6.71
CA ASP F 57 4.27 61.61 6.71
C ASP F 57 4.75 62.30 5.44
N VAL F 58 4.38 63.56 5.26
CA VAL F 58 4.85 64.31 4.09
C VAL F 58 6.02 65.20 4.50
N ILE F 59 6.11 65.60 5.76
CA ILE F 59 7.24 66.43 6.16
C ILE F 59 8.42 65.48 6.32
N GLU F 60 9.38 65.57 5.40
CA GLU F 60 10.40 64.54 5.26
C GLU F 60 11.53 64.68 6.27
N ASP F 61 11.89 65.90 6.64
CA ASP F 61 12.95 66.08 7.63
C ASP F 61 12.53 65.47 8.97
N LYS F 62 11.37 65.90 9.48
CA LYS F 62 10.91 65.48 10.80
C LYS F 62 10.63 63.97 10.83
N LEU F 63 10.10 63.44 9.73
CA LEU F 63 9.79 62.02 9.62
C LEU F 63 11.04 61.16 9.85
N LYS F 64 12.16 61.56 9.26
CA LYS F 64 13.37 60.76 9.35
C LYS F 64 14.06 60.97 10.69
N GLY F 65 13.93 62.16 11.27
CA GLY F 65 14.51 62.40 12.58
C GLY F 65 13.80 61.67 13.71
N GLU F 66 12.48 61.53 13.60
CA GLU F 66 11.78 60.75 14.61
C GLU F 66 12.17 59.28 14.52
N MET F 67 12.18 58.72 13.32
CA MET F 67 12.63 57.34 13.13
C MET F 67 14.00 57.11 13.74
N MET F 68 14.99 57.92 13.33
CA MET F 68 16.32 57.79 13.89
C MET F 68 16.29 57.87 15.41
N ASP F 69 15.52 58.82 15.97
CA ASP F 69 15.44 58.93 17.41
C ASP F 69 14.88 57.65 18.04
N LEU F 70 13.83 57.08 17.45
CA LEU F 70 13.33 55.81 17.97
C LEU F 70 14.39 54.72 17.81
N GLN F 71 15.02 54.65 16.63
CA GLN F 71 16.02 53.61 16.39
C GLN F 71 17.14 53.65 17.41
N HIS F 72 17.56 54.85 17.85
CA HIS F 72 18.62 54.89 18.84
C HIS F 72 18.20 54.32 20.19
N GLY F 73 16.91 54.11 20.41
CA GLY F 73 16.47 53.43 21.59
C GLY F 73 16.24 51.94 21.44
N SER F 74 16.69 51.33 20.33
CA SER F 74 16.38 49.92 20.03
C SER F 74 16.80 48.98 21.16
N LEU F 75 17.88 49.31 21.86
CA LEU F 75 18.38 48.45 22.93
C LEU F 75 17.33 48.23 24.01
N PHE F 76 16.43 49.20 24.23
CA PHE F 76 15.47 49.13 25.31
C PHE F 76 14.07 48.69 24.86
N LEU F 77 13.86 48.51 23.56
CA LEU F 77 12.60 48.02 23.04
C LEU F 77 12.74 46.57 22.59
N ARG F 78 11.63 45.99 22.17
CA ARG F 78 11.58 44.66 21.59
C ARG F 78 10.89 44.67 20.22
N THR F 79 10.96 45.79 19.51
CA THR F 79 10.38 45.91 18.17
C THR F 79 11.52 46.09 17.19
N PRO F 80 12.02 45.01 16.58
CA PRO F 80 13.36 45.05 15.96
C PRO F 80 13.47 45.81 14.64
N LYS F 81 12.37 46.26 14.03
CA LYS F 81 12.42 46.94 12.72
C LYS F 81 11.57 48.20 12.75
N ILE F 82 12.22 49.34 12.79
CA ILE F 82 11.57 50.65 12.70
C ILE F 82 11.99 51.27 11.38
N VAL F 83 11.03 51.54 10.50
CA VAL F 83 11.30 52.17 9.21
C VAL F 83 10.39 53.38 8.98
N SER F 84 10.76 54.19 7.99
CA SER F 84 10.02 55.40 7.68
C SER F 84 10.28 55.83 6.25
N GLY F 85 9.34 56.59 5.71
CA GLY F 85 9.55 57.24 4.41
C GLY F 85 8.27 57.93 3.98
N LYS F 86 8.42 58.83 3.00
CA LYS F 86 7.24 59.47 2.41
C LYS F 86 6.54 58.58 1.41
N ASP F 87 7.21 57.57 0.88
CA ASP F 87 6.56 56.62 0.01
C ASP F 87 5.83 55.60 0.87
N TYR F 88 4.56 55.36 0.55
CA TYR F 88 3.72 54.45 1.32
C TYR F 88 4.09 52.98 1.09
N ASN F 89 5.12 52.68 0.30
CA ASN F 89 5.48 51.29 0.16
C ASN F 89 6.19 50.76 1.41
N VAL F 90 6.72 51.64 2.26
CA VAL F 90 7.24 51.24 3.57
C VAL F 90 6.12 50.79 4.50
N THR F 91 4.87 50.99 4.07
CA THR F 91 3.62 50.68 4.76
C THR F 91 3.15 49.25 4.50
N ALA F 92 3.82 48.55 3.59
CA ALA F 92 3.24 47.38 2.94
C ALA F 92 3.00 46.24 3.93
N ASN F 93 1.84 45.60 3.80
CA ASN F 93 1.47 44.44 4.62
C ASN F 93 1.42 44.79 6.09
N SER F 94 0.74 45.89 6.41
CA SER F 94 0.45 46.22 7.80
C SER F 94 -0.81 45.47 8.27
N LYS F 95 -0.76 44.96 9.50
CA LYS F 95 -1.96 44.47 10.15
C LYS F 95 -2.87 45.61 10.57
N LEU F 96 -2.30 46.76 10.93
CA LEU F 96 -3.03 47.87 11.52
C LEU F 96 -2.34 49.16 11.12
N VAL F 97 -3.11 50.09 10.54
CA VAL F 97 -2.60 51.39 10.12
C VAL F 97 -3.33 52.44 10.94
N ILE F 98 -2.57 53.19 11.73
CA ILE F 98 -3.11 54.22 12.62
C ILE F 98 -2.88 55.60 11.98
N ILE F 99 -3.98 56.24 11.58
CA ILE F 99 -3.94 57.54 10.92
C ILE F 99 -4.06 58.64 11.96
N THR F 100 -3.03 59.48 12.04
CA THR F 100 -3.04 60.62 12.95
C THR F 100 -2.74 61.94 12.27
N ALA F 101 -2.37 61.94 10.99
CA ALA F 101 -1.99 63.16 10.29
C ALA F 101 -3.20 64.08 10.08
N GLY F 102 -2.90 65.36 9.88
CA GLY F 102 -3.91 66.34 9.59
C GLY F 102 -3.81 67.53 10.50
N ALA F 103 -4.69 68.49 10.26
CA ALA F 103 -4.73 69.67 11.11
C ALA F 103 -5.28 69.29 12.48
N ARG F 104 -4.71 69.90 13.51
CA ARG F 104 -5.14 69.77 14.90
C ARG F 104 -5.84 71.05 15.36
N GLN F 105 -6.62 70.92 16.43
CA GLN F 105 -7.29 72.09 16.99
C GLN F 105 -6.30 73.04 17.68
N GLN F 106 -6.47 74.34 17.43
CA GLN F 106 -5.80 75.39 18.17
C GLN F 106 -6.66 75.82 19.35
N GLU F 107 -6.15 76.74 20.18
CA GLU F 107 -6.89 77.26 21.32
C GLU F 107 -8.33 77.59 20.94
N GLY F 108 -9.29 76.95 21.63
CA GLY F 108 -10.69 77.24 21.47
C GLY F 108 -11.39 76.62 20.29
N GLU F 109 -10.72 75.81 19.48
CA GLU F 109 -11.26 75.39 18.19
C GLU F 109 -11.98 74.05 18.32
N SER F 110 -13.21 73.99 17.82
CA SER F 110 -13.92 72.73 17.74
C SER F 110 -13.25 71.78 16.75
N ARG F 111 -13.26 70.49 17.07
CA ARG F 111 -12.80 69.46 16.14
C ARG F 111 -13.61 69.46 14.85
N LEU F 112 -14.89 69.81 14.92
CA LEU F 112 -15.70 69.94 13.73
C LEU F 112 -15.23 71.07 12.81
N ASN F 113 -14.37 71.97 13.29
CA ASN F 113 -13.85 73.02 12.43
C ASN F 113 -12.69 72.56 11.56
N LEU F 114 -12.22 71.33 11.75
CA LEU F 114 -11.11 70.78 10.99
C LEU F 114 -11.53 69.95 9.81
N VAL F 115 -12.84 69.78 9.60
CA VAL F 115 -13.30 68.68 8.75
C VAL F 115 -12.91 68.91 7.29
N GLN F 116 -13.10 70.14 6.76
CA GLN F 116 -12.83 70.34 5.33
C GLN F 116 -11.34 70.17 5.03
N ARG F 117 -10.46 70.64 5.92
CA ARG F 117 -9.03 70.51 5.71
C ARG F 117 -8.60 69.05 5.77
N ASN F 118 -9.07 68.31 6.79
CA ASN F 118 -8.63 66.94 6.96
C ASN F 118 -9.35 65.97 6.04
N VAL F 119 -10.46 66.37 5.41
CA VAL F 119 -11.06 65.49 4.41
C VAL F 119 -10.19 65.47 3.16
N ASN F 120 -9.69 66.63 2.75
CA ASN F 120 -8.73 66.67 1.65
C ASN F 120 -7.49 65.85 1.97
N ILE F 121 -6.97 65.97 3.19
CA ILE F 121 -5.79 65.20 3.58
C ILE F 121 -6.09 63.72 3.46
N PHE F 122 -7.25 63.29 4.00
CA PHE F 122 -7.63 61.87 3.95
C PHE F 122 -7.78 61.39 2.51
N LYS F 123 -8.26 62.25 1.61
CA LYS F 123 -8.39 61.88 0.19
C LYS F 123 -7.04 61.52 -0.43
N PHE F 124 -5.95 61.96 0.16
CA PHE F 124 -4.60 61.56 -0.24
C PHE F 124 -4.13 60.32 0.51
N ILE F 125 -4.41 60.25 1.81
CA ILE F 125 -3.79 59.23 2.65
C ILE F 125 -4.44 57.87 2.45
N ILE F 126 -5.76 57.80 2.50
CA ILE F 126 -6.44 56.49 2.46
C ILE F 126 -6.12 55.72 1.18
N PRO F 127 -6.29 56.27 -0.03
CA PRO F 127 -5.98 55.46 -1.22
C PRO F 127 -4.57 54.90 -1.21
N ASN F 128 -3.63 55.57 -0.57
CA ASN F 128 -2.27 55.04 -0.49
C ASN F 128 -2.17 53.92 0.54
N VAL F 129 -2.80 54.09 1.71
CA VAL F 129 -2.74 53.06 2.74
C VAL F 129 -3.31 51.76 2.19
N VAL F 130 -4.40 51.86 1.45
CA VAL F 130 -5.15 50.73 0.88
C VAL F 130 -4.40 50.07 -0.28
N LYS F 131 -3.60 50.86 -1.02
CA LYS F 131 -2.75 50.30 -2.05
C LYS F 131 -1.84 49.22 -1.46
N TYR F 132 -1.17 49.53 -0.36
CA TYR F 132 -0.10 48.67 0.12
C TYR F 132 -0.47 47.79 1.31
N SER F 133 -1.66 47.95 1.89
CA SER F 133 -2.11 47.06 2.97
C SER F 133 -3.60 46.88 2.83
N PRO F 134 -4.04 46.14 1.79
CA PRO F 134 -5.48 46.00 1.53
C PRO F 134 -6.22 45.16 2.54
N ASN F 135 -5.52 44.50 3.47
CA ASN F 135 -6.17 43.66 4.46
C ASN F 135 -6.01 44.22 5.87
N CYS F 136 -5.46 45.42 6.02
CA CYS F 136 -5.25 46.01 7.33
C CYS F 136 -6.57 46.39 7.98
N LYS F 137 -6.50 46.65 9.29
CA LYS F 137 -7.49 47.43 10.02
C LYS F 137 -7.05 48.89 9.99
N LEU F 138 -7.98 49.79 9.65
CA LEU F 138 -7.77 51.22 9.75
C LEU F 138 -8.20 51.72 11.13
N LEU F 139 -7.30 52.39 11.85
CA LEU F 139 -7.66 53.02 13.13
C LEU F 139 -7.48 54.52 13.01
N ILE F 140 -8.59 55.26 13.01
CA ILE F 140 -8.59 56.69 12.75
C ILE F 140 -8.51 57.45 14.07
N VAL F 141 -7.52 58.33 14.15
CA VAL F 141 -7.27 59.17 15.33
C VAL F 141 -7.33 60.65 15.00
N SER F 142 -7.29 61.03 13.72
CA SER F 142 -7.35 62.43 13.32
C SER F 142 -8.74 63.00 13.57
N ASN F 143 -8.80 64.35 13.90
CA ASN F 143 -10.11 64.90 14.25
C ASN F 143 -10.76 65.62 13.07
N PRO F 144 -12.09 65.71 13.04
CA PRO F 144 -13.01 65.06 13.98
C PRO F 144 -13.14 63.56 13.70
N VAL F 145 -12.82 62.74 14.71
CA VAL F 145 -12.61 61.32 14.51
C VAL F 145 -13.87 60.62 13.96
N ASP F 146 -15.07 60.97 14.44
CA ASP F 146 -16.27 60.27 14.02
C ASP F 146 -16.55 60.50 12.53
N ILE F 147 -16.50 61.74 12.07
CA ILE F 147 -16.74 61.99 10.64
C ILE F 147 -15.61 61.39 9.80
N LEU F 148 -14.38 61.50 10.27
CA LEU F 148 -13.27 61.01 9.48
C LEU F 148 -13.26 59.48 9.38
N THR F 149 -13.77 58.76 10.40
CA THR F 149 -13.93 57.32 10.26
C THR F 149 -14.87 57.00 9.11
N TYR F 150 -15.96 57.77 8.99
CA TYR F 150 -16.87 57.65 7.85
C TYR F 150 -16.14 57.85 6.53
N VAL F 151 -15.35 58.92 6.44
CA VAL F 151 -14.60 59.19 5.21
C VAL F 151 -13.71 58.01 4.86
N ALA F 152 -12.93 57.51 5.84
CA ALA F 152 -12.02 56.41 5.56
C ALA F 152 -12.79 55.16 5.16
N TRP F 153 -13.99 54.98 5.69
CA TRP F 153 -14.81 53.85 5.27
C TRP F 153 -15.23 53.99 3.81
N LYS F 154 -15.81 55.15 3.45
CA LYS F 154 -16.33 55.31 2.09
C LYS F 154 -15.20 55.39 1.07
N ILE F 155 -14.05 55.95 1.45
CA ILE F 155 -12.94 56.03 0.50
C ILE F 155 -12.30 54.66 0.29
N SER F 156 -11.86 54.03 1.38
CA SER F 156 -11.11 52.78 1.26
C SER F 156 -11.92 51.68 0.59
N GLY F 157 -13.24 51.67 0.79
CA GLY F 157 -14.02 50.52 0.41
C GLY F 157 -13.97 49.36 1.40
N PHE F 158 -13.44 49.56 2.60
CA PHE F 158 -13.37 48.43 3.49
C PHE F 158 -14.75 48.10 4.07
N PRO F 159 -14.99 46.84 4.40
CA PRO F 159 -16.11 46.51 5.29
C PRO F 159 -16.02 47.33 6.58
N LYS F 160 -17.19 47.64 7.15
CA LYS F 160 -17.19 48.56 8.29
C LYS F 160 -16.40 48.02 9.48
N ASN F 161 -16.27 46.69 9.61
CA ASN F 161 -15.61 46.15 10.79
C ASN F 161 -14.11 46.44 10.81
N ARG F 162 -13.54 46.84 9.66
CA ARG F 162 -12.12 47.11 9.54
C ARG F 162 -11.80 48.61 9.52
N VAL F 163 -12.74 49.46 9.89
CA VAL F 163 -12.52 50.91 9.94
C VAL F 163 -13.04 51.38 11.28
N ILE F 164 -12.13 51.68 12.20
CA ILE F 164 -12.48 51.99 13.59
C ILE F 164 -11.98 53.39 13.90
N GLY F 165 -12.79 54.15 14.63
CA GLY F 165 -12.40 55.45 15.13
C GLY F 165 -12.10 55.36 16.61
N SER F 166 -10.96 55.95 17.01
CA SER F 166 -10.54 55.89 18.42
C SER F 166 -11.61 56.42 19.34
N GLY F 167 -12.44 57.36 18.84
CA GLY F 167 -13.75 57.58 19.42
C GLY F 167 -13.70 58.21 20.80
N CYS F 168 -14.57 57.74 21.70
CA CYS F 168 -14.59 58.16 23.10
C CYS F 168 -13.88 57.19 24.04
N ASN F 169 -12.97 56.37 23.53
CA ASN F 169 -12.08 55.61 24.41
C ASN F 169 -11.39 56.53 25.40
N LEU F 170 -10.85 57.64 24.91
CA LEU F 170 -10.14 58.54 25.80
C LEU F 170 -11.12 59.31 26.69
N ASP F 171 -12.30 59.67 26.15
CA ASP F 171 -13.25 60.44 26.95
C ASP F 171 -13.74 59.63 28.15
N SER F 172 -14.00 58.33 27.94
CA SER F 172 -14.33 57.43 29.04
C SER F 172 -13.17 57.27 30.01
N ALA F 173 -11.94 57.20 29.49
CA ALA F 173 -10.77 57.13 30.36
C ALA F 173 -10.63 58.37 31.24
N ARG F 174 -10.83 59.57 30.66
CA ARG F 174 -10.86 60.79 31.45
C ARG F 174 -11.99 60.74 32.47
N PHE F 175 -13.19 60.36 32.03
CA PHE F 175 -14.33 60.21 32.92
C PHE F 175 -14.00 59.31 34.10
N ARG F 176 -13.37 58.17 33.84
CA ARG F 176 -13.05 57.24 34.92
C ARG F 176 -11.93 57.76 35.79
N TYR F 177 -11.01 58.54 35.21
CA TYR F 177 -9.99 59.22 36.01
C TYR F 177 -10.63 60.18 37.02
N LEU F 178 -11.50 61.07 36.53
CA LEU F 178 -12.16 62.04 37.38
C LEU F 178 -13.08 61.35 38.38
N MET F 179 -13.79 60.31 37.93
CA MET F 179 -14.60 59.50 38.84
C MET F 179 -13.76 59.01 40.02
N GLY F 180 -12.63 58.34 39.72
CA GLY F 180 -11.79 57.84 40.77
C GLY F 180 -11.19 58.92 41.64
N GLU F 181 -10.93 60.10 41.06
CA GLU F 181 -10.42 61.20 41.86
C GLU F 181 -11.41 61.58 42.96
N ARG F 182 -12.71 61.63 42.62
CA ARG F 182 -13.72 61.96 43.63
C ARG F 182 -13.93 60.84 44.65
N LEU F 183 -13.79 59.58 44.24
CA LEU F 183 -14.15 58.45 45.11
C LEU F 183 -12.96 57.87 45.87
N GLY F 184 -11.73 58.21 45.49
CA GLY F 184 -10.56 57.68 46.19
C GLY F 184 -10.20 56.26 45.77
N VAL F 185 -10.45 55.92 44.51
CA VAL F 185 -10.33 54.59 43.95
C VAL F 185 -9.61 54.72 42.62
N HIS F 186 -8.90 53.66 42.21
CA HIS F 186 -8.18 53.72 40.96
C HIS F 186 -9.16 53.67 39.79
N PRO F 187 -8.88 54.40 38.68
CA PRO F 187 -9.79 54.37 37.53
C PRO F 187 -10.11 52.98 37.02
N LEU F 188 -9.22 52.01 37.27
CA LEU F 188 -9.51 50.64 36.82
C LEU F 188 -10.76 50.08 37.49
N SER F 189 -11.07 50.54 38.70
CA SER F 189 -12.25 50.07 39.42
C SER F 189 -13.44 51.02 39.34
N CYS F 190 -13.33 52.14 38.61
CA CYS F 190 -14.44 53.08 38.42
C CYS F 190 -15.00 52.93 37.02
N HIS F 191 -16.26 52.51 36.93
CA HIS F 191 -16.87 52.15 35.67
C HIS F 191 -17.90 53.19 35.25
N GLY F 192 -17.96 53.45 33.95
CA GLY F 192 -18.81 54.50 33.43
C GLY F 192 -18.39 54.91 32.04
N TRP F 193 -19.37 55.19 31.17
CA TRP F 193 -19.16 55.33 29.74
C TRP F 193 -19.61 56.69 29.22
N VAL F 194 -18.78 57.27 28.34
CA VAL F 194 -19.10 58.45 27.56
C VAL F 194 -19.21 58.00 26.12
N LEU F 195 -20.36 58.23 25.50
CA LEU F 195 -20.63 57.76 24.14
C LEU F 195 -20.93 58.93 23.20
N GLY F 196 -21.13 58.59 21.91
CA GLY F 196 -21.43 59.57 20.88
C GLY F 196 -20.24 60.29 20.26
N GLU F 197 -20.39 61.59 19.97
CA GLU F 197 -19.31 62.37 19.36
C GLU F 197 -18.12 62.45 20.31
N HIS F 198 -16.91 62.30 19.78
CA HIS F 198 -15.74 62.64 20.58
C HIS F 198 -15.66 64.16 20.46
N GLY F 199 -16.23 64.85 21.42
CA GLY F 199 -16.32 66.30 21.34
C GLY F 199 -17.45 66.83 22.21
N ASP F 200 -17.91 68.03 21.84
CA ASP F 200 -18.85 68.76 22.69
C ASP F 200 -20.18 68.03 22.84
N SER F 201 -20.51 67.12 21.93
CA SER F 201 -21.77 66.40 21.96
C SER F 201 -21.71 65.08 22.77
N SER F 202 -20.60 64.81 23.48
CA SER F 202 -20.46 63.65 24.36
C SER F 202 -21.75 63.35 25.10
N VAL F 203 -22.02 62.09 25.42
CA VAL F 203 -23.16 61.70 26.22
C VAL F 203 -22.65 60.85 27.38
N PRO F 204 -22.81 61.29 28.64
CA PRO F 204 -22.45 60.42 29.76
C PRO F 204 -23.62 59.55 30.15
N VAL F 205 -23.43 58.23 30.16
CA VAL F 205 -24.49 57.28 30.50
C VAL F 205 -24.44 57.08 32.02
N TRP F 206 -25.15 57.94 32.76
CA TRP F 206 -25.14 57.86 34.21
C TRP F 206 -25.72 56.56 34.72
N SER F 207 -26.57 55.89 33.94
CA SER F 207 -27.18 54.65 34.42
C SER F 207 -26.18 53.49 34.52
N GLY F 208 -25.01 53.60 33.89
CA GLY F 208 -23.99 52.56 33.99
C GLY F 208 -22.89 52.85 34.98
N MET F 209 -22.82 54.09 35.46
CA MET F 209 -21.82 54.44 36.45
C MET F 209 -21.95 53.60 37.70
N ASN F 210 -20.88 52.89 38.03
CA ASN F 210 -20.90 51.98 39.17
C ASN F 210 -19.49 51.75 39.67
N VAL F 211 -19.40 51.34 40.94
CA VAL F 211 -18.21 50.72 41.49
C VAL F 211 -18.62 49.37 42.06
N ALA F 212 -17.83 48.34 41.74
CA ALA F 212 -18.09 46.96 42.16
C ALA F 212 -19.53 46.53 41.91
N GLY F 213 -20.13 47.01 40.84
CA GLY F 213 -21.48 46.61 40.51
C GLY F 213 -22.58 47.37 41.24
N VAL F 214 -22.25 48.24 42.18
CA VAL F 214 -23.25 49.10 42.82
C VAL F 214 -23.55 50.26 41.87
N SER F 215 -24.77 50.32 41.35
CA SER F 215 -25.20 51.45 40.55
C SER F 215 -25.08 52.75 41.35
N LEU F 216 -24.35 53.73 40.78
CA LEU F 216 -24.21 55.00 41.48
C LEU F 216 -25.50 55.82 41.42
N LYS F 217 -26.33 55.62 40.38
CA LYS F 217 -27.57 56.37 40.25
C LYS F 217 -28.68 55.84 41.16
N THR F 218 -28.72 54.52 41.39
CA THR F 218 -29.67 53.97 42.36
C THR F 218 -29.32 54.41 43.77
N LEU F 219 -28.02 54.41 44.11
CA LEU F 219 -27.56 54.92 45.40
C LEU F 219 -27.90 56.39 45.57
N HIS F 220 -27.89 57.15 44.48
CA HIS F 220 -27.93 58.62 44.51
C HIS F 220 -28.75 59.04 43.33
N PRO F 221 -30.08 59.12 43.49
CA PRO F 221 -30.95 59.41 42.33
C PRO F 221 -30.68 60.75 41.67
N ASP F 222 -30.17 61.74 42.40
CA ASP F 222 -29.88 63.04 41.81
C ASP F 222 -28.64 63.04 40.92
N LEU F 223 -28.01 61.89 40.72
CA LEU F 223 -26.76 61.84 39.98
C LEU F 223 -26.99 62.16 38.51
N GLY F 224 -26.25 63.14 38.01
CA GLY F 224 -26.32 63.54 36.63
C GLY F 224 -27.30 64.65 36.33
N THR F 225 -28.14 65.02 37.29
CA THR F 225 -29.15 66.05 37.13
C THR F 225 -28.65 67.38 37.68
N ASP F 226 -29.42 68.45 37.40
CA ASP F 226 -29.10 69.78 37.89
C ASP F 226 -29.41 69.95 39.38
N LYS F 227 -30.46 69.28 39.87
CA LYS F 227 -30.74 69.27 41.32
C LYS F 227 -29.50 68.90 42.14
N ASP F 228 -28.76 67.87 41.71
CA ASP F 228 -27.55 67.33 42.33
C ASP F 228 -26.76 68.28 43.24
N LYS F 229 -26.80 68.06 44.54
CA LYS F 229 -25.97 68.87 45.44
C LYS F 229 -24.49 68.60 45.24
N GLU F 230 -24.11 67.43 44.73
CA GLU F 230 -22.71 67.06 44.56
C GLU F 230 -22.14 67.45 43.21
N GLN F 231 -22.99 67.82 42.26
CA GLN F 231 -22.58 68.43 40.99
C GLN F 231 -21.76 67.43 40.17
N TRP F 232 -22.40 66.29 39.89
CA TRP F 232 -21.71 65.26 39.13
C TRP F 232 -21.69 65.56 37.65
N LYS F 233 -22.60 66.41 37.17
CA LYS F 233 -22.51 66.86 35.78
C LYS F 233 -21.19 67.55 35.51
N GLU F 234 -20.59 68.16 36.55
CA GLU F 234 -19.34 68.86 36.32
C GLU F 234 -18.19 67.92 35.99
N VAL F 235 -18.29 66.64 36.37
CA VAL F 235 -17.30 65.66 35.93
C VAL F 235 -17.35 65.52 34.41
N HIS F 236 -18.56 65.34 33.86
CA HIS F 236 -18.66 65.26 32.41
C HIS F 236 -18.21 66.56 31.73
N LYS F 237 -18.65 67.70 32.25
CA LYS F 237 -18.21 68.95 31.65
C LYS F 237 -16.70 69.02 31.60
N GLN F 238 -16.03 68.59 32.68
CA GLN F 238 -14.58 68.54 32.65
C GLN F 238 -14.08 67.67 31.51
N VAL F 239 -14.80 66.60 31.19
CA VAL F 239 -14.37 65.70 30.12
C VAL F 239 -14.43 66.41 28.77
N VAL F 240 -15.61 66.97 28.44
CA VAL F 240 -15.78 67.79 27.23
C VAL F 240 -14.69 68.86 27.12
N GLU F 241 -14.30 69.45 28.27
CA GLU F 241 -13.35 70.55 28.32
C GLU F 241 -11.89 70.12 28.37
N SER F 242 -11.61 68.81 28.48
CA SER F 242 -10.25 68.34 28.72
C SER F 242 -9.27 68.84 27.67
N ALA F 243 -9.52 68.50 26.41
CA ALA F 243 -8.57 68.85 25.35
C ALA F 243 -8.37 70.36 25.28
N TYR F 244 -9.47 71.12 25.29
CA TYR F 244 -9.36 72.58 25.26
C TYR F 244 -8.40 73.10 26.33
N GLU F 245 -8.52 72.61 27.56
CA GLU F 245 -7.61 73.13 28.58
C GLU F 245 -6.19 72.65 28.36
N VAL F 246 -6.00 71.36 28.07
CA VAL F 246 -4.65 70.89 27.77
C VAL F 246 -4.08 71.69 26.60
N ILE F 247 -4.88 71.89 25.54
CA ILE F 247 -4.41 72.71 24.42
C ILE F 247 -4.07 74.11 24.89
N LYS F 248 -4.92 74.72 25.73
CA LYS F 248 -4.61 76.05 26.23
C LYS F 248 -3.31 76.02 27.02
N LEU F 249 -3.10 74.98 27.81
CA LEU F 249 -1.97 74.95 28.73
C LEU F 249 -0.65 74.62 28.02
N LYS F 250 -0.68 73.77 27.00
CA LYS F 250 0.59 73.33 26.44
C LYS F 250 0.55 73.16 24.94
N GLY F 251 -0.50 73.60 24.25
CA GLY F 251 -0.54 73.68 22.80
C GLY F 251 -1.25 72.52 22.12
N TYR F 252 -1.25 71.34 22.73
CA TYR F 252 -1.75 70.13 22.08
C TYR F 252 -1.92 69.07 23.16
N THR F 253 -2.68 68.03 22.84
CA THR F 253 -2.74 66.84 23.67
C THR F 253 -1.92 65.75 23.00
N SER F 254 -1.17 64.97 23.79
CA SER F 254 -0.40 63.89 23.17
C SER F 254 -0.42 62.58 23.97
N TRP F 255 0.01 62.63 25.23
CA TRP F 255 0.25 61.41 25.98
C TRP F 255 -1.01 60.56 26.16
N ALA F 256 -2.11 61.17 26.57
CA ALA F 256 -3.29 60.38 26.90
C ALA F 256 -3.91 59.74 25.66
N ILE F 257 -3.93 60.45 24.53
CA ILE F 257 -4.52 59.87 23.34
C ILE F 257 -3.59 58.76 22.81
N GLY F 258 -2.29 58.90 23.05
CA GLY F 258 -1.36 57.84 22.68
C GLY F 258 -1.60 56.59 23.49
N LEU F 259 -1.66 56.73 24.81
CA LEU F 259 -2.03 55.60 25.68
C LEU F 259 -3.37 55.00 25.23
N SER F 260 -4.34 55.86 24.93
CA SER F 260 -5.67 55.39 24.56
C SER F 260 -5.61 54.59 23.26
N VAL F 261 -4.89 55.11 22.27
CA VAL F 261 -4.76 54.44 20.98
C VAL F 261 -4.04 53.09 21.14
N ALA F 262 -2.91 53.09 21.87
CA ALA F 262 -2.22 51.86 22.22
C ALA F 262 -3.16 50.87 22.89
N ASP F 263 -4.10 51.37 23.70
CA ASP F 263 -5.02 50.46 24.34
C ASP F 263 -5.88 49.76 23.32
N LEU F 264 -6.37 50.48 22.30
CA LEU F 264 -7.16 49.85 21.26
C LEU F 264 -6.31 48.94 20.39
N ALA F 265 -5.05 49.32 20.16
CA ALA F 265 -4.19 48.49 19.32
C ALA F 265 -3.90 47.15 19.99
N GLU F 266 -3.65 47.17 21.30
CA GLU F 266 -3.41 45.92 22.02
C GLU F 266 -4.60 44.96 21.90
N SER F 267 -5.83 45.49 21.89
CA SER F 267 -6.98 44.61 21.74
C SER F 267 -7.06 44.03 20.33
N ILE F 268 -6.68 44.81 19.33
CA ILE F 268 -6.73 44.33 17.94
C ILE F 268 -5.58 43.35 17.66
N MET F 269 -4.35 43.73 18.00
CA MET F 269 -3.22 42.86 17.72
C MET F 269 -3.25 41.57 18.54
N LYS F 270 -3.75 41.62 19.78
CA LYS F 270 -3.80 40.44 20.63
C LYS F 270 -5.16 39.75 20.59
N ASN F 271 -6.09 40.21 19.77
CA ASN F 271 -7.39 39.58 19.58
C ASN F 271 -8.11 39.34 20.90
N LEU F 272 -8.16 40.40 21.72
CA LEU F 272 -8.61 40.24 23.10
C LEU F 272 -10.13 40.14 23.22
N ARG F 273 -10.89 40.74 22.28
CA ARG F 273 -12.34 40.84 22.39
C ARG F 273 -12.73 41.57 23.67
N ARG F 274 -11.95 42.59 24.02
CA ARG F 274 -12.36 43.56 25.02
C ARG F 274 -13.40 44.52 24.44
N VAL F 275 -14.02 45.30 25.34
CA VAL F 275 -15.10 46.22 24.98
C VAL F 275 -14.58 47.64 25.15
N HIS F 276 -14.70 48.44 24.09
CA HIS F 276 -14.24 49.83 24.03
C HIS F 276 -15.28 50.67 23.30
N PRO F 277 -15.51 51.92 23.75
CA PRO F 277 -16.34 52.86 22.98
C PRO F 277 -15.52 53.45 21.84
N VAL F 278 -15.86 53.05 20.60
CA VAL F 278 -15.14 53.46 19.40
C VAL F 278 -16.15 53.87 18.34
N SER F 279 -15.70 54.71 17.41
CA SER F 279 -16.58 55.20 16.36
C SER F 279 -16.87 54.07 15.38
N THR F 280 -18.13 53.94 15.01
CA THR F 280 -18.54 52.90 14.06
C THR F 280 -19.92 53.28 13.54
N MET F 281 -20.32 52.66 12.44
CA MET F 281 -21.63 52.95 11.86
C MET F 281 -22.74 52.48 12.78
N ILE F 282 -23.55 53.43 13.23
CA ILE F 282 -24.60 53.19 14.22
C ILE F 282 -25.98 53.13 13.57
N LYS F 283 -26.06 53.07 12.24
CA LYS F 283 -27.34 53.13 11.55
C LYS F 283 -28.25 51.99 12.00
N GLY F 284 -29.51 52.34 12.29
CA GLY F 284 -30.47 51.36 12.73
C GLY F 284 -30.61 51.22 14.23
N LEU F 285 -29.67 51.74 15.01
CA LEU F 285 -29.78 51.72 16.46
C LEU F 285 -30.23 53.09 16.95
N TYR F 286 -31.17 53.09 17.91
CA TYR F 286 -31.71 54.31 18.49
C TYR F 286 -32.36 55.21 17.45
N GLY F 287 -32.98 54.62 16.42
CA GLY F 287 -33.68 55.44 15.44
C GLY F 287 -32.82 56.41 14.68
N ILE F 288 -31.51 56.17 14.63
CA ILE F 288 -30.65 56.84 13.66
C ILE F 288 -30.80 56.11 12.34
N LYS F 289 -31.19 56.84 11.30
CA LYS F 289 -31.50 56.23 10.02
C LYS F 289 -30.46 56.50 8.95
N ASP F 290 -29.51 57.38 9.22
CA ASP F 290 -28.47 57.74 8.27
C ASP F 290 -27.20 56.94 8.55
N ASP F 291 -26.15 57.24 7.78
CA ASP F 291 -24.88 56.51 7.89
C ASP F 291 -23.88 57.25 8.76
N VAL F 292 -24.25 57.56 9.98
CA VAL F 292 -23.33 58.31 10.82
C VAL F 292 -22.49 57.34 11.66
N PHE F 293 -21.24 57.75 11.96
CA PHE F 293 -20.37 57.02 12.87
C PHE F 293 -20.33 57.70 14.25
N LEU F 294 -20.55 56.92 15.30
CA LEU F 294 -20.51 57.38 16.67
C LEU F 294 -19.87 56.30 17.52
N SER F 295 -19.48 56.65 18.75
CA SER F 295 -18.90 55.69 19.67
C SER F 295 -20.01 55.02 20.49
N VAL F 296 -20.17 53.72 20.30
CA VAL F 296 -20.90 52.87 21.23
C VAL F 296 -19.89 51.84 21.73
N PRO F 297 -20.18 51.07 22.78
CA PRO F 297 -19.26 49.98 23.16
C PRO F 297 -19.25 48.91 22.08
N CYS F 298 -18.04 48.52 21.67
CA CYS F 298 -17.81 47.48 20.67
C CYS F 298 -16.81 46.46 21.18
N ILE F 299 -16.95 45.23 20.70
CA ILE F 299 -16.00 44.16 20.99
C ILE F 299 -14.88 44.23 19.96
N LEU F 300 -13.65 44.37 20.44
CA LEU F 300 -12.48 44.67 19.60
C LEU F 300 -11.56 43.45 19.51
N GLY F 301 -11.26 43.00 18.29
CA GLY F 301 -10.35 41.89 18.11
C GLY F 301 -9.65 41.92 16.77
N GLN F 302 -9.11 40.77 16.34
CA GLN F 302 -8.17 40.81 15.22
C GLN F 302 -8.83 41.13 13.89
N ASN F 303 -10.15 41.14 13.83
CA ASN F 303 -10.88 41.54 12.63
C ASN F 303 -11.51 42.91 12.77
N GLY F 304 -11.07 43.70 13.75
CA GLY F 304 -11.74 44.98 14.00
C GLY F 304 -12.94 44.81 14.92
N ILE F 305 -14.04 45.46 14.57
CA ILE F 305 -15.23 45.53 15.42
C ILE F 305 -16.15 44.37 15.01
N SER F 306 -16.19 43.32 15.83
CA SER F 306 -17.00 42.15 15.51
C SER F 306 -18.43 42.25 16.01
N ASP F 307 -18.66 43.02 17.06
CA ASP F 307 -19.95 43.08 17.74
C ASP F 307 -20.06 44.44 18.40
N LEU F 308 -21.27 44.96 18.53
CA LEU F 308 -21.43 46.12 19.40
C LEU F 308 -22.42 45.82 20.52
N VAL F 309 -22.16 46.39 21.68
CA VAL F 309 -23.01 46.25 22.86
C VAL F 309 -24.15 47.26 22.75
N LYS F 310 -25.36 46.80 23.03
CA LYS F 310 -26.56 47.64 22.89
C LYS F 310 -26.91 48.20 24.27
N VAL F 311 -26.37 49.38 24.56
CA VAL F 311 -26.56 49.98 25.87
C VAL F 311 -28.02 50.36 26.07
N THR F 312 -28.51 50.16 27.29
CA THR F 312 -29.82 50.68 27.68
C THR F 312 -29.68 52.14 28.07
N LEU F 313 -30.39 53.02 27.39
CA LEU F 313 -30.31 54.46 27.64
C LEU F 313 -31.63 54.98 28.19
N THR F 314 -31.55 55.92 29.14
CA THR F 314 -32.74 56.69 29.48
C THR F 314 -33.17 57.53 28.29
N SER F 315 -34.40 58.04 28.34
CA SER F 315 -34.91 58.86 27.23
C SER F 315 -34.08 60.12 27.05
N GLU F 316 -33.71 60.78 28.15
CA GLU F 316 -32.73 61.86 28.09
C GLU F 316 -31.45 61.41 27.39
N GLU F 317 -30.80 60.37 27.93
CA GLU F 317 -29.57 59.85 27.35
C GLU F 317 -29.76 59.53 25.88
N GLU F 318 -30.86 58.84 25.54
CA GLU F 318 -31.14 58.55 24.15
C GLU F 318 -31.31 59.82 23.32
N ALA F 319 -31.97 60.83 23.89
CA ALA F 319 -32.17 62.07 23.14
C ALA F 319 -30.85 62.77 22.88
N ARG F 320 -30.01 62.86 23.92
CA ARG F 320 -28.65 63.36 23.75
C ARG F 320 -27.94 62.64 22.61
N LEU F 321 -27.97 61.31 22.63
CA LEU F 321 -27.25 60.55 21.61
C LEU F 321 -27.72 60.88 20.21
N LYS F 322 -29.03 60.98 19.98
CA LYS F 322 -29.46 61.30 18.64
C LYS F 322 -29.32 62.77 18.34
N LYS F 323 -29.23 63.61 19.37
CA LYS F 323 -28.75 64.97 19.15
C LYS F 323 -27.34 64.93 18.55
N SER F 324 -26.44 64.15 19.17
CA SER F 324 -25.11 63.91 18.61
C SER F 324 -25.18 63.44 17.16
N ALA F 325 -25.95 62.39 16.89
CA ALA F 325 -26.04 61.85 15.54
C ALA F 325 -26.45 62.93 14.54
N ASP F 326 -27.32 63.85 14.94
CA ASP F 326 -27.74 64.92 14.02
C ASP F 326 -26.62 65.91 13.74
N THR F 327 -26.03 66.48 14.80
CA THR F 327 -24.89 67.38 14.65
C THR F 327 -23.85 66.78 13.71
N LEU F 328 -23.64 65.45 13.76
CA LEU F 328 -22.65 64.81 12.92
C LEU F 328 -23.14 64.62 11.49
N TRP F 329 -24.32 64.02 11.32
CA TRP F 329 -24.82 63.80 9.97
C TRP F 329 -25.04 65.12 9.24
N GLY F 330 -25.29 66.21 9.98
CA GLY F 330 -25.36 67.52 9.36
C GLY F 330 -24.11 67.86 8.58
N ILE F 331 -22.95 67.48 9.09
CA ILE F 331 -21.70 67.74 8.39
C ILE F 331 -21.42 66.70 7.33
N GLN F 332 -21.64 65.41 7.67
CA GLN F 332 -21.30 64.35 6.73
C GLN F 332 -22.06 64.49 5.42
N LYS F 333 -23.36 64.83 5.50
CA LYS F 333 -24.22 64.84 4.31
C LYS F 333 -23.69 65.80 3.26
N GLU F 334 -23.09 66.91 3.69
CA GLU F 334 -22.57 67.89 2.75
C GLU F 334 -21.20 67.52 2.19
N LEU F 335 -20.63 66.37 2.56
CA LEU F 335 -19.27 66.06 2.14
C LEU F 335 -19.27 65.42 0.75
N GLN F 336 -18.27 65.79 -0.03
CA GLN F 336 -18.16 65.38 -1.42
C GLN F 336 -16.90 64.55 -1.60
N PHE F 337 -17.04 63.42 -2.30
CA PHE F 337 -15.98 62.41 -2.36
C PHE F 337 -15.35 62.19 -3.74
N ALA G 7 -35.44 35.75 22.65
CA ALA G 7 -34.06 36.11 22.35
C ALA G 7 -33.21 35.84 23.59
N THR G 8 -32.01 35.29 23.39
CA THR G 8 -31.13 35.00 24.51
C THR G 8 -30.70 36.29 25.20
N LEU G 9 -30.24 36.16 26.44
CA LEU G 9 -29.56 37.28 27.09
C LEU G 9 -28.45 37.81 26.19
N LYS G 10 -27.65 36.90 25.61
CA LYS G 10 -26.52 37.30 24.79
C LYS G 10 -26.95 38.17 23.62
N ASP G 11 -28.00 37.75 22.92
CA ASP G 11 -28.45 38.50 21.75
C ASP G 11 -29.08 39.84 22.14
N GLN G 12 -29.68 39.92 23.33
CA GLN G 12 -30.21 41.18 23.79
C GLN G 12 -29.08 42.16 24.07
N LEU G 13 -27.98 41.67 24.65
CA LEU G 13 -26.87 42.49 25.05
C LEU G 13 -25.94 42.84 23.89
N ILE G 14 -25.83 41.96 22.89
CA ILE G 14 -24.78 42.06 21.88
C ILE G 14 -25.39 41.93 20.49
N TYR G 15 -24.94 42.78 19.57
CA TYR G 15 -25.37 42.73 18.17
C TYR G 15 -24.18 42.33 17.32
N ASN G 16 -24.24 41.12 16.76
CA ASN G 16 -23.16 40.59 15.95
C ASN G 16 -23.09 41.30 14.61
N LEU G 17 -21.88 41.66 14.18
CA LEU G 17 -21.64 42.19 12.84
C LEU G 17 -20.95 41.19 11.92
N LEU G 18 -20.44 40.09 12.45
CA LEU G 18 -19.45 39.27 11.78
C LEU G 18 -19.19 38.02 12.62
N LYS G 19 -19.34 36.81 12.07
CA LYS G 19 -19.04 35.63 12.88
C LYS G 19 -17.72 34.97 12.51
N GLU G 20 -16.98 35.49 11.52
CA GLU G 20 -15.68 34.97 11.15
C GLU G 20 -14.57 35.69 11.95
N GLU G 21 -14.02 35.01 12.96
CA GLU G 21 -12.91 35.49 13.78
C GLU G 21 -11.85 34.39 13.95
N GLN G 22 -11.49 33.76 12.82
CA GLN G 22 -10.68 32.55 12.81
C GLN G 22 -9.22 32.87 12.58
N THR G 23 -8.40 31.80 12.63
CA THR G 23 -6.97 31.82 12.35
C THR G 23 -6.21 32.56 13.45
N PRO G 24 -5.65 31.87 14.43
CA PRO G 24 -4.80 32.57 15.39
C PRO G 24 -3.49 32.97 14.74
N GLN G 25 -3.03 34.18 15.04
CA GLN G 25 -1.90 34.72 14.30
C GLN G 25 -0.59 34.48 15.02
N ASN G 26 -0.62 34.05 16.28
CA ASN G 26 0.58 33.84 17.05
C ASN G 26 0.39 32.64 17.99
N LYS G 27 0.02 31.50 17.42
CA LYS G 27 -0.26 30.30 18.20
C LYS G 27 1.03 29.58 18.58
N ILE G 28 1.06 29.05 19.79
CA ILE G 28 2.15 28.24 20.28
C ILE G 28 1.58 26.98 20.87
N THR G 29 2.20 25.85 20.57
CA THR G 29 1.89 24.60 21.24
C THR G 29 3.03 24.19 22.14
N VAL G 30 2.68 23.67 23.31
CA VAL G 30 3.58 22.90 24.14
C VAL G 30 3.09 21.46 24.15
N VAL G 31 3.98 20.55 23.79
CA VAL G 31 3.71 19.11 23.82
C VAL G 31 4.32 18.57 25.10
N GLY G 32 3.50 17.94 25.93
CA GLY G 32 3.97 17.40 27.20
C GLY G 32 3.67 18.35 28.35
N VAL G 33 2.94 17.88 29.36
CA VAL G 33 2.51 18.78 30.44
C VAL G 33 3.01 18.27 31.77
N GLY G 34 4.22 17.70 31.79
CA GLY G 34 4.95 17.49 33.02
C GLY G 34 5.36 18.83 33.61
N ALA G 35 6.21 18.77 34.64
CA ALA G 35 6.57 20.03 35.29
C ALA G 35 7.31 20.98 34.34
N VAL G 36 7.99 20.45 33.32
CA VAL G 36 8.76 21.30 32.43
C VAL G 36 7.85 22.01 31.43
N GLY G 37 7.02 21.25 30.73
CA GLY G 37 6.13 21.83 29.74
C GLY G 37 5.14 22.81 30.36
N MET G 38 4.72 22.55 31.61
CA MET G 38 3.85 23.48 32.33
C MET G 38 4.60 24.73 32.76
N ALA G 39 5.89 24.61 33.09
CA ALA G 39 6.67 25.80 33.40
C ALA G 39 6.90 26.65 32.14
N CYS G 40 7.07 26.01 30.99
CA CYS G 40 7.12 26.73 29.72
C CYS G 40 5.79 27.42 29.43
N ALA G 41 4.68 26.73 29.70
CA ALA G 41 3.36 27.27 29.39
C ALA G 41 3.09 28.52 30.22
N ILE G 42 3.18 28.40 31.55
CA ILE G 42 2.88 29.55 32.40
C ILE G 42 3.80 30.72 32.05
N SER G 43 5.07 30.42 31.75
CA SER G 43 6.03 31.47 31.43
C SER G 43 5.68 32.14 30.11
N ILE G 44 5.21 31.37 29.13
CA ILE G 44 4.78 31.97 27.89
C ILE G 44 3.52 32.80 28.09
N LEU G 45 2.58 32.30 28.91
CA LEU G 45 1.33 33.04 29.15
C LEU G 45 1.58 34.36 29.86
N MET G 46 2.58 34.44 30.72
CA MET G 46 2.84 35.70 31.42
C MET G 46 3.76 36.65 30.67
N LYS G 47 4.38 36.24 29.57
CA LYS G 47 5.08 37.18 28.72
C LYS G 47 4.29 37.60 27.47
N ASP G 48 3.02 37.20 27.35
CA ASP G 48 2.15 37.66 26.25
C ASP G 48 2.76 37.39 24.89
N LEU G 49 3.34 36.20 24.72
CA LEU G 49 3.95 35.86 23.45
C LEU G 49 2.96 35.27 22.45
N ALA G 50 1.77 34.88 22.88
CA ALA G 50 0.86 34.12 22.04
C ALA G 50 -0.60 34.56 22.22
N ASP G 51 -1.35 34.52 21.12
CA ASP G 51 -2.81 34.73 21.14
C ASP G 51 -3.61 33.44 21.25
N GLU G 52 -2.95 32.30 21.15
CA GLU G 52 -3.57 31.02 21.44
C GLU G 52 -2.45 30.09 21.92
N LEU G 53 -2.74 29.33 22.97
CA LEU G 53 -1.80 28.36 23.53
C LEU G 53 -2.47 26.99 23.56
N ALA G 54 -1.87 26.03 22.86
CA ALA G 54 -2.36 24.66 22.83
C ALA G 54 -1.50 23.76 23.70
N LEU G 55 -2.14 22.86 24.44
CA LEU G 55 -1.48 21.81 25.21
C LEU G 55 -1.86 20.45 24.64
N VAL G 56 -0.85 19.59 24.43
CA VAL G 56 -1.06 18.24 23.92
C VAL G 56 -0.34 17.26 24.84
N ASP G 57 -1.04 16.21 25.27
CA ASP G 57 -0.37 15.10 25.94
C ASP G 57 -1.20 13.82 25.76
N VAL G 58 -0.79 12.75 26.45
CA VAL G 58 -1.44 11.46 26.32
C VAL G 58 -2.32 11.13 27.53
N ILE G 59 -1.97 11.61 28.72
CA ILE G 59 -2.75 11.35 29.92
C ILE G 59 -3.85 12.41 29.98
N GLU G 60 -5.05 12.05 29.51
CA GLU G 60 -6.08 13.03 29.17
C GLU G 60 -6.61 13.79 30.37
N ASP G 61 -6.69 13.16 31.54
CA ASP G 61 -7.27 13.85 32.70
C ASP G 61 -6.31 14.89 33.27
N LYS G 62 -5.03 14.53 33.40
CA LYS G 62 -4.02 15.52 33.76
C LYS G 62 -3.97 16.66 32.72
N LEU G 63 -4.20 16.35 31.45
CA LEU G 63 -4.20 17.39 30.42
C LEU G 63 -5.36 18.35 30.61
N LYS G 64 -6.60 17.85 30.53
CA LYS G 64 -7.78 18.68 30.74
C LYS G 64 -7.67 19.51 32.02
N GLY G 65 -7.19 18.90 33.11
CA GLY G 65 -7.14 19.62 34.38
C GLY G 65 -6.14 20.75 34.40
N GLU G 66 -4.99 20.59 33.73
CA GLU G 66 -4.04 21.71 33.64
C GLU G 66 -4.61 22.83 32.77
N MET G 67 -5.25 22.48 31.64
CA MET G 67 -5.90 23.50 30.82
C MET G 67 -6.93 24.29 31.63
N MET G 68 -7.74 23.59 32.42
CA MET G 68 -8.73 24.26 33.23
C MET G 68 -8.08 25.17 34.25
N ASP G 69 -6.98 24.73 34.87
CA ASP G 69 -6.31 25.60 35.84
C ASP G 69 -5.80 26.87 35.17
N LEU G 70 -5.44 26.83 33.88
CA LEU G 70 -4.93 28.01 33.19
C LEU G 70 -6.07 28.90 32.72
N GLN G 71 -7.15 28.29 32.21
CA GLN G 71 -8.31 29.08 31.81
C GLN G 71 -8.89 29.86 32.99
N HIS G 72 -8.87 29.27 34.19
CA HIS G 72 -9.46 29.92 35.35
C HIS G 72 -8.74 31.19 35.75
N GLY G 73 -7.50 31.38 35.32
CA GLY G 73 -6.79 32.60 35.63
C GLY G 73 -6.73 33.54 34.44
N SER G 74 -7.59 33.28 33.45
CA SER G 74 -7.49 34.03 32.21
C SER G 74 -7.88 35.49 32.38
N LEU G 75 -8.62 35.84 33.45
CA LEU G 75 -8.80 37.26 33.79
C LEU G 75 -7.47 37.98 33.96
N PHE G 76 -6.43 37.26 34.35
CA PHE G 76 -5.15 37.88 34.69
C PHE G 76 -4.14 37.81 33.55
N LEU G 77 -4.54 37.31 32.37
CA LEU G 77 -3.67 37.09 31.23
C LEU G 77 -4.14 37.90 30.02
N ARG G 78 -3.29 37.92 28.98
CA ARG G 78 -3.65 38.54 27.71
C ARG G 78 -3.53 37.53 26.56
N THR G 79 -3.71 36.24 26.87
CA THR G 79 -3.84 35.17 25.89
C THR G 79 -5.27 34.66 25.86
N PRO G 80 -6.06 34.99 24.83
CA PRO G 80 -7.51 34.79 24.93
C PRO G 80 -7.99 33.35 24.76
N LYS G 81 -7.22 32.44 24.17
CA LYS G 81 -7.69 31.08 23.93
C LYS G 81 -6.63 30.07 24.34
N ILE G 82 -7.01 29.16 25.24
CA ILE G 82 -6.18 28.03 25.62
C ILE G 82 -6.97 26.76 25.30
N VAL G 83 -6.38 25.88 24.48
CA VAL G 83 -7.01 24.63 24.09
C VAL G 83 -6.13 23.46 24.50
N SER G 84 -6.69 22.26 24.41
CA SER G 84 -5.95 21.06 24.78
C SER G 84 -6.62 19.85 24.16
N GLY G 85 -5.86 18.75 24.03
CA GLY G 85 -6.35 17.54 23.43
C GLY G 85 -5.29 16.45 23.37
N LYS G 86 -5.72 15.19 23.30
CA LYS G 86 -4.80 14.12 22.95
C LYS G 86 -4.54 14.13 21.45
N ASP G 87 -5.44 14.75 20.68
CA ASP G 87 -5.41 14.76 19.23
C ASP G 87 -4.65 15.99 18.73
N TYR G 88 -3.76 15.78 17.79
CA TYR G 88 -2.93 16.90 17.37
C TYR G 88 -3.67 17.90 16.55
N ASN G 89 -4.99 17.83 16.31
CA ASN G 89 -5.62 18.90 15.54
C ASN G 89 -5.86 20.19 16.34
N VAL G 90 -5.70 20.17 17.67
CA VAL G 90 -5.76 21.38 18.50
C VAL G 90 -4.46 22.17 18.30
N THR G 91 -3.56 21.61 17.51
CA THR G 91 -2.24 22.16 17.25
C THR G 91 -2.21 22.99 15.97
N ALA G 92 -3.29 23.01 15.20
CA ALA G 92 -3.24 23.57 13.85
C ALA G 92 -2.78 25.04 13.85
N ASN G 93 -1.88 25.36 12.90
CA ASN G 93 -1.41 26.71 12.63
C ASN G 93 -0.56 27.30 13.77
N SER G 94 0.17 26.46 14.48
CA SER G 94 1.14 26.97 15.44
C SER G 94 2.32 27.59 14.71
N LYS G 95 2.74 28.78 15.17
CA LYS G 95 3.98 29.36 14.70
C LYS G 95 5.20 28.66 15.31
N LEU G 96 5.04 28.15 16.54
CA LEU G 96 6.09 27.52 17.32
C LEU G 96 5.51 26.29 18.02
N VAL G 97 6.25 25.18 18.03
CA VAL G 97 5.83 23.98 18.75
C VAL G 97 6.99 23.51 19.62
N ILE G 98 6.78 23.52 20.93
CA ILE G 98 7.80 23.22 21.92
C ILE G 98 7.58 21.78 22.39
N ILE G 99 8.54 20.90 22.11
CA ILE G 99 8.42 19.48 22.43
C ILE G 99 9.12 19.19 23.77
N THR G 100 8.35 18.68 24.74
CA THR G 100 8.91 18.32 26.02
C THR G 100 8.60 16.88 26.42
N ALA G 101 7.77 16.18 25.67
CA ALA G 101 7.48 14.79 25.96
C ALA G 101 8.68 13.89 25.64
N GLY G 102 8.66 12.70 26.22
CA GLY G 102 9.67 11.72 25.89
C GLY G 102 9.60 10.53 26.83
N ALA G 103 10.42 9.54 26.51
CA ALA G 103 10.44 8.30 27.26
C ALA G 103 11.18 8.49 28.59
N ARG G 104 10.72 7.80 29.63
CA ARG G 104 11.40 7.83 30.92
C ARG G 104 12.44 6.71 30.98
N GLN G 105 13.63 7.06 31.50
CA GLN G 105 14.77 6.16 31.60
C GLN G 105 14.45 4.98 32.52
N GLN G 106 14.41 3.77 31.97
CA GLN G 106 14.35 2.58 32.82
C GLN G 106 15.72 2.31 33.42
N GLU G 107 15.76 1.38 34.38
CA GLU G 107 17.02 0.99 35.01
C GLU G 107 17.56 -0.27 34.33
N GLY G 108 18.83 -0.23 33.99
CA GLY G 108 19.43 -1.25 33.18
C GLY G 108 19.27 -1.07 31.69
N GLU G 109 18.78 0.10 31.26
CA GLU G 109 18.62 0.39 29.84
C GLU G 109 19.85 1.15 29.33
N SER G 110 20.29 0.80 28.13
CA SER G 110 21.41 1.48 27.49
C SER G 110 21.06 2.95 27.21
N ARG G 111 22.06 3.71 26.76
CA ARG G 111 21.77 5.03 26.22
C ARG G 111 21.15 4.91 24.83
N LEU G 112 21.57 3.92 24.05
CA LEU G 112 20.70 3.45 23.00
C LEU G 112 19.45 2.87 23.67
N ASN G 113 18.50 2.39 22.86
CA ASN G 113 17.29 1.77 23.40
C ASN G 113 16.42 2.79 24.13
N LEU G 114 16.99 3.60 25.03
CA LEU G 114 16.23 4.73 25.54
C LEU G 114 16.08 5.80 24.47
N VAL G 115 17.17 6.15 23.79
CA VAL G 115 17.04 7.03 22.63
C VAL G 115 16.09 6.40 21.59
N GLN G 116 16.21 5.08 21.38
CA GLN G 116 15.33 4.43 20.42
C GLN G 116 13.88 4.45 20.87
N ARG G 117 13.63 4.29 22.17
CA ARG G 117 12.27 4.45 22.69
C ARG G 117 11.77 5.87 22.45
N ASN G 118 12.64 6.86 22.73
CA ASN G 118 12.31 8.25 22.43
C ASN G 118 12.06 8.47 20.93
N VAL G 119 12.82 7.78 20.07
CA VAL G 119 12.56 7.87 18.63
C VAL G 119 11.17 7.35 18.30
N ASN G 120 10.76 6.28 18.96
CA ASN G 120 9.47 5.69 18.63
C ASN G 120 8.33 6.62 19.02
N ILE G 121 8.49 7.31 20.15
CA ILE G 121 7.55 8.37 20.50
C ILE G 121 7.56 9.46 19.43
N PHE G 122 8.74 10.00 19.12
CA PHE G 122 8.84 11.08 18.14
C PHE G 122 8.32 10.66 16.78
N LYS G 123 8.35 9.36 16.47
CA LYS G 123 7.75 8.89 15.22
C LYS G 123 6.23 9.02 15.24
N PHE G 124 5.64 9.18 16.42
CA PHE G 124 4.22 9.56 16.49
C PHE G 124 4.05 11.07 16.57
N ILE G 125 4.77 11.73 17.49
CA ILE G 125 4.54 13.16 17.75
C ILE G 125 4.90 13.99 16.51
N ILE G 126 6.15 13.88 16.04
CA ILE G 126 6.63 14.79 14.99
C ILE G 126 5.76 14.78 13.75
N PRO G 127 5.43 13.64 13.14
CA PRO G 127 4.62 13.71 11.91
C PRO G 127 3.25 14.33 12.15
N ASN G 128 2.66 14.18 13.34
CA ASN G 128 1.39 14.84 13.63
C ASN G 128 1.56 16.37 13.69
N VAL G 129 2.51 16.85 14.49
CA VAL G 129 2.87 18.27 14.51
C VAL G 129 3.03 18.82 13.10
N VAL G 130 3.77 18.10 12.26
CA VAL G 130 4.05 18.63 10.92
C VAL G 130 2.79 18.69 10.07
N LYS G 131 1.87 17.74 10.25
CA LYS G 131 0.65 17.72 9.45
C LYS G 131 -0.21 18.94 9.71
N TYR G 132 -0.35 19.33 10.97
CA TYR G 132 -1.26 20.40 11.32
C TYR G 132 -0.60 21.77 11.35
N SER G 133 0.73 21.84 11.53
CA SER G 133 1.47 23.11 11.49
C SER G 133 2.63 22.97 10.53
N PRO G 134 2.35 22.95 9.22
CA PRO G 134 3.40 22.65 8.24
C PRO G 134 4.59 23.61 8.26
N ASN G 135 4.36 24.87 8.61
CA ASN G 135 5.39 25.90 8.55
C ASN G 135 5.91 26.31 9.93
N CYS G 136 5.60 25.56 10.97
CA CYS G 136 6.02 26.01 12.28
C CYS G 136 7.53 25.89 12.45
N LYS G 137 8.02 26.41 13.56
CA LYS G 137 9.34 26.10 14.03
C LYS G 137 9.22 25.15 15.20
N LEU G 138 10.09 24.14 15.22
CA LEU G 138 10.12 23.08 16.21
C LEU G 138 11.23 23.37 17.18
N LEU G 139 10.91 23.41 18.47
CA LEU G 139 11.90 23.63 19.51
C LEU G 139 11.86 22.42 20.44
N ILE G 140 12.89 21.58 20.37
CA ILE G 140 12.94 20.35 21.15
C ILE G 140 13.58 20.63 22.50
N VAL G 141 12.94 20.14 23.57
CA VAL G 141 13.49 20.29 24.91
C VAL G 141 13.82 18.94 25.56
N SER G 142 13.10 17.88 25.19
CA SER G 142 13.29 16.55 25.77
C SER G 142 14.75 16.15 25.78
N ASN G 143 15.17 15.48 26.84
CA ASN G 143 16.53 14.96 26.88
C ASN G 143 16.58 13.52 26.39
N PRO G 144 17.75 13.04 25.89
CA PRO G 144 18.97 13.82 25.60
C PRO G 144 18.75 14.77 24.42
N VAL G 145 18.87 16.07 24.71
CA VAL G 145 18.28 17.05 23.79
C VAL G 145 19.00 17.08 22.45
N ASP G 146 20.29 16.76 22.42
CA ASP G 146 21.03 16.88 21.16
C ASP G 146 20.63 15.77 20.20
N ILE G 147 20.56 14.53 20.68
CA ILE G 147 20.12 13.45 19.80
C ILE G 147 18.67 13.63 19.41
N LEU G 148 17.84 14.02 20.37
CA LEU G 148 16.41 14.09 20.07
C LEU G 148 16.08 15.24 19.12
N THR G 149 16.88 16.30 19.13
CA THR G 149 16.75 17.32 18.10
C THR G 149 17.07 16.75 16.72
N TYR G 150 18.12 15.91 16.64
CA TYR G 150 18.44 15.21 15.39
C TYR G 150 17.27 14.34 14.94
N VAL G 151 16.64 13.64 15.88
CA VAL G 151 15.53 12.75 15.55
C VAL G 151 14.37 13.56 14.98
N ALA G 152 14.03 14.67 15.66
CA ALA G 152 12.97 15.54 15.16
C ALA G 152 13.31 16.04 13.77
N TRP G 153 14.58 16.41 13.54
CA TRP G 153 14.99 16.91 12.24
C TRP G 153 14.78 15.85 11.15
N LYS G 154 15.25 14.62 11.40
CA LYS G 154 15.16 13.59 10.36
C LYS G 154 13.70 13.19 10.10
N ILE G 155 12.88 13.08 11.16
CA ILE G 155 11.49 12.66 10.98
C ILE G 155 10.64 13.75 10.33
N SER G 156 10.92 15.02 10.62
CA SER G 156 10.05 16.09 10.16
C SER G 156 10.31 16.50 8.72
N GLY G 157 11.56 16.39 8.26
CA GLY G 157 11.94 16.91 6.96
C GLY G 157 12.18 18.41 6.92
N PHE G 158 11.97 19.12 8.03
CA PHE G 158 12.10 20.56 8.05
C PHE G 158 13.52 20.98 7.66
N PRO G 159 13.69 22.17 7.09
CA PRO G 159 15.04 22.75 6.97
C PRO G 159 15.69 22.89 8.33
N LYS G 160 17.02 22.89 8.33
CA LYS G 160 17.72 22.88 9.61
C LYS G 160 17.47 24.17 10.41
N ASN G 161 17.05 25.25 9.77
CA ASN G 161 16.77 26.45 10.54
C ASN G 161 15.52 26.32 11.40
N ARG G 162 14.62 25.38 11.08
CA ARG G 162 13.33 25.31 11.76
C ARG G 162 13.27 24.23 12.83
N VAL G 163 14.40 23.62 13.18
CA VAL G 163 14.46 22.56 14.18
C VAL G 163 15.54 22.97 15.17
N ILE G 164 15.13 23.42 16.35
CA ILE G 164 16.05 23.95 17.35
C ILE G 164 16.00 23.07 18.60
N GLY G 165 17.18 22.82 19.18
CA GLY G 165 17.28 22.16 20.46
C GLY G 165 17.44 23.17 21.58
N SER G 166 16.75 22.92 22.70
CA SER G 166 16.92 23.78 23.86
C SER G 166 18.41 23.90 24.20
N GLY G 167 19.13 22.79 24.15
CA GLY G 167 20.59 22.83 24.19
C GLY G 167 21.15 23.36 25.48
N CYS G 168 22.14 24.25 25.36
CA CYS G 168 22.87 24.81 26.49
C CYS G 168 22.37 26.20 26.89
N ASN G 169 21.17 26.59 26.44
CA ASN G 169 20.62 27.88 26.84
C ASN G 169 20.58 28.02 28.36
N LEU G 170 19.91 27.10 29.04
CA LEU G 170 19.84 27.18 30.50
C LEU G 170 21.22 26.95 31.14
N ASP G 171 22.05 26.07 30.55
CA ASP G 171 23.42 25.87 31.06
C ASP G 171 24.19 27.19 31.08
N SER G 172 23.99 28.03 30.07
CA SER G 172 24.64 29.33 30.02
C SER G 172 24.04 30.29 31.02
N ALA G 173 22.73 30.19 31.26
CA ALA G 173 22.08 31.09 32.21
C ALA G 173 22.52 30.76 33.62
N ARG G 174 22.59 29.48 33.94
CA ARG G 174 23.13 29.07 35.23
C ARG G 174 24.58 29.55 35.37
N PHE G 175 25.37 29.39 34.31
CA PHE G 175 26.74 29.86 34.33
C PHE G 175 26.82 31.34 34.68
N ARG G 176 25.95 32.16 34.06
CA ARG G 176 25.98 33.59 34.37
C ARG G 176 25.43 33.89 35.76
N TYR G 177 24.46 33.12 36.25
CA TYR G 177 24.06 33.27 37.65
C TYR G 177 25.25 33.05 38.59
N LEU G 178 25.90 31.90 38.49
CA LEU G 178 27.06 31.61 39.33
C LEU G 178 28.16 32.64 39.14
N MET G 179 28.36 33.10 37.90
CA MET G 179 29.37 34.14 37.68
C MET G 179 29.00 35.42 38.43
N GLY G 180 27.71 35.75 38.48
CA GLY G 180 27.27 36.95 39.13
C GLY G 180 27.35 36.85 40.63
N GLU G 181 27.01 35.67 41.16
CA GLU G 181 27.15 35.43 42.60
C GLU G 181 28.58 35.68 43.09
N ARG G 182 29.58 35.35 42.27
CA ARG G 182 30.97 35.57 42.68
C ARG G 182 31.38 37.03 42.53
N LEU G 183 31.10 37.62 41.37
CA LEU G 183 31.51 39.00 41.13
C LEU G 183 30.61 40.02 41.80
N GLY G 184 29.51 39.59 42.42
CA GLY G 184 28.54 40.52 42.99
C GLY G 184 27.88 41.42 41.97
N VAL G 185 27.48 40.87 40.82
CA VAL G 185 26.91 41.62 39.72
C VAL G 185 25.73 40.84 39.15
N HIS G 186 24.76 41.54 38.60
CA HIS G 186 23.58 40.87 38.05
C HIS G 186 23.96 40.04 36.83
N PRO G 187 23.46 38.81 36.72
CA PRO G 187 23.82 37.96 35.56
C PRO G 187 23.64 38.64 34.20
N LEU G 188 22.74 39.63 34.09
CA LEU G 188 22.62 40.37 32.84
C LEU G 188 23.94 41.03 32.45
N SER G 189 24.76 41.38 33.43
CA SER G 189 26.01 42.06 33.18
C SER G 189 27.19 41.13 33.24
N CYS G 190 26.96 39.82 33.42
CA CYS G 190 27.98 38.77 33.40
C CYS G 190 27.81 37.94 32.15
N HIS G 191 28.81 37.93 31.29
CA HIS G 191 28.71 37.30 29.98
C HIS G 191 29.60 36.05 29.96
N GLY G 192 29.03 34.92 29.53
CA GLY G 192 29.67 33.64 29.75
C GLY G 192 29.82 32.75 28.53
N TRP G 193 28.80 31.93 28.29
CA TRP G 193 28.68 31.00 27.15
C TRP G 193 29.25 29.61 27.44
N VAL G 194 28.35 28.62 27.41
CA VAL G 194 28.66 27.21 27.50
C VAL G 194 28.12 26.56 26.23
N LEU G 195 28.96 25.80 25.54
CA LEU G 195 28.62 25.32 24.20
C LEU G 195 28.80 23.81 24.09
N GLY G 196 28.27 23.27 22.99
CA GLY G 196 28.46 21.88 22.65
C GLY G 196 27.33 20.99 23.11
N GLU G 197 27.69 19.82 23.65
CA GLU G 197 26.69 18.82 24.03
C GLU G 197 26.17 19.13 25.43
N HIS G 198 24.85 19.24 25.55
CA HIS G 198 24.24 19.52 26.85
C HIS G 198 24.48 18.31 27.74
N GLY G 199 25.25 18.50 28.80
CA GLY G 199 25.58 17.42 29.72
C GLY G 199 26.97 17.63 30.31
N ASP G 200 27.55 16.54 30.85
CA ASP G 200 28.86 16.65 31.49
C ASP G 200 29.95 17.07 30.50
N SER G 201 29.72 16.88 29.21
CA SER G 201 30.73 17.11 28.18
C SER G 201 30.59 18.49 27.54
N SER G 202 30.09 19.45 28.28
CA SER G 202 29.88 20.79 27.73
C SER G 202 31.12 21.62 27.98
N VAL G 203 31.23 22.71 27.22
CA VAL G 203 32.48 23.45 27.15
C VAL G 203 32.33 24.86 27.71
N PRO G 204 32.97 25.18 28.82
CA PRO G 204 33.06 26.59 29.22
C PRO G 204 34.05 27.38 28.40
N VAL G 205 33.57 28.21 27.47
CA VAL G 205 34.46 29.06 26.68
C VAL G 205 35.08 30.15 27.56
N TRP G 206 36.16 29.81 28.28
CA TRP G 206 36.76 30.76 29.21
C TRP G 206 37.14 32.06 28.51
N SER G 207 37.51 31.99 27.23
CA SER G 207 38.07 33.16 26.54
C SER G 207 37.06 34.29 26.43
N GLY G 208 35.78 33.97 26.30
CA GLY G 208 34.75 34.96 26.08
C GLY G 208 34.06 35.44 27.33
N MET G 209 34.47 34.97 28.48
CA MET G 209 33.92 35.42 29.76
C MET G 209 34.37 36.84 30.06
N ASN G 210 33.43 37.78 30.17
CA ASN G 210 33.79 39.17 30.44
C ASN G 210 32.73 39.82 31.30
N VAL G 211 33.10 40.97 31.87
CA VAL G 211 32.17 41.93 32.45
C VAL G 211 32.54 43.26 31.83
N ALA G 212 31.65 43.79 30.99
CA ALA G 212 31.83 45.10 30.34
C ALA G 212 32.97 45.07 29.33
N GLY G 213 33.11 43.95 28.61
CA GLY G 213 34.12 43.84 27.59
C GLY G 213 35.51 43.61 28.11
N VAL G 214 35.68 43.42 29.42
CA VAL G 214 36.95 43.17 30.07
C VAL G 214 37.09 41.66 30.24
N SER G 215 37.98 41.04 29.47
CA SER G 215 38.10 39.59 29.51
C SER G 215 38.68 39.12 30.84
N LEU G 216 38.00 38.18 31.49
CA LEU G 216 38.49 37.68 32.76
C LEU G 216 39.75 36.84 32.56
N LYS G 217 39.79 36.05 31.48
CA LYS G 217 40.96 35.22 31.21
C LYS G 217 42.20 36.06 31.02
N THR G 218 42.06 37.27 30.51
CA THR G 218 43.25 38.09 30.32
C THR G 218 43.66 38.79 31.61
N LEU G 219 42.71 39.18 32.47
CA LEU G 219 43.06 39.73 33.78
C LEU G 219 43.63 38.66 34.72
N HIS G 220 43.44 37.39 34.39
CA HIS G 220 43.69 36.29 35.33
C HIS G 220 43.98 35.05 34.50
N PRO G 221 45.21 34.94 33.98
CA PRO G 221 45.50 33.88 32.98
C PRO G 221 45.24 32.48 33.47
N ASP G 222 45.23 32.25 34.78
CA ASP G 222 44.92 30.92 35.30
C ASP G 222 43.43 30.60 35.26
N LEU G 223 42.59 31.51 34.78
CA LEU G 223 41.14 31.30 34.74
C LEU G 223 40.79 30.01 34.02
N GLY G 224 40.16 29.09 34.74
CA GLY G 224 39.76 27.83 34.16
C GLY G 224 40.79 26.72 34.21
N THR G 225 42.07 27.05 34.38
CA THR G 225 43.08 26.03 34.58
C THR G 225 42.88 25.34 35.93
N ASP G 226 43.63 24.26 36.15
CA ASP G 226 43.69 23.67 37.47
C ASP G 226 44.73 24.35 38.35
N LYS G 227 45.67 25.09 37.75
CA LYS G 227 46.54 26.00 38.49
C LYS G 227 45.80 27.22 39.04
N ASP G 228 44.49 27.29 38.84
CA ASP G 228 43.65 28.41 39.24
C ASP G 228 43.50 28.42 40.76
N LYS G 229 44.03 29.45 41.41
CA LYS G 229 43.86 29.54 42.86
C LYS G 229 42.40 29.78 43.26
N GLU G 230 41.60 30.41 42.40
CA GLU G 230 40.21 30.71 42.74
C GLU G 230 39.24 29.66 42.21
N GLN G 231 39.75 28.66 41.48
CA GLN G 231 39.00 27.45 41.17
C GLN G 231 37.79 27.74 40.29
N TRP G 232 37.93 28.72 39.40
CA TRP G 232 36.83 29.09 38.51
C TRP G 232 36.38 27.92 37.65
N LYS G 233 37.16 26.84 37.55
CA LYS G 233 36.64 25.66 36.87
C LYS G 233 35.55 24.98 37.68
N GLU G 234 35.38 25.34 38.96
CA GLU G 234 34.27 24.78 39.73
C GLU G 234 32.93 25.38 39.31
N VAL G 235 32.95 26.59 38.73
CA VAL G 235 31.74 27.20 38.20
C VAL G 235 31.08 26.27 37.18
N HIS G 236 31.88 25.71 36.26
CA HIS G 236 31.31 24.84 35.24
C HIS G 236 30.83 23.51 35.83
N LYS G 237 31.52 22.98 36.85
CA LYS G 237 31.04 21.77 37.50
C LYS G 237 29.70 22.05 38.18
N GLN G 238 29.62 23.16 38.93
CA GLN G 238 28.35 23.59 39.48
C GLN G 238 27.28 23.65 38.40
N VAL G 239 27.62 24.23 37.24
CA VAL G 239 26.69 24.25 36.11
C VAL G 239 26.30 22.83 35.74
N VAL G 240 27.28 21.97 35.49
CA VAL G 240 27.04 20.69 34.86
C VAL G 240 26.27 19.75 35.78
N GLU G 241 26.40 19.92 37.10
CA GLU G 241 25.66 19.09 38.02
C GLU G 241 24.57 19.86 38.77
N SER G 242 24.20 21.05 38.28
CA SER G 242 23.10 21.84 38.86
C SER G 242 21.80 21.06 38.91
N ALA G 243 21.33 20.59 37.74
CA ALA G 243 20.09 19.84 37.69
C ALA G 243 20.16 18.65 38.64
N TYR G 244 21.26 17.90 38.62
CA TYR G 244 21.38 16.73 39.49
C TYR G 244 21.06 17.10 40.93
N GLU G 245 21.63 18.19 41.42
CA GLU G 245 21.43 18.52 42.82
C GLU G 245 20.02 19.06 43.08
N VAL G 246 19.50 19.92 42.21
CA VAL G 246 18.12 20.38 42.40
C VAL G 246 17.16 19.20 42.34
N ILE G 247 17.47 18.18 41.53
CA ILE G 247 16.61 16.98 41.53
C ILE G 247 16.72 16.22 42.85
N LYS G 248 17.90 16.22 43.47
CA LYS G 248 18.04 15.57 44.77
C LYS G 248 17.20 16.28 45.85
N LEU G 249 16.95 17.58 45.70
CA LEU G 249 16.30 18.36 46.75
C LEU G 249 14.79 18.47 46.59
N LYS G 250 14.28 18.57 45.37
CA LYS G 250 12.85 18.66 45.15
C LYS G 250 12.32 17.68 44.11
N GLY G 251 13.16 16.85 43.52
CA GLY G 251 12.70 15.76 42.69
C GLY G 251 12.66 16.04 41.20
N TYR G 252 12.80 17.30 40.78
CA TYR G 252 12.74 17.64 39.35
C TYR G 252 13.23 19.07 39.17
N THR G 253 13.54 19.41 37.94
CA THR G 253 13.87 20.78 37.55
C THR G 253 12.67 21.34 36.79
N SER G 254 12.31 22.60 37.05
CA SER G 254 11.17 23.14 36.29
C SER G 254 11.20 24.65 36.05
N TRP G 255 11.40 25.46 37.10
CA TRP G 255 11.19 26.89 36.94
C TRP G 255 12.23 27.51 36.03
N ALA G 256 13.50 27.15 36.23
CA ALA G 256 14.57 27.70 35.40
C ALA G 256 14.34 27.37 33.93
N ILE G 257 14.17 26.08 33.60
CA ILE G 257 14.02 25.71 32.20
C ILE G 257 12.77 26.35 31.59
N GLY G 258 11.71 26.49 32.38
CA GLY G 258 10.53 27.20 31.89
C GLY G 258 10.82 28.63 31.47
N LEU G 259 11.53 29.39 32.32
CA LEU G 259 11.85 30.77 31.99
C LEU G 259 12.75 30.86 30.76
N SER G 260 13.75 29.99 30.67
CA SER G 260 14.68 30.04 29.55
C SER G 260 14.03 29.59 28.23
N VAL G 261 13.06 28.68 28.27
CA VAL G 261 12.38 28.34 27.03
C VAL G 261 11.43 29.46 26.64
N ALA G 262 10.88 30.18 27.64
CA ALA G 262 10.09 31.36 27.30
C ALA G 262 10.97 32.45 26.68
N ASP G 263 12.21 32.56 27.14
CA ASP G 263 13.08 33.55 26.54
C ASP G 263 13.43 33.19 25.10
N LEU G 264 13.61 31.90 24.82
CA LEU G 264 13.79 31.47 23.44
C LEU G 264 12.56 31.78 22.62
N ALA G 265 11.37 31.51 23.20
CA ALA G 265 10.12 31.73 22.46
C ALA G 265 9.95 33.21 22.17
N GLU G 266 10.34 34.08 23.10
CA GLU G 266 10.28 35.51 22.81
C GLU G 266 11.13 35.88 21.60
N SER G 267 12.34 35.31 21.47
CA SER G 267 13.20 35.76 20.37
C SER G 267 12.65 35.26 19.04
N ILE G 268 12.12 34.04 19.02
CA ILE G 268 11.53 33.52 17.79
C ILE G 268 10.25 34.30 17.45
N MET G 269 9.33 34.45 18.42
CA MET G 269 8.02 35.03 18.10
C MET G 269 8.11 36.51 17.71
N LYS G 270 8.96 37.30 18.39
CA LYS G 270 9.09 38.72 18.08
C LYS G 270 10.19 38.99 17.05
N ASN G 271 10.82 37.94 16.52
CA ASN G 271 11.82 38.07 15.45
C ASN G 271 12.99 38.96 15.86
N LEU G 272 13.52 38.72 17.06
CA LEU G 272 14.47 39.67 17.65
C LEU G 272 15.87 39.60 17.06
N ARG G 273 16.25 38.47 16.45
CA ARG G 273 17.63 38.22 16.05
C ARG G 273 18.60 38.39 17.23
N ARG G 274 18.18 37.90 18.39
CA ARG G 274 19.07 37.77 19.52
C ARG G 274 19.85 36.44 19.44
N VAL G 275 21.00 36.43 20.11
CA VAL G 275 21.95 35.32 20.07
C VAL G 275 21.78 34.48 21.32
N HIS G 276 21.42 33.20 21.14
CA HIS G 276 21.25 32.21 22.19
C HIS G 276 22.10 30.98 21.93
N PRO G 277 22.58 30.31 22.99
CA PRO G 277 23.30 29.03 22.78
C PRO G 277 22.31 27.87 22.65
N VAL G 278 21.75 27.71 21.45
CA VAL G 278 20.82 26.63 21.18
C VAL G 278 21.49 25.64 20.23
N SER G 279 20.81 24.54 19.98
CA SER G 279 21.47 23.37 19.44
C SER G 279 21.04 23.21 17.99
N THR G 280 22.01 23.16 17.09
CA THR G 280 21.73 23.19 15.67
C THR G 280 22.70 22.28 14.93
N MET G 281 22.32 21.89 13.72
CA MET G 281 23.11 20.96 12.92
C MET G 281 24.40 21.61 12.46
N ILE G 282 25.54 21.19 13.01
CA ILE G 282 26.82 21.87 12.83
C ILE G 282 27.76 21.15 11.86
N LYS G 283 27.26 20.15 11.11
CA LYS G 283 28.11 19.51 10.11
C LYS G 283 28.73 20.57 9.21
N GLY G 284 30.05 20.54 9.09
CA GLY G 284 30.78 21.53 8.34
C GLY G 284 31.47 22.61 9.16
N LEU G 285 31.48 22.50 10.49
CA LEU G 285 32.14 23.48 11.33
C LEU G 285 32.92 22.78 12.45
N TYR G 286 33.89 23.50 13.00
CA TYR G 286 34.79 23.05 14.05
C TYR G 286 35.30 21.65 13.81
N GLY G 287 35.40 21.25 12.55
CA GLY G 287 35.97 19.97 12.18
C GLY G 287 35.01 18.81 12.21
N ILE G 288 33.70 19.04 12.32
CA ILE G 288 32.73 17.96 12.42
C ILE G 288 32.11 17.75 11.04
N LYS G 289 32.11 16.48 10.60
CA LYS G 289 31.53 16.11 9.30
C LYS G 289 30.43 15.06 9.44
N ASP G 290 29.92 14.83 10.65
CA ASP G 290 28.75 13.99 10.89
C ASP G 290 27.49 14.84 11.07
N ASP G 291 26.34 14.24 10.79
CA ASP G 291 25.05 14.90 10.98
C ASP G 291 24.68 14.89 12.47
N VAL G 292 25.28 15.81 13.25
CA VAL G 292 24.94 15.90 14.66
C VAL G 292 24.65 17.34 15.03
N PHE G 293 23.84 17.49 16.08
CA PHE G 293 23.43 18.78 16.60
C PHE G 293 24.22 19.10 17.87
N LEU G 294 24.77 20.30 17.95
CA LEU G 294 25.44 20.77 19.16
C LEU G 294 25.07 22.24 19.41
N SER G 295 25.43 22.75 20.57
CA SER G 295 25.06 24.10 20.98
C SER G 295 26.15 25.08 20.57
N VAL G 296 25.77 26.03 19.71
CA VAL G 296 26.62 27.12 19.25
C VAL G 296 25.75 28.39 19.28
N PRO G 297 26.36 29.57 19.43
CA PRO G 297 25.54 30.79 19.51
C PRO G 297 24.77 31.02 18.22
N CYS G 298 23.44 31.01 18.32
CA CYS G 298 22.56 31.13 17.16
C CYS G 298 21.76 32.41 17.21
N ILE G 299 21.50 32.99 16.04
CA ILE G 299 20.66 34.18 15.91
C ILE G 299 19.23 33.69 15.70
N LEU G 300 18.35 33.94 16.67
CA LEU G 300 16.98 33.43 16.64
C LEU G 300 16.01 34.51 16.21
N GLY G 301 15.16 34.20 15.23
CA GLY G 301 14.16 35.13 14.75
C GLY G 301 12.98 34.39 14.18
N GLN G 302 12.11 35.07 13.43
CA GLN G 302 10.85 34.46 13.00
C GLN G 302 11.07 33.24 12.11
N ASN G 303 12.23 33.11 11.48
CA ASN G 303 12.48 31.97 10.62
C ASN G 303 13.30 30.89 11.29
N GLY G 304 13.39 30.90 12.62
CA GLY G 304 14.22 29.97 13.34
C GLY G 304 15.66 30.46 13.48
N ILE G 305 16.61 29.59 13.19
CA ILE G 305 18.04 29.92 13.25
C ILE G 305 18.43 30.43 11.86
N SER G 306 18.51 31.75 11.70
CA SER G 306 18.87 32.29 10.39
C SER G 306 20.38 32.38 10.19
N ASP G 307 21.14 32.44 11.28
CA ASP G 307 22.58 32.65 11.25
C ASP G 307 23.18 32.10 12.54
N LEU G 308 24.44 31.68 12.50
CA LEU G 308 25.11 31.29 13.73
C LEU G 308 26.47 31.98 13.85
N VAL G 309 26.94 32.11 15.10
CA VAL G 309 28.20 32.75 15.42
C VAL G 309 29.32 31.71 15.39
N LYS G 310 30.39 32.00 14.65
CA LYS G 310 31.55 31.09 14.58
C LYS G 310 32.54 31.50 15.67
N VAL G 311 32.38 30.91 16.86
CA VAL G 311 33.24 31.21 17.99
C VAL G 311 34.65 30.68 17.75
N THR G 312 35.66 31.51 18.03
CA THR G 312 37.06 31.07 18.03
C THR G 312 37.31 30.13 19.21
N LEU G 313 37.60 28.87 18.94
CA LEU G 313 37.79 27.88 19.99
C LEU G 313 39.26 27.44 20.04
N THR G 314 39.79 27.33 21.26
CA THR G 314 41.10 26.73 21.38
C THR G 314 41.05 25.30 20.85
N SER G 315 42.22 24.76 20.51
CA SER G 315 42.25 23.41 19.94
C SER G 315 41.80 22.36 20.95
N GLU G 316 42.03 22.61 22.25
CA GLU G 316 41.46 21.72 23.26
C GLU G 316 39.92 21.75 23.23
N GLU G 317 39.33 22.95 23.12
CA GLU G 317 37.87 23.06 23.05
C GLU G 317 37.33 22.47 21.75
N GLU G 318 37.96 22.78 20.62
CA GLU G 318 37.61 22.17 19.34
C GLU G 318 37.63 20.64 19.42
N ALA G 319 38.54 20.08 20.20
CA ALA G 319 38.64 18.64 20.29
C ALA G 319 37.46 18.07 21.06
N ARG G 320 37.07 18.75 22.15
CA ARG G 320 36.01 18.21 23.01
C ARG G 320 34.67 18.21 22.27
N LEU G 321 34.47 19.15 21.36
CA LEU G 321 33.30 19.07 20.49
C LEU G 321 33.38 17.85 19.60
N LYS G 322 34.53 17.65 18.94
CA LYS G 322 34.70 16.49 18.04
C LYS G 322 34.38 15.18 18.74
N LYS G 323 34.91 14.98 19.95
CA LYS G 323 34.60 13.76 20.67
C LYS G 323 33.10 13.62 20.88
N SER G 324 32.45 14.71 21.32
CA SER G 324 31.00 14.71 21.55
C SER G 324 30.23 14.40 20.27
N ALA G 325 30.68 14.96 19.15
CA ALA G 325 30.05 14.63 17.87
C ALA G 325 30.18 13.14 17.56
N ASP G 326 31.35 12.56 17.83
CA ASP G 326 31.52 11.13 17.55
C ASP G 326 30.68 10.27 18.48
N THR G 327 30.59 10.64 19.77
CA THR G 327 29.69 9.91 20.66
C THR G 327 28.25 10.02 20.21
N LEU G 328 27.83 11.21 19.77
CA LEU G 328 26.45 11.39 19.34
C LEU G 328 26.16 10.61 18.06
N TRP G 329 27.02 10.78 17.04
CA TRP G 329 26.81 10.05 15.80
C TRP G 329 26.87 8.55 16.04
N GLY G 330 27.67 8.12 17.01
CA GLY G 330 27.77 6.70 17.30
C GLY G 330 26.45 6.10 17.75
N ILE G 331 25.69 6.84 18.55
CA ILE G 331 24.34 6.42 18.92
C ILE G 331 23.38 6.59 17.74
N GLN G 332 23.59 7.61 16.91
CA GLN G 332 22.61 7.96 15.89
C GLN G 332 22.64 7.00 14.70
N LYS G 333 23.82 6.55 14.29
CA LYS G 333 23.89 5.59 13.20
C LYS G 333 23.17 4.29 13.56
N GLU G 334 23.07 3.99 14.85
CA GLU G 334 22.42 2.76 15.35
C GLU G 334 20.96 2.99 15.75
N LEU G 335 20.16 3.63 14.90
CA LEU G 335 18.79 4.00 15.24
C LEU G 335 17.86 3.70 14.06
N GLN G 336 16.73 3.07 14.36
CA GLN G 336 15.78 2.64 13.33
C GLN G 336 14.67 3.68 13.20
N PHE G 337 14.68 4.39 12.08
CA PHE G 337 13.63 5.35 11.76
C PHE G 337 12.58 4.74 10.85
N ALA H 7 46.17 40.34 43.98
CA ALA H 7 44.77 40.63 44.30
C ALA H 7 43.80 39.58 43.71
N THR H 8 42.61 39.48 44.31
CA THR H 8 41.54 38.62 43.79
C THR H 8 41.14 39.03 42.37
N LEU H 9 40.52 38.10 41.66
CA LEU H 9 39.93 38.48 40.38
C LEU H 9 38.86 39.55 40.58
N LYS H 10 38.05 39.42 41.63
CA LYS H 10 36.97 40.36 41.89
C LYS H 10 37.50 41.76 42.18
N ASP H 11 38.52 41.87 43.03
CA ASP H 11 39.04 43.20 43.34
C ASP H 11 39.92 43.75 42.21
N GLN H 12 40.54 42.87 41.43
CA GLN H 12 41.27 43.35 40.26
C GLN H 12 40.33 43.97 39.24
N LEU H 13 39.10 43.46 39.13
CA LEU H 13 38.19 43.93 38.09
C LEU H 13 37.30 45.06 38.57
N ILE H 14 36.87 45.00 39.83
CA ILE H 14 35.88 45.92 40.37
C ILE H 14 36.51 46.71 41.52
N TYR H 15 36.29 48.03 41.50
CA TYR H 15 36.67 48.92 42.59
C TYR H 15 35.43 49.19 43.44
N ASN H 16 35.54 48.95 44.74
CA ASN H 16 34.42 49.15 45.64
C ASN H 16 34.33 50.62 46.06
N LEU H 17 33.10 51.09 46.17
CA LEU H 17 32.80 52.42 46.70
C LEU H 17 31.92 52.36 47.93
N LEU H 18 31.30 51.22 48.21
CA LEU H 18 30.28 51.14 49.24
C LEU H 18 30.30 49.73 49.83
N LYS H 19 31.00 49.57 50.94
CA LYS H 19 30.90 48.37 51.78
C LYS H 19 29.45 48.19 52.20
N GLU H 20 29.07 48.96 53.22
CA GLU H 20 27.77 49.63 53.37
C GLU H 20 26.55 48.96 52.74
N GLU H 21 25.48 48.75 53.53
CA GLU H 21 24.07 48.64 53.11
C GLU H 21 23.33 47.39 53.59
N GLN H 22 22.03 47.57 53.88
CA GLN H 22 20.99 46.80 53.20
C GLN H 22 19.61 47.41 53.48
N THR H 23 18.74 46.65 54.13
CA THR H 23 17.29 46.85 54.15
C THR H 23 16.75 46.80 52.72
N PRO H 24 16.07 45.73 52.35
CA PRO H 24 15.34 45.75 51.08
C PRO H 24 14.20 46.75 51.21
N GLN H 25 13.78 47.33 50.09
CA GLN H 25 12.73 48.33 50.17
C GLN H 25 11.42 47.92 49.50
N ASN H 26 11.37 46.75 48.87
CA ASN H 26 10.12 46.18 48.35
C ASN H 26 10.16 44.67 48.45
N LYS H 27 10.24 44.14 49.66
CA LYS H 27 10.45 42.72 49.89
C LYS H 27 9.11 42.02 50.05
N ILE H 28 9.03 40.80 49.51
CA ILE H 28 7.85 39.95 49.67
C ILE H 28 8.33 38.60 50.20
N THR H 29 7.59 38.06 51.17
CA THR H 29 7.83 36.72 51.70
C THR H 29 6.66 35.84 51.33
N VAL H 30 6.94 34.62 50.85
CA VAL H 30 5.90 33.60 50.70
C VAL H 30 6.24 32.47 51.65
N VAL H 31 5.36 32.19 52.59
CA VAL H 31 5.53 31.12 53.57
C VAL H 31 4.82 29.90 53.03
N GLY H 32 5.54 28.77 52.88
CA GLY H 32 5.00 27.54 52.33
C GLY H 32 5.27 27.31 50.85
N VAL H 33 6.02 26.26 50.50
CA VAL H 33 6.51 26.08 49.14
C VAL H 33 5.82 24.91 48.43
N GLY H 34 4.55 24.69 48.76
CA GLY H 34 3.74 23.74 48.02
C GLY H 34 3.34 24.32 46.66
N ALA H 35 2.47 23.57 45.97
CA ALA H 35 2.11 24.01 44.62
C ALA H 35 1.53 25.41 44.64
N VAL H 36 0.77 25.74 45.69
CA VAL H 36 0.16 27.06 45.81
C VAL H 36 1.23 28.12 46.02
N GLY H 37 2.07 27.95 47.04
CA GLY H 37 3.08 28.95 47.33
C GLY H 37 4.03 29.19 46.17
N MET H 38 4.36 28.13 45.43
CA MET H 38 5.29 28.28 44.31
C MET H 38 4.62 28.96 43.13
N ALA H 39 3.37 28.64 42.85
CA ALA H 39 2.63 29.42 41.85
C ALA H 39 2.62 30.91 42.22
N CYS H 40 2.37 31.23 43.50
CA CYS H 40 2.43 32.62 43.94
C CYS H 40 3.78 33.23 43.67
N ALA H 41 4.85 32.47 43.97
CA ALA H 41 6.19 33.00 43.82
C ALA H 41 6.54 33.24 42.35
N ILE H 42 6.17 32.31 41.44
CA ILE H 42 6.54 32.49 40.04
C ILE H 42 5.76 33.65 39.41
N SER H 43 4.44 33.73 39.67
CA SER H 43 3.66 34.82 39.11
C SER H 43 4.13 36.17 39.67
N ILE H 44 4.43 36.22 40.97
CA ILE H 44 4.99 37.43 41.52
C ILE H 44 6.34 37.75 40.90
N LEU H 45 7.17 36.72 40.67
CA LEU H 45 8.50 36.95 40.13
C LEU H 45 8.41 37.56 38.74
N MET H 46 7.47 37.09 37.94
CA MET H 46 7.35 37.58 36.58
C MET H 46 6.57 38.89 36.49
N LYS H 47 5.93 39.34 37.55
CA LYS H 47 5.29 40.66 37.54
C LYS H 47 6.19 41.75 38.12
N ASP H 48 7.48 41.47 38.32
CA ASP H 48 8.48 42.48 38.77
C ASP H 48 8.03 43.21 40.05
N LEU H 49 7.30 42.53 40.94
CA LEU H 49 6.67 43.19 42.07
C LEU H 49 7.61 43.41 43.25
N ALA H 50 8.71 42.67 43.33
CA ALA H 50 9.56 42.67 44.52
C ALA H 50 11.01 42.70 44.13
N ASP H 51 11.82 43.43 44.91
CA ASP H 51 13.27 43.42 44.72
C ASP H 51 13.96 42.33 45.56
N GLU H 52 13.26 41.72 46.51
CA GLU H 52 13.76 40.55 47.23
C GLU H 52 12.57 39.65 47.52
N LEU H 53 12.72 38.37 47.27
CA LEU H 53 11.71 37.36 47.60
C LEU H 53 12.31 36.39 48.61
N ALA H 54 11.51 36.07 49.63
CA ALA H 54 11.89 35.13 50.68
C ALA H 54 10.89 34.00 50.70
N LEU H 55 11.39 32.77 50.80
CA LEU H 55 10.55 31.59 50.95
C LEU H 55 10.94 30.84 52.21
N VAL H 56 9.95 30.49 53.02
CA VAL H 56 10.17 29.73 54.25
C VAL H 56 9.14 28.61 54.31
N ASP H 57 9.61 27.41 54.64
CA ASP H 57 8.77 26.25 54.92
C ASP H 57 9.55 25.35 55.88
N VAL H 58 8.93 24.23 56.26
CA VAL H 58 9.57 23.37 57.25
C VAL H 58 10.36 22.24 56.58
N ILE H 59 9.80 21.64 55.54
CA ILE H 59 10.53 20.65 54.75
C ILE H 59 11.74 21.33 54.12
N GLU H 60 12.92 21.23 54.76
CA GLU H 60 14.05 22.04 54.33
C GLU H 60 14.64 21.59 52.98
N ASP H 61 14.50 20.32 52.59
CA ASP H 61 15.07 19.89 51.30
C ASP H 61 14.29 20.49 50.13
N LYS H 62 12.96 20.36 50.11
CA LYS H 62 12.21 20.98 49.01
C LYS H 62 12.42 22.48 49.01
N LEU H 63 12.49 23.08 50.21
CA LEU H 63 12.70 24.51 50.31
C LEU H 63 13.98 24.95 49.59
N LYS H 64 15.07 24.21 49.80
CA LYS H 64 16.33 24.60 49.15
C LYS H 64 16.30 24.34 47.64
N GLY H 65 15.61 23.27 47.21
CA GLY H 65 15.52 22.93 45.81
C GLY H 65 14.65 23.86 44.98
N GLU H 66 13.54 24.32 45.55
CA GLU H 66 12.75 25.37 44.90
C GLU H 66 13.53 26.68 44.84
N MET H 67 14.28 27.02 45.89
CA MET H 67 15.03 28.27 45.88
C MET H 67 16.14 28.23 44.83
N MET H 68 16.85 27.10 44.73
CA MET H 68 17.87 26.98 43.70
C MET H 68 17.24 27.04 42.32
N ASP H 69 16.06 26.42 42.16
CA ASP H 69 15.45 26.35 40.84
C ASP H 69 15.07 27.74 40.34
N LEU H 70 14.46 28.56 41.21
CA LEU H 70 14.16 29.93 40.82
C LEU H 70 15.42 30.74 40.60
N GLN H 71 16.43 30.56 41.47
CA GLN H 71 17.64 31.34 41.34
C GLN H 71 18.30 31.11 39.98
N HIS H 72 18.21 29.89 39.45
CA HIS H 72 18.80 29.61 38.15
C HIS H 72 18.09 30.34 37.02
N GLY H 73 16.85 30.75 37.24
CA GLY H 73 16.14 31.59 36.30
C GLY H 73 16.45 33.06 36.40
N SER H 74 17.40 33.43 37.26
CA SER H 74 17.61 34.85 37.59
C SER H 74 17.91 35.70 36.36
N LEU H 75 18.56 35.14 35.34
CA LEU H 75 18.92 35.96 34.18
C LEU H 75 17.69 36.55 33.54
N PHE H 76 16.57 35.83 33.59
CA PHE H 76 15.33 36.23 32.96
C PHE H 76 14.36 36.90 33.92
N LEU H 77 14.82 37.27 35.12
CA LEU H 77 13.96 37.92 36.09
C LEU H 77 14.53 39.28 36.45
N ARG H 78 13.72 40.07 37.15
CA ARG H 78 14.12 41.36 37.66
C ARG H 78 14.04 41.41 39.18
N THR H 79 14.00 40.26 39.85
CA THR H 79 14.06 40.24 41.31
C THR H 79 15.46 39.80 41.74
N PRO H 80 16.36 40.72 42.03
CA PRO H 80 17.78 40.34 42.12
C PRO H 80 18.12 39.43 43.28
N LYS H 81 17.27 39.28 44.30
CA LYS H 81 17.61 38.49 45.47
C LYS H 81 16.49 37.54 45.85
N ILE H 82 16.76 36.24 45.78
CA ILE H 82 15.83 35.20 46.19
C ILE H 82 16.49 34.42 47.32
N VAL H 83 15.84 34.39 48.49
CA VAL H 83 16.41 33.74 49.67
C VAL H 83 15.41 32.78 50.28
N SER H 84 15.91 31.76 50.98
CA SER H 84 15.04 30.77 51.59
C SER H 84 15.67 30.31 52.90
N GLY H 85 14.93 29.51 53.65
CA GLY H 85 15.39 29.01 54.94
C GLY H 85 14.21 28.72 55.85
N LYS H 86 14.42 27.79 56.79
CA LYS H 86 13.36 27.45 57.73
C LYS H 86 13.29 28.42 58.91
N ASP H 87 14.36 29.15 59.17
CA ASP H 87 14.40 30.15 60.22
C ASP H 87 13.83 31.45 59.70
N TYR H 88 12.78 31.96 60.36
CA TYR H 88 12.06 33.13 59.88
C TYR H 88 12.90 34.42 59.88
N ASN H 89 14.16 34.38 60.32
CA ASN H 89 15.00 35.58 60.25
C ASN H 89 15.22 36.05 58.81
N VAL H 90 15.00 35.18 57.82
CA VAL H 90 15.17 35.56 56.43
C VAL H 90 13.99 36.36 55.90
N THR H 91 12.86 36.38 56.60
CA THR H 91 11.74 37.22 56.18
C THR H 91 11.88 38.67 56.64
N ALA H 92 12.98 39.04 57.29
CA ALA H 92 13.06 40.36 57.91
C ALA H 92 12.89 41.47 56.89
N ASN H 93 12.11 42.49 57.26
CA ASN H 93 11.86 43.68 56.43
C ASN H 93 11.08 43.31 55.15
N SER H 94 10.01 42.54 55.31
CA SER H 94 9.10 42.30 54.21
C SER H 94 7.98 43.33 54.25
N LYS H 95 7.62 43.86 53.06
CA LYS H 95 6.46 44.73 53.02
C LYS H 95 5.16 43.92 52.95
N LEU H 96 5.19 42.75 52.31
CA LEU H 96 4.04 41.87 52.23
C LEU H 96 4.50 40.45 52.55
N VAL H 97 3.76 39.77 53.40
CA VAL H 97 4.06 38.39 53.77
C VAL H 97 2.86 37.54 53.39
N ILE H 98 3.09 36.54 52.52
CA ILE H 98 2.05 35.74 51.91
C ILE H 98 2.12 34.33 52.47
N ILE H 99 1.33 34.14 53.51
CA ILE H 99 0.53 32.98 53.92
C ILE H 99 1.06 31.56 54.09
N THR H 100 1.26 30.79 52.96
CA THR H 100 0.83 29.38 52.78
C THR H 100 1.27 28.33 53.80
N ALA H 101 0.66 27.15 53.67
CA ALA H 101 0.87 26.03 54.60
C ALA H 101 0.02 26.21 55.85
N GLY H 102 -0.03 25.15 56.64
CA GLY H 102 -1.10 24.90 57.56
C GLY H 102 -1.66 23.54 57.19
N ALA H 103 -2.40 22.95 58.11
CA ALA H 103 -2.84 21.57 57.93
C ALA H 103 -3.92 21.47 56.87
N ARG H 104 -3.83 20.41 56.05
CA ARG H 104 -4.94 20.02 55.18
C ARG H 104 -5.83 19.03 55.90
N GLN H 105 -7.08 18.92 55.41
CA GLN H 105 -8.14 18.24 56.15
C GLN H 105 -7.99 16.73 56.13
N GLN H 106 -7.96 16.11 57.32
CA GLN H 106 -7.88 14.67 57.49
C GLN H 106 -9.29 14.05 57.52
N GLU H 107 -9.35 12.72 57.40
CA GLU H 107 -10.62 12.00 57.33
C GLU H 107 -11.41 12.11 58.64
N GLY H 108 -12.69 12.46 58.53
CA GLY H 108 -13.52 12.65 59.69
C GLY H 108 -13.22 13.89 60.52
N GLU H 109 -12.34 14.76 60.03
CA GLU H 109 -11.87 15.85 60.87
C GLU H 109 -12.89 16.97 60.93
N SER H 110 -13.08 17.51 62.13
CA SER H 110 -14.05 18.57 62.35
C SER H 110 -13.61 19.85 61.65
N ARG H 111 -14.56 20.77 61.49
CA ARG H 111 -14.21 22.13 61.11
C ARG H 111 -13.32 22.77 62.17
N LEU H 112 -13.77 22.73 63.44
CA LEU H 112 -12.85 22.95 64.54
C LEU H 112 -11.77 21.86 64.47
N ASN H 113 -10.75 22.00 65.32
CA ASN H 113 -9.60 21.10 65.25
C ASN H 113 -8.80 21.38 63.97
N LEU H 114 -9.40 21.14 62.79
CA LEU H 114 -8.76 21.59 61.55
C LEU H 114 -8.37 23.06 61.69
N VAL H 115 -9.33 23.92 62.07
CA VAL H 115 -8.97 25.30 62.39
C VAL H 115 -7.93 25.32 63.50
N GLN H 116 -8.15 24.53 64.57
CA GLN H 116 -7.27 24.60 65.74
C GLN H 116 -5.86 24.07 65.43
N ARG H 117 -5.73 23.06 64.55
CA ARG H 117 -4.40 22.66 64.10
C ARG H 117 -3.71 23.82 63.40
N ASN H 118 -4.43 24.48 62.49
CA ASN H 118 -3.88 25.64 61.81
C ASN H 118 -3.61 26.78 62.80
N VAL H 119 -4.50 26.95 63.78
CA VAL H 119 -4.24 27.92 64.86
C VAL H 119 -2.90 27.62 65.50
N ASN H 120 -2.63 26.34 65.72
CA ASN H 120 -1.41 25.96 66.41
C ASN H 120 -0.19 26.11 65.51
N ILE H 121 -0.36 25.86 64.21
CA ILE H 121 0.70 26.21 63.26
C ILE H 121 0.95 27.72 63.29
N PHE H 122 -0.12 28.52 63.13
CA PHE H 122 0.03 29.98 63.11
C PHE H 122 0.58 30.51 64.42
N LYS H 123 0.46 29.76 65.53
CA LYS H 123 1.03 30.22 66.79
C LYS H 123 2.56 30.28 66.74
N PHE H 124 3.18 29.62 65.75
CA PHE H 124 4.62 29.75 65.49
C PHE H 124 4.90 30.67 64.31
N ILE H 125 4.15 30.50 63.22
CA ILE H 125 4.35 31.29 62.00
C ILE H 125 4.14 32.78 62.30
N ILE H 126 2.96 33.13 62.83
CA ILE H 126 2.57 34.54 62.90
C ILE H 126 3.49 35.36 63.81
N PRO H 127 3.82 34.91 65.03
CA PRO H 127 4.72 35.74 65.85
C PRO H 127 6.09 35.92 65.22
N ASN H 128 6.60 34.88 64.55
CA ASN H 128 7.92 34.99 63.93
C ASN H 128 7.91 36.00 62.78
N VAL H 129 6.84 36.00 61.97
CA VAL H 129 6.72 36.99 60.91
C VAL H 129 6.64 38.39 61.51
N VAL H 130 5.83 38.55 62.56
CA VAL H 130 5.68 39.84 63.23
C VAL H 130 7.01 40.32 63.79
N LYS H 131 7.80 39.41 64.36
CA LYS H 131 9.02 39.80 65.06
C LYS H 131 10.04 40.38 64.08
N TYR H 132 10.10 39.84 62.87
CA TYR H 132 11.10 40.24 61.89
C TYR H 132 10.59 41.23 60.87
N SER H 133 9.28 41.35 60.68
CA SER H 133 8.68 42.41 59.85
C SER H 133 7.46 42.99 60.56
N PRO H 134 7.67 43.93 61.48
CA PRO H 134 6.53 44.45 62.26
C PRO H 134 5.55 45.28 61.45
N ASN H 135 6.00 46.07 60.47
CA ASN H 135 5.12 46.97 59.74
C ASN H 135 4.52 46.36 58.48
N CYS H 136 4.65 45.05 58.28
CA CYS H 136 4.26 44.43 57.03
C CYS H 136 2.73 44.28 56.95
N LYS H 137 2.27 43.92 55.75
CA LYS H 137 0.92 43.45 55.50
C LYS H 137 0.92 41.92 55.45
N LEU H 138 -0.15 41.32 55.96
CA LEU H 138 -0.37 39.88 55.94
C LEU H 138 -1.43 39.54 54.91
N LEU H 139 -1.14 38.58 54.04
CA LEU H 139 -2.11 38.06 53.06
C LEU H 139 -2.22 36.57 53.25
N ILE H 140 -3.45 36.11 53.57
CA ILE H 140 -3.74 34.72 53.93
C ILE H 140 -4.51 34.08 52.79
N VAL H 141 -3.93 33.01 52.23
CA VAL H 141 -4.52 32.17 51.19
C VAL H 141 -5.00 30.82 51.74
N SER H 142 -4.55 30.42 52.93
CA SER H 142 -4.71 29.07 53.45
C SER H 142 -6.15 28.87 53.82
N ASN H 143 -6.68 27.72 53.51
CA ASN H 143 -8.07 27.43 53.83
C ASN H 143 -8.21 26.82 55.23
N PRO H 144 -9.36 27.01 55.90
CA PRO H 144 -10.51 27.84 55.48
C PRO H 144 -10.18 29.33 55.66
N VAL H 145 -10.11 30.04 54.54
CA VAL H 145 -9.39 31.31 54.51
C VAL H 145 -10.08 32.35 55.38
N ASP H 146 -11.40 32.28 55.49
CA ASP H 146 -12.10 33.27 56.30
C ASP H 146 -11.74 33.14 57.78
N ILE H 147 -11.75 31.91 58.32
CA ILE H 147 -11.41 31.71 59.73
C ILE H 147 -9.92 31.94 59.99
N LEU H 148 -9.07 31.62 59.01
CA LEU H 148 -7.63 31.73 59.26
C LEU H 148 -7.14 33.18 59.22
N THR H 149 -7.87 34.08 58.54
CA THR H 149 -7.49 35.49 58.57
C THR H 149 -7.76 36.09 59.94
N TYR H 150 -8.84 35.66 60.59
CA TYR H 150 -9.10 36.03 61.98
C TYR H 150 -7.94 35.59 62.88
N VAL H 151 -7.47 34.37 62.70
CA VAL H 151 -6.43 33.84 63.58
C VAL H 151 -5.16 34.63 63.44
N ALA H 152 -4.76 34.90 62.21
CA ALA H 152 -3.59 35.73 61.97
C ALA H 152 -3.79 37.14 62.52
N TRP H 153 -5.02 37.69 62.38
CA TRP H 153 -5.36 38.94 63.03
C TRP H 153 -5.10 38.88 64.53
N LYS H 154 -5.77 37.95 65.20
CA LYS H 154 -5.68 37.85 66.67
C LYS H 154 -4.25 37.53 67.12
N ILE H 155 -3.59 36.57 66.47
CA ILE H 155 -2.27 36.19 66.93
C ILE H 155 -1.26 37.33 66.74
N SER H 156 -1.43 38.17 65.72
CA SER H 156 -0.46 39.22 65.50
C SER H 156 -0.87 40.56 66.11
N GLY H 157 -2.15 40.74 66.44
CA GLY H 157 -2.63 42.02 66.93
C GLY H 157 -2.38 43.18 65.99
N PHE H 158 -2.41 42.92 64.68
CA PHE H 158 -2.31 43.96 63.69
C PHE H 158 -3.64 44.68 63.58
N PRO H 159 -3.64 45.94 63.14
CA PRO H 159 -4.91 46.60 62.79
C PRO H 159 -5.62 45.85 61.67
N LYS H 160 -6.96 45.89 61.72
CA LYS H 160 -7.80 45.10 60.82
C LYS H 160 -7.48 45.32 59.33
N ASN H 161 -6.91 46.47 58.98
CA ASN H 161 -6.59 46.82 57.60
C ASN H 161 -5.33 46.14 57.08
N ARG H 162 -4.55 45.49 57.96
CA ARG H 162 -3.30 44.87 57.55
C ARG H 162 -3.36 43.36 57.65
N VAL H 163 -4.56 42.79 57.66
CA VAL H 163 -4.74 41.35 57.60
C VAL H 163 -5.83 41.09 56.56
N ILE H 164 -5.45 40.49 55.45
CA ILE H 164 -6.31 40.29 54.29
C ILE H 164 -6.39 38.78 54.02
N GLY H 165 -7.55 38.32 53.59
CA GLY H 165 -7.74 36.94 53.17
C GLY H 165 -7.94 36.85 51.68
N SER H 166 -7.34 35.82 51.06
CA SER H 166 -7.55 35.54 49.65
C SER H 166 -9.04 35.60 49.30
N GLY H 167 -9.89 35.23 50.24
CA GLY H 167 -11.33 35.42 50.09
C GLY H 167 -11.87 34.83 48.81
N CYS H 168 -12.81 35.54 48.18
CA CYS H 168 -13.39 35.13 46.92
C CYS H 168 -12.76 35.80 45.72
N ASN H 169 -11.58 36.40 45.87
CA ASN H 169 -10.87 36.95 44.73
C ASN H 169 -10.79 35.96 43.56
N LEU H 170 -10.21 34.77 43.80
CA LEU H 170 -10.12 33.79 42.72
C LEU H 170 -11.50 33.40 42.21
N ASP H 171 -12.48 33.17 43.12
CA ASP H 171 -13.81 32.76 42.68
C ASP H 171 -14.48 33.82 41.81
N SER H 172 -14.26 35.10 42.13
CA SER H 172 -14.78 36.18 41.30
C SER H 172 -14.14 36.16 39.91
N ALA H 173 -12.83 35.90 39.84
CA ALA H 173 -12.16 35.74 38.54
C ALA H 173 -12.70 34.53 37.81
N ARG H 174 -12.94 33.43 38.52
CA ARG H 174 -13.54 32.27 37.90
C ARG H 174 -14.92 32.59 37.34
N PHE H 175 -15.67 33.40 38.08
CA PHE H 175 -17.02 33.75 37.66
C PHE H 175 -16.99 34.56 36.37
N ARG H 176 -16.07 35.54 36.28
CA ARG H 176 -15.96 36.38 35.09
C ARG H 176 -15.47 35.58 33.89
N TYR H 177 -14.49 34.67 34.09
CA TYR H 177 -14.08 33.78 33.01
C TYR H 177 -15.27 33.04 32.43
N LEU H 178 -16.15 32.50 33.29
CA LEU H 178 -17.31 31.74 32.85
C LEU H 178 -18.37 32.62 32.20
N MET H 179 -18.60 33.82 32.75
CA MET H 179 -19.49 34.77 32.09
C MET H 179 -18.98 35.11 30.70
N GLY H 180 -17.67 35.33 30.58
CA GLY H 180 -17.10 35.68 29.29
C GLY H 180 -17.32 34.61 28.25
N GLU H 181 -17.15 33.35 28.66
CA GLU H 181 -17.33 32.26 27.70
C GLU H 181 -18.79 32.14 27.26
N ARG H 182 -19.73 32.42 28.17
CA ARG H 182 -21.15 32.48 27.81
C ARG H 182 -21.47 33.67 26.89
N LEU H 183 -20.80 34.81 27.08
CA LEU H 183 -21.14 36.00 26.30
C LEU H 183 -20.28 36.23 25.06
N GLY H 184 -19.07 35.63 24.99
CA GLY H 184 -18.17 35.89 23.88
C GLY H 184 -17.37 37.15 24.06
N VAL H 185 -17.19 37.58 25.30
CA VAL H 185 -16.47 38.77 25.70
C VAL H 185 -15.26 38.34 26.53
N HIS H 186 -14.18 39.11 26.45
CA HIS H 186 -13.06 38.86 27.33
C HIS H 186 -13.48 39.09 28.78
N PRO H 187 -13.03 38.24 29.72
CA PRO H 187 -13.45 38.41 31.13
C PRO H 187 -13.12 39.77 31.69
N LEU H 188 -12.12 40.44 31.13
CA LEU H 188 -11.74 41.77 31.59
C LEU H 188 -12.88 42.76 31.42
N SER H 189 -13.77 42.52 30.44
CA SER H 189 -14.94 43.36 30.17
C SER H 189 -16.24 42.74 30.66
N CYS H 190 -16.18 41.64 31.40
CA CYS H 190 -17.31 41.08 32.12
C CYS H 190 -17.12 41.37 33.60
N HIS H 191 -18.14 41.94 34.22
CA HIS H 191 -18.06 42.28 35.62
C HIS H 191 -19.12 41.50 36.39
N GLY H 192 -18.71 40.98 37.54
CA GLY H 192 -19.52 40.11 38.38
C GLY H 192 -18.77 39.91 39.67
N TRP H 193 -19.49 39.81 40.77
CA TRP H 193 -18.85 39.66 42.07
C TRP H 193 -19.45 38.48 42.81
N VAL H 194 -18.60 37.68 43.43
CA VAL H 194 -19.04 36.71 44.42
C VAL H 194 -18.37 37.07 45.74
N LEU H 195 -19.18 37.06 46.82
CA LEU H 195 -18.76 37.59 48.11
C LEU H 195 -19.21 36.65 49.23
N GLY H 196 -18.68 36.92 50.43
CA GLY H 196 -19.10 36.23 51.63
C GLY H 196 -18.07 35.26 52.14
N GLU H 197 -18.54 34.08 52.55
CA GLU H 197 -17.66 32.98 52.91
C GLU H 197 -17.20 32.30 51.64
N HIS H 198 -15.89 32.13 51.50
CA HIS H 198 -15.32 31.36 50.42
C HIS H 198 -15.78 29.91 50.55
N GLY H 199 -16.63 29.44 49.66
CA GLY H 199 -16.95 28.03 49.71
C GLY H 199 -18.33 27.75 49.13
N ASP H 200 -19.01 26.78 49.73
CA ASP H 200 -20.37 26.46 49.31
C ASP H 200 -21.34 27.59 49.62
N SER H 201 -20.96 28.49 50.52
CA SER H 201 -21.86 29.53 51.00
C SER H 201 -21.59 30.91 50.39
N SER H 202 -20.71 31.01 49.40
CA SER H 202 -20.45 32.28 48.73
C SER H 202 -21.70 32.79 48.00
N VAL H 203 -21.79 34.10 47.83
CA VAL H 203 -22.99 34.77 47.36
C VAL H 203 -22.70 35.46 46.03
N PRO H 204 -23.33 35.05 44.92
CA PRO H 204 -23.21 35.79 43.65
C PRO H 204 -24.19 36.97 43.58
N VAL H 205 -23.65 38.19 43.57
CA VAL H 205 -24.48 39.41 43.53
C VAL H 205 -25.01 39.70 42.12
N TRP H 206 -26.08 39.01 41.72
CA TRP H 206 -26.66 39.18 40.39
C TRP H 206 -26.94 40.63 40.04
N SER H 207 -27.32 41.46 41.02
CA SER H 207 -27.59 42.86 40.74
C SER H 207 -26.40 43.55 40.09
N GLY H 208 -25.17 43.13 40.41
CA GLY H 208 -23.95 43.70 39.89
C GLY H 208 -23.45 43.20 38.53
N MET H 209 -23.97 42.10 37.99
CA MET H 209 -23.43 41.56 36.75
C MET H 209 -23.73 42.47 35.58
N ASN H 210 -22.68 42.85 34.84
CA ASN H 210 -22.91 43.76 33.73
C ASN H 210 -21.79 43.65 32.69
N VAL H 211 -22.15 44.03 31.47
CA VAL H 211 -21.18 44.40 30.45
C VAL H 211 -21.46 45.83 30.01
N ALA H 212 -20.45 46.70 30.11
CA ALA H 212 -20.57 48.09 29.67
C ALA H 212 -21.63 48.84 30.46
N GLY H 213 -21.92 48.39 31.68
CA GLY H 213 -22.87 49.05 32.56
C GLY H 213 -24.29 48.54 32.44
N VAL H 214 -24.62 47.86 31.34
CA VAL H 214 -25.91 47.18 31.19
C VAL H 214 -26.06 46.12 32.27
N SER H 215 -26.92 46.37 33.26
CA SER H 215 -27.19 45.33 34.23
C SER H 215 -27.84 44.14 33.56
N LEU H 216 -27.28 42.95 33.76
CA LEU H 216 -27.89 41.77 33.16
C LEU H 216 -29.23 41.45 33.81
N LYS H 217 -29.35 41.66 35.13
CA LYS H 217 -30.61 41.44 35.81
C LYS H 217 -31.73 42.32 35.25
N THR H 218 -31.39 43.54 34.82
CA THR H 218 -32.42 44.36 34.19
C THR H 218 -32.82 43.81 32.83
N LEU H 219 -31.84 43.53 31.98
CA LEU H 219 -32.08 42.92 30.67
C LEU H 219 -32.83 41.59 30.76
N HIS H 220 -32.88 40.96 31.94
CA HIS H 220 -33.38 39.60 32.07
C HIS H 220 -33.66 39.32 33.54
N PRO H 221 -34.85 39.64 34.04
CA PRO H 221 -35.02 39.69 35.51
C PRO H 221 -34.99 38.33 36.17
N ASP H 222 -35.31 37.25 35.45
CA ASP H 222 -35.25 35.91 36.01
C ASP H 222 -33.81 35.47 36.30
N LEU H 223 -32.81 36.28 35.97
CA LEU H 223 -31.41 35.93 36.11
C LEU H 223 -31.11 35.41 37.51
N GLY H 224 -30.49 34.23 37.58
CA GLY H 224 -30.07 33.69 38.85
C GLY H 224 -31.17 32.99 39.65
N THR H 225 -32.40 33.00 39.16
CA THR H 225 -33.50 32.27 39.81
C THR H 225 -33.61 30.87 39.20
N ASP H 226 -34.69 30.16 39.52
CA ASP H 226 -35.02 28.90 38.87
C ASP H 226 -35.92 29.10 37.65
N LYS H 227 -36.79 30.12 37.70
CA LYS H 227 -37.52 30.56 36.51
C LYS H 227 -36.59 30.96 35.37
N ASP H 228 -35.29 31.12 35.65
CA ASP H 228 -34.31 31.44 34.63
C ASP H 228 -34.21 30.31 33.61
N LYS H 229 -34.56 30.60 32.36
CA LYS H 229 -34.46 29.60 31.29
C LYS H 229 -33.01 29.30 30.90
N GLU H 230 -32.09 30.22 31.15
CA GLU H 230 -30.68 30.02 30.84
C GLU H 230 -29.88 29.48 32.02
N GLN H 231 -30.51 29.36 33.19
CA GLN H 231 -29.92 28.76 34.40
C GLN H 231 -28.54 29.34 34.71
N TRP H 232 -28.45 30.67 34.72
CA TRP H 232 -27.22 31.34 35.12
C TRP H 232 -26.83 31.01 36.55
N LYS H 233 -27.77 30.47 37.34
CA LYS H 233 -27.40 30.00 38.67
C LYS H 233 -26.39 28.86 38.62
N GLU H 234 -26.27 28.18 37.48
CA GLU H 234 -25.26 27.14 37.38
C GLU H 234 -23.87 27.73 37.21
N VAL H 235 -23.73 28.94 36.66
CA VAL H 235 -22.42 29.57 36.61
C VAL H 235 -21.80 29.65 37.99
N HIS H 236 -22.59 30.07 39.00
CA HIS H 236 -22.03 30.10 40.35
C HIS H 236 -21.79 28.70 40.89
N LYS H 237 -22.57 27.70 40.47
CA LYS H 237 -22.26 26.33 40.86
C LYS H 237 -20.90 25.93 40.31
N GLN H 238 -20.69 26.16 39.01
CA GLN H 238 -19.39 25.95 38.39
C GLN H 238 -18.27 26.60 39.21
N VAL H 239 -18.46 27.84 39.64
CA VAL H 239 -17.46 28.52 40.48
C VAL H 239 -17.20 27.73 41.76
N VAL H 240 -18.28 27.33 42.45
CA VAL H 240 -18.14 26.69 43.76
C VAL H 240 -17.57 25.29 43.62
N GLU H 241 -17.75 24.66 42.47
CA GLU H 241 -17.31 23.31 42.22
C GLU H 241 -15.98 23.22 41.48
N SER H 242 -15.45 24.31 40.92
CA SER H 242 -14.42 24.11 39.91
C SER H 242 -13.08 23.70 40.54
N ALA H 243 -12.77 24.18 41.74
CA ALA H 243 -11.56 23.68 42.40
C ALA H 243 -11.64 22.16 42.54
N TYR H 244 -12.80 21.64 42.93
CA TYR H 244 -12.98 20.21 43.07
C TYR H 244 -12.81 19.50 41.74
N GLU H 245 -13.28 20.12 40.65
CA GLU H 245 -13.17 19.44 39.38
C GLU H 245 -11.74 19.53 38.82
N VAL H 246 -11.02 20.61 39.14
CA VAL H 246 -9.61 20.66 38.81
C VAL H 246 -8.83 19.64 39.63
N ILE H 247 -9.18 19.48 40.91
CA ILE H 247 -8.49 18.52 41.77
C ILE H 247 -8.75 17.10 41.30
N LYS H 248 -9.97 16.82 40.85
CA LYS H 248 -10.30 15.49 40.32
C LYS H 248 -9.44 15.13 39.12
N LEU H 249 -9.02 16.12 38.31
CA LEU H 249 -8.31 15.82 37.07
C LEU H 249 -6.79 15.89 37.20
N LYS H 250 -6.27 16.56 38.23
CA LYS H 250 -4.82 16.74 38.34
C LYS H 250 -4.33 16.79 39.77
N GLY H 251 -5.21 16.68 40.78
CA GLY H 251 -4.85 16.51 42.17
C GLY H 251 -4.82 17.79 42.99
N TYR H 252 -4.56 18.94 42.36
CA TYR H 252 -4.49 20.20 43.06
C TYR H 252 -4.90 21.31 42.08
N THR H 253 -5.10 22.51 42.62
CA THR H 253 -5.11 23.73 41.82
C THR H 253 -3.87 24.52 42.16
N SER H 254 -3.35 25.29 41.19
CA SER H 254 -2.14 26.03 41.47
C SER H 254 -2.03 27.33 40.66
N TRP H 255 -2.22 27.25 39.34
CA TRP H 255 -1.89 28.40 38.51
C TRP H 255 -2.85 29.56 38.76
N ALA H 256 -4.17 29.31 38.67
CA ALA H 256 -5.12 30.40 38.83
C ALA H 256 -4.95 31.09 40.18
N ILE H 257 -4.78 30.31 41.24
CA ILE H 257 -4.67 30.96 42.53
C ILE H 257 -3.42 31.81 42.60
N GLY H 258 -2.33 31.32 42.00
CA GLY H 258 -1.08 32.08 41.98
C GLY H 258 -1.20 33.34 41.14
N LEU H 259 -1.87 33.25 39.99
CA LEU H 259 -2.18 34.44 39.20
C LEU H 259 -2.91 35.49 40.05
N SER H 260 -3.96 35.07 40.76
CA SER H 260 -4.83 36.03 41.44
C SER H 260 -4.17 36.58 42.70
N VAL H 261 -3.37 35.75 43.38
CA VAL H 261 -2.59 36.26 44.50
C VAL H 261 -1.59 37.30 44.00
N ALA H 262 -0.92 37.02 42.89
CA ALA H 262 0.01 37.99 42.31
C ALA H 262 -0.73 39.28 41.98
N ASP H 263 -1.98 39.18 41.53
CA ASP H 263 -2.78 40.39 41.31
C ASP H 263 -2.98 41.18 42.61
N LEU H 264 -3.35 40.50 43.71
CA LEU H 264 -3.49 41.20 45.00
C LEU H 264 -2.17 41.84 45.42
N ALA H 265 -1.07 41.12 45.25
CA ALA H 265 0.25 41.67 45.55
C ALA H 265 0.49 42.96 44.77
N GLU H 266 0.05 43.01 43.52
CA GLU H 266 0.30 44.19 42.69
C GLU H 266 -0.44 45.41 43.23
N SER H 267 -1.71 45.24 43.62
CA SER H 267 -2.46 46.36 44.15
C SER H 267 -1.85 46.85 45.45
N ILE H 268 -1.45 45.92 46.33
CA ILE H 268 -0.85 46.35 47.58
C ILE H 268 0.52 46.97 47.33
N MET H 269 1.39 46.27 46.59
CA MET H 269 2.79 46.69 46.50
C MET H 269 2.96 47.95 45.67
N LYS H 270 1.98 48.32 44.85
CA LYS H 270 2.10 49.51 44.04
C LYS H 270 1.12 50.59 44.44
N ASN H 271 0.27 50.34 45.44
CA ASN H 271 -0.64 51.34 45.99
C ASN H 271 -1.76 51.70 45.04
N LEU H 272 -2.20 50.76 44.20
CA LEU H 272 -3.14 51.09 43.14
C LEU H 272 -4.49 51.53 43.68
N ARG H 273 -4.89 51.04 44.85
CA ARG H 273 -6.23 51.25 45.39
C ARG H 273 -7.28 50.74 44.41
N ARG H 274 -7.05 49.53 43.91
CA ARG H 274 -8.08 48.84 43.15
C ARG H 274 -9.02 48.10 44.10
N VAL H 275 -10.17 47.72 43.56
CA VAL H 275 -11.20 47.03 44.33
C VAL H 275 -11.11 45.53 44.03
N HIS H 276 -10.82 44.73 45.06
CA HIS H 276 -10.70 43.27 45.00
C HIS H 276 -11.65 42.66 46.03
N PRO H 277 -12.43 41.63 45.66
CA PRO H 277 -13.28 40.97 46.65
C PRO H 277 -12.49 40.16 47.68
N VAL H 278 -11.77 40.81 48.58
CA VAL H 278 -10.95 40.11 49.54
C VAL H 278 -11.68 40.02 50.89
N SER H 279 -11.20 39.13 51.74
CA SER H 279 -11.92 38.79 52.96
C SER H 279 -11.45 39.70 54.09
N THR H 280 -12.37 40.44 54.70
CA THR H 280 -11.97 41.35 55.75
C THR H 280 -12.96 41.31 56.90
N MET H 281 -12.54 41.91 58.01
CA MET H 281 -13.38 42.04 59.20
C MET H 281 -14.59 42.92 58.90
N ILE H 282 -15.80 42.38 59.05
CA ILE H 282 -16.99 43.17 58.75
C ILE H 282 -17.91 43.30 59.96
N LYS H 283 -17.34 43.26 61.17
CA LYS H 283 -18.12 43.61 62.35
C LYS H 283 -18.66 45.01 62.18
N GLY H 284 -19.99 45.14 62.07
CA GLY H 284 -20.61 46.44 62.01
C GLY H 284 -21.37 46.69 60.73
N LEU H 285 -21.55 45.67 59.90
CA LEU H 285 -22.29 45.80 58.64
C LEU H 285 -23.14 44.57 58.41
N TYR H 286 -24.27 44.75 57.73
CA TYR H 286 -25.28 43.71 57.54
C TYR H 286 -25.73 43.11 58.87
N GLY H 287 -25.64 43.90 59.94
CA GLY H 287 -26.04 43.47 61.26
C GLY H 287 -25.17 42.41 61.85
N ILE H 288 -23.98 42.21 61.31
CA ILE H 288 -23.06 41.20 61.83
C ILE H 288 -22.34 41.82 63.02
N LYS H 289 -22.59 41.29 64.21
CA LYS H 289 -22.01 41.88 65.40
C LYS H 289 -20.81 41.11 65.94
N ASP H 290 -20.47 39.95 65.37
CA ASP H 290 -19.32 39.16 65.78
C ASP H 290 -18.04 39.68 65.13
N ASP H 291 -16.89 39.10 65.50
CA ASP H 291 -15.62 39.45 64.87
C ASP H 291 -15.30 38.40 63.81
N VAL H 292 -15.91 38.58 62.64
CA VAL H 292 -15.87 37.62 61.55
C VAL H 292 -15.23 38.29 60.34
N PHE H 293 -14.59 37.48 59.49
CA PHE H 293 -14.07 37.94 58.21
C PHE H 293 -14.90 37.32 57.11
N LEU H 294 -15.53 38.15 56.30
CA LEU H 294 -16.11 37.70 55.03
C LEU H 294 -15.50 38.51 53.89
N SER H 295 -15.86 38.14 52.67
CA SER H 295 -15.29 38.76 51.48
C SER H 295 -16.20 39.87 50.97
N VAL H 296 -15.65 41.07 50.89
CA VAL H 296 -16.35 42.30 50.59
C VAL H 296 -15.44 43.04 49.59
N PRO H 297 -15.99 43.75 48.60
CA PRO H 297 -15.09 44.49 47.70
C PRO H 297 -14.30 45.54 48.47
N CYS H 298 -12.99 45.35 48.58
CA CYS H 298 -12.12 46.27 49.30
C CYS H 298 -11.16 46.98 48.39
N ILE H 299 -10.58 48.05 48.92
CA ILE H 299 -9.73 48.93 48.18
C ILE H 299 -8.32 48.67 48.70
N LEU H 300 -7.47 48.11 47.84
CA LEU H 300 -6.21 47.49 48.23
C LEU H 300 -5.04 48.40 47.92
N GLY H 301 -4.18 48.62 48.89
CA GLY H 301 -3.11 49.57 48.68
C GLY H 301 -1.99 49.38 49.64
N GLN H 302 -1.10 50.35 49.63
CA GLN H 302 0.10 50.36 50.45
C GLN H 302 -0.18 50.13 51.93
N ASN H 303 -1.38 50.45 52.40
CA ASN H 303 -1.72 50.16 53.79
C ASN H 303 -2.75 49.04 53.90
N GLY H 304 -2.69 48.05 53.01
CA GLY H 304 -3.68 46.99 53.06
C GLY H 304 -5.04 47.50 52.65
N ILE H 305 -6.05 47.15 53.44
CA ILE H 305 -7.45 47.49 53.14
C ILE H 305 -7.77 48.78 53.90
N SER H 306 -7.60 49.92 53.24
CA SER H 306 -7.96 51.18 53.87
C SER H 306 -9.43 51.53 53.73
N ASP H 307 -10.18 50.81 52.89
CA ASP H 307 -11.56 51.17 52.57
C ASP H 307 -12.32 49.93 52.13
N LEU H 308 -13.65 49.98 52.27
CA LEU H 308 -14.57 48.94 51.84
C LEU H 308 -15.68 49.53 51.00
N VAL H 309 -16.08 48.82 49.95
CA VAL H 309 -17.30 49.16 49.23
C VAL H 309 -18.46 48.53 49.97
N LYS H 310 -19.55 49.29 50.12
CA LYS H 310 -20.75 48.81 50.79
C LYS H 310 -21.73 48.37 49.71
N VAL H 311 -21.52 47.16 49.18
CA VAL H 311 -22.48 46.62 48.24
C VAL H 311 -23.82 46.51 48.93
N THR H 312 -24.85 46.98 48.27
CA THR H 312 -26.17 46.87 48.84
C THR H 312 -26.79 45.59 48.29
N LEU H 313 -27.36 44.78 49.18
CA LEU H 313 -27.84 43.45 48.84
C LEU H 313 -29.32 43.31 49.12
N THR H 314 -29.95 42.38 48.39
CA THR H 314 -31.30 41.96 48.71
C THR H 314 -31.35 41.35 50.09
N SER H 315 -32.55 41.00 50.56
CA SER H 315 -32.68 40.47 51.91
C SER H 315 -32.20 39.02 51.98
N GLU H 316 -32.62 38.21 51.01
CA GLU H 316 -32.11 36.85 50.94
C GLU H 316 -30.59 36.82 50.84
N GLU H 317 -30.01 37.70 50.01
CA GLU H 317 -28.56 37.80 49.93
C GLU H 317 -27.96 38.23 51.26
N GLU H 318 -28.62 39.17 51.95
CA GLU H 318 -28.06 39.65 53.21
C GLU H 318 -28.16 38.59 54.30
N ALA H 319 -29.22 37.79 54.29
CA ALA H 319 -29.33 36.76 55.31
C ALA H 319 -28.25 35.71 55.15
N ARG H 320 -27.88 35.42 53.90
CA ARG H 320 -26.82 34.45 53.65
C ARG H 320 -25.49 34.89 54.25
N LEU H 321 -25.24 36.19 54.33
CA LEU H 321 -24.02 36.66 54.99
C LEU H 321 -24.12 36.55 56.51
N LYS H 322 -25.26 36.90 57.10
CA LYS H 322 -25.40 36.75 58.56
C LYS H 322 -25.29 35.31 58.96
N LYS H 323 -25.97 34.44 58.22
CA LYS H 323 -25.89 33.01 58.42
C LYS H 323 -24.44 32.54 58.49
N SER H 324 -23.64 32.91 57.47
CA SER H 324 -22.26 32.47 57.41
C SER H 324 -21.41 33.10 58.52
N ALA H 325 -21.71 34.32 58.92
CA ALA H 325 -20.97 34.95 60.01
C ALA H 325 -21.32 34.36 61.38
N ASP H 326 -22.51 33.77 61.52
CA ASP H 326 -22.85 33.05 62.75
C ASP H 326 -22.01 31.79 62.86
N THR H 327 -21.99 30.97 61.80
CA THR H 327 -21.16 29.79 61.80
C THR H 327 -19.71 30.10 62.21
N LEU H 328 -19.09 31.09 61.55
CA LEU H 328 -17.67 31.33 61.77
C LEU H 328 -17.36 31.80 63.19
N TRP H 329 -18.28 32.54 63.82
CA TRP H 329 -18.03 32.96 65.19
C TRP H 329 -18.19 31.80 66.16
N GLY H 330 -19.12 30.87 65.88
CA GLY H 330 -19.21 29.68 66.70
C GLY H 330 -17.92 28.89 66.71
N ILE H 331 -17.31 28.71 65.54
CA ILE H 331 -16.03 28.02 65.49
C ILE H 331 -14.94 28.85 66.16
N GLN H 332 -14.99 30.18 65.99
CA GLN H 332 -13.92 31.03 66.52
C GLN H 332 -13.99 31.24 68.02
N LYS H 333 -15.18 31.12 68.62
CA LYS H 333 -15.26 31.23 70.07
C LYS H 333 -14.79 29.96 70.76
N GLU H 334 -14.44 28.91 70.00
CA GLU H 334 -13.98 27.64 70.55
C GLU H 334 -12.50 27.37 70.24
N LEU H 335 -11.73 28.39 69.93
CA LEU H 335 -10.30 28.24 69.70
C LEU H 335 -9.53 28.45 70.99
N GLN H 336 -8.30 27.96 71.00
CA GLN H 336 -7.41 28.06 72.15
C GLN H 336 -6.09 28.66 71.65
N PHE H 337 -5.85 29.93 72.00
CA PHE H 337 -4.66 30.66 71.55
C PHE H 337 -3.52 30.61 72.58
N ALA I 7 -10.85 -53.67 16.10
CA ALA I 7 -9.69 -53.16 15.36
C ALA I 7 -8.52 -52.92 16.29
N THR I 8 -7.44 -53.69 16.09
CA THR I 8 -6.29 -53.56 16.96
C THR I 8 -5.60 -52.22 16.73
N LEU I 9 -4.59 -51.96 17.57
CA LEU I 9 -3.72 -50.82 17.35
C LEU I 9 -3.04 -50.90 15.98
N LYS I 10 -2.53 -52.10 15.63
CA LYS I 10 -1.78 -52.21 14.38
C LYS I 10 -2.65 -51.81 13.19
N ASP I 11 -3.93 -52.19 13.20
CA ASP I 11 -4.78 -51.87 12.07
C ASP I 11 -5.42 -50.50 12.19
N GLN I 12 -5.56 -49.97 13.40
CA GLN I 12 -5.93 -48.56 13.50
C GLN I 12 -4.86 -47.66 12.93
N LEU I 13 -3.59 -48.10 13.01
CA LEU I 13 -2.44 -47.31 12.64
C LEU I 13 -1.98 -47.56 11.19
N ILE I 14 -1.98 -48.82 10.76
CA ILE I 14 -1.36 -49.23 9.49
C ILE I 14 -2.39 -49.88 8.58
N TYR I 15 -2.62 -49.29 7.42
CA TYR I 15 -3.39 -49.90 6.33
C TYR I 15 -2.45 -50.74 5.48
N ASN I 16 -2.76 -52.02 5.34
CA ASN I 16 -1.93 -52.93 4.58
C ASN I 16 -2.36 -52.97 3.11
N LEU I 17 -1.37 -52.98 2.23
CA LEU I 17 -1.57 -53.12 0.80
C LEU I 17 -1.26 -54.50 0.26
N LEU I 18 -0.61 -55.39 1.02
CA LEU I 18 0.11 -56.46 0.35
C LEU I 18 0.15 -57.76 1.13
N LYS I 19 0.25 -58.84 0.34
CA LYS I 19 0.77 -60.17 0.61
C LYS I 19 1.85 -60.27 1.67
N GLU I 20 2.80 -61.16 1.35
CA GLU I 20 4.22 -61.06 1.59
C GLU I 20 4.76 -62.38 1.07
N GLU I 21 4.97 -62.49 -0.24
CA GLU I 21 5.61 -63.68 -0.78
C GLU I 21 7.10 -63.39 -0.87
N GLN I 22 7.83 -63.84 0.16
CA GLN I 22 9.25 -63.61 0.37
C GLN I 22 10.13 -63.90 -0.84
N THR I 23 10.78 -65.07 -0.77
CA THR I 23 12.08 -65.38 -1.35
C THR I 23 13.03 -64.27 -0.91
N PRO I 24 13.73 -64.43 0.22
CA PRO I 24 14.73 -63.44 0.58
C PRO I 24 15.79 -63.36 -0.51
N GLN I 25 16.29 -62.14 -0.76
CA GLN I 25 17.05 -61.90 -1.97
C GLN I 25 18.55 -61.97 -1.78
N ASN I 26 19.06 -61.67 -0.58
CA ASN I 26 20.48 -61.74 -0.31
C ASN I 26 20.67 -62.41 1.06
N LYS I 27 20.33 -63.68 1.14
CA LYS I 27 20.33 -64.43 2.39
C LYS I 27 21.67 -65.13 2.60
N ILE I 28 22.17 -65.10 3.84
CA ILE I 28 23.38 -65.83 4.23
C ILE I 28 23.09 -66.71 5.43
N THR I 29 23.58 -67.94 5.39
CA THR I 29 23.51 -68.85 6.53
C THR I 29 24.89 -69.06 7.13
N VAL I 30 24.97 -69.14 8.45
CA VAL I 30 26.15 -69.58 9.18
C VAL I 30 25.79 -70.86 9.95
N VAL I 31 26.61 -71.89 9.80
CA VAL I 31 26.42 -73.18 10.46
C VAL I 31 27.49 -73.32 11.52
N GLY I 32 27.07 -73.38 12.78
CA GLY I 32 28.00 -73.32 13.88
C GLY I 32 27.98 -71.97 14.59
N VAL I 33 27.65 -71.95 15.87
CA VAL I 33 27.63 -70.68 16.60
C VAL I 33 28.61 -70.70 17.76
N GLY I 34 29.72 -71.42 17.61
CA GLY I 34 30.87 -71.18 18.48
C GLY I 34 31.49 -69.82 18.17
N ALA I 35 32.67 -69.59 18.75
CA ALA I 35 33.26 -68.25 18.66
C ALA I 35 33.56 -67.87 17.22
N VAL I 36 33.98 -68.82 16.38
CA VAL I 36 34.26 -68.53 14.97
C VAL I 36 32.98 -68.13 14.23
N GLY I 37 31.93 -68.93 14.33
CA GLY I 37 30.71 -68.64 13.60
C GLY I 37 30.05 -67.33 14.00
N MET I 38 30.12 -66.98 15.29
CA MET I 38 29.51 -65.71 15.70
C MET I 38 30.35 -64.54 15.22
N ALA I 39 31.68 -64.68 15.21
CA ALA I 39 32.53 -63.63 14.67
C ALA I 39 32.20 -63.35 13.23
N CYS I 40 31.97 -64.40 12.42
CA CYS I 40 31.51 -64.18 11.05
C CYS I 40 30.18 -63.46 11.06
N ALA I 41 29.27 -63.89 11.93
CA ALA I 41 27.92 -63.32 11.96
C ALA I 41 27.96 -61.82 12.19
N ILE I 42 28.66 -61.36 13.23
CA ILE I 42 28.67 -59.94 13.54
C ILE I 42 29.44 -59.15 12.48
N SER I 43 30.51 -59.74 11.90
CA SER I 43 31.20 -59.04 10.80
C SER I 43 30.32 -58.96 9.56
N ILE I 44 29.60 -60.04 9.24
CA ILE I 44 28.68 -59.98 8.11
C ILE I 44 27.56 -58.98 8.39
N LEU I 45 27.04 -58.97 9.62
CA LEU I 45 26.01 -57.99 9.97
C LEU I 45 26.55 -56.56 9.93
N MET I 46 27.76 -56.32 10.45
CA MET I 46 28.20 -54.93 10.46
C MET I 46 28.64 -54.44 9.09
N LYS I 47 28.63 -55.30 8.08
CA LYS I 47 29.04 -54.92 6.75
C LYS I 47 27.86 -54.87 5.77
N ASP I 48 26.64 -55.06 6.25
CA ASP I 48 25.43 -54.84 5.43
C ASP I 48 25.42 -55.73 4.19
N LEU I 49 25.83 -56.98 4.33
CA LEU I 49 25.95 -57.87 3.19
C LEU I 49 24.70 -58.72 2.94
N ALA I 50 23.77 -58.79 3.89
CA ALA I 50 22.63 -59.68 3.76
C ALA I 50 21.36 -58.97 4.21
N ASP I 51 20.22 -59.36 3.61
CA ASP I 51 18.91 -58.93 4.12
C ASP I 51 18.26 -59.99 5.00
N GLU I 52 18.89 -61.14 5.14
CA GLU I 52 18.43 -62.16 6.08
C GLU I 52 19.65 -62.94 6.50
N LEU I 53 19.72 -63.28 7.77
CA LEU I 53 20.79 -64.11 8.31
C LEU I 53 20.18 -65.25 9.08
N ALA I 54 20.64 -66.46 8.79
CA ALA I 54 20.14 -67.67 9.43
C ALA I 54 21.29 -68.35 10.16
N LEU I 55 21.02 -68.76 11.40
CA LEU I 55 22.00 -69.44 12.23
C LEU I 55 21.52 -70.85 12.52
N VAL I 56 22.42 -71.82 12.41
CA VAL I 56 22.10 -73.22 12.67
C VAL I 56 23.18 -73.82 13.55
N ASP I 57 22.75 -74.50 14.61
CA ASP I 57 23.64 -75.33 15.41
C ASP I 57 22.76 -76.39 16.05
N VAL I 58 23.39 -77.33 16.77
CA VAL I 58 22.65 -78.45 17.35
C VAL I 58 22.33 -78.24 18.82
N ILE I 59 22.97 -77.28 19.47
CA ILE I 59 22.72 -76.96 20.87
C ILE I 59 21.70 -75.83 20.91
N GLU I 60 20.45 -76.16 21.23
CA GLU I 60 19.33 -75.24 21.02
C GLU I 60 19.41 -74.01 21.91
N ASP I 61 19.85 -74.18 23.16
CA ASP I 61 20.16 -73.11 24.11
C ASP I 61 20.89 -71.95 23.46
N LYS I 62 22.20 -72.17 23.29
CA LYS I 62 23.13 -71.18 22.79
C LYS I 62 22.62 -70.54 21.52
N LEU I 63 22.11 -71.37 20.60
CA LEU I 63 21.64 -70.87 19.31
C LEU I 63 20.55 -69.82 19.50
N LYS I 64 19.58 -70.10 20.36
CA LYS I 64 18.50 -69.14 20.58
C LYS I 64 19.02 -67.86 21.24
N GLY I 65 19.91 -67.99 22.22
CA GLY I 65 20.43 -66.82 22.91
C GLY I 65 21.27 -65.93 22.02
N GLU I 66 22.13 -66.53 21.19
CA GLU I 66 22.91 -65.73 20.25
C GLU I 66 22.00 -65.00 19.28
N MET I 67 20.95 -65.67 18.78
CA MET I 67 20.04 -65.01 17.86
C MET I 67 19.34 -63.85 18.54
N MET I 68 18.87 -64.05 19.78
CA MET I 68 18.19 -62.98 20.49
C MET I 68 19.11 -61.80 20.73
N ASP I 69 20.31 -62.07 21.23
CA ASP I 69 21.31 -61.03 21.40
C ASP I 69 21.50 -60.22 20.11
N LEU I 70 21.72 -60.89 18.98
CA LEU I 70 21.86 -60.16 17.71
C LEU I 70 20.55 -59.45 17.36
N GLN I 71 19.42 -60.07 17.69
CA GLN I 71 18.15 -59.44 17.38
C GLN I 71 17.98 -58.14 18.18
N HIS I 72 18.46 -58.11 19.43
CA HIS I 72 18.31 -56.90 20.23
C HIS I 72 19.15 -55.72 19.69
N GLY I 73 20.26 -55.99 19.01
CA GLY I 73 20.93 -54.88 18.33
C GLY I 73 20.33 -54.44 17.00
N SER I 74 19.13 -54.90 16.64
CA SER I 74 18.58 -54.60 15.32
C SER I 74 18.59 -53.11 15.01
N LEU I 75 18.34 -52.28 16.03
CA LEU I 75 18.29 -50.83 15.82
C LEU I 75 19.54 -50.32 15.13
N PHE I 76 20.68 -50.91 15.43
CA PHE I 76 21.96 -50.42 14.96
C PHE I 76 22.41 -51.14 13.70
N LEU I 77 21.56 -52.01 13.16
CA LEU I 77 21.88 -52.82 11.99
C LEU I 77 21.00 -52.44 10.81
N ARG I 78 21.37 -52.94 9.64
CA ARG I 78 20.58 -52.80 8.43
C ARG I 78 20.24 -54.17 7.84
N THR I 79 20.00 -55.16 8.70
CA THR I 79 19.62 -56.51 8.28
C THR I 79 18.32 -56.87 8.96
N PRO I 80 17.18 -56.84 8.24
CA PRO I 80 15.88 -56.84 8.91
C PRO I 80 15.42 -58.19 9.44
N LYS I 81 16.04 -59.31 9.07
CA LYS I 81 15.56 -60.61 9.54
C LYS I 81 16.74 -61.45 9.98
N ILE I 82 16.76 -61.82 11.26
CA ILE I 82 17.68 -62.81 11.78
C ILE I 82 16.85 -63.99 12.28
N VAL I 83 17.13 -65.18 11.77
CA VAL I 83 16.45 -66.41 12.17
C VAL I 83 17.47 -67.46 12.59
N SER I 84 16.98 -68.43 13.35
CA SER I 84 17.84 -69.50 13.82
C SER I 84 16.98 -70.74 14.05
N GLY I 85 17.63 -71.89 14.06
CA GLY I 85 17.01 -73.16 14.42
C GLY I 85 17.91 -74.34 14.13
N LYS I 86 17.71 -75.45 14.86
CA LYS I 86 18.53 -76.61 14.55
C LYS I 86 18.03 -77.34 13.32
N ASP I 87 16.86 -76.95 12.82
CA ASP I 87 16.29 -77.44 11.57
C ASP I 87 16.81 -76.61 10.41
N TYR I 88 17.39 -77.28 9.41
CA TYR I 88 17.95 -76.58 8.26
C TYR I 88 16.90 -75.96 7.36
N ASN I 89 15.62 -76.10 7.68
CA ASN I 89 14.61 -75.44 6.86
C ASN I 89 14.73 -73.91 6.94
N VAL I 90 15.26 -73.39 8.06
CA VAL I 90 15.42 -71.95 8.23
C VAL I 90 16.49 -71.37 7.30
N THR I 91 17.28 -72.22 6.68
CA THR I 91 18.32 -71.76 5.76
C THR I 91 17.83 -71.59 4.33
N ALA I 92 16.53 -71.76 4.09
CA ALA I 92 16.03 -71.86 2.71
C ALA I 92 16.39 -70.64 1.88
N ASN I 93 16.83 -70.89 0.65
CA ASN I 93 17.13 -69.85 -0.34
C ASN I 93 18.31 -68.95 0.07
N SER I 94 19.30 -69.54 0.74
CA SER I 94 20.56 -68.85 1.02
C SER I 94 21.36 -68.72 -0.27
N LYS I 95 21.97 -67.56 -0.48
CA LYS I 95 22.92 -67.41 -1.57
C LYS I 95 24.28 -67.96 -1.20
N LEU I 96 24.62 -67.93 0.09
CA LEU I 96 25.94 -68.29 0.57
C LEU I 96 25.77 -68.99 1.91
N VAL I 97 26.32 -70.19 2.05
CA VAL I 97 26.24 -70.95 3.30
C VAL I 97 27.64 -71.11 3.85
N ILE I 98 27.83 -70.78 5.13
CA ILE I 98 29.15 -70.70 5.72
C ILE I 98 29.22 -71.77 6.80
N ILE I 99 30.07 -72.77 6.60
CA ILE I 99 30.16 -73.92 7.50
C ILE I 99 31.34 -73.71 8.43
N THR I 100 31.07 -73.71 9.73
CA THR I 100 32.09 -73.63 10.76
C THR I 100 32.01 -74.76 11.74
N ALA I 101 30.90 -75.52 11.75
CA ALA I 101 30.69 -76.61 12.69
C ALA I 101 31.58 -77.78 12.34
N GLY I 102 31.87 -78.58 13.34
CA GLY I 102 32.68 -79.78 13.13
C GLY I 102 33.23 -80.29 14.44
N ALA I 103 33.95 -81.38 14.33
CA ALA I 103 34.43 -82.10 15.51
C ALA I 103 35.84 -81.67 15.84
N ARG I 104 36.16 -81.65 17.14
CA ARG I 104 37.52 -81.36 17.62
C ARG I 104 38.27 -82.67 17.86
N GLN I 105 39.57 -82.65 17.59
CA GLN I 105 40.39 -83.83 17.82
C GLN I 105 40.55 -84.08 19.32
N GLN I 106 40.67 -85.36 19.68
CA GLN I 106 40.66 -85.81 21.05
C GLN I 106 41.96 -86.50 21.41
N GLU I 107 42.12 -86.79 22.70
CA GLU I 107 43.32 -87.44 23.21
C GLU I 107 43.63 -88.72 22.45
N GLY I 108 44.76 -88.73 21.75
CA GLY I 108 45.22 -89.94 21.09
C GLY I 108 44.23 -90.46 20.05
N GLU I 109 43.89 -89.60 19.10
CA GLU I 109 42.99 -89.93 17.99
C GLU I 109 43.74 -89.65 16.70
N SER I 110 43.65 -90.57 15.74
CA SER I 110 44.35 -90.42 14.48
C SER I 110 43.87 -89.19 13.71
N ARG I 111 44.70 -88.71 12.78
CA ARG I 111 44.22 -87.63 11.90
C ARG I 111 43.05 -88.12 11.05
N LEU I 112 43.20 -89.30 10.44
CA LEU I 112 42.05 -90.07 10.01
C LEU I 112 41.19 -90.37 11.23
N ASN I 113 39.88 -90.51 11.05
CA ASN I 113 38.92 -90.70 12.14
C ASN I 113 38.43 -89.36 12.66
N LEU I 114 39.35 -88.52 13.15
CA LEU I 114 39.00 -87.11 13.30
C LEU I 114 38.37 -86.59 12.01
N VAL I 115 39.09 -86.72 10.90
CA VAL I 115 38.54 -86.36 9.60
C VAL I 115 37.30 -87.19 9.30
N GLN I 116 37.33 -88.48 9.65
CA GLN I 116 36.16 -89.33 9.39
C GLN I 116 34.96 -88.90 10.24
N ARG I 117 35.17 -88.58 11.52
CA ARG I 117 34.07 -88.04 12.32
C ARG I 117 33.49 -86.77 11.69
N ASN I 118 34.37 -85.87 11.21
CA ASN I 118 33.89 -84.68 10.52
C ASN I 118 33.15 -85.04 9.23
N VAL I 119 33.60 -86.10 8.55
CA VAL I 119 32.90 -86.57 7.37
C VAL I 119 31.47 -86.96 7.74
N ASN I 120 31.32 -87.64 8.88
CA ASN I 120 29.98 -88.10 9.26
C ASN I 120 29.09 -86.94 9.65
N ILE I 121 29.66 -85.92 10.31
CA ILE I 121 28.88 -84.71 10.55
C ILE I 121 28.49 -84.09 9.24
N PHE I 122 29.46 -83.92 8.34
CA PHE I 122 29.15 -83.32 7.05
C PHE I 122 28.16 -84.17 6.26
N LYS I 123 28.07 -85.47 6.58
CA LYS I 123 27.06 -86.31 5.91
C LYS I 123 25.66 -85.92 6.33
N PHE I 124 25.50 -85.35 7.52
CA PHE I 124 24.22 -84.78 7.93
C PHE I 124 24.05 -83.33 7.51
N ILE I 125 25.11 -82.50 7.64
CA ILE I 125 25.00 -81.05 7.41
C ILE I 125 24.87 -80.74 5.93
N ILE I 126 25.80 -81.24 5.11
CA ILE I 126 25.85 -80.82 3.71
C ILE I 126 24.56 -81.13 2.96
N PRO I 127 23.98 -82.33 3.03
CA PRO I 127 22.77 -82.57 2.23
C PRO I 127 21.59 -81.75 2.71
N ASN I 128 21.46 -81.55 4.02
CA ASN I 128 20.44 -80.64 4.53
C ASN I 128 20.61 -79.23 3.96
N VAL I 129 21.85 -78.72 3.93
CA VAL I 129 22.12 -77.44 3.26
C VAL I 129 21.67 -77.50 1.79
N VAL I 130 22.12 -78.53 1.06
CA VAL I 130 21.83 -78.60 -0.37
C VAL I 130 20.32 -78.70 -0.62
N LYS I 131 19.63 -79.46 0.24
CA LYS I 131 18.18 -79.61 0.14
C LYS I 131 17.47 -78.26 0.08
N TYR I 132 17.87 -77.32 0.94
CA TYR I 132 17.10 -76.09 1.05
C TYR I 132 17.66 -74.92 0.24
N SER I 133 18.94 -74.94 -0.13
CA SER I 133 19.52 -73.90 -0.99
C SER I 133 20.31 -74.56 -2.11
N PRO I 134 19.64 -75.25 -3.03
CA PRO I 134 20.37 -75.96 -4.10
C PRO I 134 21.30 -75.07 -4.91
N ASN I 135 21.07 -73.76 -4.98
CA ASN I 135 21.89 -72.86 -5.78
C ASN I 135 23.01 -72.16 -5.00
N CYS I 136 23.19 -72.47 -3.72
CA CYS I 136 24.04 -71.63 -2.89
C CYS I 136 25.53 -71.83 -3.21
N LYS I 137 26.34 -70.90 -2.72
CA LYS I 137 27.78 -71.12 -2.62
C LYS I 137 28.10 -71.58 -1.21
N LEU I 138 28.95 -72.63 -1.10
CA LEU I 138 29.36 -73.21 0.18
C LEU I 138 30.74 -72.70 0.54
N LEU I 139 30.86 -72.04 1.70
CA LEU I 139 32.13 -71.63 2.27
C LEU I 139 32.42 -72.52 3.46
N ILE I 140 33.47 -73.33 3.37
CA ILE I 140 33.90 -74.23 4.44
C ILE I 140 35.00 -73.54 5.24
N VAL I 141 34.75 -73.32 6.53
CA VAL I 141 35.74 -72.71 7.42
C VAL I 141 36.30 -73.76 8.36
N SER I 142 35.49 -74.81 8.64
CA SER I 142 35.86 -75.85 9.59
C SER I 142 37.21 -76.45 9.25
N ASN I 143 37.92 -76.94 10.28
CA ASN I 143 39.26 -77.46 10.05
C ASN I 143 39.31 -78.97 10.23
N PRO I 144 40.25 -79.70 9.58
CA PRO I 144 41.26 -79.34 8.54
C PRO I 144 40.63 -78.88 7.22
N VAL I 145 40.88 -77.61 6.87
CA VAL I 145 39.96 -76.96 5.94
C VAL I 145 40.15 -77.47 4.52
N ASP I 146 41.36 -77.88 4.15
CA ASP I 146 41.55 -78.39 2.80
C ASP I 146 40.84 -79.73 2.59
N ILE I 147 40.97 -80.65 3.56
CA ILE I 147 40.29 -81.95 3.44
C ILE I 147 38.77 -81.79 3.51
N LEU I 148 38.27 -80.96 4.43
CA LEU I 148 36.82 -80.81 4.60
C LEU I 148 36.16 -80.05 3.46
N THR I 149 36.93 -79.23 2.71
CA THR I 149 36.35 -78.64 1.51
C THR I 149 36.11 -79.69 0.44
N TYR I 150 37.05 -80.65 0.29
CA TYR I 150 36.84 -81.78 -0.61
C TYR I 150 35.62 -82.59 -0.17
N VAL I 151 35.49 -82.83 1.14
CA VAL I 151 34.38 -83.61 1.69
C VAL I 151 33.04 -82.97 1.34
N ALA I 152 32.91 -81.64 1.56
CA ALA I 152 31.67 -80.96 1.23
C ALA I 152 31.39 -81.01 -0.27
N TRP I 153 32.44 -80.97 -1.08
CA TRP I 153 32.27 -81.04 -2.52
C TRP I 153 31.72 -82.41 -2.94
N LYS I 154 32.31 -83.49 -2.44
CA LYS I 154 31.83 -84.82 -2.81
C LYS I 154 30.41 -85.05 -2.30
N ILE I 155 30.11 -84.61 -1.08
CA ILE I 155 28.78 -84.87 -0.53
C ILE I 155 27.71 -84.03 -1.23
N SER I 156 28.04 -82.79 -1.59
CA SER I 156 27.03 -81.93 -2.18
C SER I 156 26.80 -82.27 -3.64
N GLY I 157 27.83 -82.76 -4.31
CA GLY I 157 27.76 -82.93 -5.75
C GLY I 157 27.50 -81.63 -6.46
N PHE I 158 28.09 -80.55 -5.97
CA PHE I 158 28.13 -79.18 -6.47
C PHE I 158 29.27 -79.02 -7.46
N PRO I 159 29.16 -78.11 -8.41
CA PRO I 159 30.32 -77.79 -9.26
C PRO I 159 31.43 -77.14 -8.45
N LYS I 160 32.66 -77.29 -8.95
CA LYS I 160 33.87 -76.80 -8.27
C LYS I 160 33.78 -75.34 -7.89
N ASN I 161 33.20 -74.51 -8.76
CA ASN I 161 33.16 -73.08 -8.48
C ASN I 161 32.38 -72.77 -7.21
N ARG I 162 31.47 -73.65 -6.79
CA ARG I 162 30.52 -73.32 -5.74
C ARG I 162 30.85 -73.96 -4.40
N VAL I 163 32.05 -74.52 -4.25
CA VAL I 163 32.52 -75.04 -2.97
C VAL I 163 33.89 -74.43 -2.72
N ILE I 164 33.95 -73.47 -1.80
CA ILE I 164 35.14 -72.67 -1.51
C ILE I 164 35.59 -72.96 -0.08
N GLY I 165 36.87 -73.24 0.09
CA GLY I 165 37.47 -73.37 1.41
C GLY I 165 38.15 -72.07 1.81
N SER I 166 37.99 -71.71 3.11
CA SER I 166 38.63 -70.49 3.60
C SER I 166 40.14 -70.56 3.45
N GLY I 167 40.74 -71.74 3.61
CA GLY I 167 42.12 -71.96 3.20
C GLY I 167 43.09 -71.02 3.88
N CYS I 168 43.93 -70.36 3.05
CA CYS I 168 44.99 -69.45 3.48
C CYS I 168 44.59 -67.98 3.44
N ASN I 169 43.28 -67.68 3.36
CA ASN I 169 42.85 -66.29 3.31
C ASN I 169 43.34 -65.50 4.52
N LEU I 170 43.10 -66.01 5.73
CA LEU I 170 43.57 -65.34 6.93
C LEU I 170 45.09 -65.47 7.08
N ASP I 171 45.66 -66.62 6.72
CA ASP I 171 47.12 -66.73 6.74
C ASP I 171 47.77 -65.61 5.93
N SER I 172 47.22 -65.29 4.74
CA SER I 172 47.74 -64.20 3.94
C SER I 172 47.49 -62.85 4.59
N ALA I 173 46.35 -62.70 5.26
CA ALA I 173 46.08 -61.47 6.00
C ALA I 173 47.08 -61.28 7.12
N ARG I 174 47.42 -62.34 7.85
CA ARG I 174 48.40 -62.22 8.92
C ARG I 174 49.77 -61.91 8.36
N PHE I 175 50.09 -62.50 7.21
CA PHE I 175 51.38 -62.25 6.55
C PHE I 175 51.53 -60.77 6.19
N ARG I 176 50.48 -60.18 5.61
CA ARG I 176 50.54 -58.78 5.20
C ARG I 176 50.59 -57.86 6.41
N TYR I 177 49.92 -58.24 7.49
CA TYR I 177 50.04 -57.49 8.73
C TYR I 177 51.47 -57.50 9.24
N LEU I 178 52.05 -58.69 9.32
CA LEU I 178 53.44 -58.81 9.77
C LEU I 178 54.39 -58.11 8.80
N MET I 179 54.17 -58.24 7.49
CA MET I 179 54.97 -57.47 6.56
C MET I 179 54.86 -55.97 6.84
N GLY I 180 53.66 -55.50 7.18
CA GLY I 180 53.47 -54.08 7.44
C GLY I 180 54.14 -53.58 8.71
N GLU I 181 54.30 -54.46 9.71
CA GLU I 181 54.99 -54.02 10.92
C GLU I 181 56.47 -53.80 10.66
N ARG I 182 57.08 -54.66 9.84
CA ARG I 182 58.49 -54.52 9.50
C ARG I 182 58.76 -53.28 8.66
N LEU I 183 57.97 -53.05 7.61
CA LEU I 183 58.23 -51.93 6.73
C LEU I 183 57.61 -50.64 7.23
N GLY I 184 56.67 -50.72 8.16
CA GLY I 184 55.97 -49.53 8.59
C GLY I 184 54.99 -48.98 7.57
N VAL I 185 54.25 -49.86 6.89
CA VAL I 185 53.28 -49.50 5.86
C VAL I 185 51.98 -50.20 6.21
N HIS I 186 50.85 -49.60 5.84
CA HIS I 186 49.57 -50.24 6.14
C HIS I 186 49.48 -51.58 5.41
N PRO I 187 48.88 -52.60 6.02
CA PRO I 187 48.72 -53.88 5.32
C PRO I 187 48.06 -53.78 3.96
N LEU I 188 47.13 -52.84 3.78
CA LEU I 188 46.47 -52.70 2.48
C LEU I 188 47.47 -52.41 1.37
N SER I 189 48.64 -51.86 1.72
CA SER I 189 49.67 -51.46 0.77
C SER I 189 50.88 -52.34 0.79
N CYS I 190 50.84 -53.46 1.52
CA CYS I 190 51.86 -54.50 1.49
C CYS I 190 51.25 -55.73 0.85
N HIS I 191 51.97 -56.35 -0.07
CA HIS I 191 51.41 -57.44 -0.85
C HIS I 191 52.30 -58.66 -0.76
N GLY I 192 51.66 -59.82 -0.71
CA GLY I 192 52.34 -61.08 -0.46
C GLY I 192 51.33 -62.18 -0.25
N TRP I 193 51.63 -63.38 -0.74
CA TRP I 193 50.65 -64.45 -0.77
C TRP I 193 51.18 -65.69 -0.09
N VAL I 194 50.30 -66.32 0.67
CA VAL I 194 50.57 -67.60 1.32
C VAL I 194 49.64 -68.62 0.72
N LEU I 195 50.21 -69.63 0.06
CA LEU I 195 49.47 -70.57 -0.78
C LEU I 195 49.60 -72.01 -0.26
N GLY I 196 48.77 -72.89 -0.80
CA GLY I 196 48.95 -74.29 -0.51
C GLY I 196 48.04 -74.85 0.56
N GLU I 197 48.56 -75.83 1.31
CA GLU I 197 47.83 -76.42 2.42
C GLU I 197 47.82 -75.45 3.61
N HIS I 198 46.62 -75.18 4.11
CA HIS I 198 46.51 -74.32 5.29
C HIS I 198 47.14 -75.05 6.48
N GLY I 199 48.07 -74.37 7.17
CA GLY I 199 48.76 -74.97 8.29
C GLY I 199 50.28 -74.84 8.13
N ASP I 200 51.01 -75.78 8.78
CA ASP I 200 52.47 -75.70 8.82
C ASP I 200 53.10 -75.78 7.44
N SER I 201 52.38 -76.30 6.45
CA SER I 201 52.96 -76.57 5.15
C SER I 201 52.58 -75.53 4.10
N SER I 202 51.88 -74.47 4.49
CA SER I 202 51.60 -73.37 3.58
C SER I 202 52.90 -72.87 2.95
N VAL I 203 52.77 -72.24 1.78
CA VAL I 203 53.94 -71.84 1.01
C VAL I 203 53.96 -70.32 0.89
N PRO I 204 54.94 -69.63 1.48
CA PRO I 204 55.06 -68.18 1.28
C PRO I 204 55.74 -67.86 -0.04
N VAL I 205 54.99 -67.23 -0.96
CA VAL I 205 55.51 -67.00 -2.30
C VAL I 205 56.36 -65.74 -2.28
N TRP I 206 57.64 -65.91 -1.93
CA TRP I 206 58.54 -64.77 -1.82
C TRP I 206 58.58 -63.91 -3.08
N SER I 207 58.52 -64.52 -4.26
CA SER I 207 58.65 -63.76 -5.51
C SER I 207 57.55 -62.73 -5.69
N GLY I 208 56.41 -62.89 -5.03
CA GLY I 208 55.33 -61.94 -5.12
C GLY I 208 55.29 -60.88 -4.03
N MET I 209 56.18 -60.92 -3.05
CA MET I 209 56.15 -59.91 -1.99
C MET I 209 56.64 -58.58 -2.54
N ASN I 210 55.84 -57.55 -2.38
CA ASN I 210 56.19 -56.27 -2.96
C ASN I 210 55.44 -55.13 -2.26
N VAL I 211 55.96 -53.93 -2.45
CA VAL I 211 55.28 -52.68 -2.08
C VAL I 211 55.30 -51.80 -3.32
N ALA I 212 54.11 -51.37 -3.77
CA ALA I 212 53.97 -50.52 -4.97
C ALA I 212 54.65 -51.15 -6.18
N GLY I 213 54.57 -52.47 -6.29
CA GLY I 213 55.11 -53.16 -7.45
C GLY I 213 56.60 -53.38 -7.41
N VAL I 214 57.27 -52.99 -6.33
CA VAL I 214 58.70 -53.20 -6.18
C VAL I 214 58.86 -54.53 -5.47
N SER I 215 59.45 -55.50 -6.17
CA SER I 215 59.62 -56.86 -5.65
C SER I 215 60.74 -56.88 -4.61
N LEU I 216 60.42 -57.22 -3.37
CA LEU I 216 61.44 -57.30 -2.33
C LEU I 216 62.52 -58.32 -2.68
N LYS I 217 62.14 -59.41 -3.36
CA LYS I 217 63.07 -60.48 -3.70
C LYS I 217 64.12 -60.01 -4.69
N THR I 218 63.74 -59.09 -5.58
CA THR I 218 64.69 -58.54 -6.54
C THR I 218 65.69 -57.62 -5.83
N LEU I 219 65.21 -56.80 -4.90
CA LEU I 219 66.09 -55.99 -4.08
C LEU I 219 67.04 -56.83 -3.23
N HIS I 220 66.60 -58.02 -2.84
CA HIS I 220 67.23 -58.76 -1.75
C HIS I 220 67.11 -60.24 -2.07
N PRO I 221 67.96 -60.75 -2.96
CA PRO I 221 67.71 -62.09 -3.51
C PRO I 221 67.77 -63.21 -2.51
N ASP I 222 68.36 -63.00 -1.33
CA ASP I 222 68.36 -64.02 -0.31
C ASP I 222 67.04 -64.09 0.46
N LEU I 223 66.10 -63.18 0.19
CA LEU I 223 64.83 -63.09 0.94
C LEU I 223 64.13 -64.42 1.05
N GLY I 224 63.88 -64.83 2.28
CA GLY I 224 63.17 -66.08 2.50
C GLY I 224 64.06 -67.30 2.60
N THR I 225 65.37 -67.14 2.47
CA THR I 225 66.32 -68.25 2.59
C THR I 225 67.04 -68.21 3.93
N ASP I 226 67.85 -69.24 4.16
CA ASP I 226 68.69 -69.27 5.34
C ASP I 226 69.85 -68.29 5.24
N LYS I 227 70.29 -67.97 4.04
CA LYS I 227 71.34 -66.95 3.95
C LYS I 227 70.84 -65.51 4.29
N ASP I 228 69.61 -65.34 4.78
CA ASP I 228 68.96 -64.04 4.86
C ASP I 228 69.34 -63.36 6.19
N LYS I 229 70.24 -62.38 6.09
CA LYS I 229 70.57 -61.51 7.22
C LYS I 229 69.34 -61.05 8.01
N GLU I 230 68.30 -60.60 7.31
CA GLU I 230 67.09 -60.08 7.96
C GLU I 230 66.08 -61.16 8.32
N GLN I 231 66.32 -62.39 7.89
CA GLN I 231 65.56 -63.56 8.34
C GLN I 231 64.05 -63.40 8.14
N TRP I 232 63.67 -63.13 6.90
CA TRP I 232 62.25 -62.96 6.59
C TRP I 232 61.48 -64.27 6.62
N LYS I 233 62.16 -65.42 6.66
CA LYS I 233 61.45 -66.68 6.85
C LYS I 233 60.72 -66.70 8.19
N GLU I 234 61.19 -65.92 9.16
CA GLU I 234 60.49 -65.86 10.45
C GLU I 234 59.09 -65.31 10.29
N VAL I 235 58.90 -64.40 9.34
CA VAL I 235 57.57 -63.88 9.09
C VAL I 235 56.60 -64.99 8.71
N HIS I 236 57.05 -65.93 7.86
CA HIS I 236 56.13 -67.03 7.58
C HIS I 236 55.96 -67.96 8.79
N LYS I 237 57.02 -68.11 9.61
CA LYS I 237 56.92 -68.97 10.79
C LYS I 237 55.95 -68.38 11.79
N GLN I 238 56.06 -67.08 12.04
CA GLN I 238 55.05 -66.35 12.82
C GLN I 238 53.64 -66.61 12.30
N VAL I 239 53.45 -66.56 10.97
CA VAL I 239 52.12 -66.76 10.39
C VAL I 239 51.56 -68.13 10.77
N VAL I 240 52.40 -69.18 10.68
CA VAL I 240 51.88 -70.52 10.98
C VAL I 240 51.86 -70.84 12.46
N GLU I 241 52.48 -70.02 13.30
CA GLU I 241 52.39 -70.24 14.72
C GLU I 241 51.41 -69.28 15.37
N SER I 242 50.74 -68.44 14.57
CA SER I 242 49.88 -67.38 15.09
C SER I 242 48.68 -67.93 15.84
N ALA I 243 47.84 -68.73 15.18
CA ALA I 243 46.67 -69.28 15.87
C ALA I 243 47.07 -70.03 17.13
N TYR I 244 48.21 -70.72 17.11
CA TYR I 244 48.67 -71.43 18.29
C TYR I 244 48.97 -70.46 19.43
N GLU I 245 49.73 -69.42 19.13
CA GLU I 245 50.04 -68.41 20.13
C GLU I 245 48.76 -67.74 20.66
N VAL I 246 47.83 -67.38 19.77
CA VAL I 246 46.60 -66.74 20.24
C VAL I 246 45.81 -67.71 21.13
N ILE I 247 45.73 -68.99 20.73
CA ILE I 247 45.03 -69.98 21.54
C ILE I 247 45.72 -70.14 22.89
N LYS I 248 47.04 -70.16 22.90
CA LYS I 248 47.75 -70.24 24.18
C LYS I 248 47.36 -69.08 25.08
N LEU I 249 47.13 -67.90 24.50
CA LEU I 249 46.89 -66.68 25.26
C LEU I 249 45.43 -66.53 25.67
N LYS I 250 44.48 -66.71 24.74
CA LYS I 250 43.06 -66.56 25.06
C LYS I 250 42.22 -67.81 24.82
N GLY I 251 42.81 -68.93 24.38
CA GLY I 251 42.08 -70.18 24.34
C GLY I 251 41.29 -70.47 23.09
N TYR I 252 41.24 -69.55 22.12
CA TYR I 252 40.63 -69.74 20.81
C TYR I 252 40.99 -68.54 19.93
N THR I 253 40.73 -68.65 18.63
CA THR I 253 40.73 -67.45 17.80
C THR I 253 39.31 -67.22 17.31
N SER I 254 38.98 -65.95 17.03
CA SER I 254 37.65 -65.63 16.51
C SER I 254 37.61 -64.37 15.65
N TRP I 255 38.18 -63.24 16.12
CA TRP I 255 37.95 -61.96 15.45
C TRP I 255 38.58 -61.92 14.05
N ALA I 256 39.83 -62.34 13.91
CA ALA I 256 40.48 -62.21 12.62
C ALA I 256 39.82 -63.10 11.59
N ILE I 257 39.53 -64.36 11.96
CA ILE I 257 38.86 -65.23 11.02
C ILE I 257 37.45 -64.71 10.73
N GLY I 258 36.79 -64.12 11.74
CA GLY I 258 35.50 -63.50 11.50
C GLY I 258 35.59 -62.42 10.43
N LEU I 259 36.58 -61.54 10.55
CA LEU I 259 36.71 -60.44 9.59
C LEU I 259 37.09 -60.93 8.19
N SER I 260 37.94 -61.95 8.11
CA SER I 260 38.37 -62.40 6.79
C SER I 260 37.28 -63.17 6.06
N VAL I 261 36.44 -63.91 6.79
CA VAL I 261 35.30 -64.57 6.16
C VAL I 261 34.33 -63.51 5.63
N ALA I 262 34.07 -62.46 6.43
CA ALA I 262 33.18 -61.40 5.96
C ALA I 262 33.68 -60.80 4.67
N ASP I 263 35.00 -60.77 4.50
CA ASP I 263 35.59 -60.21 3.29
C ASP I 263 35.36 -61.12 2.09
N LEU I 264 35.54 -62.44 2.26
CA LEU I 264 35.12 -63.36 1.21
C LEU I 264 33.64 -63.19 0.91
N ALA I 265 32.82 -63.16 1.96
CA ALA I 265 31.38 -63.02 1.79
C ALA I 265 31.05 -61.78 0.97
N GLU I 266 31.76 -60.69 1.22
CA GLU I 266 31.50 -59.45 0.48
C GLU I 266 31.80 -59.62 -1.00
N SER I 267 32.82 -60.40 -1.35
CA SER I 267 33.16 -60.54 -2.76
C SER I 267 32.14 -61.39 -3.48
N ILE I 268 31.67 -62.47 -2.84
CA ILE I 268 30.65 -63.33 -3.44
C ILE I 268 29.32 -62.58 -3.51
N MET I 269 28.92 -61.99 -2.39
CA MET I 269 27.59 -61.37 -2.31
C MET I 269 27.46 -60.16 -3.21
N LYS I 270 28.54 -59.42 -3.41
CA LYS I 270 28.52 -58.19 -4.19
C LYS I 270 29.13 -58.36 -5.58
N ASN I 271 29.59 -59.58 -5.93
CA ASN I 271 30.14 -59.89 -7.24
C ASN I 271 31.31 -58.99 -7.63
N LEU I 272 32.19 -58.72 -6.66
CA LEU I 272 33.30 -57.82 -6.92
C LEU I 272 34.32 -58.44 -7.87
N ARG I 273 34.49 -59.75 -7.81
CA ARG I 273 35.58 -60.45 -8.52
C ARG I 273 36.94 -59.94 -8.02
N ARG I 274 37.09 -59.82 -6.71
CA ARG I 274 38.39 -59.62 -6.08
C ARG I 274 39.12 -60.96 -5.98
N VAL I 275 40.44 -60.89 -5.94
CA VAL I 275 41.29 -62.08 -5.86
C VAL I 275 41.57 -62.37 -4.38
N HIS I 276 41.22 -63.59 -3.93
CA HIS I 276 41.50 -64.06 -2.59
C HIS I 276 42.20 -65.42 -2.62
N PRO I 277 43.19 -65.67 -1.75
CA PRO I 277 43.78 -67.02 -1.67
C PRO I 277 42.86 -67.96 -0.91
N VAL I 278 41.98 -68.68 -1.59
CA VAL I 278 41.06 -69.59 -0.94
C VAL I 278 41.33 -70.97 -1.50
N SER I 279 40.70 -71.96 -0.88
CA SER I 279 41.01 -73.37 -1.11
C SER I 279 40.12 -73.92 -2.24
N THR I 280 40.74 -74.38 -3.31
CA THR I 280 40.00 -74.79 -4.50
C THR I 280 40.56 -76.09 -5.08
N MET I 281 39.72 -76.83 -5.79
CA MET I 281 40.10 -78.08 -6.44
C MET I 281 41.20 -77.85 -7.48
N ILE I 282 42.42 -78.27 -7.18
CA ILE I 282 43.61 -77.83 -7.89
C ILE I 282 44.12 -78.88 -8.88
N LYS I 283 43.37 -79.97 -9.07
CA LYS I 283 43.82 -81.06 -9.93
C LYS I 283 44.13 -80.57 -11.33
N GLY I 284 45.24 -81.07 -11.89
CA GLY I 284 45.68 -80.62 -13.19
C GLY I 284 46.61 -79.42 -13.19
N LEU I 285 47.03 -78.94 -12.01
CA LEU I 285 47.93 -77.80 -11.86
C LEU I 285 49.16 -78.17 -11.03
N TYR I 286 50.26 -77.48 -11.32
CA TYR I 286 51.52 -77.69 -10.60
C TYR I 286 51.89 -79.16 -10.50
N GLY I 287 51.55 -79.94 -11.52
CA GLY I 287 51.86 -81.35 -11.50
C GLY I 287 50.95 -82.18 -10.62
N ILE I 288 49.95 -81.56 -9.98
CA ILE I 288 49.11 -82.27 -9.03
C ILE I 288 48.09 -83.10 -9.82
N LYS I 289 48.07 -84.39 -9.62
CA LYS I 289 47.18 -85.24 -10.37
C LYS I 289 45.94 -85.65 -9.57
N ASP I 290 46.06 -85.87 -8.26
CA ASP I 290 44.91 -86.21 -7.40
C ASP I 290 43.85 -85.12 -7.20
N ASP I 291 42.62 -85.55 -6.89
CA ASP I 291 41.50 -84.69 -6.50
C ASP I 291 41.71 -84.02 -5.14
N VAL I 292 42.34 -82.85 -5.12
CA VAL I 292 42.81 -82.24 -3.88
C VAL I 292 42.50 -80.75 -3.87
N PHE I 293 42.20 -80.20 -2.70
CA PHE I 293 41.94 -78.77 -2.56
C PHE I 293 43.12 -78.09 -1.87
N LEU I 294 43.75 -77.15 -2.58
CA LEU I 294 44.80 -76.29 -2.03
C LEU I 294 44.44 -74.83 -2.27
N SER I 295 44.98 -73.94 -1.43
CA SER I 295 44.74 -72.52 -1.65
C SER I 295 45.61 -71.98 -2.78
N VAL I 296 45.01 -71.09 -3.56
CA VAL I 296 45.63 -70.53 -4.76
C VAL I 296 44.85 -69.23 -4.92
N PRO I 297 45.36 -68.20 -5.60
CA PRO I 297 44.58 -66.95 -5.68
C PRO I 297 43.42 -67.08 -6.66
N CYS I 298 42.19 -66.95 -6.13
CA CYS I 298 40.95 -67.16 -6.86
C CYS I 298 40.15 -65.88 -6.99
N ILE I 299 39.46 -65.75 -8.11
CA ILE I 299 38.59 -64.62 -8.39
C ILE I 299 37.21 -64.98 -7.86
N LEU I 300 36.65 -64.14 -7.00
CA LEU I 300 35.48 -64.48 -6.19
C LEU I 300 34.32 -63.53 -6.53
N GLY I 301 33.16 -64.11 -6.88
CA GLY I 301 31.98 -63.35 -7.28
C GLY I 301 30.71 -64.13 -7.01
N GLN I 302 29.60 -63.79 -7.68
CA GLN I 302 28.31 -64.40 -7.38
C GLN I 302 28.23 -65.87 -7.80
N ASN I 303 29.12 -66.32 -8.69
CA ASN I 303 29.25 -67.71 -9.11
C ASN I 303 30.24 -68.50 -8.26
N GLY I 304 30.79 -67.89 -7.21
CA GLY I 304 31.89 -68.48 -6.47
C GLY I 304 33.23 -68.23 -7.12
N ILE I 305 34.04 -69.28 -7.24
CA ILE I 305 35.34 -69.20 -7.91
C ILE I 305 35.07 -69.39 -9.40
N SER I 306 34.92 -68.30 -10.15
CA SER I 306 34.73 -68.47 -11.59
C SER I 306 36.06 -68.65 -12.31
N ASP I 307 37.14 -68.11 -11.74
CA ASP I 307 38.47 -68.10 -12.34
C ASP I 307 39.50 -68.28 -11.24
N LEU I 308 40.71 -68.69 -11.62
CA LEU I 308 41.81 -68.68 -10.66
C LEU I 308 43.07 -68.18 -11.36
N VAL I 309 43.97 -67.59 -10.57
CA VAL I 309 45.24 -67.07 -11.05
C VAL I 309 46.29 -68.18 -11.03
N LYS I 310 47.01 -68.35 -12.14
CA LYS I 310 48.05 -69.38 -12.24
C LYS I 310 49.39 -68.76 -11.90
N VAL I 311 49.79 -68.90 -10.64
CA VAL I 311 51.00 -68.27 -10.11
C VAL I 311 52.23 -69.05 -10.57
N THR I 312 53.23 -68.32 -11.06
CA THR I 312 54.51 -68.95 -11.37
C THR I 312 55.21 -69.28 -10.06
N LEU I 313 55.41 -70.56 -9.80
CA LEU I 313 56.08 -71.06 -8.61
C LEU I 313 57.45 -71.60 -9.00
N THR I 314 58.40 -71.49 -8.07
CA THR I 314 59.68 -72.13 -8.27
C THR I 314 59.55 -73.63 -8.12
N SER I 315 60.63 -74.33 -8.50
CA SER I 315 60.71 -75.78 -8.32
C SER I 315 60.44 -76.20 -6.88
N GLU I 316 61.02 -75.47 -5.92
CA GLU I 316 60.80 -75.81 -4.52
C GLU I 316 59.35 -75.59 -4.11
N GLU I 317 58.74 -74.47 -4.56
CA GLU I 317 57.33 -74.24 -4.25
C GLU I 317 56.43 -75.27 -4.94
N GLU I 318 56.77 -75.72 -6.15
CA GLU I 318 55.94 -76.75 -6.80
C GLU I 318 56.03 -78.08 -6.06
N ALA I 319 57.21 -78.43 -5.55
CA ALA I 319 57.33 -79.71 -4.85
C ALA I 319 56.56 -79.70 -3.54
N ARG I 320 56.53 -78.55 -2.84
CA ARG I 320 55.82 -78.50 -1.57
C ARG I 320 54.32 -78.67 -1.77
N LEU I 321 53.78 -78.08 -2.85
CA LEU I 321 52.37 -78.30 -3.18
C LEU I 321 52.09 -79.76 -3.50
N LYS I 322 52.93 -80.39 -4.34
CA LYS I 322 52.69 -81.79 -4.64
C LYS I 322 52.77 -82.63 -3.38
N LYS I 323 53.75 -82.32 -2.52
CA LYS I 323 53.88 -83.07 -1.27
C LYS I 323 52.60 -82.97 -0.42
N SER I 324 52.04 -81.77 -0.26
CA SER I 324 50.78 -81.65 0.48
C SER I 324 49.66 -82.39 -0.22
N ALA I 325 49.56 -82.25 -1.54
CA ALA I 325 48.52 -82.97 -2.27
C ALA I 325 48.65 -84.48 -2.07
N ASP I 326 49.88 -85.01 -2.12
CA ASP I 326 50.07 -86.42 -1.82
C ASP I 326 49.60 -86.75 -0.40
N THR I 327 49.91 -85.88 0.56
CA THR I 327 49.46 -86.08 1.93
C THR I 327 47.94 -86.02 2.06
N LEU I 328 47.31 -84.98 1.48
CA LEU I 328 45.85 -84.89 1.55
C LEU I 328 45.18 -86.07 0.85
N TRP I 329 45.62 -86.42 -0.37
CA TRP I 329 45.03 -87.56 -1.04
C TRP I 329 45.19 -88.83 -0.21
N GLY I 330 46.33 -88.99 0.46
CA GLY I 330 46.55 -90.16 1.30
C GLY I 330 45.45 -90.38 2.32
N ILE I 331 45.10 -89.31 3.07
CA ILE I 331 43.95 -89.39 3.95
C ILE I 331 42.66 -89.61 3.17
N GLN I 332 42.48 -88.88 2.06
CA GLN I 332 41.18 -88.84 1.42
C GLN I 332 40.79 -90.21 0.87
N LYS I 333 41.77 -90.95 0.32
CA LYS I 333 41.46 -92.24 -0.28
C LYS I 333 40.92 -93.23 0.76
N GLU I 334 41.32 -93.06 2.03
CA GLU I 334 40.88 -93.92 3.14
C GLU I 334 39.60 -93.44 3.81
N LEU I 335 38.91 -92.45 3.26
CA LEU I 335 37.68 -91.96 3.86
C LEU I 335 36.50 -92.80 3.39
N GLN I 336 35.56 -93.04 4.30
CA GLN I 336 34.36 -93.83 4.04
C GLN I 336 33.17 -92.87 4.00
N PHE I 337 32.74 -92.48 2.81
CA PHE I 337 31.62 -91.57 2.78
C PHE I 337 30.72 -91.70 1.58
N ALA J 7 72.62 -50.88 4.64
CA ALA J 7 71.54 -50.80 3.67
C ALA J 7 70.51 -51.91 3.90
N THR J 8 69.65 -51.74 4.90
CA THR J 8 68.62 -52.73 5.18
C THR J 8 67.60 -52.75 4.06
N LEU J 9 66.83 -53.84 4.00
CA LEU J 9 65.78 -53.95 2.99
C LEU J 9 64.82 -52.78 3.06
N LYS J 10 64.25 -52.53 4.24
CA LYS J 10 63.35 -51.39 4.46
C LYS J 10 63.94 -50.07 3.98
N ASP J 11 65.26 -49.89 4.12
CA ASP J 11 65.87 -48.62 3.71
C ASP J 11 66.15 -48.55 2.22
N GLN J 12 66.43 -49.68 1.56
CA GLN J 12 66.51 -49.62 0.10
C GLN J 12 65.15 -49.30 -0.50
N LEU J 13 64.08 -49.65 0.20
CA LEU J 13 62.72 -49.60 -0.33
C LEU J 13 62.03 -48.27 -0.02
N ILE J 14 62.30 -47.70 1.16
CA ILE J 14 61.60 -46.53 1.67
C ILE J 14 62.63 -45.49 2.06
N TYR J 15 62.57 -44.31 1.43
CA TYR J 15 63.32 -43.15 1.88
C TYR J 15 62.45 -42.37 2.88
N ASN J 16 62.96 -42.18 4.10
CA ASN J 16 62.20 -41.54 5.16
C ASN J 16 62.40 -40.02 5.09
N LEU J 17 61.30 -39.26 5.20
CA LEU J 17 61.29 -37.79 5.11
C LEU J 17 61.34 -37.10 6.45
N LEU J 18 60.67 -37.67 7.45
CA LEU J 18 60.71 -37.19 8.83
C LEU J 18 60.30 -38.33 9.73
N LYS J 19 60.80 -38.32 10.96
CA LYS J 19 60.32 -39.30 11.92
C LYS J 19 59.86 -38.61 13.19
N GLU J 20 59.22 -37.45 13.02
CA GLU J 20 58.52 -36.77 14.11
C GLU J 20 57.57 -37.71 14.83
N GLU J 21 57.34 -37.41 16.12
CA GLU J 21 56.37 -38.13 16.93
C GLU J 21 54.98 -37.61 16.60
N GLN J 22 53.95 -38.24 17.17
CA GLN J 22 52.65 -38.14 16.50
C GLN J 22 51.48 -37.71 17.38
N THR J 23 51.18 -38.44 18.46
CA THR J 23 49.98 -38.26 19.30
C THR J 23 48.71 -38.61 18.52
N PRO J 24 47.87 -39.49 19.03
CA PRO J 24 46.70 -39.93 18.27
C PRO J 24 45.56 -38.92 18.33
N GLN J 25 44.79 -38.86 17.24
CA GLN J 25 43.80 -37.81 17.05
C GLN J 25 42.44 -38.19 17.62
N ASN J 26 42.06 -39.47 17.49
CA ASN J 26 40.74 -39.93 17.86
C ASN J 26 40.86 -41.28 18.56
N LYS J 27 41.51 -41.28 19.72
CA LYS J 27 41.84 -42.51 20.40
C LYS J 27 40.70 -42.85 21.35
N ILE J 28 40.29 -44.13 21.34
CA ILE J 28 39.34 -44.70 22.28
C ILE J 28 40.02 -45.82 23.06
N THR J 29 39.70 -45.91 24.34
CA THR J 29 40.13 -47.03 25.17
C THR J 29 38.90 -47.79 25.64
N VAL J 30 39.00 -49.12 25.65
CA VAL J 30 38.05 -49.98 26.33
C VAL J 30 38.75 -50.60 27.52
N VAL J 31 38.14 -50.49 28.70
CA VAL J 31 38.67 -51.07 29.95
C VAL J 31 37.78 -52.24 30.29
N GLY J 32 38.37 -53.45 30.32
CA GLY J 32 37.66 -54.70 30.49
C GLY J 32 37.49 -55.48 29.20
N VAL J 33 38.10 -56.67 29.11
CA VAL J 33 38.02 -57.45 27.87
C VAL J 33 37.27 -58.77 28.10
N GLY J 34 36.15 -58.69 28.82
CA GLY J 34 35.16 -59.74 28.78
C GLY J 34 34.29 -59.62 27.54
N ALA J 35 33.24 -60.43 27.50
CA ALA J 35 32.41 -60.48 26.29
C ALA J 35 31.83 -59.09 25.95
N VAL J 36 31.49 -58.29 26.97
CA VAL J 36 30.98 -56.94 26.74
C VAL J 36 32.07 -56.04 26.15
N GLY J 37 33.20 -55.97 26.82
CA GLY J 37 34.30 -55.17 26.33
C GLY J 37 34.67 -55.48 24.90
N MET J 38 34.86 -56.78 24.58
CA MET J 38 35.32 -57.12 23.24
C MET J 38 34.24 -56.85 22.20
N ALA J 39 32.97 -57.03 22.56
CA ALA J 39 31.89 -56.60 21.69
C ALA J 39 31.91 -55.10 21.45
N CYS J 40 32.24 -54.31 22.49
CA CYS J 40 32.41 -52.87 22.29
C CYS J 40 33.55 -52.59 21.32
N ALA J 41 34.67 -53.28 21.50
CA ALA J 41 35.87 -53.08 20.70
C ALA J 41 35.63 -53.40 19.23
N ILE J 42 34.98 -54.53 18.94
CA ILE J 42 34.80 -54.94 17.55
C ILE J 42 33.77 -54.05 16.86
N SER J 43 32.73 -53.64 17.58
CA SER J 43 31.76 -52.71 17.02
C SER J 43 32.43 -51.38 16.69
N ILE J 44 33.36 -50.94 17.53
CA ILE J 44 34.02 -49.66 17.32
C ILE J 44 34.97 -49.72 16.13
N LEU J 45 35.75 -50.80 16.02
CA LEU J 45 36.67 -50.99 14.90
C LEU J 45 35.93 -51.10 13.57
N MET J 46 34.76 -51.73 13.56
CA MET J 46 34.05 -51.85 12.29
C MET J 46 33.26 -50.59 11.96
N LYS J 47 33.18 -49.63 12.86
CA LYS J 47 32.52 -48.37 12.54
C LYS J 47 33.49 -47.23 12.26
N ASP J 48 34.80 -47.49 12.23
CA ASP J 48 35.79 -46.45 11.85
C ASP J 48 35.73 -45.24 12.79
N LEU J 49 35.55 -45.49 14.08
CA LEU J 49 35.39 -44.41 15.06
C LEU J 49 36.72 -43.91 15.61
N ALA J 50 37.77 -44.74 15.59
CA ALA J 50 39.03 -44.43 16.25
C ALA J 50 40.19 -44.66 15.31
N ASP J 51 41.25 -43.88 15.52
CA ASP J 51 42.53 -44.11 14.86
C ASP J 51 43.52 -44.87 15.74
N GLU J 52 43.14 -45.16 16.98
CA GLU J 52 43.89 -45.99 17.90
C GLU J 52 42.88 -46.59 18.88
N LEU J 53 43.00 -47.91 19.13
CA LEU J 53 42.22 -48.62 20.14
C LEU J 53 43.18 -49.21 21.16
N ALA J 54 42.92 -48.93 22.43
CA ALA J 54 43.69 -49.49 23.56
C ALA J 54 42.76 -50.33 24.41
N LEU J 55 43.24 -51.52 24.79
CA LEU J 55 42.51 -52.35 25.73
C LEU J 55 43.32 -52.52 27.00
N VAL J 56 42.63 -52.52 28.14
CA VAL J 56 43.26 -52.63 29.44
C VAL J 56 42.45 -53.61 30.27
N ASP J 57 43.15 -54.51 30.96
CA ASP J 57 42.52 -55.43 31.88
C ASP J 57 43.63 -55.98 32.75
N VAL J 58 43.25 -56.80 33.73
CA VAL J 58 44.21 -57.28 34.71
C VAL J 58 44.71 -58.68 34.42
N ILE J 59 44.01 -59.44 33.59
CA ILE J 59 44.49 -60.76 33.20
C ILE J 59 45.36 -60.58 31.95
N GLU J 60 46.67 -60.71 32.13
CA GLU J 60 47.63 -60.35 31.09
C GLU J 60 47.58 -61.29 29.89
N ASP J 61 47.26 -62.57 30.12
CA ASP J 61 47.18 -63.54 29.03
C ASP J 61 46.00 -63.22 28.11
N LYS J 62 44.79 -63.22 28.67
CA LYS J 62 43.62 -62.94 27.84
C LYS J 62 43.77 -61.61 27.14
N LEU J 63 44.34 -60.61 27.82
CA LEU J 63 44.48 -59.29 27.23
C LEU J 63 45.37 -59.34 25.98
N LYS J 64 46.58 -59.88 26.12
CA LYS J 64 47.49 -59.93 24.98
C LYS J 64 46.88 -60.71 23.81
N GLY J 65 46.15 -61.78 24.11
CA GLY J 65 45.61 -62.61 23.05
C GLY J 65 44.48 -61.93 22.32
N GLU J 66 43.61 -61.24 23.06
CA GLU J 66 42.56 -60.47 22.42
C GLU J 66 43.15 -59.40 21.53
N MET J 67 44.21 -58.74 22.00
CA MET J 67 44.86 -57.73 21.18
C MET J 67 45.38 -58.34 19.88
N MET J 68 46.13 -59.46 19.98
CA MET J 68 46.71 -60.08 18.79
C MET J 68 45.63 -60.52 17.81
N ASP J 69 44.52 -61.04 18.32
CA ASP J 69 43.48 -61.47 17.42
C ASP J 69 42.90 -60.30 16.65
N LEU J 70 42.62 -59.18 17.34
CA LEU J 70 42.18 -57.98 16.62
C LEU J 70 43.26 -57.49 15.65
N GLN J 71 44.53 -57.51 16.07
CA GLN J 71 45.61 -57.04 15.21
C GLN J 71 45.71 -57.88 13.95
N HIS J 72 45.45 -59.17 14.06
CA HIS J 72 45.54 -60.01 12.87
C HIS J 72 44.46 -59.68 11.86
N GLY J 73 43.43 -58.94 12.25
CA GLY J 73 42.42 -58.52 11.30
C GLY J 73 42.67 -57.17 10.67
N SER J 74 43.88 -56.61 10.84
CA SER J 74 44.14 -55.22 10.45
C SER J 74 43.94 -55.00 8.96
N LEU J 75 44.09 -56.04 8.14
CA LEU J 75 43.86 -55.88 6.70
C LEU J 75 42.45 -55.40 6.45
N PHE J 76 41.49 -55.82 7.28
CA PHE J 76 40.09 -55.50 7.08
C PHE J 76 39.60 -54.31 7.89
N LEU J 77 40.48 -53.61 8.60
CA LEU J 77 40.09 -52.47 9.39
C LEU J 77 40.75 -51.20 8.87
N ARG J 78 40.24 -50.05 9.35
CA ARG J 78 40.82 -48.75 9.06
C ARG J 78 41.21 -48.03 10.35
N THR J 79 41.60 -48.81 11.35
CA THR J 79 42.09 -48.33 12.64
C THR J 79 43.53 -48.80 12.76
N PRO J 80 44.50 -47.95 12.43
CA PRO J 80 45.87 -48.44 12.21
C PRO J 80 46.66 -48.79 13.47
N LYS J 81 46.16 -48.56 14.68
CA LYS J 81 46.94 -48.90 15.88
C LYS J 81 46.07 -49.51 16.97
N ILE J 82 46.35 -50.75 17.33
CA ILE J 82 45.73 -51.43 18.45
C ILE J 82 46.80 -51.83 19.46
N VAL J 83 46.66 -51.37 20.71
CA VAL J 83 47.63 -51.63 21.77
C VAL J 83 46.87 -52.16 22.99
N SER J 84 47.61 -52.79 23.89
CA SER J 84 46.99 -53.30 25.11
C SER J 84 48.06 -53.42 26.19
N GLY J 85 47.60 -53.46 27.44
CA GLY J 85 48.51 -53.58 28.57
C GLY J 85 47.81 -53.53 29.92
N LYS J 86 48.44 -54.13 30.92
CA LYS J 86 47.97 -54.00 32.30
C LYS J 86 48.08 -52.56 32.76
N ASP J 87 49.06 -51.84 32.25
CA ASP J 87 49.47 -50.52 32.72
C ASP J 87 48.74 -49.45 31.94
N TYR J 88 48.14 -48.49 32.64
CA TYR J 88 47.30 -47.55 31.93
C TYR J 88 48.06 -46.55 31.10
N ASN J 89 49.39 -46.62 31.02
CA ASN J 89 50.06 -45.70 30.12
C ASN J 89 49.75 -45.97 28.65
N VAL J 90 49.22 -47.17 28.32
CA VAL J 90 48.77 -47.43 26.96
C VAL J 90 47.54 -46.63 26.60
N THR J 91 46.80 -46.13 27.59
CA THR J 91 45.55 -45.42 27.38
C THR J 91 45.74 -43.94 27.10
N ALA J 92 46.97 -43.44 27.04
CA ALA J 92 47.19 -42.01 27.11
C ALA J 92 46.55 -41.29 25.92
N ASN J 93 45.99 -40.10 26.20
CA ASN J 93 45.38 -39.20 25.21
C ASN J 93 44.13 -39.79 24.54
N SER J 94 43.32 -40.51 25.30
CA SER J 94 42.07 -41.04 24.79
C SER J 94 41.01 -39.93 24.79
N LYS J 95 40.30 -39.76 23.67
CA LYS J 95 39.10 -38.94 23.66
C LYS J 95 37.97 -39.57 24.49
N LEU J 96 37.88 -40.89 24.53
CA LEU J 96 36.72 -41.59 25.09
C LEU J 96 37.23 -42.87 25.73
N VAL J 97 36.89 -43.07 27.00
CA VAL J 97 37.32 -44.23 27.74
C VAL J 97 36.08 -44.95 28.21
N ILE J 98 35.92 -46.19 27.75
CA ILE J 98 34.71 -46.97 27.97
C ILE J 98 35.04 -48.00 29.04
N ILE J 99 34.27 -47.98 30.14
CA ILE J 99 34.59 -48.80 31.31
C ILE J 99 33.59 -49.95 31.41
N THR J 100 34.09 -51.18 31.23
CA THR J 100 33.24 -52.36 31.35
C THR J 100 33.62 -53.28 32.51
N ALA J 101 34.77 -53.08 33.12
CA ALA J 101 35.23 -54.00 34.15
C ALA J 101 34.42 -53.80 35.43
N GLY J 102 34.56 -54.76 36.34
CA GLY J 102 33.86 -54.71 37.60
C GLY J 102 33.66 -56.11 38.13
N ALA J 103 33.01 -56.17 39.29
CA ALA J 103 32.77 -57.43 39.95
C ALA J 103 31.38 -57.94 39.64
N ARG J 104 31.21 -59.25 39.76
CA ARG J 104 29.93 -59.91 39.53
C ARG J 104 29.27 -60.24 40.88
N GLN J 105 27.96 -60.02 40.94
CA GLN J 105 27.22 -60.16 42.19
C GLN J 105 27.08 -61.62 42.59
N GLN J 106 27.45 -61.93 43.83
CA GLN J 106 27.32 -63.27 44.37
C GLN J 106 25.94 -63.44 44.99
N GLU J 107 25.44 -64.67 44.93
CA GLU J 107 24.08 -64.92 45.42
C GLU J 107 24.02 -64.68 46.91
N GLY J 108 22.98 -63.95 47.34
CA GLY J 108 22.84 -63.54 48.72
C GLY J 108 23.52 -62.23 49.07
N GLU J 109 24.22 -61.61 48.13
CA GLU J 109 24.96 -60.39 48.39
C GLU J 109 24.05 -59.20 48.08
N SER J 110 24.01 -58.21 48.98
CA SER J 110 23.17 -57.02 48.79
C SER J 110 23.78 -56.07 47.76
N ARG J 111 22.94 -55.20 47.18
CA ARG J 111 23.45 -54.33 46.12
C ARG J 111 24.47 -53.35 46.68
N LEU J 112 24.20 -52.73 47.83
CA LEU J 112 25.32 -52.23 48.61
C LEU J 112 26.12 -53.44 49.06
N ASN J 113 27.43 -53.41 48.84
CA ASN J 113 28.33 -54.56 48.98
C ASN J 113 28.81 -54.98 47.60
N LEU J 114 27.87 -55.39 46.76
CA LEU J 114 28.19 -55.53 45.35
C LEU J 114 28.73 -54.21 44.82
N VAL J 115 27.99 -53.12 45.03
CA VAL J 115 28.47 -51.80 44.62
C VAL J 115 29.81 -51.50 45.27
N GLN J 116 29.95 -51.80 46.57
CA GLN J 116 31.20 -51.49 47.24
C GLN J 116 32.38 -52.21 46.58
N ARG J 117 32.19 -53.49 46.25
CA ARG J 117 33.27 -54.25 45.61
C ARG J 117 33.65 -53.64 44.26
N ASN J 118 32.69 -53.02 43.57
CA ASN J 118 33.01 -52.33 42.32
C ASN J 118 33.75 -51.01 42.60
N VAL J 119 33.38 -50.32 43.68
CA VAL J 119 34.12 -49.13 44.08
C VAL J 119 35.59 -49.47 44.28
N ASN J 120 35.86 -50.58 44.96
CA ASN J 120 37.26 -50.94 45.21
C ASN J 120 38.00 -51.20 43.90
N ILE J 121 37.33 -51.85 42.94
CA ILE J 121 37.89 -51.98 41.61
C ILE J 121 38.03 -50.61 40.95
N PHE J 122 36.99 -49.77 41.05
CA PHE J 122 37.08 -48.41 40.47
C PHE J 122 38.09 -47.51 41.20
N LYS J 123 38.44 -47.80 42.46
CA LYS J 123 39.45 -46.98 43.11
C LYS J 123 40.77 -47.08 42.39
N PHE J 124 41.07 -48.25 41.83
CA PHE J 124 42.30 -48.38 41.05
C PHE J 124 42.11 -47.90 39.62
N ILE J 125 40.96 -48.19 39.00
CA ILE J 125 40.80 -47.96 37.57
C ILE J 125 40.73 -46.48 37.25
N ILE J 126 39.77 -45.77 37.86
CA ILE J 126 39.49 -44.40 37.47
C ILE J 126 40.70 -43.47 37.63
N PRO J 127 41.35 -43.37 38.81
CA PRO J 127 42.54 -42.49 38.89
C PRO J 127 43.55 -42.75 37.81
N ASN J 128 43.69 -44.00 37.36
CA ASN J 128 44.67 -44.27 36.31
C ASN J 128 44.19 -43.73 34.97
N VAL J 129 42.89 -43.81 34.69
CA VAL J 129 42.33 -43.25 33.46
C VAL J 129 42.57 -41.74 33.41
N VAL J 130 42.18 -41.04 34.48
CA VAL J 130 42.29 -39.58 34.55
C VAL J 130 43.75 -39.14 34.40
N LYS J 131 44.69 -39.88 34.98
CA LYS J 131 46.10 -39.48 34.92
C LYS J 131 46.59 -39.40 33.50
N TYR J 132 46.19 -40.35 32.64
CA TYR J 132 46.72 -40.36 31.29
C TYR J 132 45.75 -39.75 30.28
N SER J 133 44.49 -39.56 30.63
CA SER J 133 43.54 -38.90 29.73
C SER J 133 42.73 -37.86 30.49
N PRO J 134 43.39 -36.84 31.03
CA PRO J 134 42.67 -35.81 31.81
C PRO J 134 41.47 -35.20 31.11
N ASN J 135 41.49 -35.11 29.79
CA ASN J 135 40.41 -34.45 29.09
C ASN J 135 39.43 -35.41 28.43
N CYS J 136 39.50 -36.70 28.76
CA CYS J 136 38.66 -37.67 28.07
C CYS J 136 37.21 -37.59 28.59
N LYS J 137 36.32 -38.23 27.85
CA LYS J 137 34.98 -38.50 28.33
C LYS J 137 34.92 -39.95 28.81
N LEU J 138 34.26 -40.15 29.96
CA LEU J 138 34.08 -41.47 30.55
C LEU J 138 32.69 -41.98 30.17
N LEU J 139 32.65 -43.15 29.56
CA LEU J 139 31.39 -43.85 29.33
C LEU J 139 31.42 -45.10 30.19
N ILE J 140 30.53 -45.17 31.17
CA ILE J 140 30.47 -46.26 32.12
C ILE J 140 29.45 -47.29 31.66
N VAL J 141 29.85 -48.57 31.63
CA VAL J 141 28.98 -49.62 31.10
C VAL J 141 28.76 -50.66 32.19
N SER J 142 29.73 -50.82 33.08
CA SER J 142 29.62 -51.74 34.21
C SER J 142 28.34 -51.52 35.01
N ASN J 143 27.74 -52.61 35.52
CA ASN J 143 26.51 -52.54 36.31
C ASN J 143 26.82 -52.70 37.80
N PRO J 144 25.96 -52.15 38.68
CA PRO J 144 24.76 -51.32 38.43
C PRO J 144 25.13 -49.94 37.91
N VAL J 145 24.74 -49.68 36.66
CA VAL J 145 25.39 -48.61 35.92
C VAL J 145 25.09 -47.23 36.51
N ASP J 146 23.84 -46.99 36.93
CA ASP J 146 23.50 -45.67 37.46
C ASP J 146 24.35 -45.33 38.68
N ILE J 147 24.43 -46.24 39.64
CA ILE J 147 25.23 -45.99 40.83
C ILE J 147 26.71 -45.89 40.47
N LEU J 148 27.20 -46.79 39.63
CA LEU J 148 28.63 -46.81 39.31
C LEU J 148 29.06 -45.62 38.47
N THR J 149 28.13 -44.99 37.73
CA THR J 149 28.43 -43.71 37.10
C THR J 149 28.65 -42.63 38.16
N TYR J 150 27.80 -42.61 39.19
CA TYR J 150 28.05 -41.71 40.32
C TYR J 150 29.43 -41.96 40.92
N VAL J 151 29.83 -43.23 41.04
CA VAL J 151 31.12 -43.57 41.62
C VAL J 151 32.26 -43.05 40.76
N ALA J 152 32.13 -43.18 39.44
CA ALA J 152 33.18 -42.69 38.55
C ALA J 152 33.29 -41.18 38.63
N TRP J 153 32.14 -40.51 38.76
CA TRP J 153 32.09 -39.07 38.91
C TRP J 153 32.81 -38.61 40.17
N LYS J 154 32.51 -39.23 41.31
CA LYS J 154 33.14 -38.83 42.57
C LYS J 154 34.64 -39.08 42.54
N ILE J 155 35.10 -40.19 41.97
CA ILE J 155 36.52 -40.51 42.02
C ILE J 155 37.32 -39.71 41.00
N SER J 156 36.73 -39.35 39.87
CA SER J 156 37.53 -38.75 38.81
C SER J 156 37.71 -37.26 38.99
N GLY J 157 36.77 -36.60 39.67
CA GLY J 157 36.72 -35.15 39.67
C GLY J 157 36.16 -34.53 38.42
N PHE J 158 35.78 -35.34 37.43
CA PHE J 158 35.37 -34.83 36.13
C PHE J 158 34.06 -34.05 36.23
N PRO J 159 33.89 -33.03 35.39
CA PRO J 159 32.58 -32.36 35.30
C PRO J 159 31.51 -33.35 34.90
N LYS J 160 30.25 -33.03 35.20
CA LYS J 160 29.21 -34.04 34.99
C LYS J 160 28.91 -34.25 33.51
N ASN J 161 29.23 -33.29 32.65
CA ASN J 161 29.04 -33.47 31.21
C ASN J 161 29.96 -34.54 30.64
N ARG J 162 31.04 -34.89 31.35
CA ARG J 162 32.04 -35.84 30.85
C ARG J 162 31.97 -37.21 31.54
N VAL J 163 30.93 -37.50 32.33
CA VAL J 163 30.82 -38.81 32.96
C VAL J 163 29.45 -39.35 32.61
N ILE J 164 29.44 -40.38 31.76
CA ILE J 164 28.23 -40.85 31.12
C ILE J 164 28.04 -42.32 31.46
N GLY J 165 26.85 -42.66 31.96
CA GLY J 165 26.42 -44.06 32.02
C GLY J 165 25.64 -44.46 30.78
N SER J 166 25.96 -45.65 30.24
CA SER J 166 25.21 -46.16 29.10
C SER J 166 23.73 -46.34 29.43
N GLY J 167 23.42 -46.57 30.71
CA GLY J 167 22.07 -46.38 31.22
C GLY J 167 21.03 -47.25 30.54
N CYS J 168 19.97 -46.57 30.07
CA CYS J 168 18.83 -47.15 29.37
C CYS J 168 18.96 -47.07 27.87
N ASN J 169 20.17 -46.89 27.35
CA ASN J 169 20.33 -46.82 25.90
C ASN J 169 19.96 -48.14 25.24
N LEU J 170 20.49 -49.26 25.72
CA LEU J 170 20.15 -50.54 25.13
C LEU J 170 18.71 -50.95 25.46
N ASP J 171 18.25 -50.67 26.68
CA ASP J 171 16.83 -50.87 27.01
C ASP J 171 15.91 -50.23 25.98
N SER J 172 16.23 -49.01 25.55
CA SER J 172 15.39 -48.30 24.60
C SER J 172 15.52 -48.85 23.19
N ALA J 173 16.69 -49.39 22.86
CA ALA J 173 16.85 -50.09 21.60
C ALA J 173 16.08 -51.40 21.62
N ARG J 174 16.07 -52.09 22.76
CA ARG J 174 15.29 -53.32 22.85
C ARG J 174 13.80 -53.00 22.72
N PHE J 175 13.33 -51.98 23.42
CA PHE J 175 11.93 -51.57 23.34
C PHE J 175 11.50 -51.26 21.91
N ARG J 176 12.34 -50.55 21.14
CA ARG J 176 11.97 -50.25 19.76
C ARG J 176 12.05 -51.49 18.88
N TYR J 177 12.88 -52.47 19.24
CA TYR J 177 12.85 -53.74 18.52
C TYR J 177 11.52 -54.45 18.72
N LEU J 178 11.08 -54.57 19.98
CA LEU J 178 9.83 -55.25 20.29
C LEU J 178 8.65 -54.49 19.73
N MET J 179 8.65 -53.17 19.84
CA MET J 179 7.58 -52.37 19.26
C MET J 179 7.46 -52.62 17.77
N GLY J 180 8.60 -52.84 17.09
CA GLY J 180 8.58 -53.01 15.65
C GLY J 180 8.14 -54.37 15.20
N GLU J 181 8.36 -55.42 16.02
CA GLU J 181 7.86 -56.74 15.65
C GLU J 181 6.35 -56.84 15.82
N ARG J 182 5.78 -56.13 16.80
CA ARG J 182 4.32 -56.05 16.90
C ARG J 182 3.71 -55.30 15.72
N LEU J 183 4.32 -54.20 15.30
CA LEU J 183 3.72 -53.34 14.29
C LEU J 183 4.10 -53.67 12.86
N GLY J 184 5.08 -54.56 12.67
CA GLY J 184 5.59 -54.83 11.33
C GLY J 184 6.38 -53.70 10.72
N VAL J 185 7.11 -52.94 11.53
CA VAL J 185 7.88 -51.81 11.04
C VAL J 185 9.30 -51.95 11.58
N HIS J 186 10.28 -51.43 10.83
CA HIS J 186 11.67 -51.47 11.29
C HIS J 186 11.84 -50.68 12.58
N PRO J 187 12.73 -51.13 13.48
CA PRO J 187 12.95 -50.37 14.72
C PRO J 187 13.34 -48.91 14.48
N LEU J 188 13.97 -48.59 13.35
CA LEU J 188 14.39 -47.22 13.09
C LEU J 188 13.23 -46.25 13.01
N SER J 189 12.03 -46.73 12.70
CA SER J 189 10.84 -45.90 12.61
C SER J 189 9.83 -46.10 13.73
N CYS J 190 10.16 -46.88 14.76
CA CYS J 190 9.34 -46.99 15.97
C CYS J 190 10.02 -46.23 17.09
N HIS J 191 9.35 -45.21 17.61
CA HIS J 191 9.93 -44.31 18.58
C HIS J 191 9.30 -44.60 19.93
N GLY J 192 10.16 -44.74 20.94
CA GLY J 192 9.72 -45.08 22.28
C GLY J 192 10.90 -44.95 23.20
N TRP J 193 10.68 -44.50 24.44
CA TRP J 193 11.78 -44.23 25.33
C TRP J 193 11.58 -44.94 26.65
N VAL J 194 12.62 -45.62 27.12
CA VAL J 194 12.68 -46.22 28.44
C VAL J 194 13.69 -45.43 29.26
N LEU J 195 13.27 -44.89 30.41
CA LEU J 195 14.06 -43.91 31.15
C LEU J 195 14.19 -44.31 32.61
N GLY J 196 15.12 -43.66 33.29
CA GLY J 196 15.22 -43.79 34.73
C GLY J 196 16.33 -44.72 35.16
N GLU J 197 16.02 -45.56 36.14
CA GLU J 197 17.00 -46.51 36.66
C GLU J 197 17.06 -47.71 35.73
N HIS J 198 18.26 -48.04 35.28
CA HIS J 198 18.44 -49.23 34.47
C HIS J 198 18.06 -50.45 35.28
N GLY J 199 17.07 -51.20 34.78
CA GLY J 199 16.71 -52.43 35.48
C GLY J 199 15.23 -52.62 35.73
N ASP J 200 14.89 -53.27 36.85
CA ASP J 200 13.48 -53.61 37.10
C ASP J 200 12.59 -52.37 37.12
N SER J 201 13.10 -51.26 37.63
CA SER J 201 12.29 -50.07 37.89
C SER J 201 12.38 -49.02 36.80
N SER J 202 12.79 -49.40 35.59
CA SER J 202 12.77 -48.48 34.46
C SER J 202 11.36 -47.93 34.25
N VAL J 203 11.27 -46.89 33.43
CA VAL J 203 10.00 -46.23 33.16
C VAL J 203 9.74 -46.15 31.66
N PRO J 204 8.73 -46.83 31.15
CA PRO J 204 8.36 -46.64 29.75
C PRO J 204 7.40 -45.48 29.55
N VAL J 205 7.78 -44.51 28.72
CA VAL J 205 7.02 -43.26 28.59
C VAL J 205 6.02 -43.44 27.45
N TRP J 206 4.85 -43.97 27.80
CA TRP J 206 3.83 -44.27 26.80
C TRP J 206 3.42 -43.05 25.98
N SER J 207 3.50 -41.84 26.57
CA SER J 207 3.12 -40.65 25.82
C SER J 207 3.96 -40.47 24.56
N GLY J 208 5.16 -41.03 24.56
CA GLY J 208 6.08 -40.80 23.46
C GLY J 208 6.09 -41.93 22.44
N MET J 209 5.56 -43.10 22.80
CA MET J 209 5.45 -44.17 21.82
C MET J 209 4.67 -43.67 20.63
N ASN J 210 5.28 -43.77 19.45
CA ASN J 210 4.63 -43.29 18.25
C ASN J 210 5.29 -43.93 17.05
N VAL J 211 4.64 -43.75 15.90
CA VAL J 211 5.18 -44.07 14.59
C VAL J 211 4.74 -42.91 13.70
N ALA J 212 5.70 -42.23 13.09
CA ALA J 212 5.41 -41.11 12.21
C ALA J 212 4.61 -40.02 12.94
N GLY J 213 4.95 -39.77 14.20
CA GLY J 213 4.32 -38.69 14.95
C GLY J 213 2.90 -38.95 15.41
N VAL J 214 2.33 -40.10 15.02
CA VAL J 214 1.00 -40.51 15.44
C VAL J 214 1.14 -41.10 16.83
N SER J 215 0.84 -40.28 17.85
CA SER J 215 0.86 -40.77 19.22
C SER J 215 0.09 -42.07 19.32
N LEU J 216 0.69 -43.06 19.97
CA LEU J 216 0.05 -44.35 20.14
C LEU J 216 -0.82 -44.41 21.38
N LYS J 217 -0.50 -43.67 22.43
CA LYS J 217 -1.40 -43.66 23.57
C LYS J 217 -2.70 -42.94 23.22
N THR J 218 -2.63 -41.87 22.43
CA THR J 218 -3.87 -41.21 22.08
C THR J 218 -4.69 -42.06 21.11
N LEU J 219 -4.04 -42.81 20.20
CA LEU J 219 -4.78 -43.73 19.34
C LEU J 219 -5.47 -44.82 20.16
N HIS J 220 -4.90 -45.16 21.31
CA HIS J 220 -5.27 -46.36 22.06
C HIS J 220 -5.12 -46.06 23.54
N PRO J 221 -6.09 -45.37 24.14
CA PRO J 221 -5.92 -44.89 25.52
C PRO J 221 -5.67 -45.99 26.53
N ASP J 222 -5.96 -47.25 26.21
CA ASP J 222 -5.63 -48.28 27.18
C ASP J 222 -4.14 -48.57 27.25
N LEU J 223 -3.33 -47.98 26.37
CA LEU J 223 -1.90 -48.29 26.27
C LEU J 223 -1.20 -48.21 27.61
N GLY J 224 -0.47 -49.27 27.95
CA GLY J 224 0.37 -49.30 29.13
C GLY J 224 -0.34 -49.72 30.40
N THR J 225 -1.65 -49.47 30.46
CA THR J 225 -2.44 -49.77 31.64
C THR J 225 -2.69 -51.27 31.72
N ASP J 226 -3.21 -51.71 32.87
CA ASP J 226 -3.59 -53.10 33.04
C ASP J 226 -4.94 -53.43 32.43
N LYS J 227 -5.75 -52.41 32.10
CA LYS J 227 -6.99 -52.62 31.36
C LYS J 227 -6.73 -53.04 29.91
N ASP J 228 -5.52 -52.82 29.41
CA ASP J 228 -5.24 -52.94 27.97
C ASP J 228 -5.37 -54.40 27.53
N LYS J 229 -6.21 -54.64 26.52
CA LYS J 229 -6.41 -56.00 26.06
C LYS J 229 -5.29 -56.49 25.15
N GLU J 230 -4.52 -55.59 24.53
CA GLU J 230 -3.34 -56.01 23.78
C GLU J 230 -2.10 -56.14 24.66
N GLN J 231 -2.17 -55.69 25.92
CA GLN J 231 -1.13 -55.95 26.92
C GLN J 231 0.23 -55.36 26.51
N TRP J 232 0.23 -54.09 26.08
CA TRP J 232 1.49 -53.48 25.69
C TRP J 232 2.42 -53.30 26.88
N LYS J 233 1.88 -53.24 28.09
CA LYS J 233 2.72 -53.23 29.29
C LYS J 233 3.70 -54.40 29.31
N GLU J 234 3.39 -55.49 28.61
CA GLU J 234 4.29 -56.65 28.59
C GLU J 234 5.51 -56.41 27.70
N VAL J 235 5.42 -55.48 26.74
CA VAL J 235 6.59 -55.08 25.96
C VAL J 235 7.67 -54.50 26.87
N HIS J 236 7.28 -53.75 27.91
CA HIS J 236 8.29 -53.29 28.84
C HIS J 236 8.74 -54.40 29.77
N LYS J 237 7.84 -55.31 30.15
CA LYS J 237 8.26 -56.45 30.93
C LYS J 237 9.29 -57.28 30.16
N GLN J 238 9.06 -57.47 28.87
CA GLN J 238 10.03 -58.17 28.03
C GLN J 238 11.37 -57.44 28.01
N VAL J 239 11.34 -56.11 27.98
CA VAL J 239 12.58 -55.32 27.98
C VAL J 239 13.36 -55.56 29.26
N VAL J 240 12.70 -55.44 30.41
CA VAL J 240 13.39 -55.59 31.69
C VAL J 240 13.84 -57.01 31.95
N GLU J 241 13.17 -57.98 31.33
CA GLU J 241 13.55 -59.38 31.48
C GLU J 241 14.47 -59.87 30.38
N SER J 242 14.80 -59.00 29.41
CA SER J 242 15.59 -59.42 28.26
C SER J 242 16.93 -60.02 28.65
N ALA J 243 17.73 -59.28 29.44
CA ALA J 243 19.08 -59.78 29.73
C ALA J 243 19.02 -61.14 30.41
N TYR J 244 18.13 -61.30 31.39
CA TYR J 244 17.95 -62.58 32.09
C TYR J 244 17.66 -63.71 31.09
N GLU J 245 16.76 -63.48 30.15
CA GLU J 245 16.43 -64.51 29.17
C GLU J 245 17.65 -64.89 28.33
N VAL J 246 18.37 -63.91 27.78
CA VAL J 246 19.56 -64.24 27.00
C VAL J 246 20.61 -64.94 27.86
N ILE J 247 20.70 -64.58 29.16
CA ILE J 247 21.71 -65.20 30.03
C ILE J 247 21.38 -66.66 30.28
N LYS J 248 20.10 -66.99 30.44
CA LYS J 248 19.74 -68.40 30.56
C LYS J 248 20.26 -69.17 29.36
N LEU J 249 19.98 -68.67 28.16
CA LEU J 249 20.26 -69.40 26.93
C LEU J 249 21.76 -69.53 26.67
N LYS J 250 22.47 -68.39 26.57
CA LYS J 250 23.88 -68.39 26.18
C LYS J 250 24.84 -68.03 27.31
N GLY J 251 24.34 -67.67 28.49
CA GLY J 251 25.19 -67.44 29.65
C GLY J 251 25.61 -66.00 29.89
N TYR J 252 25.32 -65.08 28.96
CA TYR J 252 25.75 -63.69 29.09
C TYR J 252 25.19 -62.93 27.89
N THR J 253 25.09 -61.61 28.02
CA THR J 253 24.86 -60.78 26.85
C THR J 253 26.17 -60.18 26.40
N SER J 254 26.22 -59.79 25.13
CA SER J 254 27.41 -59.11 24.62
C SER J 254 27.12 -58.30 23.37
N TRP J 255 26.48 -58.92 22.36
CA TRP J 255 26.39 -58.29 21.05
C TRP J 255 25.55 -57.03 21.07
N ALA J 256 24.38 -57.06 21.70
CA ALA J 256 23.50 -55.88 21.67
C ALA J 256 24.11 -54.70 22.42
N ILE J 257 24.74 -54.92 23.58
CA ILE J 257 25.31 -53.80 24.33
C ILE J 257 26.52 -53.22 23.58
N GLY J 258 27.35 -54.09 22.97
CA GLY J 258 28.45 -53.59 22.14
C GLY J 258 27.99 -52.69 21.00
N LEU J 259 26.93 -53.09 20.30
CA LEU J 259 26.39 -52.25 19.22
C LEU J 259 25.84 -50.95 19.77
N SER J 260 25.16 -51.00 20.90
CA SER J 260 24.60 -49.76 21.41
C SER J 260 25.69 -48.84 21.92
N VAL J 261 26.74 -49.40 22.56
CA VAL J 261 27.84 -48.58 23.03
C VAL J 261 28.55 -47.90 21.86
N ALA J 262 28.82 -48.66 20.78
CA ALA J 262 29.47 -48.05 19.63
C ALA J 262 28.61 -46.95 19.04
N ASP J 263 27.29 -47.07 19.16
CA ASP J 263 26.40 -46.02 18.71
C ASP J 263 26.56 -44.75 19.57
N LEU J 264 26.59 -44.90 20.90
CA LEU J 264 26.95 -43.79 21.77
C LEU J 264 28.30 -43.20 21.39
N ALA J 265 29.29 -44.07 21.18
CA ALA J 265 30.63 -43.62 20.82
C ALA J 265 30.65 -42.83 19.53
N GLU J 266 29.75 -43.15 18.59
CA GLU J 266 29.73 -42.42 17.32
C GLU J 266 29.24 -40.99 17.51
N SER J 267 28.15 -40.81 18.27
CA SER J 267 27.66 -39.46 18.59
C SER J 267 28.73 -38.61 19.26
N ILE J 268 29.46 -39.19 20.20
CA ILE J 268 30.49 -38.44 20.94
C ILE J 268 31.67 -38.14 20.03
N MET J 269 32.28 -39.19 19.46
CA MET J 269 33.47 -39.04 18.64
C MET J 269 33.24 -38.17 17.40
N LYS J 270 32.01 -38.08 16.89
CA LYS J 270 31.71 -37.29 15.71
C LYS J 270 30.96 -36.01 16.01
N ASN J 271 30.65 -35.74 17.28
CA ASN J 271 29.97 -34.50 17.70
C ASN J 271 28.62 -34.32 16.98
N LEU J 272 27.80 -35.38 16.96
CA LEU J 272 26.59 -35.34 16.17
C LEU J 272 25.46 -34.58 16.85
N ARG J 273 25.47 -34.51 18.18
CA ARG J 273 24.40 -33.87 18.94
C ARG J 273 23.07 -34.60 18.75
N ARG J 274 23.14 -35.94 18.76
CA ARG J 274 21.99 -36.83 18.76
C ARG J 274 21.51 -37.07 20.19
N VAL J 275 20.23 -37.40 20.30
CA VAL J 275 19.61 -37.63 21.61
C VAL J 275 19.65 -39.13 21.92
N HIS J 276 20.19 -39.48 23.10
CA HIS J 276 20.27 -40.85 23.62
C HIS J 276 19.85 -40.89 25.08
N PRO J 277 19.10 -41.93 25.50
CA PRO J 277 18.78 -42.08 26.92
C PRO J 277 19.95 -42.65 27.72
N VAL J 278 20.75 -41.80 28.36
CA VAL J 278 21.92 -42.23 29.09
C VAL J 278 21.85 -41.67 30.49
N SER J 279 22.60 -42.31 31.40
CA SER J 279 22.65 -41.89 32.80
C SER J 279 23.42 -40.58 32.94
N THR J 280 22.72 -39.51 33.32
CA THR J 280 23.38 -38.27 33.70
C THR J 280 22.92 -37.92 35.09
N MET J 281 23.69 -37.05 35.75
CA MET J 281 23.36 -36.60 37.09
C MET J 281 22.17 -35.65 37.04
N ILE J 282 21.06 -35.97 37.74
CA ILE J 282 19.85 -35.16 37.58
C ILE J 282 19.31 -34.52 38.86
N LYS J 283 20.17 -34.24 39.83
CA LYS J 283 19.79 -33.29 40.87
C LYS J 283 19.28 -32.02 40.22
N GLY J 284 18.10 -31.57 40.62
CA GLY J 284 17.49 -30.39 40.08
C GLY J 284 16.27 -30.65 39.23
N LEU J 285 16.05 -31.88 38.81
CA LEU J 285 14.91 -32.20 37.96
C LEU J 285 13.97 -33.14 38.70
N TYR J 286 12.69 -33.07 38.32
CA TYR J 286 11.65 -34.00 38.80
C TYR J 286 11.58 -34.08 40.33
N GLY J 287 12.17 -33.13 41.03
CA GLY J 287 12.13 -33.17 42.48
C GLY J 287 13.17 -34.06 43.09
N ILE J 288 14.05 -34.67 42.29
CA ILE J 288 15.21 -35.32 42.87
C ILE J 288 16.08 -34.26 43.48
N LYS J 289 16.49 -34.46 44.73
CA LYS J 289 17.35 -33.51 45.40
C LYS J 289 18.70 -34.10 45.81
N ASP J 290 18.99 -35.34 45.43
CA ASP J 290 20.27 -35.95 45.79
C ASP J 290 21.17 -36.12 44.55
N ASP J 291 22.44 -36.44 44.83
CA ASP J 291 23.48 -36.65 43.82
C ASP J 291 23.26 -38.03 43.18
N VAL J 292 22.37 -38.07 42.21
CA VAL J 292 21.89 -39.34 41.69
C VAL J 292 21.92 -39.26 40.17
N PHE J 293 22.27 -40.36 39.53
CA PHE J 293 22.30 -40.44 38.07
C PHE J 293 21.16 -41.33 37.59
N LEU J 294 20.37 -40.81 36.66
CA LEU J 294 19.33 -41.57 36.00
C LEU J 294 19.41 -41.32 34.49
N SER J 295 18.79 -42.20 33.73
CA SER J 295 18.73 -41.98 32.29
C SER J 295 17.58 -41.03 31.94
N VAL J 296 17.94 -39.89 31.36
CA VAL J 296 16.97 -39.03 30.70
C VAL J 296 17.54 -38.85 29.29
N PRO J 297 16.80 -38.30 28.34
CA PRO J 297 17.37 -38.13 26.99
C PRO J 297 18.39 -36.99 26.97
N CYS J 298 19.64 -37.32 26.67
CA CYS J 298 20.73 -36.35 26.62
C CYS J 298 21.18 -36.12 25.19
N ILE J 299 21.72 -34.93 24.93
CA ILE J 299 22.32 -34.62 23.63
C ILE J 299 23.81 -34.88 23.76
N LEU J 300 24.34 -35.75 22.90
CA LEU J 300 25.69 -36.24 23.02
C LEU J 300 26.52 -35.71 21.87
N GLY J 301 27.76 -35.37 22.19
CA GLY J 301 28.65 -34.76 21.23
C GLY J 301 30.05 -34.77 21.79
N GLN J 302 30.90 -33.90 21.24
CA GLN J 302 32.31 -33.99 21.55
C GLN J 302 32.65 -33.57 22.98
N ASN J 303 31.76 -32.90 23.70
CA ASN J 303 32.05 -32.61 25.10
C ASN J 303 31.21 -33.43 26.05
N GLY J 304 30.62 -34.52 25.56
CA GLY J 304 29.80 -35.36 26.40
C GLY J 304 28.36 -34.93 26.38
N ILE J 305 27.74 -34.89 27.55
CA ILE J 305 26.36 -34.46 27.69
C ILE J 305 26.36 -32.93 27.71
N SER J 306 26.01 -32.29 26.59
CA SER J 306 25.98 -30.84 26.54
C SER J 306 24.61 -30.26 26.92
N ASP J 307 23.54 -31.03 26.76
CA ASP J 307 22.18 -30.60 27.04
C ASP J 307 21.34 -31.84 27.36
N LEU J 308 20.20 -31.63 28.00
CA LEU J 308 19.33 -32.77 28.20
C LEU J 308 17.88 -32.35 28.05
N VAL J 309 17.09 -33.29 27.49
CA VAL J 309 15.68 -33.03 27.19
C VAL J 309 14.87 -33.15 28.47
N LYS J 310 14.00 -32.17 28.71
CA LYS J 310 13.13 -32.12 29.88
C LYS J 310 11.81 -32.78 29.50
N VAL J 311 11.73 -34.08 29.72
CA VAL J 311 10.61 -34.88 29.27
C VAL J 311 9.45 -34.71 30.24
N THR J 312 8.27 -34.41 29.70
CA THR J 312 7.06 -34.24 30.50
C THR J 312 6.55 -35.60 30.95
N LEU J 313 6.66 -35.88 32.24
CA LEU J 313 6.16 -37.10 32.84
C LEU J 313 4.83 -36.85 33.53
N THR J 314 4.03 -37.92 33.63
CA THR J 314 2.86 -37.91 34.48
C THR J 314 3.30 -37.92 35.94
N SER J 315 2.33 -37.89 36.85
CA SER J 315 2.68 -37.92 38.27
C SER J 315 3.19 -39.30 38.69
N GLU J 316 2.49 -40.36 38.25
CA GLU J 316 2.96 -41.72 38.51
C GLU J 316 4.42 -41.89 38.06
N GLU J 317 4.75 -41.35 36.88
CA GLU J 317 6.09 -41.51 36.34
C GLU J 317 7.14 -40.77 37.19
N GLU J 318 6.93 -39.46 37.39
CA GLU J 318 7.81 -38.68 38.27
C GLU J 318 8.02 -39.37 39.60
N ALA J 319 6.93 -39.94 40.15
CA ALA J 319 7.03 -40.66 41.41
C ALA J 319 7.98 -41.85 41.30
N ARG J 320 7.92 -42.58 40.17
CA ARG J 320 8.81 -43.71 40.00
C ARG J 320 10.27 -43.27 39.93
N LEU J 321 10.56 -42.18 39.20
CA LEU J 321 11.90 -41.62 39.21
C LEU J 321 12.35 -41.27 40.62
N LYS J 322 11.49 -40.57 41.37
CA LYS J 322 11.81 -40.17 42.74
C LYS J 322 12.12 -41.38 43.63
N LYS J 323 11.33 -42.45 43.52
CA LYS J 323 11.58 -43.62 44.36
C LYS J 323 12.94 -44.26 44.03
N SER J 324 13.25 -44.37 42.73
CA SER J 324 14.58 -44.88 42.34
C SER J 324 15.67 -43.99 42.92
N ALA J 325 15.52 -42.67 42.75
CA ALA J 325 16.54 -41.75 43.25
C ALA J 325 16.75 -41.91 44.74
N ASP J 326 15.66 -42.00 45.50
CA ASP J 326 15.79 -42.19 46.94
C ASP J 326 16.55 -43.47 47.27
N THR J 327 16.27 -44.57 46.54
CA THR J 327 16.94 -45.84 46.81
C THR J 327 18.39 -45.80 46.39
N LEU J 328 18.68 -45.14 45.27
CA LEU J 328 20.05 -45.02 44.82
C LEU J 328 20.87 -44.15 45.76
N TRP J 329 20.30 -43.03 46.22
CA TRP J 329 21.00 -42.21 47.20
C TRP J 329 21.21 -42.96 48.53
N GLY J 330 20.22 -43.75 48.95
CA GLY J 330 20.37 -44.54 50.16
C GLY J 330 21.55 -45.49 50.09
N ILE J 331 21.74 -46.15 48.94
CA ILE J 331 22.94 -46.96 48.77
C ILE J 331 24.17 -46.08 48.73
N GLN J 332 24.14 -45.02 47.90
CA GLN J 332 25.34 -44.20 47.71
C GLN J 332 25.82 -43.55 49.01
N LYS J 333 24.91 -43.17 49.91
CA LYS J 333 25.36 -42.55 51.16
C LYS J 333 26.06 -43.52 52.11
N GLU J 334 26.15 -44.80 51.75
CA GLU J 334 26.82 -45.80 52.57
C GLU J 334 28.11 -46.32 51.97
N LEU J 335 28.54 -45.80 50.83
CA LEU J 335 29.79 -46.27 50.28
C LEU J 335 30.98 -45.57 50.92
N GLN J 336 32.15 -46.20 50.81
CA GLN J 336 33.39 -45.67 51.37
C GLN J 336 34.42 -45.55 50.27
N PHE J 337 34.91 -44.32 50.05
CA PHE J 337 35.73 -43.99 48.88
C PHE J 337 37.20 -44.04 49.22
N ALA K 7 8.63 -18.38 28.95
CA ALA K 7 9.87 -19.02 28.48
C ALA K 7 9.71 -19.60 27.08
N THR K 8 10.76 -19.49 26.26
CA THR K 8 10.70 -20.00 24.89
C THR K 8 10.55 -21.52 24.86
N LEU K 9 10.10 -22.02 23.71
CA LEU K 9 9.92 -23.46 23.53
C LEU K 9 11.22 -24.22 23.71
N LYS K 10 12.32 -23.71 23.16
CA LYS K 10 13.60 -24.39 23.30
C LYS K 10 13.96 -24.59 24.76
N ASP K 11 13.78 -23.56 25.58
CA ASP K 11 14.16 -23.68 26.99
C ASP K 11 13.20 -24.57 27.75
N GLN K 12 11.93 -24.63 27.33
CA GLN K 12 10.99 -25.55 27.95
C GLN K 12 11.42 -27.00 27.73
N LEU K 13 11.92 -27.29 26.54
CA LEU K 13 12.25 -28.63 26.09
C LEU K 13 13.65 -29.11 26.50
N ILE K 14 14.63 -28.22 26.53
CA ILE K 14 16.02 -28.60 26.67
C ILE K 14 16.63 -27.84 27.84
N TYR K 15 17.31 -28.54 28.72
CA TYR K 15 18.09 -27.94 29.80
C TYR K 15 19.55 -27.90 29.37
N ASN K 16 20.10 -26.69 29.27
CA ASN K 16 21.46 -26.51 28.78
C ASN K 16 22.50 -26.61 29.89
N LEU K 17 23.60 -27.31 29.58
CA LEU K 17 24.73 -27.54 30.48
C LEU K 17 25.99 -26.75 30.12
N LEU K 18 26.25 -26.51 28.82
CA LEU K 18 27.50 -25.95 28.31
C LEU K 18 27.18 -24.97 27.19
N LYS K 19 28.16 -24.11 26.85
CA LYS K 19 28.07 -23.19 25.71
C LYS K 19 28.31 -23.84 24.35
N GLU K 20 29.21 -23.23 23.59
CA GLU K 20 29.42 -23.50 22.18
C GLU K 20 30.52 -24.53 22.05
N GLU K 21 30.10 -25.80 21.93
CA GLU K 21 30.92 -26.88 21.39
C GLU K 21 31.52 -26.52 20.03
N GLN K 22 32.21 -25.37 19.92
CA GLN K 22 32.83 -24.99 18.66
C GLN K 22 34.09 -25.82 18.43
N THR K 23 35.23 -25.18 18.16
CA THR K 23 36.50 -25.90 18.31
C THR K 23 36.52 -27.30 17.68
N PRO K 24 36.48 -27.42 16.35
CA PRO K 24 36.31 -28.75 15.75
C PRO K 24 37.62 -29.55 15.71
N GLN K 25 37.48 -30.88 15.74
CA GLN K 25 38.65 -31.75 15.82
C GLN K 25 39.08 -32.32 14.47
N ASN K 26 38.18 -32.49 13.52
CA ASN K 26 38.53 -33.07 12.23
C ASN K 26 37.90 -32.21 11.13
N LYS K 27 38.40 -30.98 10.99
CA LYS K 27 37.88 -30.02 10.05
C LYS K 27 38.59 -30.14 8.71
N ILE K 28 37.80 -30.15 7.64
CA ILE K 28 38.32 -30.14 6.28
C ILE K 28 37.78 -28.89 5.58
N THR K 29 38.62 -28.24 4.78
CA THR K 29 38.20 -27.15 3.91
C THR K 29 38.37 -27.55 2.45
N VAL K 30 37.39 -27.20 1.64
CA VAL K 30 37.50 -27.26 0.19
C VAL K 30 37.49 -25.83 -0.32
N VAL K 31 38.59 -25.44 -0.96
CA VAL K 31 38.71 -24.14 -1.60
C VAL K 31 38.33 -24.34 -3.07
N GLY K 32 37.22 -23.74 -3.47
CA GLY K 32 36.74 -23.91 -4.82
C GLY K 32 35.50 -24.77 -4.82
N VAL K 33 34.42 -24.27 -5.43
CA VAL K 33 33.15 -24.97 -5.42
C VAL K 33 32.60 -25.10 -6.83
N GLY K 34 33.49 -25.29 -7.80
CA GLY K 34 33.13 -25.79 -9.10
C GLY K 34 32.86 -27.28 -9.05
N ALA K 35 32.81 -27.90 -10.23
CA ALA K 35 32.47 -29.32 -10.28
C ALA K 35 33.47 -30.15 -9.47
N VAL K 36 34.77 -29.85 -9.62
CA VAL K 36 35.79 -30.62 -8.89
C VAL K 36 35.64 -30.42 -7.39
N GLY K 37 35.52 -29.16 -6.95
CA GLY K 37 35.38 -28.90 -5.52
C GLY K 37 34.20 -29.63 -4.90
N MET K 38 33.04 -29.55 -5.55
CA MET K 38 31.83 -30.12 -4.96
C MET K 38 31.79 -31.64 -5.08
N ALA K 39 32.46 -32.21 -6.07
CA ALA K 39 32.61 -33.67 -6.06
C ALA K 39 33.51 -34.10 -4.92
N CYS K 40 34.58 -33.34 -4.66
CA CYS K 40 35.39 -33.56 -3.47
C CYS K 40 34.54 -33.47 -2.22
N ALA K 41 33.70 -32.44 -2.16
CA ALA K 41 32.91 -32.20 -0.97
C ALA K 41 31.97 -33.37 -0.70
N ILE K 42 31.17 -33.75 -1.71
CA ILE K 42 30.15 -34.77 -1.49
C ILE K 42 30.81 -36.09 -1.14
N SER K 43 31.98 -36.37 -1.72
CA SER K 43 32.68 -37.63 -1.47
C SER K 43 33.20 -37.67 -0.03
N ILE K 44 33.86 -36.61 0.41
CA ILE K 44 34.32 -36.52 1.78
C ILE K 44 33.16 -36.68 2.76
N LEU K 45 32.00 -36.13 2.41
CA LEU K 45 30.87 -36.13 3.32
C LEU K 45 30.30 -37.52 3.49
N MET K 46 30.30 -38.29 2.41
CA MET K 46 29.72 -39.62 2.47
C MET K 46 30.70 -40.68 2.95
N LYS K 47 31.99 -40.37 3.00
CA LYS K 47 32.96 -41.22 3.67
C LYS K 47 33.18 -40.88 5.14
N ASP K 48 32.52 -39.83 5.67
CA ASP K 48 32.53 -39.55 7.12
C ASP K 48 33.93 -39.19 7.64
N LEU K 49 34.66 -38.36 6.91
CA LEU K 49 36.01 -38.01 7.29
C LEU K 49 36.12 -36.77 8.19
N ALA K 50 35.13 -35.88 8.16
CA ALA K 50 35.24 -34.59 8.83
C ALA K 50 34.06 -34.38 9.77
N ASP K 51 34.32 -33.70 10.89
CA ASP K 51 33.23 -33.22 11.73
C ASP K 51 32.79 -31.81 11.39
N GLU K 52 33.57 -31.09 10.58
CA GLU K 52 33.16 -29.81 10.01
C GLU K 52 33.72 -29.67 8.61
N LEU K 53 32.86 -29.28 7.66
CA LEU K 53 33.28 -28.99 6.29
C LEU K 53 33.12 -27.49 6.02
N ALA K 54 34.18 -26.85 5.53
CA ALA K 54 34.15 -25.44 5.17
C ALA K 54 34.35 -25.30 3.67
N LEU K 55 33.44 -24.58 3.01
CA LEU K 55 33.59 -24.23 1.60
C LEU K 55 33.95 -22.76 1.47
N VAL K 56 34.78 -22.44 0.49
CA VAL K 56 35.15 -21.04 0.24
C VAL K 56 35.32 -20.88 -1.25
N ASP K 57 34.70 -19.83 -1.80
CA ASP K 57 34.97 -19.42 -3.17
C ASP K 57 34.65 -17.94 -3.29
N VAL K 58 35.03 -17.37 -4.44
CA VAL K 58 34.88 -15.93 -4.62
C VAL K 58 33.52 -15.50 -5.17
N ILE K 59 32.79 -16.40 -5.82
CA ILE K 59 31.43 -16.09 -6.30
C ILE K 59 30.46 -16.42 -5.17
N GLU K 60 29.99 -15.39 -4.47
CA GLU K 60 29.31 -15.60 -3.19
C GLU K 60 27.95 -16.28 -3.35
N ASP K 61 27.30 -16.09 -4.50
CA ASP K 61 25.94 -16.60 -4.64
C ASP K 61 25.92 -18.10 -4.91
N LYS K 62 26.83 -18.60 -5.77
CA LYS K 62 26.96 -20.04 -5.91
C LYS K 62 27.46 -20.67 -4.62
N LEU K 63 28.36 -19.97 -3.90
CA LEU K 63 28.88 -20.48 -2.64
C LEU K 63 27.76 -20.78 -1.66
N LYS K 64 26.88 -19.82 -1.43
CA LYS K 64 25.79 -20.03 -0.48
C LYS K 64 24.82 -21.10 -0.97
N GLY K 65 24.63 -21.21 -2.29
CA GLY K 65 23.67 -22.18 -2.81
C GLY K 65 24.17 -23.60 -2.68
N GLU K 66 25.45 -23.83 -2.99
CA GLU K 66 26.00 -25.17 -2.80
C GLU K 66 26.02 -25.55 -1.32
N MET K 67 26.22 -24.56 -0.42
CA MET K 67 26.25 -24.89 1.01
C MET K 67 24.88 -25.32 1.48
N MET K 68 23.83 -24.59 1.07
CA MET K 68 22.48 -24.91 1.50
C MET K 68 22.02 -26.24 0.94
N ASP K 69 22.35 -26.53 -0.32
CA ASP K 69 22.01 -27.83 -0.87
C ASP K 69 22.59 -28.96 -0.02
N LEU K 70 23.88 -28.87 0.32
CA LEU K 70 24.48 -29.88 1.20
C LEU K 70 23.84 -29.86 2.57
N GLN K 71 23.51 -28.67 3.08
CA GLN K 71 22.96 -28.60 4.43
C GLN K 71 21.59 -29.24 4.50
N HIS K 72 20.84 -29.22 3.41
CA HIS K 72 19.52 -29.82 3.44
C HIS K 72 19.59 -31.34 3.53
N GLY K 73 20.71 -31.94 3.16
CA GLY K 73 20.85 -33.36 3.28
C GLY K 73 21.49 -33.86 4.56
N SER K 74 21.55 -33.01 5.60
CA SER K 74 22.27 -33.36 6.83
C SER K 74 21.67 -34.59 7.49
N LEU K 75 20.35 -34.75 7.38
CA LEU K 75 19.68 -35.94 7.88
C LEU K 75 20.35 -37.22 7.37
N PHE K 76 20.79 -37.21 6.12
CA PHE K 76 21.44 -38.38 5.54
C PHE K 76 22.97 -38.32 5.64
N LEU K 77 23.52 -37.44 6.48
CA LEU K 77 24.96 -37.29 6.63
C LEU K 77 25.37 -37.41 8.09
N ARG K 78 26.68 -37.52 8.32
CA ARG K 78 27.24 -37.62 9.66
C ARG K 78 28.24 -36.51 9.94
N THR K 79 28.21 -35.43 9.16
CA THR K 79 29.09 -34.29 9.35
C THR K 79 28.24 -33.13 9.82
N PRO K 80 28.27 -32.80 11.12
CA PRO K 80 27.20 -31.98 11.71
C PRO K 80 27.36 -30.49 11.49
N LYS K 81 28.40 -30.03 10.81
CA LYS K 81 28.57 -28.60 10.57
C LYS K 81 29.13 -28.37 9.17
N ILE K 82 28.37 -27.67 8.34
CA ILE K 82 28.80 -27.24 7.02
C ILE K 82 28.72 -25.72 6.96
N VAL K 83 29.85 -25.06 6.66
CA VAL K 83 29.97 -23.60 6.67
C VAL K 83 30.66 -23.12 5.40
N SER K 84 30.36 -21.88 5.01
CA SER K 84 30.98 -21.32 3.82
C SER K 84 31.16 -19.82 3.96
N GLY K 85 32.02 -19.27 3.10
CA GLY K 85 32.11 -17.80 2.99
C GLY K 85 33.24 -17.43 2.04
N LYS K 86 33.20 -16.17 1.60
CA LYS K 86 34.27 -15.62 0.77
C LYS K 86 35.51 -15.27 1.60
N ASP K 87 35.30 -15.01 2.89
CA ASP K 87 36.36 -14.72 3.84
C ASP K 87 37.02 -16.02 4.32
N TYR K 88 38.33 -16.14 4.17
CA TYR K 88 39.00 -17.36 4.65
C TYR K 88 38.98 -17.53 6.21
N ASN K 89 38.30 -16.73 7.02
CA ASN K 89 38.28 -17.02 8.43
C ASN K 89 37.36 -18.19 8.79
N VAL K 90 36.39 -18.51 7.92
CA VAL K 90 35.60 -19.72 8.10
C VAL K 90 36.49 -20.95 8.07
N THR K 91 37.69 -20.81 7.53
CA THR K 91 38.70 -21.85 7.30
C THR K 91 39.44 -22.30 8.56
N ALA K 92 39.35 -21.53 9.66
CA ALA K 92 40.31 -21.63 10.76
C ALA K 92 40.44 -23.04 11.32
N ASN K 93 41.68 -23.39 11.69
CA ASN K 93 42.07 -24.68 12.30
C ASN K 93 41.54 -25.90 11.54
N SER K 94 41.66 -25.89 10.22
CA SER K 94 41.41 -27.08 9.43
C SER K 94 42.54 -28.10 9.61
N LYS K 95 42.17 -29.36 9.80
CA LYS K 95 43.18 -30.39 9.71
C LYS K 95 43.72 -30.53 8.28
N LEU K 96 42.86 -30.33 7.28
CA LEU K 96 43.21 -30.52 5.87
C LEU K 96 42.51 -29.47 5.02
N VAL K 97 43.25 -28.85 4.09
CA VAL K 97 42.68 -27.89 3.18
C VAL K 97 42.88 -28.39 1.76
N ILE K 98 41.76 -28.59 1.05
CA ILE K 98 41.76 -29.12 -0.30
C ILE K 98 41.48 -27.96 -1.24
N ILE K 99 42.38 -27.75 -2.19
CA ILE K 99 42.41 -26.55 -3.02
C ILE K 99 42.09 -26.95 -4.44
N THR K 100 40.87 -26.65 -4.87
CA THR K 100 40.39 -27.01 -6.21
C THR K 100 40.14 -25.81 -7.11
N ALA K 101 40.26 -24.58 -6.61
CA ALA K 101 39.87 -23.40 -7.36
C ALA K 101 40.86 -23.12 -8.49
N GLY K 102 40.38 -22.39 -9.50
CA GLY K 102 41.20 -21.92 -10.59
C GLY K 102 40.66 -22.36 -11.94
N ALA K 103 41.45 -22.10 -12.97
CA ALA K 103 41.00 -22.36 -14.33
C ALA K 103 41.12 -23.84 -14.67
N ARG K 104 40.10 -24.36 -15.35
CA ARG K 104 40.17 -25.72 -15.86
C ARG K 104 40.47 -25.67 -17.35
N GLN K 105 40.87 -26.82 -17.90
CA GLN K 105 41.28 -26.90 -19.29
C GLN K 105 40.07 -26.93 -20.21
N GLN K 106 40.17 -26.21 -21.33
CA GLN K 106 39.22 -26.28 -22.42
C GLN K 106 39.41 -27.59 -23.16
N GLU K 107 38.59 -27.82 -24.18
CA GLU K 107 38.74 -29.04 -24.96
C GLU K 107 40.07 -29.00 -25.72
N GLY K 108 40.92 -30.02 -25.50
CA GLY K 108 42.20 -30.12 -26.16
C GLY K 108 43.33 -29.33 -25.53
N GLU K 109 43.09 -28.59 -24.45
CA GLU K 109 44.09 -27.74 -23.84
C GLU K 109 44.92 -28.56 -22.85
N SER K 110 46.23 -28.62 -23.05
CA SER K 110 47.13 -29.20 -22.05
C SER K 110 47.01 -28.49 -20.71
N ARG K 111 47.00 -29.27 -19.61
CA ARG K 111 46.94 -28.65 -18.29
C ARG K 111 48.09 -27.68 -18.06
N LEU K 112 49.24 -27.91 -18.71
CA LEU K 112 50.39 -27.03 -18.53
C LEU K 112 50.07 -25.60 -18.94
N ASN K 113 49.11 -25.39 -19.85
CA ASN K 113 48.73 -24.05 -20.29
C ASN K 113 47.98 -23.28 -19.24
N LEU K 114 47.55 -23.90 -18.17
CA LEU K 114 46.85 -23.21 -17.10
C LEU K 114 47.79 -22.52 -16.10
N VAL K 115 49.11 -22.56 -16.30
CA VAL K 115 50.02 -22.31 -15.19
C VAL K 115 50.01 -20.83 -14.80
N GLN K 116 50.10 -19.90 -15.75
CA GLN K 116 50.23 -18.50 -15.33
C GLN K 116 48.95 -18.00 -14.68
N ARG K 117 47.80 -18.45 -15.17
CA ARG K 117 46.53 -18.02 -14.57
C ARG K 117 46.38 -18.53 -13.15
N ASN K 118 46.76 -19.79 -12.89
CA ASN K 118 46.48 -20.39 -11.60
C ASN K 118 47.59 -20.10 -10.58
N VAL K 119 48.83 -19.91 -11.04
CA VAL K 119 49.87 -19.37 -10.15
C VAL K 119 49.42 -18.03 -9.58
N ASN K 120 48.83 -17.17 -10.41
CA ASN K 120 48.35 -15.88 -9.92
C ASN K 120 47.28 -16.07 -8.85
N ILE K 121 46.34 -16.98 -9.07
CA ILE K 121 45.29 -17.24 -8.08
C ILE K 121 45.89 -17.80 -6.79
N PHE K 122 46.91 -18.66 -6.93
CA PHE K 122 47.55 -19.24 -5.76
C PHE K 122 48.27 -18.20 -4.91
N LYS K 123 48.79 -17.13 -5.52
CA LYS K 123 49.36 -16.04 -4.73
C LYS K 123 48.32 -15.45 -3.79
N PHE K 124 47.04 -15.41 -4.18
CA PHE K 124 46.03 -14.91 -3.24
C PHE K 124 45.58 -15.97 -2.24
N ILE K 125 45.37 -17.21 -2.70
CA ILE K 125 44.70 -18.22 -1.87
C ILE K 125 45.64 -18.70 -0.75
N ILE K 126 46.86 -19.12 -1.10
CA ILE K 126 47.70 -19.81 -0.11
C ILE K 126 47.97 -18.96 1.13
N PRO K 127 48.44 -17.72 1.03
CA PRO K 127 48.61 -16.93 2.26
C PRO K 127 47.37 -16.89 3.15
N ASN K 128 46.18 -16.81 2.56
CA ASN K 128 44.96 -16.84 3.36
C ASN K 128 44.76 -18.18 4.02
N VAL K 129 45.05 -19.27 3.31
CA VAL K 129 44.85 -20.58 3.89
C VAL K 129 45.78 -20.76 5.09
N VAL K 130 47.04 -20.38 4.91
CA VAL K 130 48.05 -20.55 5.96
C VAL K 130 47.82 -19.61 7.11
N LYS K 131 47.26 -18.43 6.85
CA LYS K 131 46.96 -17.49 7.92
C LYS K 131 46.02 -18.13 8.95
N TYR K 132 44.98 -18.82 8.48
CA TYR K 132 43.96 -19.31 9.39
C TYR K 132 44.13 -20.78 9.78
N SER K 133 44.94 -21.55 9.05
CA SER K 133 45.25 -22.91 9.46
C SER K 133 46.75 -23.14 9.32
N PRO K 134 47.54 -22.59 10.24
CA PRO K 134 49.01 -22.71 10.15
C PRO K 134 49.53 -24.14 10.22
N ASN K 135 48.80 -25.07 10.83
CA ASN K 135 49.28 -26.44 10.98
C ASN K 135 48.58 -27.44 10.06
N CYS K 136 47.80 -26.96 9.09
CA CYS K 136 47.05 -27.88 8.25
C CYS K 136 47.97 -28.62 7.27
N LYS K 137 47.41 -29.65 6.63
CA LYS K 137 48.04 -30.24 5.44
C LYS K 137 47.37 -29.67 4.20
N LEU K 138 48.20 -29.28 3.23
CA LEU K 138 47.72 -28.70 1.99
C LEU K 138 47.63 -29.82 0.96
N LEU K 139 46.42 -30.09 0.48
CA LEU K 139 46.19 -31.02 -0.62
C LEU K 139 45.78 -30.23 -1.86
N ILE K 140 46.62 -30.27 -2.90
CA ILE K 140 46.47 -29.45 -4.09
C ILE K 140 45.82 -30.28 -5.20
N VAL K 141 44.70 -29.81 -5.74
CA VAL K 141 43.99 -30.49 -6.82
C VAL K 141 43.97 -29.68 -8.12
N SER K 142 44.00 -28.36 -8.06
CA SER K 142 44.03 -27.52 -9.27
C SER K 142 45.19 -27.89 -10.18
N ASN K 143 44.97 -27.79 -11.48
CA ASN K 143 46.00 -28.10 -12.45
C ASN K 143 46.74 -26.86 -12.91
N PRO K 144 47.99 -27.01 -13.41
CA PRO K 144 48.81 -28.23 -13.47
C PRO K 144 49.24 -28.62 -12.08
N VAL K 145 48.83 -29.80 -11.61
CA VAL K 145 48.81 -30.04 -10.17
C VAL K 145 50.23 -30.20 -9.61
N ASP K 146 51.15 -30.79 -10.38
CA ASP K 146 52.51 -30.98 -9.88
C ASP K 146 53.22 -29.65 -9.71
N ILE K 147 53.09 -28.74 -10.69
CA ILE K 147 53.73 -27.43 -10.56
C ILE K 147 53.08 -26.62 -9.43
N LEU K 148 51.74 -26.68 -9.32
CA LEU K 148 51.07 -25.89 -8.30
C LEU K 148 51.27 -26.45 -6.89
N THR K 149 51.69 -27.70 -6.77
CA THR K 149 52.16 -28.16 -5.47
C THR K 149 53.48 -27.49 -5.11
N TYR K 150 54.41 -27.44 -6.06
CA TYR K 150 55.66 -26.72 -5.82
C TYR K 150 55.39 -25.26 -5.49
N VAL K 151 54.53 -24.61 -6.27
CA VAL K 151 54.14 -23.23 -5.99
C VAL K 151 53.57 -23.11 -4.58
N ALA K 152 52.68 -24.04 -4.20
CA ALA K 152 52.04 -23.92 -2.90
C ALA K 152 53.01 -24.18 -1.76
N TRP K 153 54.06 -24.96 -2.02
CA TRP K 153 55.09 -25.17 -1.02
C TRP K 153 55.88 -23.88 -0.78
N LYS K 154 56.38 -23.25 -1.87
CA LYS K 154 57.19 -22.04 -1.74
C LYS K 154 56.43 -20.91 -1.04
N ILE K 155 55.18 -20.65 -1.44
CA ILE K 155 54.41 -19.53 -0.88
C ILE K 155 54.11 -19.77 0.60
N SER K 156 53.64 -20.97 0.94
CA SER K 156 53.20 -21.24 2.30
C SER K 156 54.35 -21.37 3.27
N GLY K 157 55.53 -21.80 2.81
CA GLY K 157 56.63 -22.11 3.70
C GLY K 157 56.46 -23.38 4.52
N PHE K 158 55.38 -24.14 4.34
CA PHE K 158 55.22 -25.39 5.06
C PHE K 158 56.40 -26.32 4.76
N PRO K 159 56.69 -27.26 5.64
CA PRO K 159 57.62 -28.33 5.27
C PRO K 159 57.03 -29.17 4.16
N LYS K 160 57.91 -29.78 3.37
CA LYS K 160 57.44 -30.46 2.16
C LYS K 160 56.47 -31.58 2.46
N ASN K 161 56.51 -32.15 3.66
CA ASN K 161 55.66 -33.28 3.97
C ASN K 161 54.19 -32.90 4.12
N ARG K 162 53.87 -31.63 4.32
CA ARG K 162 52.49 -31.18 4.47
C ARG K 162 51.94 -30.48 3.22
N VAL K 163 52.62 -30.58 2.09
CA VAL K 163 52.18 -29.99 0.83
C VAL K 163 52.09 -31.12 -0.18
N ILE K 164 50.87 -31.64 -0.39
CA ILE K 164 50.65 -32.84 -1.20
C ILE K 164 49.86 -32.44 -2.45
N GLY K 165 50.31 -32.92 -3.60
CA GLY K 165 49.55 -32.83 -4.83
C GLY K 165 48.79 -34.11 -5.05
N SER K 166 47.54 -33.97 -5.54
CA SER K 166 46.72 -35.14 -5.82
C SER K 166 47.34 -36.02 -6.89
N GLY K 167 48.05 -35.42 -7.84
CA GLY K 167 48.98 -36.19 -8.61
C GLY K 167 48.35 -37.27 -9.49
N CYS K 168 49.08 -38.39 -9.59
CA CYS K 168 48.68 -39.54 -10.39
C CYS K 168 47.90 -40.56 -9.60
N ASN K 169 47.25 -40.16 -8.49
CA ASN K 169 46.37 -41.10 -7.81
C ASN K 169 45.21 -41.50 -8.70
N LEU K 170 44.64 -40.52 -9.42
CA LEU K 170 43.58 -40.78 -10.39
C LEU K 170 44.12 -41.49 -11.63
N ASP K 171 45.26 -41.04 -12.16
CA ASP K 171 45.82 -41.71 -13.34
C ASP K 171 46.00 -43.19 -13.06
N SER K 172 46.42 -43.52 -11.85
CA SER K 172 46.65 -44.90 -11.46
C SER K 172 45.33 -45.63 -11.28
N ALA K 173 44.37 -44.98 -10.62
CA ALA K 173 43.00 -45.47 -10.57
C ALA K 173 42.48 -45.79 -11.96
N ARG K 174 42.65 -44.84 -12.89
CA ARG K 174 42.22 -45.07 -14.28
C ARG K 174 42.93 -46.25 -14.89
N PHE K 175 44.24 -46.33 -14.69
CA PHE K 175 45.03 -47.43 -15.25
C PHE K 175 44.57 -48.78 -14.68
N ARG K 176 44.24 -48.83 -13.38
CA ARG K 176 43.81 -50.10 -12.79
C ARG K 176 42.40 -50.49 -13.25
N TYR K 177 41.52 -49.51 -13.48
CA TYR K 177 40.20 -49.82 -14.04
C TYR K 177 40.32 -50.45 -15.43
N LEU K 178 41.22 -49.92 -16.28
CA LEU K 178 41.36 -50.47 -17.62
C LEU K 178 42.04 -51.83 -17.59
N MET K 179 43.12 -51.96 -16.81
CA MET K 179 43.71 -53.26 -16.53
C MET K 179 42.64 -54.27 -16.14
N GLY K 180 41.71 -53.86 -15.27
CA GLY K 180 40.66 -54.76 -14.81
C GLY K 180 39.67 -55.14 -15.89
N GLU K 181 39.33 -54.22 -16.79
CA GLU K 181 38.38 -54.59 -17.83
C GLU K 181 39.00 -55.58 -18.80
N ARG K 182 40.27 -55.39 -19.13
CA ARG K 182 40.96 -56.36 -19.98
C ARG K 182 41.16 -57.71 -19.30
N LEU K 183 41.27 -57.75 -17.97
CA LEU K 183 41.57 -59.03 -17.34
C LEU K 183 40.35 -59.68 -16.72
N GLY K 184 39.24 -58.94 -16.60
CA GLY K 184 38.09 -59.50 -15.91
C GLY K 184 38.29 -59.65 -14.43
N VAL K 185 39.04 -58.74 -13.82
CA VAL K 185 39.31 -58.74 -12.39
C VAL K 185 38.95 -57.36 -11.87
N HIS K 186 38.38 -57.29 -10.67
CA HIS K 186 38.14 -55.99 -10.05
C HIS K 186 39.42 -55.15 -10.01
N PRO K 187 39.33 -53.84 -10.20
CA PRO K 187 40.53 -52.99 -10.10
C PRO K 187 41.31 -53.12 -8.79
N LEU K 188 40.63 -53.39 -7.65
CA LEU K 188 41.35 -53.51 -6.39
C LEU K 188 42.40 -54.61 -6.44
N SER K 189 42.21 -55.64 -7.26
CA SER K 189 43.16 -56.73 -7.39
C SER K 189 44.07 -56.60 -8.60
N CYS K 190 44.01 -55.47 -9.32
CA CYS K 190 44.94 -55.15 -10.40
C CYS K 190 45.93 -54.13 -9.90
N HIS K 191 47.22 -54.38 -10.08
CA HIS K 191 48.24 -53.49 -9.55
C HIS K 191 49.10 -52.94 -10.67
N GLY K 192 49.37 -51.63 -10.63
CA GLY K 192 49.82 -50.90 -11.80
C GLY K 192 50.84 -49.80 -11.58
N TRP K 193 50.41 -48.60 -11.21
CA TRP K 193 51.28 -47.44 -10.96
C TRP K 193 51.64 -46.66 -12.22
N VAL K 194 51.01 -45.49 -12.32
CA VAL K 194 51.32 -44.46 -13.30
C VAL K 194 51.94 -43.31 -12.52
N LEU K 195 53.14 -42.89 -12.91
CA LEU K 195 53.93 -41.92 -12.16
C LEU K 195 54.30 -40.72 -13.02
N GLY K 196 54.92 -39.72 -12.39
CA GLY K 196 55.33 -38.53 -13.11
C GLY K 196 54.31 -37.38 -13.09
N GLU K 197 54.20 -36.68 -14.21
CA GLU K 197 53.27 -35.58 -14.36
C GLU K 197 51.84 -36.12 -14.45
N HIS K 198 50.91 -35.42 -13.82
CA HIS K 198 49.49 -35.75 -14.00
C HIS K 198 49.05 -35.06 -15.30
N GLY K 199 49.29 -35.74 -16.41
CA GLY K 199 49.11 -35.15 -17.72
C GLY K 199 49.89 -35.90 -18.79
N ASP K 200 50.28 -35.17 -19.83
CA ASP K 200 50.66 -35.86 -21.08
C ASP K 200 51.87 -36.77 -20.92
N SER K 201 52.77 -36.46 -19.97
CA SER K 201 54.06 -37.13 -19.89
C SER K 201 54.16 -38.13 -18.75
N SER K 202 53.02 -38.60 -18.23
CA SER K 202 53.03 -39.64 -17.21
C SER K 202 53.67 -40.91 -17.76
N VAL K 203 54.08 -41.78 -16.85
CA VAL K 203 54.92 -42.92 -17.15
C VAL K 203 54.20 -44.17 -16.65
N PRO K 204 53.85 -45.10 -17.53
CA PRO K 204 53.37 -46.41 -17.05
C PRO K 204 54.56 -47.26 -16.60
N VAL K 205 54.48 -47.78 -15.39
CA VAL K 205 55.53 -48.65 -14.87
C VAL K 205 55.15 -50.11 -15.15
N TRP K 206 55.36 -50.55 -16.39
CA TRP K 206 55.01 -51.91 -16.78
C TRP K 206 55.70 -52.96 -15.91
N SER K 207 56.97 -52.72 -15.57
CA SER K 207 57.72 -53.67 -14.75
C SER K 207 57.08 -53.96 -13.39
N GLY K 208 56.18 -53.11 -12.90
CA GLY K 208 55.44 -53.40 -11.68
C GLY K 208 54.03 -53.96 -11.82
N MET K 209 53.49 -54.02 -13.03
CA MET K 209 52.12 -54.51 -13.17
C MET K 209 52.05 -55.97 -12.78
N ASN K 210 51.06 -56.31 -11.96
CA ASN K 210 50.89 -57.70 -11.55
C ASN K 210 49.47 -57.89 -11.03
N VAL K 211 49.05 -59.14 -11.05
CA VAL K 211 47.90 -59.62 -10.32
C VAL K 211 48.45 -60.66 -9.36
N ALA K 212 48.03 -60.61 -8.10
CA ALA K 212 48.40 -61.61 -7.10
C ALA K 212 49.92 -61.81 -6.98
N GLY K 213 50.73 -60.81 -7.33
CA GLY K 213 52.16 -60.96 -7.22
C GLY K 213 52.83 -61.59 -8.44
N VAL K 214 52.06 -61.87 -9.48
CA VAL K 214 52.53 -62.52 -10.69
C VAL K 214 52.80 -61.42 -11.69
N SER K 215 54.06 -61.23 -12.05
CA SER K 215 54.45 -60.09 -12.86
C SER K 215 53.97 -60.26 -14.29
N LEU K 216 53.25 -59.24 -14.81
CA LEU K 216 52.69 -59.35 -16.14
C LEU K 216 53.75 -59.23 -17.21
N LYS K 217 54.80 -58.45 -16.93
CA LYS K 217 55.87 -58.31 -17.91
C LYS K 217 56.66 -59.60 -18.03
N THR K 218 56.75 -60.37 -16.94
CA THR K 218 57.47 -61.63 -17.02
C THR K 218 56.68 -62.66 -17.81
N LEU K 219 55.35 -62.67 -17.67
CA LEU K 219 54.52 -63.55 -18.46
C LEU K 219 54.48 -63.13 -19.92
N HIS K 220 54.52 -61.81 -20.18
CA HIS K 220 54.34 -61.25 -21.53
C HIS K 220 55.37 -60.14 -21.74
N PRO K 221 56.62 -60.51 -22.03
CA PRO K 221 57.69 -59.49 -22.12
C PRO K 221 57.50 -58.44 -23.20
N ASP K 222 56.65 -58.69 -24.19
CA ASP K 222 56.37 -57.62 -25.16
C ASP K 222 55.47 -56.54 -24.59
N LEU K 223 54.83 -56.79 -23.43
CA LEU K 223 53.94 -55.84 -22.78
C LEU K 223 54.48 -54.42 -22.79
N GLY K 224 53.72 -53.51 -23.40
CA GLY K 224 54.09 -52.12 -23.44
C GLY K 224 54.90 -51.72 -24.65
N THR K 225 55.53 -52.67 -25.34
CA THR K 225 56.29 -52.34 -26.52
C THR K 225 55.36 -52.18 -27.72
N ASP K 226 55.94 -51.76 -28.84
CA ASP K 226 55.21 -51.69 -30.10
C ASP K 226 55.07 -53.04 -30.78
N LYS K 227 55.94 -54.00 -30.46
CA LYS K 227 55.79 -55.39 -30.89
C LYS K 227 54.63 -56.12 -30.18
N ASP K 228 53.93 -55.46 -29.26
CA ASP K 228 52.94 -56.12 -28.39
C ASP K 228 51.67 -56.37 -29.21
N LYS K 229 51.47 -57.63 -29.62
CA LYS K 229 50.28 -57.97 -30.40
C LYS K 229 48.99 -57.58 -29.69
N GLU K 230 49.03 -57.36 -28.38
CA GLU K 230 47.84 -57.02 -27.62
C GLU K 230 47.69 -55.53 -27.37
N GLN K 231 48.68 -54.72 -27.75
CA GLN K 231 48.58 -53.26 -27.73
C GLN K 231 48.23 -52.72 -26.34
N TRP K 232 48.94 -53.20 -25.32
CA TRP K 232 48.76 -52.69 -23.97
C TRP K 232 49.22 -51.25 -23.83
N LYS K 233 50.11 -50.79 -24.74
CA LYS K 233 50.49 -49.40 -24.76
C LYS K 233 49.27 -48.49 -24.85
N GLU K 234 48.20 -48.96 -25.52
CA GLU K 234 46.98 -48.17 -25.69
C GLU K 234 46.26 -47.94 -24.37
N VAL K 235 46.52 -48.78 -23.36
CA VAL K 235 45.94 -48.58 -22.04
C VAL K 235 46.49 -47.28 -21.43
N HIS K 236 47.81 -47.11 -21.43
CA HIS K 236 48.36 -45.84 -20.99
C HIS K 236 47.82 -44.69 -21.83
N LYS K 237 47.81 -44.88 -23.16
CA LYS K 237 47.25 -43.88 -24.05
C LYS K 237 45.86 -43.48 -23.58
N GLN K 238 44.98 -44.46 -23.31
CA GLN K 238 43.65 -44.11 -22.83
C GLN K 238 43.72 -43.37 -21.49
N VAL K 239 44.71 -43.71 -20.67
CA VAL K 239 44.84 -43.01 -19.38
C VAL K 239 45.18 -41.55 -19.63
N VAL K 240 46.11 -41.30 -20.55
CA VAL K 240 46.49 -39.93 -20.87
C VAL K 240 45.31 -39.16 -21.47
N GLU K 241 44.52 -39.83 -22.32
CA GLU K 241 43.49 -39.10 -23.06
C GLU K 241 42.19 -38.92 -22.29
N SER K 242 41.99 -39.65 -21.18
CA SER K 242 40.65 -39.76 -20.61
C SER K 242 40.08 -38.42 -20.20
N ALA K 243 40.89 -37.53 -19.62
CA ALA K 243 40.36 -36.23 -19.26
C ALA K 243 39.94 -35.44 -20.49
N TYR K 244 40.73 -35.50 -21.58
CA TYR K 244 40.29 -34.83 -22.79
C TYR K 244 39.05 -35.50 -23.35
N GLU K 245 39.04 -36.83 -23.40
CA GLU K 245 37.88 -37.56 -23.88
C GLU K 245 36.65 -37.25 -23.04
N VAL K 246 36.78 -37.24 -21.72
CA VAL K 246 35.62 -36.95 -20.89
C VAL K 246 35.19 -35.51 -21.07
N ILE K 247 36.16 -34.59 -21.17
CA ILE K 247 35.81 -33.17 -21.35
C ILE K 247 35.08 -32.96 -22.67
N LYS K 248 35.51 -33.65 -23.73
CA LYS K 248 34.80 -33.58 -25.00
C LYS K 248 33.37 -34.10 -24.84
N LEU K 249 33.20 -35.22 -24.13
CA LEU K 249 31.86 -35.80 -23.97
C LEU K 249 30.96 -34.94 -23.07
N LYS K 250 31.38 -34.63 -21.84
CA LYS K 250 30.46 -33.97 -20.92
C LYS K 250 30.87 -32.55 -20.53
N GLY K 251 31.96 -32.02 -21.07
CA GLY K 251 32.37 -30.65 -20.81
C GLY K 251 33.34 -30.45 -19.66
N TYR K 252 33.53 -31.44 -18.79
CA TYR K 252 34.43 -31.31 -17.65
C TYR K 252 34.56 -32.68 -16.98
N THR K 253 35.54 -32.79 -16.11
CA THR K 253 35.71 -33.96 -15.26
C THR K 253 35.30 -33.57 -13.84
N SER K 254 34.58 -34.47 -13.16
CA SER K 254 34.21 -34.20 -11.78
C SER K 254 34.27 -35.45 -10.88
N TRP K 255 33.50 -36.50 -11.20
CA TRP K 255 33.27 -37.54 -10.21
C TRP K 255 34.53 -38.36 -9.90
N ALA K 256 35.34 -38.68 -10.91
CA ALA K 256 36.49 -39.55 -10.66
C ALA K 256 37.60 -38.82 -9.90
N ILE K 257 37.80 -37.53 -10.14
CA ILE K 257 38.81 -36.83 -9.35
C ILE K 257 38.30 -36.62 -7.93
N GLY K 258 37.00 -36.42 -7.75
CA GLY K 258 36.42 -36.32 -6.41
C GLY K 258 36.67 -37.54 -5.55
N LEU K 259 36.44 -38.74 -6.08
CA LEU K 259 36.70 -39.95 -5.32
C LEU K 259 38.20 -40.18 -5.11
N SER K 260 39.04 -39.75 -6.05
CA SER K 260 40.48 -39.84 -5.88
C SER K 260 40.96 -38.97 -4.71
N VAL K 261 40.43 -37.75 -4.61
CA VAL K 261 40.81 -36.85 -3.54
C VAL K 261 40.33 -37.39 -2.20
N ALA K 262 39.06 -37.79 -2.14
CA ALA K 262 38.51 -38.35 -0.92
C ALA K 262 39.32 -39.55 -0.45
N ASP K 263 39.90 -40.29 -1.40
CA ASP K 263 40.76 -41.42 -1.09
C ASP K 263 42.05 -40.95 -0.43
N LEU K 264 42.68 -39.92 -0.99
CA LEU K 264 43.83 -39.31 -0.34
C LEU K 264 43.44 -38.75 1.02
N ALA K 265 42.25 -38.16 1.12
CA ALA K 265 41.81 -37.55 2.37
C ALA K 265 41.61 -38.60 3.46
N GLU K 266 41.06 -39.76 3.09
CA GLU K 266 40.88 -40.82 4.07
C GLU K 266 42.22 -41.27 4.66
N SER K 267 43.23 -41.50 3.82
CA SER K 267 44.54 -41.89 4.34
C SER K 267 45.13 -40.82 5.25
N ILE K 268 45.01 -39.55 4.88
CA ILE K 268 45.56 -38.48 5.70
C ILE K 268 44.82 -38.38 7.02
N MET K 269 43.49 -38.26 6.95
CA MET K 269 42.72 -38.00 8.17
C MET K 269 42.73 -39.18 9.13
N LYS K 270 42.81 -40.40 8.63
CA LYS K 270 42.75 -41.55 9.52
C LYS K 270 44.13 -42.09 9.84
N ASN K 271 45.18 -41.49 9.30
CA ASN K 271 46.56 -41.89 9.57
C ASN K 271 46.80 -43.34 9.12
N LEU K 272 46.44 -43.65 7.86
CA LEU K 272 46.45 -45.05 7.46
C LEU K 272 47.83 -45.53 7.07
N ARG K 273 48.63 -44.67 6.45
CA ARG K 273 49.96 -45.02 5.91
C ARG K 273 49.80 -46.00 4.75
N ARG K 274 48.78 -45.75 3.91
CA ARG K 274 48.71 -46.35 2.60
C ARG K 274 49.68 -45.63 1.67
N VAL K 275 50.07 -46.32 0.62
CA VAL K 275 50.93 -45.78 -0.43
C VAL K 275 50.06 -45.26 -1.56
N HIS K 276 50.29 -44.01 -1.97
CA HIS K 276 49.56 -43.39 -3.07
C HIS K 276 50.55 -42.63 -3.92
N PRO K 277 50.43 -42.72 -5.25
CA PRO K 277 51.27 -41.87 -6.10
C PRO K 277 50.75 -40.45 -6.03
N VAL K 278 51.50 -39.53 -5.41
CA VAL K 278 51.09 -38.14 -5.27
C VAL K 278 52.28 -37.22 -5.58
N SER K 279 52.00 -35.94 -5.74
CA SER K 279 53.02 -34.97 -6.14
C SER K 279 53.86 -34.57 -4.94
N THR K 280 55.17 -34.84 -4.99
CA THR K 280 56.08 -34.40 -3.95
C THR K 280 57.45 -34.12 -4.58
N MET K 281 58.31 -33.47 -3.81
CA MET K 281 59.65 -33.19 -4.32
C MET K 281 60.48 -34.46 -4.45
N ILE K 282 61.07 -34.66 -5.62
CA ILE K 282 61.93 -35.82 -5.85
C ILE K 282 63.38 -35.41 -6.09
N LYS K 283 63.78 -34.20 -5.69
CA LYS K 283 65.19 -33.83 -5.79
C LYS K 283 66.02 -34.91 -5.13
N GLY K 284 67.05 -35.38 -5.85
CA GLY K 284 67.90 -36.43 -5.37
C GLY K 284 67.55 -37.81 -5.85
N LEU K 285 66.41 -38.02 -6.49
CA LEU K 285 66.04 -39.33 -7.00
C LEU K 285 66.10 -39.32 -8.52
N TYR K 286 66.56 -40.42 -9.10
CA TYR K 286 66.58 -40.59 -10.55
C TYR K 286 67.44 -39.53 -11.22
N GLY K 287 68.57 -39.22 -10.59
CA GLY K 287 69.46 -38.18 -11.08
C GLY K 287 68.89 -36.79 -11.18
N ILE K 288 67.63 -36.57 -10.78
CA ILE K 288 67.12 -35.21 -10.82
C ILE K 288 67.83 -34.39 -9.76
N LYS K 289 68.23 -33.18 -10.13
CA LYS K 289 69.02 -32.34 -9.24
C LYS K 289 68.29 -31.08 -8.81
N ASP K 290 67.05 -30.86 -9.27
CA ASP K 290 66.30 -29.64 -8.93
C ASP K 290 65.06 -29.98 -8.14
N ASP K 291 64.39 -28.93 -7.65
CA ASP K 291 63.21 -29.07 -6.79
C ASP K 291 61.96 -29.45 -7.58
N VAL K 292 62.07 -30.47 -8.44
CA VAL K 292 60.94 -30.91 -9.24
C VAL K 292 59.92 -31.62 -8.36
N PHE K 293 58.64 -31.33 -8.60
CA PHE K 293 57.54 -32.07 -8.02
C PHE K 293 56.89 -32.93 -9.10
N LEU K 294 56.68 -34.20 -8.81
CA LEU K 294 55.85 -35.06 -9.64
C LEU K 294 55.38 -36.24 -8.79
N SER K 295 54.68 -37.16 -9.42
CA SER K 295 54.08 -38.26 -8.68
C SER K 295 55.03 -39.43 -8.55
N VAL K 296 55.30 -39.78 -7.30
CA VAL K 296 56.04 -40.97 -6.90
C VAL K 296 55.28 -41.59 -5.72
N PRO K 297 55.37 -42.92 -5.54
CA PRO K 297 54.53 -43.53 -4.49
C PRO K 297 54.94 -43.04 -3.11
N CYS K 298 53.97 -42.61 -2.32
CA CYS K 298 54.23 -41.99 -1.03
C CYS K 298 53.38 -42.62 0.06
N ILE K 299 53.93 -42.70 1.25
CA ILE K 299 53.18 -43.11 2.43
C ILE K 299 52.49 -41.88 3.01
N LEU K 300 51.18 -41.95 3.20
CA LEU K 300 50.36 -40.81 3.60
C LEU K 300 49.69 -41.11 4.93
N GLY K 301 49.75 -40.16 5.83
CA GLY K 301 49.09 -40.28 7.11
C GLY K 301 48.93 -38.90 7.68
N GLN K 302 48.82 -38.83 9.02
CA GLN K 302 48.40 -37.60 9.68
C GLN K 302 49.43 -36.48 9.62
N ASN K 303 50.64 -36.74 9.12
CA ASN K 303 51.59 -35.67 8.89
C ASN K 303 51.88 -35.48 7.41
N GLY K 304 50.96 -35.91 6.53
CA GLY K 304 51.20 -35.78 5.10
C GLY K 304 52.12 -36.86 4.60
N ILE K 305 53.16 -36.48 3.84
CA ILE K 305 54.08 -37.46 3.27
C ILE K 305 55.22 -37.69 4.25
N SER K 306 55.25 -38.84 4.90
CA SER K 306 56.34 -39.15 5.80
C SER K 306 57.46 -39.96 5.16
N ASP K 307 57.21 -40.55 3.99
CA ASP K 307 58.05 -41.59 3.41
C ASP K 307 57.70 -41.70 1.92
N LEU K 308 58.69 -42.06 1.10
CA LEU K 308 58.34 -42.37 -0.27
C LEU K 308 59.06 -43.65 -0.71
N VAL K 309 58.45 -44.36 -1.67
CA VAL K 309 58.95 -45.66 -2.10
C VAL K 309 59.92 -45.48 -3.26
N LYS K 310 61.16 -45.95 -3.07
CA LYS K 310 62.21 -45.78 -4.09
C LYS K 310 62.00 -46.85 -5.17
N VAL K 311 61.17 -46.52 -6.14
CA VAL K 311 60.75 -47.50 -7.13
C VAL K 311 61.88 -47.72 -8.13
N THR K 312 62.18 -48.99 -8.42
CA THR K 312 63.19 -49.32 -9.42
C THR K 312 62.56 -49.41 -10.82
N LEU K 313 63.18 -48.73 -11.78
CA LEU K 313 62.65 -48.56 -13.12
C LEU K 313 63.60 -49.16 -14.13
N THR K 314 63.05 -49.64 -15.24
CA THR K 314 63.87 -49.96 -16.39
C THR K 314 64.47 -48.69 -16.99
N SER K 315 65.52 -48.85 -17.82
CA SER K 315 66.08 -47.68 -18.49
C SER K 315 65.00 -46.91 -19.24
N GLU K 316 64.10 -47.63 -19.92
CA GLU K 316 63.04 -46.95 -20.66
C GLU K 316 62.03 -46.31 -19.70
N GLU K 317 61.59 -47.04 -18.67
CA GLU K 317 60.74 -46.39 -17.66
C GLU K 317 61.43 -45.19 -17.02
N GLU K 318 62.70 -45.34 -16.67
CA GLU K 318 63.40 -44.23 -16.03
C GLU K 318 63.53 -43.02 -16.96
N ALA K 319 63.87 -43.25 -18.23
CA ALA K 319 64.12 -42.15 -19.15
C ALA K 319 62.85 -41.35 -19.40
N ARG K 320 61.71 -42.02 -19.41
CA ARG K 320 60.45 -41.29 -19.53
C ARG K 320 60.15 -40.47 -18.28
N LEU K 321 60.56 -40.95 -17.09
CA LEU K 321 60.30 -40.17 -15.89
C LEU K 321 61.21 -38.96 -15.81
N LYS K 322 62.47 -39.09 -16.24
CA LYS K 322 63.31 -37.91 -16.33
C LYS K 322 62.75 -36.92 -17.34
N LYS K 323 62.25 -37.41 -18.48
CA LYS K 323 61.62 -36.56 -19.48
C LYS K 323 60.44 -35.78 -18.89
N SER K 324 59.58 -36.47 -18.12
CA SER K 324 58.52 -35.78 -17.41
C SER K 324 59.09 -34.68 -16.51
N ALA K 325 60.18 -34.98 -15.81
CA ALA K 325 60.74 -34.03 -14.85
C ALA K 325 61.35 -32.83 -15.56
N ASP K 326 61.93 -33.07 -16.74
CA ASP K 326 62.46 -31.98 -17.56
C ASP K 326 61.34 -31.10 -18.08
N THR K 327 60.21 -31.70 -18.44
CA THR K 327 59.06 -30.93 -18.87
C THR K 327 58.55 -30.06 -17.73
N LEU K 328 58.32 -30.66 -16.56
CA LEU K 328 57.76 -29.89 -15.46
C LEU K 328 58.73 -28.81 -14.98
N TRP K 329 60.00 -29.18 -14.81
CA TRP K 329 60.99 -28.22 -14.32
C TRP K 329 61.17 -27.05 -15.28
N GLY K 330 61.09 -27.31 -16.58
CA GLY K 330 61.20 -26.22 -17.55
C GLY K 330 60.18 -25.11 -17.34
N ILE K 331 59.00 -25.45 -16.81
CA ILE K 331 58.05 -24.40 -16.43
C ILE K 331 58.31 -23.92 -15.01
N GLN K 332 58.73 -24.82 -14.12
CA GLN K 332 58.98 -24.41 -12.72
C GLN K 332 60.05 -23.32 -12.65
N LYS K 333 61.15 -23.49 -13.39
CA LYS K 333 62.26 -22.53 -13.33
C LYS K 333 61.81 -21.14 -13.76
N GLU K 334 60.95 -21.04 -14.77
CA GLU K 334 60.57 -19.72 -15.26
C GLU K 334 59.72 -18.97 -14.25
N LEU K 335 59.07 -19.69 -13.33
CA LEU K 335 58.20 -19.06 -12.35
C LEU K 335 59.05 -18.30 -11.34
N GLN K 336 59.75 -17.30 -11.83
CA GLN K 336 60.21 -16.22 -10.97
C GLN K 336 58.97 -15.41 -10.59
N PHE K 337 58.00 -16.12 -9.98
CA PHE K 337 56.81 -15.58 -9.31
C PHE K 337 57.20 -15.08 -7.93
N ALA L 7 45.10 -65.99 -28.36
CA ALA L 7 46.26 -66.17 -27.45
C ALA L 7 46.63 -64.89 -26.72
N THR L 8 46.29 -64.83 -25.44
CA THR L 8 46.31 -63.59 -24.68
C THR L 8 47.08 -63.78 -23.38
N LEU L 9 47.63 -62.67 -22.88
CA LEU L 9 48.25 -62.66 -21.58
C LEU L 9 47.24 -63.03 -20.49
N LYS L 10 46.01 -62.54 -20.63
CA LYS L 10 44.96 -62.91 -19.69
C LYS L 10 44.91 -64.42 -19.46
N ASP L 11 44.93 -65.21 -20.54
CA ASP L 11 44.83 -66.67 -20.39
C ASP L 11 46.10 -67.28 -19.81
N GLN L 12 47.27 -66.65 -20.05
CA GLN L 12 48.47 -67.12 -19.34
C GLN L 12 48.36 -66.89 -17.83
N LEU L 13 47.65 -65.83 -17.44
CA LEU L 13 47.51 -65.45 -16.04
C LEU L 13 46.37 -66.19 -15.34
N ILE L 14 45.25 -66.36 -16.02
CA ILE L 14 44.00 -66.75 -15.39
C ILE L 14 43.51 -68.04 -16.03
N TYR L 15 43.29 -69.06 -15.22
CA TYR L 15 42.57 -70.23 -15.66
C TYR L 15 41.08 -70.08 -15.34
N ASN L 16 40.25 -70.27 -16.35
CA ASN L 16 38.80 -70.10 -16.23
C ASN L 16 38.10 -71.43 -15.92
N LEU L 17 37.10 -71.38 -15.04
CA LEU L 17 36.36 -72.53 -14.56
C LEU L 17 35.01 -72.69 -15.25
N LEU L 18 34.29 -71.59 -15.42
CA LEU L 18 33.06 -71.54 -16.20
C LEU L 18 32.83 -70.08 -16.57
N LYS L 19 32.06 -69.86 -17.63
CA LYS L 19 31.61 -68.50 -17.91
C LYS L 19 30.12 -68.52 -18.22
N GLU L 20 29.66 -67.47 -18.91
CA GLU L 20 28.36 -66.82 -18.70
C GLU L 20 27.96 -66.85 -17.24
N GLU L 21 27.91 -65.66 -16.63
CA GLU L 21 27.86 -65.47 -15.19
C GLU L 21 26.87 -64.37 -14.80
N GLN L 22 25.76 -64.23 -15.54
CA GLN L 22 25.03 -62.97 -15.60
C GLN L 22 23.65 -63.06 -14.89
N THR L 23 22.73 -62.18 -15.32
CA THR L 23 21.61 -61.65 -14.53
C THR L 23 22.17 -60.98 -13.28
N PRO L 24 22.24 -59.65 -13.26
CA PRO L 24 22.67 -58.97 -12.04
C PRO L 24 21.64 -59.18 -10.94
N GLN L 25 22.10 -59.12 -9.69
CA GLN L 25 21.26 -59.44 -8.55
C GLN L 25 20.69 -58.23 -7.84
N ASN L 26 21.29 -57.06 -8.01
CA ASN L 26 20.85 -55.86 -7.30
C ASN L 26 21.06 -54.64 -8.19
N LYS L 27 20.50 -54.68 -9.39
CA LYS L 27 20.76 -53.64 -10.38
C LYS L 27 19.83 -52.45 -10.14
N ILE L 28 20.34 -51.25 -10.40
CA ILE L 28 19.54 -50.04 -10.31
C ILE L 28 19.77 -49.22 -11.57
N THR L 29 18.69 -48.64 -12.10
CA THR L 29 18.75 -47.74 -13.25
C THR L 29 18.35 -46.34 -12.81
N VAL L 30 19.11 -45.34 -13.24
CA VAL L 30 18.70 -43.95 -13.20
C VAL L 30 18.46 -43.48 -14.64
N VAL L 31 17.31 -42.87 -14.88
CA VAL L 31 16.93 -42.40 -16.20
C VAL L 31 17.10 -40.88 -16.24
N GLY L 32 18.00 -40.39 -17.08
CA GLY L 32 18.27 -38.97 -17.03
C GLY L 32 19.51 -38.62 -16.22
N VAL L 33 20.52 -38.08 -16.91
CA VAL L 33 21.80 -37.80 -16.28
C VAL L 33 21.99 -36.29 -16.12
N GLY L 34 20.92 -35.56 -15.84
CA GLY L 34 21.07 -34.20 -15.38
C GLY L 34 21.58 -34.19 -13.94
N ALA L 35 21.63 -32.98 -13.38
CA ALA L 35 22.23 -32.83 -12.04
C ALA L 35 21.52 -33.69 -11.03
N VAL L 36 20.21 -33.85 -11.16
CA VAL L 36 19.44 -34.62 -10.19
C VAL L 36 19.80 -36.09 -10.28
N GLY L 37 19.70 -36.68 -11.48
CA GLY L 37 19.99 -38.09 -11.67
C GLY L 37 21.42 -38.47 -11.32
N MET L 38 22.40 -37.69 -11.80
CA MET L 38 23.78 -37.97 -11.44
C MET L 38 23.98 -37.90 -9.93
N ALA L 39 23.32 -36.96 -9.24
CA ALA L 39 23.44 -36.91 -7.78
C ALA L 39 22.88 -38.18 -7.16
N CYS L 40 21.78 -38.70 -7.71
CA CYS L 40 21.32 -40.02 -7.25
C CYS L 40 22.33 -41.10 -7.56
N ALA L 41 22.96 -41.01 -8.71
CA ALA L 41 23.88 -42.07 -9.10
C ALA L 41 25.08 -42.10 -8.15
N ILE L 42 25.67 -40.92 -7.88
CA ILE L 42 26.85 -40.87 -7.02
C ILE L 42 26.50 -41.30 -5.60
N SER L 43 25.33 -40.90 -5.10
CA SER L 43 24.93 -41.28 -3.74
C SER L 43 24.67 -42.77 -3.64
N ILE L 44 23.98 -43.33 -4.62
CA ILE L 44 23.74 -44.78 -4.63
C ILE L 44 25.05 -45.54 -4.75
N LEU L 45 25.96 -45.08 -5.62
CA LEU L 45 27.26 -45.74 -5.75
C LEU L 45 28.04 -45.71 -4.44
N MET L 46 28.03 -44.58 -3.76
CA MET L 46 28.78 -44.49 -2.52
C MET L 46 28.09 -45.19 -1.36
N LYS L 47 26.88 -45.70 -1.53
CA LYS L 47 26.23 -46.46 -0.47
C LYS L 47 26.18 -47.96 -0.74
N ASP L 48 26.85 -48.44 -1.78
CA ASP L 48 26.99 -49.89 -2.03
C ASP L 48 25.63 -50.58 -2.18
N LEU L 49 24.64 -49.87 -2.73
CA LEU L 49 23.31 -50.43 -2.90
C LEU L 49 23.21 -51.37 -4.12
N ALA L 50 23.98 -51.13 -5.18
CA ALA L 50 23.81 -51.83 -6.45
C ALA L 50 25.06 -52.58 -6.87
N ASP L 51 24.89 -53.83 -7.35
CA ASP L 51 25.99 -54.51 -8.03
C ASP L 51 26.08 -54.15 -9.50
N GLU L 52 25.12 -53.38 -10.02
CA GLU L 52 25.18 -52.87 -11.37
C GLU L 52 24.34 -51.60 -11.45
N LEU L 53 24.88 -50.59 -12.13
CA LEU L 53 24.22 -49.29 -12.27
C LEU L 53 24.13 -48.95 -13.75
N ALA L 54 22.92 -48.69 -14.23
CA ALA L 54 22.74 -48.32 -15.63
C ALA L 54 22.21 -46.90 -15.70
N LEU L 55 22.73 -46.12 -16.65
CA LEU L 55 22.25 -44.78 -16.92
C LEU L 55 21.69 -44.72 -18.34
N VAL L 56 20.59 -43.99 -18.49
CA VAL L 56 19.88 -43.86 -19.76
C VAL L 56 19.46 -42.41 -19.94
N ASP L 57 19.78 -41.82 -21.09
CA ASP L 57 19.30 -40.50 -21.44
C ASP L 57 19.32 -40.38 -22.97
N VAL L 58 18.91 -39.21 -23.47
CA VAL L 58 18.72 -39.02 -24.92
C VAL L 58 19.92 -38.29 -25.55
N ILE L 59 20.63 -37.48 -24.77
CA ILE L 59 21.82 -36.77 -25.25
C ILE L 59 23.01 -37.71 -25.15
N GLU L 60 23.52 -38.15 -26.30
CA GLU L 60 24.38 -39.34 -26.30
C GLU L 60 25.78 -39.03 -25.77
N ASP L 61 26.31 -37.85 -26.11
CA ASP L 61 27.64 -37.46 -25.64
C ASP L 61 27.66 -37.26 -24.12
N LYS L 62 26.68 -36.52 -23.60
CA LYS L 62 26.62 -36.30 -22.16
C LYS L 62 26.48 -37.62 -21.42
N LEU L 63 25.70 -38.55 -21.95
CA LEU L 63 25.47 -39.82 -21.26
C LEU L 63 26.75 -40.63 -21.13
N LYS L 64 27.52 -40.72 -22.22
CA LYS L 64 28.77 -41.46 -22.23
C LYS L 64 29.84 -40.77 -21.36
N GLY L 65 29.85 -39.44 -21.33
CA GLY L 65 30.81 -38.74 -20.49
C GLY L 65 30.60 -39.02 -19.01
N GLU L 66 29.34 -38.95 -18.54
CA GLU L 66 29.08 -39.25 -17.14
C GLU L 66 29.36 -40.71 -16.82
N MET L 67 29.04 -41.61 -17.74
CA MET L 67 29.35 -43.01 -17.51
C MET L 67 30.83 -43.20 -17.33
N MET L 68 31.64 -42.54 -18.18
CA MET L 68 33.08 -42.68 -18.14
C MET L 68 33.66 -42.09 -16.87
N ASP L 69 33.18 -40.93 -16.46
CA ASP L 69 33.65 -40.32 -15.22
C ASP L 69 33.36 -41.22 -14.03
N LEU L 70 32.17 -41.81 -13.96
CA LEU L 70 31.89 -42.73 -12.86
C LEU L 70 32.80 -43.96 -12.94
N GLN L 71 33.02 -44.48 -14.16
CA GLN L 71 33.76 -45.72 -14.30
C GLN L 71 35.20 -45.56 -13.81
N HIS L 72 35.79 -44.40 -14.08
CA HIS L 72 37.15 -44.11 -13.66
C HIS L 72 37.30 -44.07 -12.13
N GLY L 73 36.22 -44.01 -11.40
CA GLY L 73 36.35 -44.08 -9.96
C GLY L 73 35.98 -45.41 -9.35
N SER L 74 35.84 -46.48 -10.15
CA SER L 74 35.39 -47.73 -9.55
C SER L 74 36.46 -48.39 -8.70
N LEU L 75 37.73 -48.04 -8.85
CA LEU L 75 38.70 -48.44 -7.84
C LEU L 75 38.25 -48.03 -6.44
N PHE L 76 37.59 -46.88 -6.33
CA PHE L 76 37.13 -46.36 -5.05
C PHE L 76 35.73 -46.81 -4.69
N LEU L 77 35.09 -47.63 -5.51
CA LEU L 77 33.71 -48.03 -5.34
C LEU L 77 33.61 -49.53 -5.13
N ARG L 78 32.38 -50.00 -4.92
CA ARG L 78 32.03 -51.40 -4.77
C ARG L 78 30.82 -51.73 -5.64
N THR L 79 30.87 -51.26 -6.89
CA THR L 79 29.86 -51.54 -7.90
C THR L 79 30.59 -51.92 -9.17
N PRO L 80 30.71 -53.21 -9.45
CA PRO L 80 31.63 -53.66 -10.51
C PRO L 80 31.16 -53.38 -11.94
N LYS L 81 29.88 -53.07 -12.17
CA LYS L 81 29.42 -52.84 -13.53
C LYS L 81 28.65 -51.51 -13.59
N ILE L 82 29.11 -50.61 -14.45
CA ILE L 82 28.39 -49.37 -14.75
C ILE L 82 28.26 -49.29 -16.26
N VAL L 83 27.02 -49.24 -16.75
CA VAL L 83 26.72 -49.23 -18.18
C VAL L 83 25.78 -48.07 -18.49
N SER L 84 25.70 -47.72 -19.77
CA SER L 84 24.83 -46.63 -20.20
C SER L 84 24.53 -46.77 -21.68
N GLY L 85 23.50 -46.03 -22.12
CA GLY L 85 23.05 -46.02 -23.50
C GLY L 85 21.68 -45.37 -23.62
N LYS L 86 21.34 -44.87 -24.81
CA LYS L 86 19.99 -44.35 -24.98
C LYS L 86 18.99 -45.46 -25.23
N ASP L 87 19.44 -46.60 -25.80
CA ASP L 87 18.62 -47.81 -25.87
C ASP L 87 18.30 -48.35 -24.48
N TYR L 88 17.02 -48.58 -24.21
CA TYR L 88 16.63 -49.03 -22.86
C TYR L 88 17.00 -50.48 -22.59
N ASN L 89 17.65 -51.20 -23.52
CA ASN L 89 18.06 -52.56 -23.21
C ASN L 89 19.21 -52.60 -22.19
N VAL L 90 19.97 -51.51 -22.04
CA VAL L 90 20.98 -51.52 -20.99
C VAL L 90 20.37 -51.56 -19.59
N THR L 91 19.05 -51.43 -19.46
CA THR L 91 18.39 -51.40 -18.16
C THR L 91 17.85 -52.75 -17.73
N ALA L 92 18.07 -53.79 -18.52
CA ALA L 92 17.46 -55.10 -18.26
C ALA L 92 17.72 -55.57 -16.83
N ASN L 93 16.67 -56.08 -16.19
CA ASN L 93 16.75 -56.77 -14.90
C ASN L 93 17.09 -55.84 -13.75
N SER L 94 16.63 -54.59 -13.82
CA SER L 94 16.77 -53.69 -12.69
C SER L 94 15.75 -54.02 -11.62
N LYS L 95 16.20 -54.08 -10.37
CA LYS L 95 15.26 -54.18 -9.27
C LYS L 95 14.58 -52.85 -8.98
N LEU L 96 15.24 -51.74 -9.34
CA LEU L 96 14.71 -50.41 -9.06
C LEU L 96 15.09 -49.50 -10.21
N VAL L 97 14.11 -48.77 -10.73
CA VAL L 97 14.32 -47.87 -11.86
C VAL L 97 13.91 -46.47 -11.44
N ILE L 98 14.81 -45.52 -11.63
CA ILE L 98 14.72 -44.20 -11.03
C ILE L 98 14.67 -43.18 -12.17
N ILE L 99 13.45 -42.82 -12.57
CA ILE L 99 12.89 -41.47 -12.68
C ILE L 99 13.82 -40.37 -13.17
N THR L 100 13.60 -39.12 -12.70
CA THR L 100 14.25 -37.89 -13.18
C THR L 100 13.88 -37.72 -14.65
N ALA L 101 14.29 -36.63 -15.29
CA ALA L 101 14.01 -36.47 -16.73
C ALA L 101 12.54 -36.15 -17.00
N GLY L 102 12.31 -35.25 -17.93
CA GLY L 102 10.99 -34.73 -18.21
C GLY L 102 11.10 -33.41 -18.94
N ALA L 103 9.96 -32.78 -19.13
CA ALA L 103 9.94 -31.54 -19.86
C ALA L 103 10.28 -30.38 -18.94
N ARG L 104 11.15 -29.48 -19.43
CA ARG L 104 11.42 -28.23 -18.74
C ARG L 104 10.33 -27.21 -19.08
N GLN L 105 9.65 -26.68 -18.07
CA GLN L 105 8.53 -25.79 -18.34
C GLN L 105 9.02 -24.53 -19.05
N GLN L 106 8.44 -24.28 -20.22
CA GLN L 106 8.69 -23.12 -21.05
C GLN L 106 7.90 -21.91 -20.54
N GLU L 107 8.36 -20.73 -20.89
CA GLU L 107 7.62 -19.52 -20.55
C GLU L 107 6.31 -19.47 -21.34
N GLY L 108 5.21 -19.23 -20.64
CA GLY L 108 3.90 -19.16 -21.26
C GLY L 108 3.10 -20.44 -21.29
N GLU L 109 3.59 -21.51 -20.67
CA GLU L 109 2.92 -22.79 -20.67
C GLU L 109 1.92 -22.88 -19.52
N SER L 110 0.77 -23.49 -19.80
CA SER L 110 -0.15 -23.87 -18.74
C SER L 110 0.46 -24.99 -17.89
N ARG L 111 -0.20 -25.30 -16.76
CA ARG L 111 0.21 -26.45 -15.99
C ARG L 111 -0.08 -27.74 -16.76
N LEU L 112 -1.30 -27.88 -17.29
CA LEU L 112 -1.55 -28.81 -18.38
C LEU L 112 -0.63 -28.44 -19.54
N ASN L 113 -0.54 -29.32 -20.54
CA ASN L 113 0.36 -29.13 -21.68
C ASN L 113 1.80 -29.30 -21.22
N LEU L 114 2.17 -28.70 -20.09
CA LEU L 114 3.41 -29.10 -19.43
C LEU L 114 3.32 -30.54 -18.96
N VAL L 115 2.27 -30.87 -18.21
CA VAL L 115 2.02 -32.26 -17.84
C VAL L 115 1.79 -33.12 -19.06
N GLN L 116 1.16 -32.57 -20.12
CA GLN L 116 0.95 -33.37 -21.32
C GLN L 116 2.28 -33.74 -21.96
N ARG L 117 3.19 -32.78 -22.04
CA ARG L 117 4.50 -33.06 -22.64
C ARG L 117 5.32 -34.01 -21.79
N ASN L 118 5.04 -34.13 -20.49
CA ASN L 118 5.68 -35.17 -19.70
C ASN L 118 5.10 -36.55 -20.03
N VAL L 119 3.78 -36.63 -20.21
CA VAL L 119 3.16 -37.89 -20.59
C VAL L 119 3.67 -38.36 -21.95
N ASN L 120 3.93 -37.43 -22.85
CA ASN L 120 4.45 -37.83 -24.15
C ASN L 120 5.85 -38.42 -24.01
N ILE L 121 6.63 -37.88 -23.07
CA ILE L 121 7.92 -38.47 -22.76
C ILE L 121 7.75 -39.82 -22.06
N PHE L 122 6.87 -39.87 -21.04
CA PHE L 122 6.65 -41.11 -20.30
C PHE L 122 6.04 -42.20 -21.18
N LYS L 123 5.27 -41.81 -22.21
CA LYS L 123 4.70 -42.80 -23.12
C LYS L 123 5.79 -43.58 -23.85
N PHE L 124 6.95 -42.93 -24.06
CA PHE L 124 8.10 -43.65 -24.60
C PHE L 124 8.93 -44.30 -23.50
N ILE L 125 9.13 -43.61 -22.37
CA ILE L 125 10.09 -44.07 -21.35
C ILE L 125 9.55 -45.29 -20.62
N ILE L 126 8.39 -45.14 -19.99
CA ILE L 126 7.83 -46.19 -19.13
C ILE L 126 7.74 -47.54 -19.84
N PRO L 127 7.04 -47.67 -20.98
CA PRO L 127 6.88 -49.02 -21.56
C PRO L 127 8.19 -49.64 -21.99
N ASN L 128 9.19 -48.83 -22.33
CA ASN L 128 10.54 -49.37 -22.51
C ASN L 128 11.09 -49.94 -21.21
N VAL L 129 10.86 -49.25 -20.09
CA VAL L 129 11.33 -49.74 -18.79
C VAL L 129 10.65 -51.05 -18.44
N VAL L 130 9.31 -51.07 -18.57
CA VAL L 130 8.53 -52.27 -18.24
C VAL L 130 8.96 -53.45 -19.09
N LYS L 131 9.24 -53.19 -20.37
CA LYS L 131 9.71 -54.23 -21.28
C LYS L 131 10.89 -54.98 -20.67
N TYR L 132 11.93 -54.26 -20.28
CA TYR L 132 13.18 -54.90 -19.89
C TYR L 132 13.24 -55.25 -18.41
N SER L 133 12.58 -54.50 -17.53
CA SER L 133 12.57 -54.82 -16.10
C SER L 133 11.14 -54.98 -15.59
N PRO L 134 10.47 -56.08 -15.96
CA PRO L 134 9.04 -56.24 -15.61
C PRO L 134 8.75 -56.31 -14.12
N ASN L 135 9.70 -56.76 -13.31
CA ASN L 135 9.47 -56.96 -11.88
C ASN L 135 10.08 -55.86 -11.04
N CYS L 136 10.51 -54.78 -11.67
CA CYS L 136 11.19 -53.70 -10.99
C CYS L 136 10.19 -52.89 -10.15
N LYS L 137 10.75 -52.03 -9.31
CA LYS L 137 10.02 -50.94 -8.67
C LYS L 137 10.35 -49.64 -9.37
N LEU L 138 9.34 -48.78 -9.52
CA LEU L 138 9.53 -47.45 -10.09
C LEU L 138 9.44 -46.42 -8.97
N LEU L 139 10.50 -45.62 -8.81
CA LEU L 139 10.33 -44.37 -8.09
C LEU L 139 9.79 -43.36 -9.09
N ILE L 140 9.52 -42.13 -8.67
CA ILE L 140 9.39 -40.99 -9.59
C ILE L 140 9.88 -39.77 -8.84
N VAL L 141 10.85 -39.05 -9.42
CA VAL L 141 11.28 -37.77 -8.88
C VAL L 141 10.97 -36.60 -9.81
N SER L 142 10.76 -36.83 -11.10
CA SER L 142 10.30 -35.82 -12.05
C SER L 142 9.11 -35.04 -11.50
N ASN L 143 9.21 -33.71 -11.54
CA ASN L 143 8.23 -32.74 -11.06
C ASN L 143 7.29 -32.31 -12.19
N PRO L 144 5.98 -32.12 -11.95
CA PRO L 144 5.25 -32.31 -10.68
C PRO L 144 5.12 -33.80 -10.30
N VAL L 145 5.65 -34.12 -9.11
CA VAL L 145 5.96 -35.52 -8.80
C VAL L 145 4.67 -36.32 -8.55
N ASP L 146 3.67 -35.70 -7.93
CA ASP L 146 2.47 -36.48 -7.61
C ASP L 146 1.74 -36.89 -8.89
N ILE L 147 1.62 -35.97 -9.84
CA ILE L 147 0.89 -36.26 -11.08
C ILE L 147 1.68 -37.26 -11.92
N LEU L 148 2.99 -37.02 -12.10
CA LEU L 148 3.79 -37.93 -12.92
C LEU L 148 3.93 -39.31 -12.29
N THR L 149 3.81 -39.43 -10.96
CA THR L 149 3.68 -40.76 -10.39
C THR L 149 2.40 -41.42 -10.86
N TYR L 150 1.29 -40.66 -10.91
CA TYR L 150 0.06 -41.18 -11.47
C TYR L 150 0.25 -41.59 -12.92
N VAL L 151 0.92 -40.75 -13.71
CA VAL L 151 1.15 -41.05 -15.11
C VAL L 151 1.90 -42.37 -15.27
N ALA L 152 2.96 -42.56 -14.48
CA ALA L 152 3.74 -43.78 -14.64
C ALA L 152 2.96 -45.00 -14.18
N TRP L 153 2.04 -44.81 -13.24
CA TRP L 153 1.23 -45.94 -12.78
C TRP L 153 0.22 -46.37 -13.84
N LYS L 154 -0.45 -45.40 -14.49
CA LYS L 154 -1.42 -45.73 -15.52
C LYS L 154 -0.75 -46.35 -16.73
N ILE L 155 0.34 -45.74 -17.23
CA ILE L 155 1.03 -46.26 -18.41
C ILE L 155 1.59 -47.65 -18.12
N SER L 156 2.42 -47.76 -17.08
CA SER L 156 3.09 -49.03 -16.81
C SER L 156 2.10 -50.15 -16.53
N GLY L 157 0.92 -49.84 -16.03
CA GLY L 157 0.03 -50.87 -15.54
C GLY L 157 0.53 -51.61 -14.33
N PHE L 158 1.57 -51.11 -13.69
CA PHE L 158 2.12 -51.78 -12.52
C PHE L 158 1.12 -51.70 -11.36
N PRO L 159 1.16 -52.65 -10.42
CA PRO L 159 0.28 -52.54 -9.25
C PRO L 159 0.71 -51.37 -8.38
N LYS L 160 -0.20 -50.94 -7.51
CA LYS L 160 0.03 -49.66 -6.83
C LYS L 160 1.30 -49.71 -5.98
N ASN L 161 1.57 -50.86 -5.34
CA ASN L 161 2.68 -50.97 -4.40
C ASN L 161 4.06 -50.75 -5.02
N ARG L 162 4.18 -50.76 -6.35
CA ARG L 162 5.48 -50.66 -7.03
C ARG L 162 5.62 -49.40 -7.86
N VAL L 163 4.76 -48.42 -7.65
CA VAL L 163 4.91 -47.11 -8.28
C VAL L 163 4.94 -46.12 -7.13
N ILE L 164 6.09 -45.48 -6.94
CA ILE L 164 6.39 -44.67 -5.76
C ILE L 164 6.85 -43.31 -6.24
N GLY L 165 6.29 -42.25 -5.66
CA GLY L 165 6.73 -40.89 -5.93
C GLY L 165 7.68 -40.39 -4.83
N SER L 166 8.72 -39.67 -5.25
CA SER L 166 9.64 -39.08 -4.28
C SER L 166 8.91 -38.13 -3.36
N GLY L 167 7.86 -37.46 -3.84
CA GLY L 167 6.90 -36.80 -2.98
C GLY L 167 7.51 -35.76 -2.07
N CYS L 168 7.23 -35.94 -0.77
CA CYS L 168 7.67 -35.03 0.28
C CYS L 168 8.81 -35.60 1.10
N ASN L 169 9.48 -36.64 0.59
CA ASN L 169 10.57 -37.27 1.34
C ASN L 169 11.65 -36.25 1.69
N LEU L 170 12.09 -35.47 0.71
CA LEU L 170 13.10 -34.45 1.00
C LEU L 170 12.50 -33.21 1.66
N ASP L 171 11.22 -32.90 1.42
CA ASP L 171 10.58 -31.81 2.15
C ASP L 171 10.62 -32.08 3.65
N SER L 172 10.23 -33.29 4.05
CA SER L 172 10.32 -33.70 5.45
C SER L 172 11.74 -33.64 5.96
N ALA L 173 12.73 -33.98 5.12
CA ALA L 173 14.11 -33.90 5.57
C ALA L 173 14.52 -32.45 5.78
N ARG L 174 14.15 -31.57 4.84
CA ARG L 174 14.43 -30.15 5.02
C ARG L 174 13.76 -29.62 6.28
N PHE L 175 12.54 -30.11 6.54
CA PHE L 175 11.82 -29.68 7.74
C PHE L 175 12.59 -30.06 9.00
N ARG L 176 13.12 -31.28 9.05
CA ARG L 176 13.83 -31.71 10.25
C ARG L 176 15.17 -31.00 10.40
N TYR L 177 15.81 -30.64 9.28
CA TYR L 177 17.03 -29.85 9.36
C TYR L 177 16.74 -28.44 9.89
N LEU L 178 15.67 -27.81 9.41
CA LEU L 178 15.30 -26.50 9.95
C LEU L 178 14.87 -26.62 11.41
N MET L 179 14.09 -27.65 11.75
CA MET L 179 13.74 -27.90 13.14
C MET L 179 15.00 -28.03 14.01
N GLY L 180 15.93 -28.90 13.61
CA GLY L 180 17.09 -29.16 14.42
C GLY L 180 17.95 -27.93 14.66
N GLU L 181 17.99 -27.02 13.67
CA GLU L 181 18.79 -25.81 13.83
C GLU L 181 18.13 -24.83 14.81
N ARG L 182 16.79 -24.84 14.91
CA ARG L 182 16.15 -24.00 15.92
C ARG L 182 16.35 -24.56 17.32
N LEU L 183 16.53 -25.87 17.45
CA LEU L 183 16.59 -26.48 18.77
C LEU L 183 18.00 -26.83 19.21
N GLY L 184 18.97 -26.78 18.31
CA GLY L 184 20.30 -27.22 18.66
C GLY L 184 20.48 -28.72 18.74
N VAL L 185 19.72 -29.48 17.94
CA VAL L 185 19.73 -30.93 17.97
C VAL L 185 20.00 -31.41 16.55
N HIS L 186 20.53 -32.62 16.44
CA HIS L 186 20.76 -33.19 15.13
C HIS L 186 19.43 -33.51 14.46
N PRO L 187 19.32 -33.29 13.14
CA PRO L 187 18.07 -33.67 12.44
C PRO L 187 17.58 -35.07 12.77
N LEU L 188 18.48 -36.05 12.87
CA LEU L 188 18.09 -37.43 13.15
C LEU L 188 17.18 -37.54 14.36
N SER L 189 17.43 -36.72 15.38
CA SER L 189 16.67 -36.71 16.63
C SER L 189 15.54 -35.69 16.65
N CYS L 190 15.18 -35.11 15.49
CA CYS L 190 14.13 -34.11 15.34
C CYS L 190 13.06 -34.69 14.44
N HIS L 191 11.91 -35.01 15.00
CA HIS L 191 10.87 -35.72 14.26
C HIS L 191 9.78 -34.75 13.84
N GLY L 192 9.31 -34.92 12.61
CA GLY L 192 8.35 -34.01 12.04
C GLY L 192 8.09 -34.30 10.57
N TRP L 193 6.83 -34.18 10.14
CA TRP L 193 6.42 -34.73 8.86
C TRP L 193 5.69 -33.70 8.02
N VAL L 194 6.04 -33.67 6.74
CA VAL L 194 5.40 -32.87 5.72
C VAL L 194 4.71 -33.86 4.77
N LEU L 195 3.38 -33.77 4.67
CA LEU L 195 2.60 -34.68 3.85
C LEU L 195 1.85 -33.96 2.74
N GLY L 196 1.06 -34.74 2.01
CA GLY L 196 0.20 -34.22 0.96
C GLY L 196 0.88 -34.00 -0.37
N GLU L 197 0.58 -32.86 -0.99
CA GLU L 197 1.12 -32.55 -2.31
C GLU L 197 2.50 -31.92 -2.20
N HIS L 198 3.41 -32.37 -3.08
CA HIS L 198 4.74 -31.76 -3.14
C HIS L 198 4.61 -30.39 -3.78
N GLY L 199 4.76 -29.35 -2.98
CA GLY L 199 4.69 -27.99 -3.49
C GLY L 199 4.20 -27.03 -2.43
N ASP L 200 3.64 -25.92 -2.90
CA ASP L 200 3.19 -24.87 -1.99
C ASP L 200 2.06 -25.34 -1.07
N SER L 201 1.32 -26.38 -1.46
CA SER L 201 0.17 -26.85 -0.69
C SER L 201 0.53 -27.94 0.32
N SER L 202 1.82 -28.18 0.55
CA SER L 202 2.29 -29.21 1.49
C SER L 202 1.63 -29.04 2.84
N VAL L 203 1.53 -30.11 3.62
CA VAL L 203 0.91 -29.99 4.93
C VAL L 203 1.90 -30.34 6.03
N PRO L 204 2.29 -29.39 6.87
CA PRO L 204 3.10 -29.72 8.05
C PRO L 204 2.23 -30.23 9.20
N VAL L 205 2.40 -31.50 9.56
CA VAL L 205 1.64 -32.02 10.68
C VAL L 205 2.26 -31.57 11.99
N TRP L 206 1.82 -30.41 12.49
CA TRP L 206 2.38 -29.88 13.74
C TRP L 206 2.19 -30.84 14.91
N SER L 207 1.14 -31.65 14.90
CA SER L 207 0.87 -32.50 16.06
C SER L 207 1.91 -33.58 16.23
N GLY L 208 2.58 -34.00 15.16
CA GLY L 208 3.54 -35.06 15.26
C GLY L 208 4.95 -34.60 15.49
N MET L 209 5.17 -33.29 15.60
CA MET L 209 6.52 -32.77 15.85
C MET L 209 6.95 -33.05 17.29
N ASN L 210 8.13 -33.61 17.44
CA ASN L 210 8.59 -33.99 18.77
C ASN L 210 10.10 -34.20 18.76
N VAL L 211 10.67 -34.08 19.95
CA VAL L 211 12.01 -34.57 20.24
C VAL L 211 11.85 -35.55 21.38
N ALA L 212 12.40 -36.75 21.21
CA ALA L 212 12.34 -37.80 22.24
C ALA L 212 10.88 -38.07 22.69
N GLY L 213 9.92 -37.91 21.78
CA GLY L 213 8.54 -38.25 22.07
C GLY L 213 7.80 -37.24 22.91
N VAL L 214 8.32 -36.02 22.99
CA VAL L 214 7.70 -34.92 23.70
C VAL L 214 7.12 -33.99 22.64
N SER L 215 5.79 -33.94 22.55
CA SER L 215 5.15 -33.20 21.47
C SER L 215 5.27 -31.69 21.68
N LEU L 216 5.89 -31.01 20.72
CA LEU L 216 6.14 -29.57 20.84
C LEU L 216 4.84 -28.77 20.77
N LYS L 217 3.82 -29.31 20.13
CA LYS L 217 2.54 -28.61 20.15
C LYS L 217 1.90 -28.64 21.54
N THR L 218 2.12 -29.70 22.32
CA THR L 218 1.60 -29.67 23.68
C THR L 218 2.39 -28.69 24.54
N LEU L 219 3.72 -28.68 24.42
CA LEU L 219 4.53 -27.74 25.19
C LEU L 219 4.22 -26.29 24.83
N HIS L 220 4.07 -26.01 23.54
CA HIS L 220 3.90 -24.66 23.02
C HIS L 220 2.66 -24.71 22.14
N PRO L 221 1.48 -24.53 22.74
CA PRO L 221 0.22 -24.85 22.03
C PRO L 221 -0.08 -23.94 20.88
N ASP L 222 0.53 -22.78 20.79
CA ASP L 222 0.28 -21.91 19.65
C ASP L 222 1.23 -22.16 18.51
N LEU L 223 2.08 -23.19 18.62
CA LEU L 223 2.94 -23.57 17.52
C LEU L 223 2.11 -23.93 16.31
N GLY L 224 2.51 -23.44 15.15
CA GLY L 224 1.80 -23.69 13.91
C GLY L 224 0.71 -22.68 13.58
N THR L 225 0.30 -21.86 14.57
CA THR L 225 -0.78 -20.89 14.41
C THR L 225 -0.24 -19.56 13.89
N ASP L 226 -1.07 -18.52 13.94
CA ASP L 226 -0.64 -17.16 13.62
C ASP L 226 -0.30 -16.34 14.87
N LYS L 227 -0.91 -16.63 16.02
CA LYS L 227 -0.56 -15.93 17.25
C LYS L 227 0.91 -16.16 17.57
N ASP L 228 1.27 -17.41 17.92
CA ASP L 228 2.64 -17.94 17.98
C ASP L 228 3.73 -16.90 17.91
N LYS L 229 4.30 -16.53 19.07
CA LYS L 229 5.34 -15.51 19.06
C LYS L 229 6.56 -15.97 18.28
N GLU L 230 6.90 -17.25 18.38
CA GLU L 230 8.11 -17.81 17.77
C GLU L 230 7.95 -18.09 16.28
N GLN L 231 6.74 -18.04 15.73
CA GLN L 231 6.52 -18.06 14.29
C GLN L 231 7.00 -19.37 13.66
N TRP L 232 6.63 -20.50 14.28
CA TRP L 232 7.08 -21.79 13.76
C TRP L 232 6.51 -22.07 12.37
N LYS L 233 5.32 -21.54 12.08
CA LYS L 233 4.79 -21.43 10.73
C LYS L 233 5.89 -21.20 9.69
N GLU L 234 6.85 -20.32 10.03
CA GLU L 234 7.90 -19.92 9.11
C GLU L 234 8.75 -21.10 8.66
N VAL L 235 8.91 -22.13 9.49
CA VAL L 235 9.70 -23.28 9.07
C VAL L 235 9.07 -23.95 7.86
N HIS L 236 7.74 -24.05 7.83
CA HIS L 236 7.12 -24.67 6.67
C HIS L 236 7.24 -23.80 5.43
N LYS L 237 7.17 -22.47 5.60
CA LYS L 237 7.42 -21.61 4.44
C LYS L 237 8.83 -21.87 3.90
N GLN L 238 9.82 -21.94 4.79
CA GLN L 238 11.21 -22.17 4.37
C GLN L 238 11.35 -23.49 3.61
N VAL L 239 10.66 -24.55 4.06
CA VAL L 239 10.69 -25.82 3.33
C VAL L 239 10.15 -25.63 1.92
N VAL L 240 9.00 -24.98 1.80
CA VAL L 240 8.40 -24.74 0.49
C VAL L 240 9.17 -23.70 -0.31
N GLU L 241 9.98 -22.87 0.34
CA GLU L 241 10.79 -21.85 -0.32
C GLU L 241 12.20 -22.31 -0.65
N SER L 242 12.62 -23.46 -0.11
CA SER L 242 14.04 -23.84 -0.13
C SER L 242 14.56 -24.03 -1.55
N ALA L 243 13.84 -24.81 -2.37
CA ALA L 243 14.33 -25.05 -3.72
C ALA L 243 14.49 -23.74 -4.46
N TYR L 244 13.55 -22.81 -4.25
CA TYR L 244 13.61 -21.50 -4.88
C TYR L 244 14.88 -20.77 -4.49
N GLU L 245 15.14 -20.63 -3.19
CA GLU L 245 16.35 -19.92 -2.79
C GLU L 245 17.58 -20.59 -3.37
N VAL L 246 17.62 -21.92 -3.35
CA VAL L 246 18.80 -22.60 -3.87
C VAL L 246 18.89 -22.46 -5.38
N ILE L 247 17.75 -22.50 -6.08
CA ILE L 247 17.79 -22.32 -7.53
C ILE L 247 18.23 -20.91 -7.87
N LYS L 248 17.72 -19.91 -7.14
CA LYS L 248 18.09 -18.53 -7.41
C LYS L 248 19.58 -18.30 -7.17
N LEU L 249 20.20 -19.12 -6.33
CA LEU L 249 21.59 -18.95 -5.92
C LEU L 249 22.57 -19.74 -6.78
N LYS L 250 22.30 -21.02 -7.02
CA LYS L 250 23.22 -21.85 -7.80
C LYS L 250 22.59 -22.46 -9.05
N GLY L 251 21.34 -22.12 -9.38
CA GLY L 251 20.75 -22.48 -10.67
C GLY L 251 19.94 -23.76 -10.70
N TYR L 252 20.02 -24.58 -9.66
CA TYR L 252 19.36 -25.88 -9.58
C TYR L 252 19.60 -26.41 -8.17
N THR L 253 18.83 -27.43 -7.79
CA THR L 253 19.15 -28.24 -6.63
C THR L 253 19.54 -29.64 -7.10
N SER L 254 20.31 -30.34 -6.28
CA SER L 254 20.82 -31.64 -6.68
C SER L 254 21.26 -32.50 -5.50
N TRP L 255 22.16 -31.99 -4.65
CA TRP L 255 22.77 -32.85 -3.64
C TRP L 255 21.72 -33.35 -2.67
N ALA L 256 20.93 -32.45 -2.08
CA ALA L 256 19.95 -32.87 -1.10
C ALA L 256 19.01 -33.93 -1.67
N ILE L 257 18.56 -33.74 -2.92
CA ILE L 257 17.65 -34.71 -3.50
C ILE L 257 18.37 -36.03 -3.77
N GLY L 258 19.64 -35.97 -4.23
CA GLY L 258 20.40 -37.20 -4.46
C GLY L 258 20.57 -38.02 -3.21
N LEU L 259 20.92 -37.37 -2.10
CA LEU L 259 20.98 -38.08 -0.83
C LEU L 259 19.62 -38.62 -0.42
N SER L 260 18.57 -37.79 -0.57
CA SER L 260 17.22 -38.24 -0.20
C SER L 260 16.77 -39.43 -1.04
N VAL L 261 17.04 -39.40 -2.35
CA VAL L 261 16.62 -40.52 -3.18
C VAL L 261 17.41 -41.78 -2.85
N ALA L 262 18.68 -41.64 -2.48
CA ALA L 262 19.45 -42.84 -2.13
C ALA L 262 18.94 -43.43 -0.83
N ASP L 263 18.42 -42.61 0.07
CA ASP L 263 17.83 -43.13 1.30
C ASP L 263 16.66 -44.07 1.03
N LEU L 264 15.71 -43.65 0.17
CA LEU L 264 14.64 -44.55 -0.26
C LEU L 264 15.21 -45.79 -0.91
N ALA L 265 16.11 -45.62 -1.88
CA ALA L 265 16.76 -46.76 -2.52
C ALA L 265 17.29 -47.76 -1.49
N GLU L 266 17.93 -47.27 -0.42
CA GLU L 266 18.43 -48.16 0.63
C GLU L 266 17.29 -48.92 1.28
N SER L 267 16.21 -48.22 1.64
CA SER L 267 15.06 -48.87 2.25
C SER L 267 14.51 -49.95 1.31
N ILE L 268 14.38 -49.64 0.04
CA ILE L 268 13.80 -50.57 -0.92
C ILE L 268 14.75 -51.74 -1.19
N MET L 269 16.01 -51.45 -1.51
CA MET L 269 16.93 -52.51 -1.90
C MET L 269 17.31 -53.41 -0.74
N LYS L 270 17.23 -52.93 0.49
CA LYS L 270 17.64 -53.71 1.65
C LYS L 270 16.46 -54.24 2.44
N ASN L 271 15.23 -53.96 2.01
CA ASN L 271 14.01 -54.49 2.64
C ASN L 271 13.92 -54.07 4.11
N LEU L 272 14.19 -52.80 4.36
CA LEU L 272 14.22 -52.33 5.74
C LEU L 272 12.82 -52.23 6.34
N ARG L 273 11.81 -51.88 5.55
CA ARG L 273 10.47 -51.55 6.06
C ARG L 273 10.51 -50.33 6.96
N ARG L 274 11.32 -49.35 6.57
CA ARG L 274 11.35 -48.06 7.24
C ARG L 274 10.25 -47.17 6.67
N VAL L 275 9.88 -46.15 7.41
CA VAL L 275 8.75 -45.30 7.07
C VAL L 275 9.26 -44.02 6.40
N HIS L 276 8.87 -43.80 5.15
CA HIS L 276 9.19 -42.55 4.46
C HIS L 276 7.92 -41.89 3.93
N PRO L 277 7.86 -40.55 3.94
CA PRO L 277 6.71 -39.86 3.34
C PRO L 277 6.82 -39.75 1.83
N VAL L 278 6.39 -40.77 1.11
CA VAL L 278 6.52 -40.78 -0.34
C VAL L 278 5.13 -40.66 -0.94
N SER L 279 5.08 -40.32 -2.21
CA SER L 279 3.83 -40.13 -2.94
C SER L 279 3.25 -41.48 -3.31
N THR L 280 2.09 -41.82 -2.75
CA THR L 280 1.38 -43.06 -3.11
C THR L 280 -0.07 -42.75 -3.48
N MET L 281 -0.77 -43.80 -3.92
CA MET L 281 -2.17 -43.72 -4.34
C MET L 281 -3.05 -43.89 -3.11
N ILE L 282 -3.71 -42.79 -2.69
CA ILE L 282 -4.43 -42.76 -1.41
C ILE L 282 -5.93 -42.82 -1.58
N LYS L 283 -6.43 -43.05 -2.81
CA LYS L 283 -7.86 -43.23 -3.03
C LYS L 283 -8.43 -44.16 -1.98
N GLY L 284 -9.46 -43.68 -1.27
CA GLY L 284 -10.04 -44.39 -0.16
C GLY L 284 -9.60 -43.92 1.20
N LEU L 285 -8.85 -42.82 1.27
CA LEU L 285 -8.30 -42.31 2.53
C LEU L 285 -8.53 -40.82 2.65
N TYR L 286 -8.63 -40.35 3.91
CA TYR L 286 -8.89 -38.96 4.28
C TYR L 286 -9.96 -38.27 3.42
N GLY L 287 -10.89 -39.03 2.88
CA GLY L 287 -11.98 -38.46 2.09
C GLY L 287 -11.73 -38.40 0.60
N ILE L 288 -10.53 -38.74 0.14
CA ILE L 288 -10.20 -38.67 -1.28
C ILE L 288 -10.68 -39.93 -1.96
N LYS L 289 -11.46 -39.78 -3.03
CA LYS L 289 -11.81 -40.95 -3.84
C LYS L 289 -11.74 -40.65 -5.34
N ASP L 290 -10.74 -39.90 -5.75
CA ASP L 290 -10.24 -39.90 -7.12
C ASP L 290 -8.93 -40.69 -7.18
N ASP L 291 -8.44 -40.92 -8.39
CA ASP L 291 -7.18 -41.66 -8.57
C ASP L 291 -6.05 -40.66 -8.50
N VAL L 292 -5.52 -40.49 -7.28
CA VAL L 292 -4.70 -39.34 -6.92
C VAL L 292 -3.54 -39.81 -6.07
N PHE L 293 -2.37 -39.22 -6.29
CA PHE L 293 -1.16 -39.57 -5.55
C PHE L 293 -0.77 -38.44 -4.59
N LEU L 294 -0.65 -38.77 -3.31
CA LEU L 294 -0.18 -37.81 -2.30
C LEU L 294 0.80 -38.51 -1.36
N SER L 295 1.64 -37.71 -0.69
CA SER L 295 2.65 -38.26 0.21
C SER L 295 2.04 -38.51 1.58
N VAL L 296 2.11 -39.75 2.02
CA VAL L 296 1.77 -40.14 3.37
C VAL L 296 2.91 -41.06 3.83
N PRO L 297 3.06 -41.30 5.13
CA PRO L 297 4.12 -42.23 5.56
C PRO L 297 3.85 -43.66 5.10
N CYS L 298 4.72 -44.16 4.20
CA CYS L 298 4.66 -45.54 3.71
C CYS L 298 5.84 -46.36 4.19
N ILE L 299 5.54 -47.63 4.48
CA ILE L 299 6.54 -48.64 4.84
C ILE L 299 7.17 -49.19 3.56
N LEU L 300 8.45 -48.91 3.35
CA LEU L 300 9.16 -49.18 2.10
C LEU L 300 10.08 -50.41 2.25
N GLY L 301 10.05 -51.28 1.24
CA GLY L 301 10.74 -52.55 1.31
C GLY L 301 10.87 -53.18 -0.07
N GLN L 302 11.18 -54.49 -0.08
CA GLN L 302 11.58 -55.14 -1.33
C GLN L 302 10.47 -55.20 -2.37
N ASN L 303 9.22 -55.01 -1.95
CA ASN L 303 8.09 -54.95 -2.88
C ASN L 303 7.52 -53.55 -2.98
N GLY L 304 8.32 -52.53 -2.64
CA GLY L 304 7.88 -51.14 -2.70
C GLY L 304 7.08 -50.75 -1.48
N ILE L 305 5.97 -50.02 -1.70
CA ILE L 305 5.06 -49.64 -0.63
C ILE L 305 4.17 -50.83 -0.32
N SER L 306 4.35 -51.42 0.86
CA SER L 306 3.52 -52.53 1.28
C SER L 306 2.48 -52.15 2.33
N ASP L 307 2.61 -50.98 2.95
CA ASP L 307 1.68 -50.58 4.01
C ASP L 307 1.69 -49.06 4.08
N LEU L 308 0.63 -48.52 4.70
CA LEU L 308 0.48 -47.10 4.95
C LEU L 308 0.40 -46.84 6.43
N VAL L 309 0.85 -45.67 6.84
CA VAL L 309 0.52 -45.15 8.16
C VAL L 309 -0.68 -44.23 8.01
N LYS L 310 -1.71 -44.47 8.82
CA LYS L 310 -2.90 -43.62 8.81
C LYS L 310 -2.66 -42.55 9.87
N VAL L 311 -2.16 -41.40 9.43
CA VAL L 311 -1.96 -40.27 10.33
C VAL L 311 -3.33 -39.69 10.69
N THR L 312 -3.63 -39.59 11.97
CA THR L 312 -4.84 -38.89 12.35
C THR L 312 -4.61 -37.39 12.18
N LEU L 313 -5.49 -36.73 11.41
CA LEU L 313 -5.33 -35.36 10.98
C LEU L 313 -6.49 -34.51 11.48
N THR L 314 -6.27 -33.19 11.48
CA THR L 314 -7.33 -32.28 11.88
C THR L 314 -8.27 -32.01 10.73
N SER L 315 -9.35 -31.28 11.04
CA SER L 315 -10.33 -30.88 10.05
C SER L 315 -9.67 -30.17 8.87
N GLU L 316 -8.82 -29.17 9.18
CA GLU L 316 -8.20 -28.36 8.13
C GLU L 316 -7.14 -29.14 7.35
N GLU L 317 -6.31 -29.92 8.05
CA GLU L 317 -5.31 -30.72 7.37
C GLU L 317 -5.97 -31.67 6.38
N GLU L 318 -6.95 -32.44 6.85
CA GLU L 318 -7.77 -33.25 5.94
C GLU L 318 -8.31 -32.43 4.78
N ALA L 319 -8.77 -31.19 5.06
CA ALA L 319 -9.25 -30.31 4.00
C ALA L 319 -8.19 -30.06 2.94
N ARG L 320 -6.97 -29.66 3.37
CA ARG L 320 -5.93 -29.30 2.41
C ARG L 320 -5.53 -30.48 1.53
N LEU L 321 -5.62 -31.70 2.07
CA LEU L 321 -5.44 -32.90 1.26
C LEU L 321 -6.55 -33.03 0.21
N LYS L 322 -7.80 -32.79 0.62
CA LYS L 322 -8.90 -32.89 -0.33
C LYS L 322 -8.79 -31.81 -1.42
N LYS L 323 -8.44 -30.58 -1.05
CA LYS L 323 -8.27 -29.54 -2.07
C LYS L 323 -7.13 -29.88 -3.01
N SER L 324 -6.06 -30.47 -2.48
CA SER L 324 -4.95 -30.89 -3.35
C SER L 324 -5.38 -32.01 -4.28
N ALA L 325 -6.08 -33.02 -3.74
CA ALA L 325 -6.54 -34.13 -4.56
C ALA L 325 -7.54 -33.69 -5.60
N ASP L 326 -8.37 -32.68 -5.29
CA ASP L 326 -9.29 -32.14 -6.28
C ASP L 326 -8.52 -31.56 -7.45
N THR L 327 -7.55 -30.67 -7.18
CA THR L 327 -6.79 -30.04 -8.25
C THR L 327 -6.04 -31.07 -9.08
N LEU L 328 -5.41 -32.08 -8.43
CA LEU L 328 -4.70 -33.11 -9.16
C LEU L 328 -5.61 -33.80 -10.16
N TRP L 329 -6.78 -34.27 -9.69
CA TRP L 329 -7.73 -34.90 -10.61
C TRP L 329 -8.22 -33.90 -11.66
N GLY L 330 -8.33 -32.62 -11.30
CA GLY L 330 -8.67 -31.61 -12.28
C GLY L 330 -7.71 -31.57 -13.45
N ILE L 331 -6.40 -31.65 -13.17
CA ILE L 331 -5.42 -31.67 -14.26
C ILE L 331 -5.31 -33.06 -14.86
N GLN L 332 -5.36 -34.09 -14.00
CA GLN L 332 -5.20 -35.46 -14.48
C GLN L 332 -6.31 -35.84 -15.46
N LYS L 333 -7.58 -35.56 -15.10
CA LYS L 333 -8.70 -36.00 -15.93
C LYS L 333 -8.61 -35.43 -17.35
N GLU L 334 -7.99 -34.27 -17.53
CA GLU L 334 -7.82 -33.73 -18.88
C GLU L 334 -6.46 -34.09 -19.49
N LEU L 335 -5.97 -35.29 -19.21
CA LEU L 335 -4.73 -35.82 -19.76
C LEU L 335 -5.03 -36.86 -20.83
N GLN L 336 -4.26 -36.84 -21.92
CA GLN L 336 -4.44 -37.75 -23.04
C GLN L 336 -3.30 -38.77 -23.04
N PHE L 337 -3.66 -40.06 -22.93
CA PHE L 337 -2.70 -41.17 -22.95
C PHE L 337 -2.67 -41.93 -24.30
O1 9G9 M . -42.34 0.69 -55.01
O2 9G9 M . -49.83 3.80 -52.67
O3 9G9 M . -41.25 -1.33 -55.20
O4 9G9 M . -48.83 2.30 -51.24
C5 9G9 M . -46.82 0.53 -58.46
C6 9G9 M . -48.40 0.64 -57.98
C7 9G9 M . -45.61 -0.43 -58.80
C8 9G9 M . -49.34 0.43 -56.68
C9 9G9 M . -46.94 0.55 -59.99
C10 9G9 M . -49.29 -0.05 -58.98
C11 9G9 M . -44.38 -0.63 -57.88
C12 9G9 M . -49.32 1.10 -55.28
C13 9G9 M . -43.99 0.30 -56.89
C14 9G9 M . -49.78 2.37 -54.83
C15 9G9 M . -43.68 -1.87 -57.96
C16 9G9 M . -48.76 0.30 -54.27
C17 9G9 M . -42.93 -0.02 -56.03
C18 9G9 M . -49.55 2.69 -53.44
C19 9G9 M . -42.23 -1.29 -56.16
C20 9G9 M . -48.92 1.76 -52.49
C21 9G9 M . -42.62 -2.24 -57.11
C22 9G9 M . -48.49 0.53 -52.92
C23 9G9 M . -41.38 -0.18 -54.35
C24 9G9 M . -49.22 3.69 -51.36
#